data_8T4B
#
_entry.id   8T4B
#
_cell.length_a   1.00
_cell.length_b   1.00
_cell.length_c   1.00
_cell.angle_alpha   90.00
_cell.angle_beta   90.00
_cell.angle_gamma   90.00
#
_symmetry.space_group_name_H-M   'P 1'
#
loop_
_entity.id
_entity.type
_entity.pdbx_description
1 polymer 'MD65 N332-GT5 SOSIP gp120'
2 polymer 'RM20A3 heavy chain Fv'
3 polymer 'RM20A3 light chain Fv'
4 polymer 'MD65 N332-GT5 SOSIP gp41'
5 polymer 'RM_N332_32 heavy chain Fv'
6 polymer 'RM_N332_32 light chain Fv'
7 branched alpha-D-mannopyranose-(1-3)-[alpha-D-mannopyranose-(1-6)]beta-D-mannopyranose-(1-4)-2-acetamido-2-deoxy-beta-D-glucopyranose-(1-4)-2-acetamido-2-deoxy-beta-D-glucopyranose
8 branched alpha-D-mannopyranose-(1-3)-beta-D-mannopyranose-(1-4)-2-acetamido-2-deoxy-beta-D-glucopyranose-(1-4)-2-acetamido-2-deoxy-beta-D-glucopyranose
9 non-polymer 2-acetamido-2-deoxy-beta-D-glucopyranose
#
loop_
_entity_poly.entity_id
_entity_poly.type
_entity_poly.pdbx_seq_one_letter_code
_entity_poly.pdbx_strand_id
1 'polypeptide(L)'
;AENLWVTVYYGVPVWKDAETTLFCASDAKAYETEKHNVWATHACVPTDPNPQEIHLENVTEEFNMWKNNMVEQMHEDIIS
LWDQSLKPCVKLTPLCVTLQCTNYAPKLRSMMRGEIKNCSFNMTTELRDKKQKVYSLFYRLDVVQINENQGNRSNNSNKE
YRLINCNTSAITQACPKVSFEPIPIHYCAPAGFAILKCKDKKFNGTGPCQNVSTVQCTHGIKPVVSTQLLLNGSLAEEEV
IIRSENITNNAKNILVQLNTSVQINCTRPSNNTVKSIRIGPGQAFYYFGDVLGHVRMAHCNISKATWNETLGKVVKQLRK
HFGNNTIIRFAQSSGGDLEVTTHSFNCGGEFFYCNTSGLFNSTWISNTSVQGSNSTGSNDSLILPCWIKQIINMWQRIGQ
AMYAPPIQGVIRCVSNITGLILTRDGGSTNSTTETFRPGGGDMRDNWRSELYKYKVVKIEPLGVAPTRCKRRTVGRRRRR
R
;
A,E,F
2 'polypeptide(L)'
;EVQLVETGGGLVQPGGSLKLSCRASGYTFSSFAMSWVRQAPGKGLEWVSLINDRGGLTFYVDSVKGRFTISRDNSKNTLS
LQMHSLRDGDTAVYYCATGGMSSALQSSKYYFDFWGQGALVTVSS
;
C,J,K
3 'polypeptide(L)'
;ALTQPPSVSGSPGQSVTISCTGTSSDIGSYNYVSWYQQHPGKAPKLMIYDVTQRPSGVSDRFSGSKSGNTASLTISGLQA
DDEADYYCSAYAGRQTFYIFGGGTRLTVLGQPKASPTVTLFPPSSEEL
;
D,M,N
4 'polypeptide(L)'
;AAGIGASSDGFLGAAGSTMGAASMTLTVQARNLLSGIVQQQSNLLRAPEPQQHLLKDTHWGIKQLQARVLAVEHYLRDQQ
LLGIWGCSGKLICCTNVPWNSSWSNRNLSEIWDNMTWLQWDKEISNYTQIIYGLLEESQNQQEKNEQDLLALD
;
B,G,I
5 'polypeptide(L)'
;QLQLQESGPGLVKPSETLSLTCAVSGGSISDYCWNWIRQPPGKGLEWIGYIGGSSGSTYYNPSLKGRVTISADTSENRFS
LKLSSVTAADTAVYYCARSPITVFGVVIFDEYTTGNLDLWGPGTPISISS
;
H,O,P
6 'polypeptide(L)'
;DIQMTQSPSSLSASVGDKVTITCHASQDISSWLAWYQQKPGKAPKPLIYYASSLQSGVPSRFSGSGSGTDYTLTITSLQP
EDFATYYCQQYDDLPFTFGPGTKLDIK
;
L,Q,R
#
loop_
_chem_comp.id
_chem_comp.type
_chem_comp.name
_chem_comp.formula
BMA D-saccharide, beta linking beta-D-mannopyranose 'C6 H12 O6'
MAN D-saccharide, alpha linking alpha-D-mannopyranose 'C6 H12 O6'
NAG D-saccharide, beta linking 2-acetamido-2-deoxy-beta-D-glucopyranose 'C8 H15 N O6'
#
# COMPACT_ATOMS: atom_id res chain seq x y z
N ASN A 3 44.25 17.69 21.79
CA ASN A 3 43.75 19.04 21.99
C ASN A 3 42.31 19.16 21.52
N LEU A 4 42.03 18.63 20.33
CA LEU A 4 40.72 18.73 19.71
C LEU A 4 39.96 17.42 19.92
N TRP A 5 38.65 17.54 20.04
CA TRP A 5 37.76 16.42 20.31
C TRP A 5 36.66 16.38 19.24
N VAL A 6 36.14 15.18 18.99
CA VAL A 6 35.07 15.02 18.02
C VAL A 6 33.79 15.60 18.58
N THR A 7 33.13 16.46 17.81
CA THR A 7 31.84 17.02 18.16
C THR A 7 30.85 16.61 17.07
N VAL A 8 29.69 16.10 17.49
CA VAL A 8 28.65 15.61 16.59
C VAL A 8 27.65 16.73 16.35
N TYR A 9 27.33 16.96 15.07
CA TYR A 9 26.36 17.97 14.66
C TYR A 9 25.25 17.30 13.86
N TYR A 10 24.00 17.62 14.21
CA TYR A 10 22.82 17.12 13.53
C TYR A 10 22.08 18.33 12.98
N GLY A 11 21.68 18.24 11.71
CA GLY A 11 21.09 19.38 11.01
C GLY A 11 22.06 20.02 10.05
N VAL A 12 23.16 19.36 9.73
CA VAL A 12 24.22 19.90 8.86
C VAL A 12 23.69 20.07 7.44
N PRO A 13 23.84 21.27 6.81
CA PRO A 13 23.28 21.50 5.45
C PRO A 13 24.10 20.89 4.31
N VAL A 14 24.15 19.55 4.26
CA VAL A 14 24.85 18.83 3.21
C VAL A 14 23.89 17.83 2.58
N TRP A 15 24.26 17.35 1.39
CA TRP A 15 23.42 16.42 0.67
C TRP A 15 24.26 15.51 -0.22
N LYS A 16 23.61 14.45 -0.69
CA LYS A 16 24.19 13.46 -1.60
C LYS A 16 23.26 13.29 -2.79
N ASP A 17 23.82 12.94 -3.94
CA ASP A 17 22.96 12.65 -5.08
C ASP A 17 22.09 11.45 -4.75
N ALA A 18 20.82 11.50 -5.13
CA ALA A 18 19.92 10.40 -4.81
C ALA A 18 18.75 10.35 -5.79
N GLU A 19 18.13 9.17 -5.84
CA GLU A 19 16.91 8.93 -6.60
C GLU A 19 15.82 8.56 -5.62
N THR A 20 14.62 9.08 -5.84
CA THR A 20 13.49 8.75 -4.98
C THR A 20 12.20 8.97 -5.77
N THR A 21 11.08 8.82 -5.08
CA THR A 21 9.75 9.02 -5.67
C THR A 21 9.25 10.42 -5.32
N LEU A 22 8.98 11.20 -6.35
CA LEU A 22 8.44 12.54 -6.21
C LEU A 22 6.93 12.42 -6.32
N PHE A 23 6.20 13.36 -5.72
CA PHE A 23 4.74 13.32 -5.80
C PHE A 23 4.20 14.43 -6.69
N CYS A 24 3.00 14.15 -7.22
CA CYS A 24 2.25 15.07 -8.06
C CYS A 24 1.63 16.18 -7.23
N ALA A 25 1.74 17.41 -7.73
CA ALA A 25 1.01 18.52 -7.16
C ALA A 25 0.45 19.32 -8.33
N SER A 26 -0.82 19.72 -8.23
CA SER A 26 -1.45 20.46 -9.30
C SER A 26 -2.68 21.17 -8.76
N ASP A 27 -2.90 22.40 -9.24
CA ASP A 27 -4.07 23.17 -8.84
C ASP A 27 -5.31 22.69 -9.56
N HIS A 36 -13.86 16.06 -17.37
CA HIS A 36 -12.73 15.45 -16.68
C HIS A 36 -11.52 15.66 -17.59
N ASN A 37 -10.33 15.24 -17.18
CA ASN A 37 -9.13 15.45 -17.99
C ASN A 37 -8.14 14.32 -17.69
N VAL A 38 -7.59 13.73 -18.75
CA VAL A 38 -6.70 12.58 -18.65
C VAL A 38 -5.49 12.80 -17.74
N TRP A 39 -4.94 14.03 -17.68
CA TRP A 39 -3.75 14.31 -16.87
C TRP A 39 -4.06 15.16 -15.63
N ALA A 40 -5.31 15.23 -15.18
CA ALA A 40 -5.68 16.01 -14.00
C ALA A 40 -6.61 15.19 -13.12
N THR A 41 -6.11 14.05 -12.65
CA THR A 41 -6.93 13.16 -11.84
C THR A 41 -6.94 13.66 -10.40
N HIS A 42 -7.81 13.05 -9.59
CA HIS A 42 -7.92 13.43 -8.19
C HIS A 42 -6.71 12.99 -7.37
N ALA A 43 -5.91 12.08 -7.89
CA ALA A 43 -4.74 11.57 -7.16
C ALA A 43 -3.55 12.49 -7.34
N CYS A 44 -3.70 13.71 -6.82
CA CYS A 44 -2.66 14.73 -6.94
C CYS A 44 -2.90 15.77 -5.85
N VAL A 45 -1.83 16.17 -5.18
CA VAL A 45 -1.90 17.05 -4.00
C VAL A 45 -2.13 18.49 -4.45
N PRO A 46 -3.07 19.23 -3.87
CA PRO A 46 -3.19 20.67 -4.22
C PRO A 46 -1.88 21.38 -3.97
N THR A 47 -1.57 22.36 -4.83
CA THR A 47 -0.28 23.06 -4.76
C THR A 47 -0.30 24.15 -3.70
N ASP A 48 0.90 24.60 -3.37
CA ASP A 48 1.10 25.72 -2.47
C ASP A 48 0.87 27.02 -3.24
N PRO A 49 -0.10 27.86 -2.87
CA PRO A 49 -0.28 29.12 -3.60
C PRO A 49 0.92 30.04 -3.58
N ASN A 50 1.85 29.87 -2.64
CA ASN A 50 3.02 30.74 -2.51
C ASN A 50 4.27 29.91 -2.27
N PRO A 51 4.73 29.18 -3.29
CA PRO A 51 5.86 28.27 -3.08
C PRO A 51 7.14 29.07 -2.83
N GLN A 52 8.07 28.46 -2.11
CA GLN A 52 9.31 29.12 -1.74
C GLN A 52 10.46 28.73 -2.66
N GLU A 53 11.42 29.65 -2.77
CA GLU A 53 12.68 29.44 -3.47
C GLU A 53 13.74 30.11 -2.62
N ILE A 54 14.82 29.39 -2.31
CA ILE A 54 15.91 29.90 -1.49
C ILE A 54 17.17 29.88 -2.32
N HIS A 55 17.69 31.06 -2.67
CA HIS A 55 18.92 31.15 -3.44
C HIS A 55 20.07 30.65 -2.58
N LEU A 56 20.94 29.81 -3.15
CA LEU A 56 22.10 29.30 -2.44
C LEU A 56 23.35 30.04 -2.91
N GLU A 57 23.87 30.90 -2.05
CA GLU A 57 25.06 31.67 -2.39
C GLU A 57 26.29 30.77 -2.32
N ASN A 58 27.24 31.01 -3.21
CA ASN A 58 28.53 30.31 -3.20
C ASN A 58 28.38 28.79 -3.26
N VAL A 59 27.40 28.30 -4.01
CA VAL A 59 27.18 26.87 -4.21
C VAL A 59 27.27 26.59 -5.70
N THR A 60 28.15 25.66 -6.09
CA THR A 60 28.37 25.30 -7.49
C THR A 60 28.20 23.79 -7.66
N GLU A 61 26.96 23.35 -7.79
CA GLU A 61 26.64 21.94 -7.94
C GLU A 61 26.75 21.54 -9.40
N GLU A 62 27.12 20.28 -9.64
CA GLU A 62 27.22 19.74 -10.98
C GLU A 62 25.94 19.02 -11.37
N PHE A 63 25.38 19.42 -12.51
CA PHE A 63 24.14 18.88 -13.04
C PHE A 63 24.44 17.99 -14.24
N ASN A 64 23.55 17.02 -14.50
CA ASN A 64 23.68 16.19 -15.69
C ASN A 64 22.27 15.82 -16.15
N MET A 65 21.76 16.55 -17.15
CA MET A 65 20.39 16.35 -17.61
C MET A 65 20.17 14.99 -18.25
N TRP A 66 21.25 14.30 -18.66
CA TRP A 66 21.11 13.04 -19.39
C TRP A 66 21.06 11.83 -18.46
N LYS A 67 21.29 12.03 -17.16
CA LYS A 67 21.30 10.98 -16.16
C LYS A 67 20.30 11.30 -15.06
N ASN A 68 19.34 12.17 -15.36
CA ASN A 68 18.38 12.70 -14.40
C ASN A 68 17.21 11.73 -14.24
N ASN A 69 17.13 11.08 -13.07
CA ASN A 69 16.10 10.07 -12.85
C ASN A 69 14.69 10.63 -12.85
N MET A 70 14.53 11.96 -12.76
CA MET A 70 13.18 12.54 -12.75
C MET A 70 12.45 12.28 -14.07
N VAL A 71 13.20 12.09 -15.15
CA VAL A 71 12.61 11.91 -16.47
C VAL A 71 11.90 10.57 -16.54
N GLU A 72 12.52 9.51 -16.02
CA GLU A 72 11.91 8.20 -16.08
C GLU A 72 10.65 8.15 -15.23
N GLN A 73 10.66 8.79 -14.06
CA GLN A 73 9.47 8.79 -13.25
C GLN A 73 8.35 9.55 -13.95
N MET A 74 8.67 10.72 -14.53
CA MET A 74 7.62 11.49 -15.19
C MET A 74 7.03 10.68 -16.35
N HIS A 75 7.89 9.97 -17.08
CA HIS A 75 7.42 9.14 -18.19
C HIS A 75 6.45 8.07 -17.67
N GLU A 76 6.87 7.33 -16.65
CA GLU A 76 6.02 6.26 -16.13
C GLU A 76 4.71 6.81 -15.57
N ASP A 77 4.77 7.95 -14.90
CA ASP A 77 3.55 8.53 -14.33
C ASP A 77 2.57 8.91 -15.43
N ILE A 78 3.07 9.46 -16.54
CA ILE A 78 2.19 9.81 -17.65
C ILE A 78 1.58 8.54 -18.25
N ILE A 79 2.40 7.50 -18.42
CA ILE A 79 1.86 6.25 -18.98
C ILE A 79 0.75 5.72 -18.07
N SER A 80 0.99 5.75 -16.75
CA SER A 80 0.01 5.24 -15.81
C SER A 80 -1.28 6.03 -15.88
N LEU A 81 -1.20 7.36 -15.93
CA LEU A 81 -2.41 8.17 -15.98
C LEU A 81 -3.17 7.90 -17.27
N TRP A 82 -2.44 7.77 -18.38
CA TRP A 82 -3.08 7.51 -19.67
C TRP A 82 -3.84 6.20 -19.64
N ASP A 83 -3.20 5.13 -19.15
CA ASP A 83 -3.85 3.83 -19.13
C ASP A 83 -5.01 3.81 -18.16
N GLN A 84 -4.88 4.49 -17.01
CA GLN A 84 -5.97 4.52 -16.06
C GLN A 84 -7.18 5.23 -16.65
N SER A 85 -6.96 6.30 -17.42
CA SER A 85 -8.09 7.02 -17.99
C SER A 85 -8.73 6.22 -19.12
N LEU A 86 -7.95 5.49 -19.92
CA LEU A 86 -8.57 4.75 -21.02
C LEU A 86 -9.20 3.43 -20.59
N LYS A 87 -8.73 2.82 -19.51
CA LYS A 87 -9.27 1.54 -19.07
C LYS A 87 -10.78 1.51 -18.89
N PRO A 88 -11.41 2.39 -18.10
CA PRO A 88 -12.87 2.29 -17.92
C PRO A 88 -13.67 2.89 -19.07
N CYS A 89 -13.49 2.34 -20.26
CA CYS A 89 -14.16 2.82 -21.46
C CYS A 89 -14.54 1.64 -22.35
N VAL A 90 -15.30 1.94 -23.41
CA VAL A 90 -15.82 0.91 -24.30
C VAL A 90 -14.67 0.26 -25.08
N LYS A 91 -14.65 -1.07 -25.08
CA LYS A 91 -13.66 -1.85 -25.82
C LYS A 91 -14.29 -2.34 -27.12
N LEU A 92 -13.81 -1.80 -28.26
CA LEU A 92 -14.44 -2.03 -29.56
C LEU A 92 -13.92 -3.27 -30.28
N THR A 93 -14.05 -4.44 -29.66
CA THR A 93 -13.68 -5.66 -30.37
C THR A 93 -14.62 -5.95 -31.56
N PRO A 94 -15.92 -5.61 -31.52
CA PRO A 94 -16.77 -5.87 -32.70
C PRO A 94 -16.36 -5.19 -34.01
N LEU A 95 -15.40 -4.25 -34.04
CA LEU A 95 -15.00 -3.64 -35.30
C LEU A 95 -14.07 -4.49 -36.15
N CYS A 96 -13.58 -5.63 -35.68
CA CYS A 96 -12.76 -6.49 -36.53
C CYS A 96 -13.67 -7.36 -37.39
N VAL A 97 -14.28 -6.67 -38.36
CA VAL A 97 -15.21 -7.24 -39.32
C VAL A 97 -14.74 -6.79 -40.69
N THR A 98 -15.26 -7.43 -41.73
CA THR A 98 -14.91 -7.02 -43.07
C THR A 98 -15.69 -5.76 -43.39
N LEU A 99 -15.01 -4.73 -43.88
CA LEU A 99 -15.62 -3.48 -44.26
C LEU A 99 -15.72 -3.47 -45.77
N GLN A 100 -16.82 -2.93 -46.31
CA GLN A 100 -16.98 -2.73 -47.74
C GLN A 100 -16.95 -1.24 -48.01
N CYS A 101 -15.86 -0.75 -48.60
CA CYS A 101 -15.61 0.68 -48.68
C CYS A 101 -15.52 1.16 -50.12
N THR A 102 -16.05 2.37 -50.33
CA THR A 102 -15.96 3.12 -51.56
C THR A 102 -15.43 4.51 -51.22
N ASN A 103 -15.04 5.30 -52.21
CA ASN A 103 -14.56 6.63 -51.90
C ASN A 103 -15.72 7.51 -51.46
N TYR A 104 -15.49 8.30 -50.42
CA TYR A 104 -16.53 9.21 -49.91
C TYR A 104 -16.95 10.25 -50.93
N ALA A 105 -15.98 10.88 -51.59
CA ALA A 105 -16.22 11.99 -52.51
C ALA A 105 -15.60 11.69 -53.87
N PRO A 106 -16.26 10.88 -54.70
CA PRO A 106 -15.61 10.44 -55.95
C PRO A 106 -15.36 11.57 -56.93
N LYS A 107 -15.98 12.74 -56.76
CA LYS A 107 -15.82 13.87 -57.66
C LYS A 107 -14.85 14.93 -57.15
N LEU A 108 -14.15 14.66 -56.04
CA LEU A 108 -13.21 15.63 -55.51
C LEU A 108 -11.97 15.73 -56.39
N ARG A 109 -11.53 16.95 -56.67
CA ARG A 109 -10.39 17.21 -57.53
C ARG A 109 -9.33 18.00 -56.76
N SER A 110 -9.19 17.68 -55.47
CA SER A 110 -8.28 18.35 -54.56
C SER A 110 -7.71 17.31 -53.63
N MET A 111 -6.86 17.74 -52.68
CA MET A 111 -6.43 16.78 -51.68
C MET A 111 -7.67 16.38 -50.88
N MET A 112 -7.56 15.24 -50.19
CA MET A 112 -8.64 14.48 -49.54
C MET A 112 -9.33 13.60 -50.57
N ARG A 113 -8.94 13.63 -51.84
CA ARG A 113 -9.47 12.67 -52.78
C ARG A 113 -8.92 11.31 -52.39
N GLY A 114 -9.80 10.38 -52.05
CA GLY A 114 -9.38 9.05 -51.67
C GLY A 114 -8.91 8.94 -50.24
N GLU A 115 -8.88 10.04 -49.48
CA GLU A 115 -8.41 9.99 -48.09
C GLU A 115 -9.51 9.57 -47.14
N ILE A 116 -10.77 9.85 -47.48
CA ILE A 116 -11.91 9.51 -46.64
C ILE A 116 -12.71 8.48 -47.43
N LYS A 117 -12.95 7.34 -46.81
CA LYS A 117 -13.68 6.24 -47.41
C LYS A 117 -14.99 6.00 -46.68
N ASN A 118 -16.03 5.71 -47.44
CA ASN A 118 -17.37 5.41 -46.95
C ASN A 118 -17.49 3.89 -46.87
N CYS A 119 -17.43 3.38 -45.64
CA CYS A 119 -17.34 1.95 -45.35
C CYS A 119 -18.63 1.46 -44.70
N SER A 120 -19.15 0.38 -45.24
CA SER A 120 -20.31 -0.32 -44.71
C SER A 120 -19.87 -1.54 -43.92
N PHE A 121 -20.52 -1.78 -42.79
CA PHE A 121 -20.26 -2.96 -41.97
C PHE A 121 -21.52 -3.30 -41.18
N ASN A 122 -21.56 -4.50 -40.62
CA ASN A 122 -22.76 -4.93 -39.89
C ASN A 122 -22.80 -4.37 -38.47
N MET A 123 -21.92 -4.84 -37.58
CA MET A 123 -21.89 -4.43 -36.18
C MET A 123 -23.06 -4.98 -35.38
N THR A 124 -22.80 -5.33 -34.12
CA THR A 124 -23.77 -5.89 -33.19
C THR A 124 -24.68 -4.79 -32.63
N THR A 125 -25.73 -5.23 -31.96
CA THR A 125 -26.73 -4.35 -31.34
C THR A 125 -26.83 -4.72 -29.86
N GLU A 126 -27.78 -4.08 -29.17
CA GLU A 126 -27.97 -4.34 -27.74
C GLU A 126 -28.24 -5.82 -27.47
N LEU A 127 -28.93 -6.49 -28.39
CA LEU A 127 -29.25 -7.90 -28.24
C LEU A 127 -28.29 -8.74 -29.08
N ARG A 128 -27.91 -9.90 -28.55
CA ARG A 128 -26.98 -10.79 -29.23
C ARG A 128 -27.61 -11.49 -30.43
N ASP A 129 -28.94 -11.53 -30.54
CA ASP A 129 -29.60 -12.21 -31.64
C ASP A 129 -29.77 -11.37 -32.90
N LYS A 130 -29.47 -10.07 -32.86
CA LYS A 130 -29.71 -9.20 -33.99
C LYS A 130 -28.49 -8.36 -34.33
N LYS A 131 -28.29 -8.14 -35.62
CA LYS A 131 -27.25 -7.27 -36.15
C LYS A 131 -27.91 -6.13 -36.90
N GLN A 132 -27.18 -5.02 -37.00
CA GLN A 132 -27.59 -3.83 -37.71
C GLN A 132 -26.70 -3.66 -38.94
N LYS A 133 -26.96 -2.58 -39.69
CA LYS A 133 -26.12 -2.19 -40.82
C LYS A 133 -25.72 -0.75 -40.59
N VAL A 134 -24.42 -0.50 -40.57
CA VAL A 134 -23.84 0.79 -40.23
C VAL A 134 -23.03 1.29 -41.41
N TYR A 135 -23.22 2.55 -41.74
CA TYR A 135 -22.43 3.26 -42.73
C TYR A 135 -21.63 4.31 -41.98
N SER A 136 -20.32 4.36 -42.19
CA SER A 136 -19.51 5.36 -41.52
C SER A 136 -18.33 5.70 -42.40
N LEU A 137 -17.70 6.84 -42.12
CA LEU A 137 -16.53 7.25 -42.86
C LEU A 137 -15.27 7.02 -42.03
N PHE A 138 -14.21 6.58 -42.69
CA PHE A 138 -12.91 6.37 -42.08
C PHE A 138 -11.85 7.07 -42.90
N TYR A 139 -10.76 7.46 -42.25
CA TYR A 139 -9.63 8.02 -42.97
C TYR A 139 -8.81 6.89 -43.57
N ARG A 140 -8.20 7.17 -44.73
CA ARG A 140 -7.39 6.18 -45.42
C ARG A 140 -6.34 5.55 -44.52
N LEU A 141 -5.74 6.36 -43.64
CA LEU A 141 -4.64 5.87 -42.82
C LEU A 141 -5.09 4.80 -41.82
N ASP A 142 -6.38 4.71 -41.53
CA ASP A 142 -6.90 3.75 -40.56
C ASP A 142 -7.40 2.46 -41.19
N VAL A 143 -7.46 2.39 -42.52
CA VAL A 143 -8.09 1.29 -43.22
C VAL A 143 -7.11 0.72 -44.24
N VAL A 144 -6.92 -0.61 -44.22
CA VAL A 144 -6.02 -1.30 -45.14
C VAL A 144 -6.79 -2.38 -45.91
N GLN A 145 -6.45 -2.53 -47.19
CA GLN A 145 -7.13 -3.44 -48.09
C GLN A 145 -6.82 -4.90 -47.79
N ILE A 146 -7.84 -5.74 -47.91
CA ILE A 146 -7.70 -7.18 -47.67
C ILE A 146 -7.40 -7.91 -48.97
N ASN A 147 -8.18 -7.63 -50.02
CA ASN A 147 -8.12 -8.31 -51.32
C ASN A 147 -8.60 -9.76 -51.16
N ASN A 158 -16.18 -0.72 -54.82
CA ASN A 158 -16.40 -1.33 -53.50
C ASN A 158 -15.35 -2.44 -53.28
N LYS A 159 -14.43 -2.17 -52.37
CA LYS A 159 -13.38 -3.11 -52.02
C LYS A 159 -13.46 -3.48 -50.55
N GLU A 160 -12.97 -4.68 -50.22
CA GLU A 160 -12.94 -5.16 -48.84
C GLU A 160 -11.71 -4.64 -48.12
N TYR A 161 -11.93 -4.07 -46.93
CA TYR A 161 -10.88 -3.50 -46.09
C TYR A 161 -11.08 -3.93 -44.65
N ARG A 162 -10.01 -3.81 -43.86
CA ARG A 162 -10.05 -4.01 -42.42
C ARG A 162 -9.31 -2.87 -41.73
N LEU A 163 -9.55 -2.74 -40.43
CA LEU A 163 -8.82 -1.76 -39.64
C LEU A 163 -7.41 -2.28 -39.36
N ILE A 164 -6.45 -1.36 -39.28
CA ILE A 164 -5.06 -1.76 -39.03
C ILE A 164 -4.92 -2.42 -37.66
N ASN A 165 -5.79 -2.06 -36.71
CA ASN A 165 -5.65 -2.58 -35.36
C ASN A 165 -5.91 -4.07 -35.29
N CYS A 166 -6.63 -4.62 -36.27
CA CYS A 166 -6.98 -6.03 -36.19
C CYS A 166 -5.77 -6.89 -36.52
N ASN A 167 -4.67 -6.26 -36.92
CA ASN A 167 -3.44 -6.98 -37.19
C ASN A 167 -2.70 -7.29 -35.89
N THR A 168 -2.73 -6.36 -34.92
CA THR A 168 -1.97 -6.47 -33.68
C THR A 168 -2.73 -6.23 -32.38
N SER A 169 -3.84 -5.48 -32.37
CA SER A 169 -4.42 -5.13 -31.08
C SER A 169 -5.88 -4.69 -31.17
N ALA A 170 -6.66 -5.10 -30.17
CA ALA A 170 -8.01 -4.57 -30.01
C ALA A 170 -7.90 -3.13 -29.52
N ILE A 171 -8.83 -2.29 -29.97
CA ILE A 171 -8.86 -0.88 -29.60
C ILE A 171 -9.89 -0.60 -28.51
N THR A 172 -9.48 0.22 -27.54
CA THR A 172 -10.36 0.69 -26.50
C THR A 172 -10.80 2.08 -26.97
N GLN A 173 -12.10 2.34 -26.95
CA GLN A 173 -12.59 3.64 -27.36
C GLN A 173 -12.38 4.62 -26.23
N ALA A 174 -11.72 5.74 -26.53
CA ALA A 174 -11.53 6.74 -25.48
C ALA A 174 -12.87 7.29 -25.06
N CYS A 175 -13.03 7.54 -23.78
CA CYS A 175 -14.29 8.11 -23.30
C CYS A 175 -14.43 9.54 -23.84
N PRO A 176 -15.55 9.89 -24.48
CA PRO A 176 -15.66 11.23 -25.08
C PRO A 176 -15.67 12.37 -24.06
N LYS A 177 -15.90 12.07 -22.79
CA LYS A 177 -15.99 13.07 -21.75
C LYS A 177 -14.65 13.47 -21.14
N VAL A 178 -13.55 12.84 -21.52
CA VAL A 178 -12.24 13.10 -20.93
C VAL A 178 -11.42 13.90 -21.92
N SER A 179 -11.09 15.13 -21.52
CA SER A 179 -10.31 16.05 -22.34
C SER A 179 -8.85 15.63 -22.45
N PHE A 180 -8.24 15.96 -23.59
CA PHE A 180 -6.82 15.75 -23.84
C PHE A 180 -6.02 17.05 -23.79
N GLU A 181 -6.58 18.12 -23.24
CA GLU A 181 -5.88 19.39 -23.16
C GLU A 181 -4.76 19.31 -22.12
N PRO A 182 -3.52 19.67 -22.45
CA PRO A 182 -2.45 19.65 -21.44
C PRO A 182 -2.74 20.57 -20.26
N ILE A 183 -2.52 20.06 -19.05
CA ILE A 183 -2.66 20.79 -17.81
C ILE A 183 -1.30 20.73 -17.09
N PRO A 184 -0.72 21.84 -16.63
CA PRO A 184 0.61 21.76 -16.00
C PRO A 184 0.58 20.93 -14.73
N ILE A 185 1.64 20.14 -14.54
CA ILE A 185 1.84 19.31 -13.36
C ILE A 185 3.15 19.73 -12.69
N HIS A 186 3.10 19.90 -11.38
CA HIS A 186 4.27 20.25 -10.57
C HIS A 186 4.76 18.99 -9.88
N TYR A 187 6.05 18.74 -9.91
CA TYR A 187 6.64 17.63 -9.15
C TYR A 187 7.24 18.17 -7.87
N CYS A 188 6.95 17.49 -6.75
CA CYS A 188 7.38 17.93 -5.42
C CYS A 188 8.18 16.83 -4.73
N ALA A 189 9.23 17.26 -4.01
CA ALA A 189 10.08 16.34 -3.28
C ALA A 189 9.38 15.81 -2.03
N PRO A 190 9.62 14.56 -1.64
CA PRO A 190 9.15 14.09 -0.33
C PRO A 190 10.04 14.64 0.77
N ALA A 191 9.56 14.54 1.99
CA ALA A 191 10.35 14.99 3.14
C ALA A 191 11.70 14.28 3.16
N GLY A 192 12.74 15.02 3.53
CA GLY A 192 14.08 14.49 3.57
C GLY A 192 14.88 14.71 2.30
N PHE A 193 14.24 15.18 1.22
CA PHE A 193 14.87 15.40 -0.08
C PHE A 193 14.66 16.86 -0.50
N ALA A 194 15.47 17.31 -1.45
CA ALA A 194 15.37 18.67 -1.96
C ALA A 194 15.62 18.67 -3.47
N ILE A 195 15.00 19.64 -4.15
CA ILE A 195 15.19 19.87 -5.58
C ILE A 195 16.02 21.13 -5.78
N LEU A 196 17.12 20.98 -6.51
CA LEU A 196 18.02 22.08 -6.83
C LEU A 196 17.78 22.53 -8.27
N LYS A 197 17.54 23.83 -8.45
CA LYS A 197 17.29 24.45 -9.74
C LYS A 197 18.54 25.19 -10.20
N CYS A 198 19.03 24.84 -11.38
CA CYS A 198 20.29 25.40 -11.90
C CYS A 198 20.27 26.93 -11.98
N LYS A 199 19.30 27.49 -12.70
CA LYS A 199 19.18 28.95 -12.92
C LYS A 199 20.44 29.56 -13.52
N ASP A 200 21.17 28.82 -14.36
CA ASP A 200 22.39 29.32 -14.99
C ASP A 200 22.07 29.68 -16.43
N LYS A 201 22.15 30.96 -16.76
CA LYS A 201 21.81 31.40 -18.11
C LYS A 201 22.77 30.75 -19.11
N LYS A 202 22.24 30.28 -20.23
CA LYS A 202 23.04 29.59 -21.26
C LYS A 202 23.63 28.29 -20.71
N PHE A 203 22.83 27.58 -19.92
CA PHE A 203 23.28 26.32 -19.33
C PHE A 203 23.51 25.24 -20.40
N ASN A 204 24.68 24.61 -20.30
CA ASN A 204 25.14 23.58 -21.22
C ASN A 204 24.27 22.33 -21.22
N GLY A 205 23.60 22.06 -20.11
CA GLY A 205 22.83 20.85 -19.91
C GLY A 205 23.53 19.89 -18.98
N THR A 206 24.85 20.02 -18.88
CA THR A 206 25.71 19.28 -17.97
C THR A 206 26.72 20.25 -17.39
N GLY A 207 27.31 19.90 -16.25
CA GLY A 207 28.37 20.69 -15.67
C GLY A 207 27.91 21.55 -14.53
N PRO A 208 28.84 22.33 -13.95
CA PRO A 208 28.49 23.14 -12.78
C PRO A 208 27.56 24.30 -13.11
N CYS A 209 26.66 24.60 -12.17
CA CYS A 209 25.78 25.75 -12.22
C CYS A 209 26.18 26.73 -11.13
N GLN A 210 26.26 28.01 -11.46
CA GLN A 210 26.70 29.03 -10.52
C GLN A 210 25.55 29.69 -9.75
N ASN A 211 24.30 29.45 -10.15
CA ASN A 211 23.13 30.11 -9.57
C ASN A 211 22.17 29.12 -8.93
N VAL A 212 22.70 28.02 -8.38
CA VAL A 212 21.86 26.95 -7.85
C VAL A 212 20.97 27.48 -6.74
N SER A 213 19.67 27.16 -6.82
CA SER A 213 18.67 27.60 -5.86
C SER A 213 17.80 26.41 -5.46
N THR A 214 17.41 26.34 -4.19
CA THR A 214 16.60 25.22 -3.71
C THR A 214 15.13 25.59 -3.82
N VAL A 215 14.31 24.68 -4.35
CA VAL A 215 12.88 24.88 -4.48
C VAL A 215 12.13 23.73 -3.85
N GLN A 216 10.90 24.01 -3.40
CA GLN A 216 10.04 22.96 -2.86
C GLN A 216 9.54 22.06 -3.98
N CYS A 217 9.19 22.66 -5.12
CA CYS A 217 8.60 21.94 -6.25
C CYS A 217 9.10 22.60 -7.53
N THR A 218 8.94 21.88 -8.63
CA THR A 218 9.30 22.44 -9.92
C THR A 218 8.18 23.35 -10.43
N HIS A 219 8.46 24.07 -11.51
CA HIS A 219 7.40 24.86 -12.12
C HIS A 219 6.41 23.91 -12.77
N GLY A 220 5.26 24.42 -13.19
CA GLY A 220 4.31 23.55 -13.82
C GLY A 220 4.82 23.18 -15.20
N ILE A 221 4.74 21.90 -15.51
CA ILE A 221 5.17 21.36 -16.79
C ILE A 221 3.95 20.80 -17.49
N LYS A 222 3.70 21.26 -18.69
CA LYS A 222 2.55 20.76 -19.43
C LYS A 222 2.93 19.44 -20.10
N PRO A 223 2.14 18.36 -19.93
CA PRO A 223 2.52 17.11 -20.60
C PRO A 223 2.15 17.14 -22.08
N VAL A 224 2.82 18.01 -22.83
CA VAL A 224 2.52 18.18 -24.25
C VAL A 224 3.23 17.09 -25.02
N VAL A 225 2.50 16.40 -25.88
CA VAL A 225 3.01 15.30 -26.68
C VAL A 225 3.15 15.80 -28.10
N SER A 226 4.36 15.71 -28.65
CA SER A 226 4.62 16.11 -30.02
C SER A 226 5.89 15.41 -30.48
N THR A 227 6.10 15.43 -31.79
CA THR A 227 7.34 14.95 -32.40
C THR A 227 7.96 16.07 -33.20
N GLN A 228 9.28 15.99 -33.38
CA GLN A 228 10.08 16.88 -34.23
C GLN A 228 10.16 18.33 -33.76
N LEU A 229 9.02 18.95 -33.41
CA LEU A 229 8.99 20.31 -32.90
C LEU A 229 8.36 20.30 -31.51
N LEU A 230 9.05 20.88 -30.53
CA LEU A 230 8.53 20.93 -29.17
C LEU A 230 7.56 22.10 -29.10
N LEU A 231 6.37 21.86 -28.52
CA LEU A 231 5.34 22.87 -28.40
C LEU A 231 5.05 23.26 -26.96
N ASN A 232 4.68 24.52 -26.78
CA ASN A 232 4.20 25.07 -25.51
C ASN A 232 5.16 24.77 -24.36
N GLY A 233 6.46 24.83 -24.64
CA GLY A 233 7.49 24.61 -23.66
C GLY A 233 8.09 25.91 -23.15
N SER A 234 9.24 25.79 -22.49
CA SER A 234 9.95 26.95 -21.98
C SER A 234 10.91 27.47 -23.03
N LEU A 235 11.11 28.79 -23.03
CA LEU A 235 12.06 29.43 -23.92
C LEU A 235 13.38 29.74 -23.22
N ALA A 236 14.45 29.80 -24.01
CA ALA A 236 15.74 30.23 -23.52
C ALA A 236 15.68 31.73 -23.21
N GLU A 237 16.47 32.17 -22.24
CA GLU A 237 16.45 33.57 -21.86
C GLU A 237 17.42 34.46 -22.63
N GLU A 238 18.59 33.95 -23.02
CA GLU A 238 19.61 34.77 -23.68
C GLU A 238 19.85 34.43 -25.14
N GLU A 239 19.86 33.15 -25.50
CA GLU A 239 20.19 32.74 -26.86
C GLU A 239 19.62 31.36 -27.10
N VAL A 240 19.67 30.92 -28.37
CA VAL A 240 19.29 29.54 -28.67
C VAL A 240 20.35 28.64 -28.08
N ILE A 241 19.92 27.63 -27.33
CA ILE A 241 20.82 26.71 -26.63
C ILE A 241 20.70 25.33 -27.26
N ILE A 242 21.83 24.77 -27.69
CA ILE A 242 21.89 23.46 -28.33
C ILE A 242 22.51 22.49 -27.33
N ARG A 243 21.77 21.43 -26.97
CA ARG A 243 22.21 20.47 -25.97
C ARG A 243 22.12 19.06 -26.52
N SER A 244 23.11 18.24 -26.19
CA SER A 244 23.07 16.83 -26.53
C SER A 244 23.93 16.07 -25.55
N GLU A 245 23.66 14.77 -25.42
CA GLU A 245 24.50 13.92 -24.58
C GLU A 245 25.92 13.83 -25.15
N ASN A 246 26.02 13.73 -26.48
CA ASN A 246 27.30 13.61 -27.17
C ASN A 246 27.09 14.15 -28.58
N ILE A 247 27.80 15.20 -28.93
CA ILE A 247 27.65 15.79 -30.26
C ILE A 247 28.33 14.92 -31.30
N THR A 248 29.51 14.42 -30.99
CA THR A 248 30.27 13.60 -31.94
C THR A 248 29.50 12.35 -32.33
N ASN A 249 28.82 11.72 -31.38
CA ASN A 249 28.10 10.46 -31.64
C ASN A 249 26.80 10.78 -32.37
N ASN A 250 26.70 10.33 -33.62
CA ASN A 250 25.55 10.64 -34.45
C ASN A 250 24.27 9.92 -34.01
N ALA A 251 24.37 8.98 -33.07
CA ALA A 251 23.19 8.25 -32.60
C ALA A 251 22.39 9.02 -31.56
N LYS A 252 22.93 10.13 -31.03
CA LYS A 252 22.26 10.91 -30.00
C LYS A 252 21.44 12.02 -30.64
N ASN A 253 20.36 12.40 -29.96
CA ASN A 253 19.52 13.48 -30.44
C ASN A 253 20.03 14.80 -29.90
N ILE A 254 19.77 15.86 -30.66
CA ILE A 254 20.13 17.23 -30.30
C ILE A 254 18.85 17.99 -30.01
N LEU A 255 18.77 18.56 -28.81
CA LEU A 255 17.63 19.36 -28.39
C LEU A 255 18.01 20.83 -28.49
N VAL A 256 17.30 21.59 -29.31
CA VAL A 256 17.58 22.99 -29.53
C VAL A 256 16.47 23.78 -28.87
N GLN A 257 16.81 24.57 -27.87
CA GLN A 257 15.84 25.39 -27.14
C GLN A 257 15.94 26.81 -27.67
N LEU A 258 14.83 27.34 -28.16
CA LEU A 258 14.81 28.66 -28.76
C LEU A 258 14.63 29.73 -27.70
N ASN A 259 15.14 30.93 -27.98
CA ASN A 259 14.94 32.07 -27.10
C ASN A 259 13.73 32.90 -27.50
N THR A 260 13.05 32.53 -28.59
CA THR A 260 11.82 33.17 -29.05
C THR A 260 10.90 32.03 -29.45
N SER A 261 9.60 32.31 -29.45
CA SER A 261 8.63 31.32 -29.89
C SER A 261 8.24 31.60 -31.32
N VAL A 262 7.82 30.55 -32.03
CA VAL A 262 7.27 30.68 -33.38
C VAL A 262 5.81 30.30 -33.34
N GLN A 263 4.93 31.18 -33.82
CA GLN A 263 3.50 30.92 -33.73
C GLN A 263 3.03 30.03 -34.88
N ILE A 264 2.34 28.96 -34.51
CA ILE A 264 1.79 27.92 -35.39
C ILE A 264 0.28 27.97 -35.33
N ASN A 265 -0.38 28.12 -36.50
CA ASN A 265 -1.84 28.13 -36.59
C ASN A 265 -2.30 26.87 -37.32
N CYS A 266 -2.84 25.89 -36.59
CA CYS A 266 -3.24 24.61 -37.17
C CYS A 266 -4.75 24.51 -37.20
N THR A 267 -5.29 23.87 -38.25
CA THR A 267 -6.73 23.78 -38.38
C THR A 267 -7.18 22.55 -39.18
N ARG A 268 -8.42 22.17 -38.90
CA ARG A 268 -9.22 21.17 -39.62
C ARG A 268 -10.47 21.95 -40.02
N PRO A 269 -10.45 22.60 -41.20
CA PRO A 269 -11.55 23.49 -41.59
C PRO A 269 -12.91 22.84 -41.78
N SER A 270 -13.00 21.53 -41.97
CA SER A 270 -14.29 20.93 -42.28
C SER A 270 -15.21 20.88 -41.07
N ASN A 271 -16.50 21.16 -41.32
CA ASN A 271 -17.53 21.18 -40.29
C ASN A 271 -18.03 19.75 -40.08
N ASN A 272 -17.19 18.98 -39.39
CA ASN A 272 -17.44 17.55 -39.18
C ASN A 272 -18.55 17.29 -38.16
N THR A 273 -19.37 16.28 -38.45
CA THR A 273 -20.43 15.83 -37.55
C THR A 273 -20.01 14.51 -36.91
N VAL A 274 -20.69 14.16 -35.81
CA VAL A 274 -20.46 12.90 -35.11
C VAL A 274 -21.79 12.17 -34.92
N LYS A 275 -21.82 10.89 -35.26
CA LYS A 275 -22.99 10.05 -35.06
C LYS A 275 -22.63 8.99 -34.05
N SER A 276 -23.64 8.36 -33.45
CA SER A 276 -23.35 7.26 -32.52
C SER A 276 -24.44 6.20 -32.60
N ILE A 277 -24.03 4.98 -32.26
CA ILE A 277 -24.91 3.82 -32.20
C ILE A 277 -24.65 3.04 -30.92
N ARG A 278 -25.64 2.26 -30.52
CA ARG A 278 -25.47 1.34 -29.41
C ARG A 278 -24.85 0.07 -29.95
N ILE A 279 -23.93 -0.54 -29.19
CA ILE A 279 -23.29 -1.79 -29.60
C ILE A 279 -23.43 -2.91 -28.58
N GLY A 280 -24.07 -2.65 -27.44
CA GLY A 280 -24.19 -3.66 -26.42
C GLY A 280 -24.92 -3.16 -25.19
N PRO A 281 -25.09 -4.02 -24.21
CA PRO A 281 -25.85 -3.63 -23.02
C PRO A 281 -25.09 -2.64 -22.15
N GLY A 282 -25.09 -1.37 -22.55
CA GLY A 282 -24.35 -0.34 -21.87
C GLY A 282 -23.14 0.21 -22.60
N GLN A 283 -22.99 -0.09 -23.88
CA GLN A 283 -21.87 0.39 -24.67
C GLN A 283 -22.39 1.09 -25.92
N ALA A 284 -21.65 2.10 -26.35
CA ALA A 284 -21.99 2.84 -27.55
C ALA A 284 -20.72 3.24 -28.28
N PHE A 285 -20.82 3.26 -29.60
CA PHE A 285 -19.74 3.57 -30.51
C PHE A 285 -20.03 4.90 -31.20
N TYR A 286 -19.02 5.76 -31.25
CA TYR A 286 -19.09 7.06 -31.91
C TYR A 286 -18.32 6.97 -33.20
N TYR A 287 -18.86 7.57 -34.28
CA TYR A 287 -18.20 7.50 -35.56
C TYR A 287 -18.41 8.75 -36.39
N PHE A 288 -17.51 8.90 -37.35
CA PHE A 288 -17.48 10.02 -38.26
C PHE A 288 -18.76 10.00 -39.07
N GLY A 289 -19.45 11.12 -39.16
CA GLY A 289 -20.72 11.21 -39.87
C GLY A 289 -20.54 11.87 -41.22
N ASP A 290 -21.46 12.78 -41.54
CA ASP A 290 -21.43 13.45 -42.82
C ASP A 290 -20.57 14.70 -42.68
N VAL A 291 -20.41 15.44 -43.77
CA VAL A 291 -19.67 16.69 -43.78
C VAL A 291 -20.65 17.78 -44.21
N LEU A 292 -20.86 18.78 -43.36
CA LEU A 292 -21.82 19.85 -43.63
C LEU A 292 -21.13 20.97 -44.38
N GLY A 293 -20.71 20.65 -45.60
CA GLY A 293 -19.98 21.58 -46.42
C GLY A 293 -18.97 20.84 -47.27
N HIS A 294 -17.99 21.59 -47.77
CA HIS A 294 -16.97 21.02 -48.61
C HIS A 294 -15.99 20.20 -47.78
N VAL A 295 -15.40 19.19 -48.42
CA VAL A 295 -14.31 18.44 -47.81
C VAL A 295 -13.04 19.22 -48.07
N ARG A 296 -12.28 19.50 -47.01
CA ARG A 296 -11.06 20.28 -47.10
C ARG A 296 -9.92 19.57 -46.39
N MET A 297 -8.71 19.89 -46.82
CA MET A 297 -7.52 19.26 -46.31
C MET A 297 -7.13 19.92 -44.98
N ALA A 298 -6.84 19.11 -43.97
CA ALA A 298 -6.38 19.69 -42.73
C ALA A 298 -5.00 20.25 -43.00
N HIS A 299 -4.66 21.35 -42.35
CA HIS A 299 -3.37 21.96 -42.64
C HIS A 299 -2.94 22.85 -41.49
N CYS A 300 -1.71 23.34 -41.59
CA CYS A 300 -1.20 24.23 -40.56
C CYS A 300 -0.24 25.25 -41.15
N ASN A 301 -0.41 26.52 -40.72
CA ASN A 301 0.38 27.63 -41.24
C ASN A 301 1.44 28.07 -40.23
N ILE A 302 2.64 28.35 -40.75
CA ILE A 302 3.75 28.91 -40.00
C ILE A 302 4.25 30.15 -40.73
N SER A 303 4.57 31.22 -40.01
CA SER A 303 5.10 32.39 -40.69
C SER A 303 6.42 32.05 -41.35
N LYS A 304 6.60 32.49 -42.60
CA LYS A 304 7.80 32.11 -43.34
C LYS A 304 9.02 32.89 -42.88
N ALA A 305 8.88 34.21 -42.68
CA ALA A 305 10.03 35.01 -42.29
C ALA A 305 10.50 34.64 -40.89
N THR A 306 9.55 34.36 -39.99
CA THR A 306 9.91 34.02 -38.62
C THR A 306 10.66 32.71 -38.60
N TRP A 307 10.17 31.70 -39.34
CA TRP A 307 10.84 30.42 -39.39
C TRP A 307 12.24 30.57 -39.99
N ASN A 308 12.38 31.34 -41.07
CA ASN A 308 13.69 31.50 -41.68
C ASN A 308 14.67 32.17 -40.72
N GLU A 309 14.20 33.18 -39.97
CA GLU A 309 15.06 33.83 -38.99
C GLU A 309 15.43 32.87 -37.86
N THR A 310 14.46 32.07 -37.38
CA THR A 310 14.73 31.13 -36.30
C THR A 310 15.75 30.10 -36.76
N LEU A 311 15.61 29.60 -37.98
CA LEU A 311 16.54 28.61 -38.48
C LEU A 311 17.93 29.23 -38.63
N GLY A 312 17.98 30.49 -39.06
CA GLY A 312 19.27 31.17 -39.14
C GLY A 312 19.93 31.28 -37.78
N LYS A 313 19.15 31.58 -36.74
CA LYS A 313 19.72 31.63 -35.40
C LYS A 313 20.24 30.26 -34.98
N VAL A 314 19.49 29.20 -35.32
CA VAL A 314 19.91 27.86 -34.96
C VAL A 314 21.22 27.51 -35.64
N VAL A 315 21.36 27.82 -36.93
CA VAL A 315 22.62 27.51 -37.60
C VAL A 315 23.77 28.32 -37.01
N LYS A 316 23.53 29.62 -36.75
CA LYS A 316 24.58 30.46 -36.17
C LYS A 316 25.11 29.88 -34.87
N GLN A 317 24.21 29.40 -34.00
CA GLN A 317 24.69 28.81 -32.76
C GLN A 317 25.26 27.40 -32.98
N LEU A 318 24.72 26.65 -33.94
CA LEU A 318 25.15 25.29 -34.20
C LEU A 318 26.58 25.23 -34.72
N ARG A 319 26.99 26.23 -35.52
CA ARG A 319 28.35 26.25 -36.08
C ARG A 319 29.43 26.21 -35.00
N LYS A 320 29.14 26.65 -33.78
CA LYS A 320 30.16 26.69 -32.73
C LYS A 320 30.74 25.32 -32.41
N HIS A 321 30.01 24.24 -32.69
CA HIS A 321 30.48 22.89 -32.38
C HIS A 321 31.07 22.15 -33.57
N PHE A 322 31.05 22.76 -34.76
CA PHE A 322 31.53 22.12 -35.99
C PHE A 322 32.59 22.92 -36.72
N GLY A 323 32.57 24.25 -36.62
CA GLY A 323 33.51 25.11 -37.32
C GLY A 323 32.82 26.20 -38.10
N ASN A 324 33.55 27.27 -38.43
CA ASN A 324 32.99 28.40 -39.14
C ASN A 324 33.22 28.33 -40.65
N ASN A 325 33.80 27.24 -41.15
CA ASN A 325 34.04 27.04 -42.58
C ASN A 325 33.28 25.83 -43.11
N THR A 326 32.21 25.42 -42.42
CA THR A 326 31.42 24.25 -42.78
C THR A 326 30.12 24.69 -43.44
N ILE A 327 29.40 23.70 -43.97
CA ILE A 327 28.09 23.90 -44.56
C ILE A 327 27.11 23.09 -43.73
N ILE A 328 26.05 23.76 -43.25
CA ILE A 328 25.01 23.10 -42.46
C ILE A 328 23.78 23.01 -43.35
N ARG A 329 23.31 21.79 -43.61
CA ARG A 329 22.17 21.58 -44.49
C ARG A 329 21.08 20.90 -43.69
N PHE A 330 19.84 21.26 -43.96
CA PHE A 330 18.68 20.65 -43.34
C PHE A 330 17.90 19.88 -44.39
N ALA A 331 17.35 18.74 -43.97
CA ALA A 331 16.59 17.85 -44.82
C ALA A 331 15.46 17.25 -44.01
N GLN A 332 14.45 16.72 -44.69
CA GLN A 332 13.32 16.12 -44.00
C GLN A 332 13.70 14.74 -43.47
N SER A 333 12.74 14.10 -42.80
CA SER A 333 12.96 12.77 -42.26
C SER A 333 13.07 11.77 -43.40
N SER A 334 13.53 10.56 -43.08
CA SER A 334 13.75 9.53 -44.10
C SER A 334 12.78 8.39 -43.88
N GLY A 335 13.13 7.36 -43.11
CA GLY A 335 12.28 6.19 -42.96
C GLY A 335 11.32 6.27 -41.78
N GLY A 336 10.54 5.21 -41.63
CA GLY A 336 9.56 5.08 -40.58
C GLY A 336 8.16 5.43 -41.04
N ASP A 337 7.23 5.23 -40.11
CA ASP A 337 5.82 5.52 -40.35
C ASP A 337 5.53 6.95 -39.89
N LEU A 338 4.26 7.35 -39.90
CA LEU A 338 3.93 8.74 -39.59
C LEU A 338 4.22 9.12 -38.15
N GLU A 339 4.50 8.16 -37.26
CA GLU A 339 4.83 8.52 -35.89
C GLU A 339 6.17 9.22 -35.77
N VAL A 340 7.12 8.90 -36.66
CA VAL A 340 8.46 9.45 -36.61
C VAL A 340 8.83 10.26 -37.86
N THR A 341 8.18 10.02 -38.99
CA THR A 341 8.52 10.72 -40.22
C THR A 341 7.82 12.06 -40.34
N THR A 342 6.74 12.26 -39.59
CA THR A 342 6.00 13.51 -39.58
C THR A 342 5.88 14.10 -38.18
N HIS A 343 5.53 15.38 -38.15
CA HIS A 343 5.23 16.06 -36.90
C HIS A 343 3.86 15.59 -36.46
N SER A 344 3.65 15.43 -35.16
CA SER A 344 2.35 15.00 -34.68
C SER A 344 1.95 15.79 -33.45
N PHE A 345 0.64 16.00 -33.28
CA PHE A 345 0.17 16.74 -32.12
C PHE A 345 -1.32 16.51 -31.89
N ASN A 346 -1.75 16.86 -30.68
CA ASN A 346 -3.16 16.82 -30.28
C ASN A 346 -3.71 18.25 -30.27
N CYS A 347 -4.59 18.56 -31.22
CA CYS A 347 -5.17 19.89 -31.41
C CYS A 347 -6.68 19.78 -31.27
N GLY A 348 -7.22 20.31 -30.17
CA GLY A 348 -8.64 20.30 -29.97
C GLY A 348 -9.18 18.95 -29.58
N GLY A 349 -8.31 17.96 -29.39
CA GLY A 349 -8.68 16.59 -29.14
C GLY A 349 -8.51 15.72 -30.36
N GLU A 350 -8.23 16.31 -31.54
CA GLU A 350 -7.96 15.55 -32.74
C GLU A 350 -6.46 15.35 -32.87
N PHE A 351 -6.05 14.26 -33.51
CA PHE A 351 -4.65 13.93 -33.69
C PHE A 351 -4.19 14.23 -35.11
N PHE A 352 -3.31 15.22 -35.24
CA PHE A 352 -2.82 15.70 -36.53
C PHE A 352 -1.43 15.14 -36.78
N TYR A 353 -1.15 14.80 -38.05
CA TYR A 353 0.18 14.42 -38.52
C TYR A 353 0.50 15.33 -39.69
N CYS A 354 1.60 16.09 -39.60
CA CYS A 354 1.95 17.11 -40.59
C CYS A 354 3.30 16.82 -41.25
N ASN A 355 3.34 17.03 -42.57
CA ASN A 355 4.47 16.66 -43.41
C ASN A 355 5.80 17.27 -42.94
N THR A 356 5.84 18.59 -42.76
CA THR A 356 7.01 19.38 -42.36
C THR A 356 8.15 19.44 -43.37
N SER A 357 8.08 18.79 -44.53
CA SER A 357 9.26 18.79 -45.40
C SER A 357 9.59 20.19 -45.88
N GLY A 358 8.61 21.09 -45.91
CA GLY A 358 8.83 22.46 -46.28
C GLY A 358 9.59 23.26 -45.24
N LEU A 359 9.78 22.72 -44.03
CA LEU A 359 10.50 23.41 -42.98
C LEU A 359 11.98 23.09 -42.93
N PHE A 360 12.40 21.96 -43.48
CA PHE A 360 13.78 21.48 -43.36
C PHE A 360 14.29 21.09 -44.74
N ASN A 361 14.52 22.08 -45.59
CA ASN A 361 15.06 21.85 -46.92
C ASN A 361 15.92 23.09 -47.24
N SER A 362 17.17 23.07 -46.78
CA SER A 362 17.99 24.27 -46.97
C SER A 362 19.46 23.93 -46.86
N THR A 363 20.29 24.78 -47.46
CA THR A 363 21.75 24.69 -47.33
C THR A 363 22.26 26.05 -46.87
N TRP A 364 22.97 26.05 -45.74
CA TRP A 364 23.51 27.25 -45.10
C TRP A 364 25.03 27.23 -45.25
N ILE A 365 25.54 28.16 -46.05
CA ILE A 365 26.97 28.27 -46.37
C ILE A 365 27.46 29.56 -45.76
N SER A 366 28.50 29.45 -44.93
CA SER A 366 29.17 30.55 -44.19
C SER A 366 28.89 31.99 -44.62
N ASP A 380 4.41 34.92 -47.73
CA ASP A 380 4.61 35.34 -46.34
C ASP A 380 4.23 34.25 -45.33
N SER A 381 3.54 33.21 -45.78
CA SER A 381 3.06 32.14 -44.90
C SER A 381 3.31 30.80 -45.56
N LEU A 382 3.92 29.88 -44.81
CA LEU A 382 4.25 28.54 -45.28
C LEU A 382 3.19 27.58 -44.76
N ILE A 383 2.54 26.88 -45.68
CA ILE A 383 1.40 26.01 -45.40
C ILE A 383 1.87 24.57 -45.47
N LEU A 384 1.68 23.82 -44.38
CA LEU A 384 2.05 22.42 -44.31
C LEU A 384 0.79 21.57 -44.37
N PRO A 385 0.69 20.57 -45.25
CA PRO A 385 -0.48 19.70 -45.23
C PRO A 385 -0.44 18.76 -44.04
N CYS A 386 -1.61 18.41 -43.54
CA CYS A 386 -1.72 17.50 -42.40
C CYS A 386 -2.82 16.49 -42.64
N TRP A 387 -2.62 15.29 -42.09
CA TRP A 387 -3.57 14.19 -42.13
C TRP A 387 -4.10 13.93 -40.73
N ILE A 388 -5.33 13.44 -40.66
CA ILE A 388 -5.98 13.08 -39.41
C ILE A 388 -6.06 11.56 -39.36
N LYS A 389 -5.70 10.98 -38.20
CA LYS A 389 -5.72 9.54 -38.01
C LYS A 389 -6.44 9.26 -36.71
N GLN A 390 -7.39 8.30 -36.74
CA GLN A 390 -8.18 7.95 -35.56
C GLN A 390 -7.63 6.76 -34.78
N ILE A 391 -6.84 5.89 -35.41
CA ILE A 391 -6.31 4.70 -34.76
C ILE A 391 -4.89 5.04 -34.33
N ILE A 392 -4.69 5.08 -33.02
CA ILE A 392 -3.49 5.64 -32.41
C ILE A 392 -2.75 4.58 -31.62
N ASN A 393 -1.41 4.55 -31.77
CA ASN A 393 -0.51 3.64 -31.05
C ASN A 393 0.54 4.51 -30.35
N MET A 394 0.17 5.04 -29.18
CA MET A 394 1.01 5.98 -28.44
C MET A 394 2.15 5.30 -27.70
N TRP A 395 3.14 6.12 -27.36
CA TRP A 395 4.29 5.75 -26.53
C TRP A 395 5.15 4.66 -27.16
N GLN A 396 5.06 4.48 -28.48
CA GLN A 396 5.81 3.46 -29.20
C GLN A 396 5.51 2.06 -28.67
N ARG A 397 4.31 1.83 -28.18
CA ARG A 397 3.91 0.51 -27.71
C ARG A 397 3.26 -0.26 -28.83
N ILE A 398 3.41 -1.59 -28.77
CA ILE A 398 2.79 -2.52 -29.71
C ILE A 398 1.87 -3.41 -28.90
N GLY A 399 0.64 -3.57 -29.37
CA GLY A 399 -0.34 -4.41 -28.72
C GLY A 399 -1.41 -3.66 -27.93
N GLN A 400 -1.29 -2.33 -27.78
CA GLN A 400 -2.26 -1.52 -27.03
C GLN A 400 -2.71 -0.34 -27.90
N ALA A 401 -3.63 -0.59 -28.82
CA ALA A 401 -4.10 0.43 -29.74
C ALA A 401 -5.23 1.24 -29.10
N MET A 402 -5.34 2.50 -29.50
CA MET A 402 -6.37 3.41 -29.03
C MET A 402 -7.13 4.01 -30.21
N TYR A 403 -8.44 4.19 -30.03
CA TYR A 403 -9.32 4.82 -31.02
C TYR A 403 -9.78 6.17 -30.50
N ALA A 404 -9.51 7.22 -31.26
CA ALA A 404 -9.93 8.56 -30.87
C ALA A 404 -11.31 8.86 -31.46
N PRO A 405 -12.33 9.16 -30.66
CA PRO A 405 -13.62 9.51 -31.24
C PRO A 405 -13.51 10.78 -32.06
N PRO A 406 -14.31 10.92 -33.12
CA PRO A 406 -14.30 12.18 -33.86
C PRO A 406 -14.93 13.28 -33.03
N ILE A 407 -14.50 14.52 -33.30
CA ILE A 407 -14.99 15.71 -32.62
C ILE A 407 -15.81 16.53 -33.60
N GLN A 408 -17.04 16.84 -33.23
CA GLN A 408 -17.93 17.60 -34.09
C GLN A 408 -17.49 19.05 -34.18
N GLY A 409 -17.54 19.60 -35.40
CA GLY A 409 -17.20 20.99 -35.64
C GLY A 409 -15.85 21.19 -36.28
N VAL A 410 -15.54 22.47 -36.49
CA VAL A 410 -14.31 22.90 -37.13
C VAL A 410 -13.29 23.13 -36.03
N ILE A 411 -12.06 22.62 -36.21
CA ILE A 411 -11.04 22.68 -35.17
C ILE A 411 -9.95 23.67 -35.58
N ARG A 412 -9.62 24.58 -34.68
CA ARG A 412 -8.51 25.51 -34.87
C ARG A 412 -7.76 25.64 -33.55
N CYS A 413 -6.43 25.69 -33.63
CA CYS A 413 -5.63 25.93 -32.43
C CYS A 413 -4.38 26.71 -32.81
N VAL A 414 -3.80 27.37 -31.81
CA VAL A 414 -2.59 28.16 -31.94
C VAL A 414 -1.57 27.62 -30.94
N SER A 415 -0.40 27.21 -31.46
CA SER A 415 0.67 26.64 -30.66
C SER A 415 1.95 27.47 -30.84
N ASN A 416 2.84 27.35 -29.86
CA ASN A 416 4.15 27.98 -29.88
C ASN A 416 5.22 26.94 -30.13
N ILE A 417 6.12 27.17 -31.09
CA ILE A 417 7.29 26.31 -31.21
C ILE A 417 8.28 26.89 -30.22
N THR A 418 8.71 26.06 -29.27
CA THR A 418 9.65 26.47 -28.24
C THR A 418 10.95 25.70 -28.34
N GLY A 419 11.06 24.75 -29.25
CA GLY A 419 12.29 23.99 -29.38
C GLY A 419 12.16 22.97 -30.50
N LEU A 420 13.32 22.54 -30.98
CA LEU A 420 13.46 21.60 -32.08
C LEU A 420 14.21 20.37 -31.61
N ILE A 421 13.96 19.24 -32.27
CA ILE A 421 14.76 18.04 -32.16
C ILE A 421 15.44 17.84 -33.50
N LEU A 422 16.76 17.66 -33.48
CA LEU A 422 17.54 17.41 -34.69
C LEU A 422 18.44 16.22 -34.48
N THR A 423 18.73 15.50 -35.56
CA THR A 423 19.70 14.42 -35.54
C THR A 423 20.73 14.62 -36.64
N ARG A 424 21.91 14.07 -36.44
CA ARG A 424 22.97 14.12 -37.44
C ARG A 424 22.85 12.97 -38.42
N ASP A 425 23.48 13.12 -39.57
CA ASP A 425 23.47 12.11 -40.62
C ASP A 425 24.91 11.85 -41.04
N SER A 431 34.46 15.13 -45.07
CA SER A 431 33.35 15.95 -45.56
C SER A 431 33.20 17.21 -44.72
N THR A 432 32.84 18.31 -45.38
CA THR A 432 32.61 19.59 -44.72
C THR A 432 31.14 19.98 -44.63
N THR A 433 30.23 19.13 -45.11
CA THR A 433 28.80 19.41 -45.12
C THR A 433 28.13 18.43 -44.17
N GLU A 434 27.31 18.96 -43.25
CA GLU A 434 26.61 18.14 -42.27
C GLU A 434 25.11 18.33 -42.47
N THR A 435 24.39 17.21 -42.63
CA THR A 435 22.95 17.22 -42.88
C THR A 435 22.20 16.85 -41.60
N PHE A 436 21.23 17.69 -41.24
CA PHE A 436 20.39 17.51 -40.05
C PHE A 436 18.97 17.19 -40.45
N ARG A 437 18.32 16.30 -39.69
CA ARG A 437 16.96 15.85 -39.92
C ARG A 437 16.14 15.99 -38.65
N PRO A 438 14.81 16.17 -38.76
CA PRO A 438 13.99 16.26 -37.53
C PRO A 438 14.13 15.16 -36.51
N GLY A 439 14.30 13.90 -36.93
CA GLY A 439 14.45 12.81 -35.97
C GLY A 439 13.30 12.75 -34.98
N GLY A 440 13.64 12.65 -33.69
CA GLY A 440 12.63 12.61 -32.64
C GLY A 440 11.96 11.25 -32.52
N GLY A 441 10.81 11.26 -31.83
CA GLY A 441 10.00 10.09 -31.61
C GLY A 441 10.09 9.47 -30.23
N ASP A 442 11.15 9.74 -29.46
CA ASP A 442 11.29 9.21 -28.11
C ASP A 442 10.80 10.30 -27.17
N MET A 443 9.64 10.07 -26.52
CA MET A 443 9.01 11.12 -25.72
C MET A 443 9.85 11.61 -24.57
N ARG A 444 10.82 10.84 -24.06
CA ARG A 444 11.61 11.38 -22.95
C ARG A 444 12.41 12.59 -23.41
N ASP A 445 12.72 12.67 -24.70
CA ASP A 445 13.46 13.81 -25.22
C ASP A 445 12.62 15.06 -25.16
N ASN A 446 11.29 14.93 -25.07
CA ASN A 446 10.43 16.09 -25.00
C ASN A 446 10.29 16.62 -23.58
N TRP A 447 10.79 15.88 -22.59
CA TRP A 447 10.69 16.28 -21.19
C TRP A 447 12.03 16.69 -20.60
N ARG A 448 13.13 16.19 -21.15
CA ARG A 448 14.44 16.65 -20.69
C ARG A 448 14.59 18.13 -20.95
N SER A 449 13.99 18.61 -22.06
CA SER A 449 14.09 20.01 -22.43
C SER A 449 13.45 20.92 -21.40
N GLU A 450 12.63 20.36 -20.49
CA GLU A 450 12.03 21.11 -19.41
C GLU A 450 12.62 20.73 -18.07
N LEU A 451 13.04 19.48 -17.90
CA LEU A 451 13.57 19.00 -16.62
C LEU A 451 15.08 19.17 -16.51
N TYR A 452 15.74 19.69 -17.56
CA TYR A 452 17.19 19.84 -17.56
C TYR A 452 17.72 20.70 -16.42
N LYS A 453 16.92 21.58 -15.85
CA LYS A 453 17.40 22.48 -14.81
C LYS A 453 17.19 21.97 -13.39
N TYR A 454 16.61 20.80 -13.18
CA TYR A 454 16.34 20.28 -11.84
C TYR A 454 17.15 19.02 -11.53
N LYS A 455 17.58 18.94 -10.27
CA LYS A 455 18.28 17.78 -9.74
C LYS A 455 17.70 17.45 -8.38
N VAL A 456 17.62 16.15 -8.06
CA VAL A 456 17.10 15.68 -6.78
C VAL A 456 18.28 15.27 -5.91
N VAL A 457 18.32 15.79 -4.68
CA VAL A 457 19.36 15.44 -3.73
C VAL A 457 18.71 15.00 -2.42
N LYS A 458 19.44 14.18 -1.67
CA LYS A 458 19.03 13.69 -0.37
C LYS A 458 19.80 14.41 0.71
N ILE A 459 19.11 14.80 1.77
CA ILE A 459 19.74 15.50 2.89
C ILE A 459 20.26 14.46 3.87
N GLU A 460 21.51 14.62 4.30
CA GLU A 460 22.14 13.73 5.28
C GLU A 460 22.65 14.59 6.43
N PRO A 461 21.74 15.06 7.28
CA PRO A 461 22.05 16.11 8.27
C PRO A 461 22.73 15.57 9.52
N LEU A 462 23.85 14.87 9.33
CA LEU A 462 24.59 14.32 10.45
C LEU A 462 26.05 14.28 10.07
N GLY A 463 26.90 14.82 10.95
CA GLY A 463 28.33 14.81 10.68
C GLY A 463 29.10 15.14 11.93
N VAL A 464 30.42 15.14 11.79
CA VAL A 464 31.33 15.37 12.90
C VAL A 464 32.33 16.44 12.52
N ALA A 465 32.92 17.06 13.54
CA ALA A 465 34.00 18.01 13.29
C ALA A 465 34.80 18.19 14.56
N PRO A 466 36.09 18.50 14.47
CA PRO A 466 36.87 18.74 15.70
C PRO A 466 36.54 20.09 16.31
N THR A 467 36.39 20.11 17.63
CA THR A 467 36.23 21.34 18.40
C THR A 467 36.96 21.19 19.72
N ARG A 468 37.17 22.30 20.41
CA ARG A 468 37.75 22.26 21.76
C ARG A 468 36.63 22.09 22.78
N CYS A 469 36.00 20.93 22.76
CA CYS A 469 34.87 20.69 23.64
C CYS A 469 34.86 19.23 24.06
N LYS A 470 35.03 19.00 25.36
CA LYS A 470 35.08 17.66 25.94
C LYS A 470 33.81 17.43 26.76
N ARG A 471 33.34 16.19 26.75
CA ARG A 471 32.17 15.81 27.54
C ARG A 471 32.62 15.48 28.97
N ARG A 472 33.05 16.54 29.66
CA ARG A 472 33.57 16.49 31.04
C ARG A 472 34.45 15.29 31.33
N GLU B 1 46.58 49.31 15.42
CA GLU B 1 45.28 49.95 15.09
C GLU B 1 44.19 49.60 16.10
N VAL B 2 44.44 48.61 16.96
CA VAL B 2 43.48 48.19 17.95
C VAL B 2 43.52 49.17 19.12
N GLN B 3 42.34 49.69 19.49
CA GLN B 3 42.25 50.65 20.60
C GLN B 3 41.03 50.40 21.46
N LEU B 4 41.24 50.47 22.78
CA LEU B 4 40.18 50.40 23.78
C LEU B 4 40.25 51.70 24.58
N VAL B 5 39.14 52.42 24.65
CA VAL B 5 39.09 53.73 25.30
C VAL B 5 38.12 53.67 26.48
N GLU B 6 38.65 53.85 27.68
CA GLU B 6 37.88 53.92 28.92
C GLU B 6 37.18 55.26 29.07
N THR B 7 35.91 55.21 29.47
CA THR B 7 35.12 56.40 29.80
C THR B 7 34.45 56.15 31.15
N GLY B 8 35.24 56.18 32.23
CA GLY B 8 34.77 55.82 33.54
C GLY B 8 34.34 57.02 34.37
N GLY B 9 34.18 56.78 35.67
CA GLY B 9 33.75 57.78 36.61
C GLY B 9 34.91 58.33 37.44
N GLY B 10 34.58 58.86 38.61
CA GLY B 10 35.54 59.46 39.51
C GLY B 10 35.50 58.90 40.92
N LEU B 11 35.26 59.78 41.89
CA LEU B 11 35.23 59.42 43.31
C LEU B 11 33.79 59.21 43.75
N VAL B 12 33.55 58.08 44.43
CA VAL B 12 32.27 57.77 45.04
C VAL B 12 32.58 57.39 46.49
N GLN B 13 31.54 57.37 47.35
CA GLN B 13 31.70 56.93 48.73
C GLN B 13 31.14 55.51 48.92
N PRO B 14 31.57 54.80 49.97
CA PRO B 14 31.07 53.43 50.19
C PRO B 14 29.54 53.39 50.28
N GLY B 15 28.96 52.38 49.64
CA GLY B 15 27.53 52.20 49.58
C GLY B 15 26.89 52.71 48.31
N GLY B 16 27.66 53.42 47.47
CA GLY B 16 27.19 53.95 46.22
C GLY B 16 27.41 52.99 45.08
N SER B 17 27.48 53.55 43.88
CA SER B 17 27.68 52.73 42.69
C SER B 17 28.37 53.58 41.64
N LEU B 18 29.05 52.90 40.72
CA LEU B 18 29.73 53.55 39.61
C LEU B 18 29.72 52.63 38.41
N LYS B 19 29.43 53.20 37.23
CA LYS B 19 29.43 52.44 35.99
C LYS B 19 30.62 52.86 35.14
N LEU B 20 31.37 51.87 34.67
CA LEU B 20 32.49 52.06 33.76
C LEU B 20 32.06 51.61 32.38
N SER B 21 32.68 52.18 31.35
CA SER B 21 32.40 51.79 29.99
C SER B 21 33.66 51.93 29.15
N CYS B 22 33.82 51.00 28.20
CA CYS B 22 34.90 51.00 27.24
C CYS B 22 34.35 50.93 25.82
N ARG B 23 34.93 51.74 24.95
CA ARG B 23 34.65 51.73 23.52
C ARG B 23 35.80 51.02 22.82
N ALA B 24 35.47 50.21 21.82
CA ALA B 24 36.47 49.44 21.08
C ALA B 24 36.53 49.88 19.62
N SER B 25 37.73 49.83 19.06
CA SER B 25 37.93 50.09 17.64
C SER B 25 39.13 49.28 17.15
N GLY B 26 39.18 49.10 15.82
CA GLY B 26 40.29 48.45 15.16
C GLY B 26 40.16 46.95 14.97
N TYR B 27 39.07 46.35 15.45
CA TYR B 27 38.87 44.91 15.32
C TYR B 27 37.38 44.65 15.40
N THR B 28 36.98 43.42 15.05
CA THR B 28 35.58 43.06 15.18
C THR B 28 35.30 42.79 16.65
N PHE B 29 34.44 43.61 17.23
CA PHE B 29 34.16 43.54 18.66
C PHE B 29 33.56 42.19 19.03
N SER B 30 32.57 41.75 18.27
CA SER B 30 31.86 40.49 18.54
C SER B 30 32.72 39.25 18.36
N SER B 31 33.94 39.36 17.83
CA SER B 31 34.78 38.19 17.62
C SER B 31 35.65 37.82 18.82
N PHE B 32 35.76 38.67 19.84
CA PHE B 32 36.65 38.43 20.97
C PHE B 32 35.90 38.53 22.30
N ALA B 33 36.32 37.70 23.24
CA ALA B 33 35.89 37.85 24.63
C ALA B 33 36.62 39.04 25.24
N MET B 34 36.02 39.68 26.24
CA MET B 34 36.66 40.81 26.88
C MET B 34 36.54 40.67 28.39
N SER B 35 37.41 41.37 29.11
CA SER B 35 37.47 41.24 30.55
C SER B 35 37.95 42.54 31.19
N TRP B 36 37.78 42.62 32.51
CA TRP B 36 38.28 43.72 33.32
C TRP B 36 39.34 43.19 34.28
N VAL B 37 40.44 43.96 34.36
CA VAL B 37 41.59 43.70 35.23
C VAL B 37 41.79 44.93 36.12
N ARG B 38 41.94 44.70 37.42
CA ARG B 38 42.09 45.77 38.40
C ARG B 38 43.51 45.85 38.93
N GLN B 39 43.99 47.07 39.15
CA GLN B 39 45.31 47.32 39.74
C GLN B 39 45.21 48.43 40.79
N ALA B 40 45.36 48.08 42.06
CA ALA B 40 45.32 49.10 43.09
C ALA B 40 46.51 50.04 42.89
N PRO B 41 46.42 51.31 43.32
CA PRO B 41 47.52 52.26 43.07
C PRO B 41 48.91 51.78 43.44
N GLY B 42 49.06 51.01 44.52
CA GLY B 42 50.34 50.51 44.96
C GLY B 42 50.56 49.02 44.83
N LYS B 43 49.71 48.29 44.13
CA LYS B 43 49.75 46.84 44.05
C LYS B 43 49.95 46.39 42.60
N GLY B 44 49.95 45.07 42.43
CA GLY B 44 50.07 44.45 41.13
C GLY B 44 48.72 44.28 40.48
N LEU B 45 48.67 43.42 39.47
CA LEU B 45 47.47 43.21 38.68
C LEU B 45 46.67 42.06 39.25
N GLU B 46 45.35 42.17 39.16
CA GLU B 46 44.45 41.06 39.47
C GLU B 46 43.28 41.06 38.49
N TRP B 47 42.79 39.87 38.19
CA TRP B 47 41.63 39.72 37.33
C TRP B 47 40.37 39.97 38.15
N VAL B 48 39.40 40.67 37.56
CA VAL B 48 38.12 40.96 38.21
C VAL B 48 36.96 40.26 37.51
N SER B 49 36.82 40.45 36.19
CA SER B 49 35.64 39.85 35.55
C SER B 49 35.93 39.50 34.10
N LEU B 50 35.18 38.51 33.59
CA LEU B 50 35.32 38.04 32.23
C LEU B 50 33.94 37.87 31.60
N ILE B 51 33.77 38.37 30.38
CA ILE B 51 32.55 38.20 29.60
C ILE B 51 32.95 37.63 28.24
N ASN B 52 32.17 36.67 27.76
CA ASN B 52 32.46 36.04 26.48
C ASN B 52 32.03 36.93 25.32
N ASP B 53 32.27 36.45 24.11
CA ASP B 53 32.05 37.27 22.92
C ASP B 53 30.58 37.58 22.68
N ARG B 54 29.65 36.75 23.13
CA ARG B 54 28.23 36.98 22.91
C ARG B 54 27.55 37.67 24.10
N GLY B 55 28.26 37.87 25.20
CA GLY B 55 27.65 38.48 26.36
C GLY B 55 26.66 37.59 27.08
N GLY B 56 26.82 36.27 26.97
CA GLY B 56 25.88 35.32 27.58
C GLY B 56 26.48 34.60 28.76
N LEU B 57 27.80 34.51 28.82
CA LEU B 57 28.51 33.83 29.89
C LEU B 57 29.39 34.86 30.58
N THR B 58 29.22 35.00 31.89
CA THR B 58 30.00 35.94 32.69
C THR B 58 30.60 35.20 33.87
N PHE B 59 31.80 35.64 34.24
CA PHE B 59 32.53 35.08 35.37
C PHE B 59 33.09 36.23 36.18
N TYR B 60 33.16 36.05 37.49
CA TYR B 60 33.68 37.08 38.38
C TYR B 60 34.65 36.50 39.39
N VAL B 61 35.59 37.33 39.83
CA VAL B 61 36.43 36.98 40.96
C VAL B 61 35.55 36.96 42.20
N ASP B 62 35.85 36.03 43.11
CA ASP B 62 35.01 35.80 44.30
C ASP B 62 34.69 37.09 45.07
N SER B 63 35.64 38.01 45.16
CA SER B 63 35.43 39.21 45.96
C SER B 63 34.30 40.11 45.43
N VAL B 64 33.93 39.98 44.15
CA VAL B 64 32.90 40.84 43.54
C VAL B 64 31.70 40.05 43.02
N LYS B 65 31.59 38.77 43.35
CA LYS B 65 30.52 37.95 42.78
C LYS B 65 29.13 38.52 43.07
N GLY B 66 28.94 39.12 44.24
CA GLY B 66 27.68 39.72 44.63
C GLY B 66 27.58 41.21 44.46
N ARG B 67 28.54 41.85 43.78
CA ARG B 67 28.60 43.31 43.71
C ARG B 67 28.68 43.87 42.29
N PHE B 68 29.37 43.19 41.37
CA PHE B 68 29.62 43.71 40.03
C PHE B 68 28.79 42.98 38.99
N THR B 69 28.32 43.71 37.99
CA THR B 69 27.64 43.17 36.82
C THR B 69 28.40 43.60 35.57
N ILE B 70 28.73 42.64 34.70
CA ILE B 70 29.45 42.90 33.46
C ILE B 70 28.51 42.67 32.30
N SER B 71 28.50 43.60 31.34
CA SER B 71 27.63 43.45 30.18
C SER B 71 28.32 44.08 28.98
N ARG B 72 27.85 43.70 27.79
CA ARG B 72 28.39 44.25 26.55
C ARG B 72 27.27 44.41 25.53
N ASP B 73 27.51 45.32 24.59
CA ASP B 73 26.60 45.60 23.48
C ASP B 73 27.44 45.53 22.21
N ASN B 74 27.22 44.46 21.42
CA ASN B 74 28.01 44.18 20.24
C ASN B 74 27.64 45.06 19.06
N SER B 75 26.54 45.80 19.13
CA SER B 75 26.16 46.71 18.06
C SER B 75 26.79 48.07 18.27
N LYS B 76 27.06 48.41 19.53
CA LYS B 76 27.68 49.66 19.93
C LYS B 76 29.18 49.51 20.11
N ASN B 77 29.69 48.27 20.13
CA ASN B 77 31.09 48.00 20.42
C ASN B 77 31.42 48.56 21.81
N THR B 78 30.50 48.36 22.75
CA THR B 78 30.64 48.90 24.09
C THR B 78 30.62 47.81 25.16
N LEU B 79 31.61 47.87 26.05
CA LEU B 79 31.69 47.01 27.23
C LEU B 79 31.37 47.90 28.41
N SER B 80 30.61 47.39 29.39
CA SER B 80 30.34 48.17 30.58
C SER B 80 30.33 47.28 31.81
N LEU B 81 30.62 47.92 32.95
CA LEU B 81 30.68 47.25 34.24
C LEU B 81 29.96 48.13 35.26
N GLN B 82 28.96 47.55 35.92
CA GLN B 82 28.17 48.22 36.94
C GLN B 82 28.68 47.73 38.30
N MET B 83 29.31 48.63 39.07
CA MET B 83 29.92 48.29 40.35
C MET B 83 29.09 48.88 41.47
N HIS B 84 28.73 48.04 42.44
CA HIS B 84 27.99 48.42 43.64
C HIS B 84 28.88 48.36 44.88
N SER B 85 28.46 49.11 45.90
CA SER B 85 29.03 49.18 47.25
C SER B 85 30.35 49.95 47.29
N LEU B 86 31.29 49.61 46.40
CA LEU B 86 32.56 50.32 46.24
C LEU B 86 33.24 50.67 47.55
N ARG B 87 33.84 49.69 48.21
CA ARG B 87 34.47 49.94 49.49
C ARG B 87 35.88 50.51 49.29
N ASP B 88 36.48 50.95 50.41
CA ASP B 88 37.79 51.58 50.37
C ASP B 88 38.83 50.70 49.69
N GLY B 89 38.71 49.39 49.84
CA GLY B 89 39.68 48.47 49.25
C GLY B 89 39.55 48.33 47.74
N ASP B 90 38.52 48.94 47.13
CA ASP B 90 38.29 48.85 45.70
C ASP B 90 38.90 50.01 44.92
N THR B 91 39.63 50.92 45.57
CA THR B 91 40.29 51.99 44.83
C THR B 91 41.35 51.37 43.93
N ALA B 92 41.27 51.66 42.64
CA ALA B 92 42.19 51.05 41.69
C ALA B 92 41.98 51.64 40.30
N VAL B 93 42.92 51.35 39.42
CA VAL B 93 42.75 51.54 37.98
C VAL B 93 42.12 50.28 37.41
N TYR B 94 41.05 50.45 36.65
CA TYR B 94 40.30 49.37 36.01
C TYR B 94 40.56 49.40 34.52
N TYR B 95 41.20 48.34 34.01
CA TYR B 95 41.59 48.23 32.62
C TYR B 95 40.64 47.27 31.91
N CYS B 96 40.23 47.64 30.70
CA CYS B 96 39.56 46.72 29.79
C CYS B 96 40.64 45.98 29.02
N ALA B 97 40.40 44.70 28.76
CA ALA B 97 41.32 43.94 27.94
C ALA B 97 40.57 42.95 27.04
N THR B 98 41.15 42.71 25.88
CA THR B 98 40.63 41.79 24.90
C THR B 98 41.47 40.51 24.95
N GLY B 99 40.79 39.38 25.14
CA GLY B 99 41.35 38.07 25.29
C GLY B 99 40.79 37.42 26.54
N GLY B 100 41.39 36.31 26.93
CA GLY B 100 40.96 35.58 28.11
C GLY B 100 40.01 34.43 27.86
N MET B 101 39.43 34.30 26.68
CA MET B 101 38.51 33.20 26.43
C MET B 101 38.32 33.06 24.93
N SER B 102 37.88 31.87 24.50
CA SER B 102 37.61 31.59 23.11
C SER B 102 36.44 30.62 23.02
N SER B 103 35.52 30.90 22.09
CA SER B 103 34.23 30.22 22.06
C SER B 103 34.29 28.91 21.26
N ALA B 104 35.04 27.95 21.81
CA ALA B 104 35.07 26.57 21.36
C ALA B 104 35.53 26.30 19.92
N LEU B 105 35.14 27.13 18.95
CA LEU B 105 35.51 26.93 17.55
C LEU B 105 36.72 27.78 17.16
N GLN B 106 37.24 28.57 18.09
CA GLN B 106 38.40 29.42 17.90
C GLN B 106 39.58 28.79 18.60
N SER B 107 40.79 29.22 18.22
CA SER B 107 41.95 28.65 18.89
C SER B 107 42.00 29.13 20.33
N SER B 108 42.77 28.42 21.15
CA SER B 108 42.85 28.73 22.56
C SER B 108 43.47 30.11 22.79
N LYS B 109 42.96 30.83 23.79
CA LYS B 109 43.56 32.08 24.21
C LYS B 109 44.10 31.92 25.62
N TYR B 110 43.25 32.15 26.63
CA TYR B 110 43.67 32.11 28.03
C TYR B 110 44.74 33.15 28.33
N TYR B 111 44.69 34.28 27.64
CA TYR B 111 45.59 35.40 27.88
C TYR B 111 44.88 36.67 27.47
N PHE B 112 45.40 37.80 27.94
CA PHE B 112 44.86 39.11 27.62
C PHE B 112 45.69 39.65 26.46
N ASP B 113 45.06 39.82 25.30
CA ASP B 113 45.78 40.17 24.09
C ASP B 113 45.98 41.66 23.91
N PHE B 114 44.93 42.46 24.14
CA PHE B 114 44.99 43.91 23.97
C PHE B 114 44.54 44.58 25.26
N TRP B 115 45.12 45.75 25.56
CA TRP B 115 44.80 46.49 26.77
C TRP B 115 44.46 47.95 26.46
N GLY B 116 43.57 48.49 27.28
CA GLY B 116 43.27 49.91 27.28
C GLY B 116 44.24 50.60 28.22
N GLN B 117 43.95 51.88 28.54
CA GLN B 117 44.83 52.65 29.41
C GLN B 117 44.34 52.75 30.84
N GLY B 118 43.05 52.51 31.08
CA GLY B 118 42.52 52.39 32.43
C GLY B 118 41.78 53.58 33.00
N ALA B 119 40.63 53.32 33.62
CA ALA B 119 39.87 54.34 34.33
C ALA B 119 40.30 54.30 35.79
N LEU B 120 40.39 55.45 36.44
CA LEU B 120 40.76 55.51 37.84
C LEU B 120 39.51 55.66 38.71
N VAL B 121 39.25 54.65 39.53
CA VAL B 121 38.09 54.60 40.42
C VAL B 121 38.61 54.72 41.85
N THR B 122 38.10 55.71 42.58
CA THR B 122 38.55 55.99 43.93
C THR B 122 37.37 55.93 44.89
N VAL B 123 37.70 55.72 46.17
CA VAL B 123 36.71 55.68 47.24
C VAL B 123 37.24 56.49 48.42
N ALA C 1 48.05 33.68 44.36
CA ALA C 1 48.96 34.47 43.56
C ALA C 1 50.28 33.71 43.35
N LEU C 2 51.04 34.12 42.34
CA LEU C 2 52.34 33.53 42.07
C LEU C 2 53.41 34.34 42.77
N THR C 3 54.53 33.70 43.07
CA THR C 3 55.65 34.35 43.73
C THR C 3 56.70 34.67 42.67
N GLN C 4 57.15 35.92 42.66
CA GLN C 4 58.16 36.44 41.75
C GLN C 4 59.20 37.17 42.58
N PRO C 5 60.45 37.27 42.11
CA PRO C 5 61.40 38.12 42.82
C PRO C 5 60.91 39.55 42.84
N PRO C 6 61.19 40.30 43.92
CA PRO C 6 60.78 41.71 43.93
C PRO C 6 61.60 42.58 42.98
N SER C 7 62.81 42.16 42.61
CA SER C 7 63.64 42.98 41.74
C SER C 7 64.68 42.10 41.05
N VAL C 8 64.82 42.29 39.74
CA VAL C 8 65.82 41.61 38.92
C VAL C 8 66.46 42.69 38.07
N SER C 9 67.79 42.72 38.02
CA SER C 9 68.48 43.76 37.26
C SER C 9 69.81 43.23 36.73
N GLY C 10 70.41 44.04 35.87
CA GLY C 10 71.69 43.74 35.27
C GLY C 10 72.11 44.91 34.43
N SER C 11 73.34 44.83 33.92
CA SER C 11 73.85 45.92 33.11
C SER C 11 73.39 45.77 31.67
N PRO C 12 73.26 46.87 30.91
CA PRO C 12 72.94 46.75 29.49
C PRO C 12 73.94 45.86 28.75
N GLY C 13 73.42 45.04 27.84
CA GLY C 13 74.22 44.10 27.11
C GLY C 13 74.25 42.70 27.69
N GLN C 14 73.75 42.52 28.91
CA GLN C 14 73.71 41.25 29.60
C GLN C 14 72.33 40.63 29.43
N SER C 15 71.99 39.66 30.28
CA SER C 15 70.70 38.98 30.22
C SER C 15 70.27 38.62 31.63
N VAL C 16 68.96 38.54 31.83
CA VAL C 16 68.39 38.10 33.10
C VAL C 16 67.26 37.11 32.86
N THR C 17 66.91 36.39 33.92
CA THR C 17 65.69 35.59 33.97
C THR C 17 64.85 36.03 35.15
N ILE C 18 63.54 36.09 34.92
CA ILE C 18 62.55 36.43 35.95
C ILE C 18 61.72 35.16 36.14
N SER C 19 61.78 34.60 37.34
CA SER C 19 61.05 33.39 37.65
C SER C 19 59.62 33.71 38.09
N CYS C 20 58.78 32.69 38.00
CA CYS C 20 57.39 32.74 38.45
C CYS C 20 57.07 31.36 38.99
N THR C 21 56.59 31.27 40.24
CA THR C 21 56.29 29.99 40.85
C THR C 21 54.86 29.94 41.37
N GLY C 22 54.30 28.73 41.34
CA GLY C 22 52.94 28.49 41.81
C GLY C 22 52.84 27.12 42.40
N THR C 23 51.72 26.45 42.17
CA THR C 23 51.48 25.11 42.68
C THR C 23 51.11 24.16 41.53
N SER C 24 50.98 22.88 41.89
CA SER C 24 50.71 21.83 40.91
C SER C 24 49.30 21.88 40.33
N SER C 25 48.36 22.60 40.96
CA SER C 25 47.00 22.66 40.47
C SER C 25 46.74 23.75 39.44
N ASP C 26 47.69 24.68 39.24
CA ASP C 26 47.47 25.78 38.30
C ASP C 26 48.63 25.95 37.31
N ILE C 27 49.76 26.52 37.72
CA ILE C 27 50.86 26.74 36.77
C ILE C 27 51.42 25.43 36.26
N GLY C 28 51.38 24.38 37.09
CA GLY C 28 51.87 23.06 36.73
C GLY C 28 50.86 22.12 36.11
N SER C 29 49.62 22.58 35.89
CA SER C 29 48.55 21.77 35.33
C SER C 29 48.12 22.26 33.97
N TYR C 30 47.94 23.57 33.82
CA TYR C 30 47.50 24.18 32.57
C TYR C 30 48.69 24.92 31.95
N ASN C 31 48.97 24.61 30.68
CA ASN C 31 50.09 25.23 29.97
C ASN C 31 49.66 26.55 29.35
N TYR C 32 49.24 27.49 30.22
CA TYR C 32 48.81 28.83 29.80
C TYR C 32 49.43 29.81 30.79
N VAL C 33 50.69 30.16 30.57
CA VAL C 33 51.44 31.04 31.45
C VAL C 33 51.94 32.20 30.61
N SER C 34 51.33 33.37 30.80
CA SER C 34 51.62 34.55 30.01
C SER C 34 52.43 35.55 30.84
N TRP C 35 53.12 36.45 30.14
CA TRP C 35 53.90 37.52 30.75
C TRP C 35 53.52 38.88 30.19
N TYR C 36 53.50 39.88 31.06
CA TYR C 36 53.17 41.24 30.70
C TYR C 36 54.28 42.19 31.13
N GLN C 37 54.47 43.25 30.34
CA GLN C 37 55.45 44.29 30.59
C GLN C 37 54.70 45.60 30.79
N GLN C 38 54.75 46.16 32.00
CA GLN C 38 54.06 47.39 32.36
C GLN C 38 55.04 48.52 32.62
N HIS C 39 55.15 49.46 31.68
CA HIS C 39 56.02 50.59 31.91
C HIS C 39 55.35 51.50 32.94
N PRO C 40 56.11 52.17 33.81
CA PRO C 40 55.47 53.05 34.80
C PRO C 40 54.57 54.08 34.14
N GLY C 41 53.36 54.20 34.66
CA GLY C 41 52.38 55.14 34.16
C GLY C 41 51.58 54.65 32.96
N LYS C 42 51.88 53.44 32.46
CA LYS C 42 51.23 52.87 31.29
C LYS C 42 50.59 51.54 31.63
N ALA C 43 49.62 51.15 30.80
CA ALA C 43 49.01 49.84 30.90
C ALA C 43 49.99 48.73 30.51
N PRO C 44 49.84 47.53 31.06
CA PRO C 44 50.69 46.41 30.63
C PRO C 44 50.46 46.04 29.17
N LYS C 45 51.50 45.52 28.53
CA LYS C 45 51.39 44.95 27.19
C LYS C 45 51.83 43.49 27.25
N LEU C 46 51.30 42.70 26.34
CA LEU C 46 51.59 41.27 26.30
C LEU C 46 52.94 40.99 25.67
N MET C 47 53.78 40.23 26.38
CA MET C 47 55.10 39.85 25.89
C MET C 47 55.19 38.38 25.49
N ILE C 48 54.61 37.49 26.29
CA ILE C 48 54.60 36.06 26.04
C ILE C 48 53.19 35.54 26.29
N TYR C 49 52.73 34.66 25.42
CA TYR C 49 51.45 33.98 25.60
C TYR C 49 51.71 32.49 25.46
N ASP C 50 50.67 31.69 25.68
CA ASP C 50 50.82 30.23 25.74
C ASP C 50 51.87 30.00 26.84
N VAL C 51 52.91 29.21 26.61
CA VAL C 51 54.00 29.07 27.56
C VAL C 51 55.29 29.69 27.01
N THR C 52 55.62 29.41 25.76
CA THR C 52 56.87 29.88 25.14
C THR C 52 56.63 30.68 23.86
N GLN C 53 55.40 31.05 23.54
CA GLN C 53 55.11 31.73 22.28
C GLN C 53 55.11 33.23 22.49
N ARG C 54 55.62 33.96 21.48
CA ARG C 54 55.71 35.42 21.50
C ARG C 54 54.72 36.06 20.51
N PRO C 55 54.03 37.14 20.87
CA PRO C 55 53.17 37.81 19.89
C PRO C 55 53.99 38.41 18.77
N SER C 56 53.37 38.52 17.60
CA SER C 56 54.03 39.18 16.49
C SER C 56 54.27 40.64 16.84
N GLY C 57 55.44 41.16 16.44
CA GLY C 57 55.79 42.54 16.71
C GLY C 57 56.64 42.74 17.95
N VAL C 58 56.82 41.71 18.77
CA VAL C 58 57.62 41.79 19.99
C VAL C 58 59.00 41.23 19.69
N SER C 59 60.03 41.96 20.14
CA SER C 59 61.41 41.63 19.84
C SER C 59 61.79 40.20 20.26
N ASP C 60 62.66 39.59 19.46
CA ASP C 60 63.14 38.22 19.64
C ASP C 60 64.00 38.07 20.90
N ARG C 61 64.32 39.18 21.58
CA ARG C 61 65.11 39.11 22.80
C ARG C 61 64.32 38.58 23.98
N PHE C 62 63.01 38.48 23.88
CA PHE C 62 62.14 38.03 24.96
C PHE C 62 61.71 36.59 24.67
N SER C 63 62.00 35.68 25.59
CA SER C 63 61.70 34.28 25.40
C SER C 63 61.38 33.68 26.76
N GLY C 64 61.02 32.41 26.81
CA GLY C 64 60.73 31.84 28.11
C GLY C 64 60.53 30.34 28.04
N SER C 65 60.28 29.77 29.21
CA SER C 65 60.12 28.32 29.34
C SER C 65 59.37 28.01 30.63
N LYS C 66 58.99 26.75 30.76
CA LYS C 66 58.34 26.27 31.97
C LYS C 66 58.77 24.84 32.26
N SER C 67 59.00 24.54 33.54
CA SER C 67 59.33 23.20 33.99
C SER C 67 58.73 23.01 35.37
N GLY C 68 58.02 21.90 35.57
CA GLY C 68 57.40 21.68 36.86
C GLY C 68 56.41 22.78 37.15
N ASN C 69 56.57 23.41 38.31
CA ASN C 69 55.74 24.52 38.74
C ASN C 69 56.46 25.86 38.61
N THR C 70 57.55 25.90 37.84
CA THR C 70 58.36 27.09 37.68
C THR C 70 58.36 27.54 36.22
N ALA C 71 57.98 28.79 36.00
CA ALA C 71 58.02 29.43 34.69
C ALA C 71 59.14 30.46 34.73
N SER C 72 59.73 30.75 33.57
CA SER C 72 60.78 31.76 33.52
C SER C 72 60.73 32.56 32.24
N LEU C 73 60.85 33.87 32.38
CA LEU C 73 60.95 34.81 31.28
C LEU C 73 62.42 35.21 31.17
N THR C 74 63.02 34.97 30.01
CA THR C 74 64.42 35.30 29.77
C THR C 74 64.45 36.53 28.88
N ILE C 75 65.19 37.54 29.33
CA ILE C 75 65.38 38.79 28.61
C ILE C 75 66.87 38.90 28.31
N SER C 76 67.23 38.75 27.03
CA SER C 76 68.61 38.83 26.59
C SER C 76 68.86 40.19 25.99
N GLY C 77 70.13 40.55 25.86
CA GLY C 77 70.47 41.78 25.17
C GLY C 77 69.90 43.02 25.84
N LEU C 78 70.01 43.11 27.16
CA LEU C 78 69.36 44.17 27.93
C LEU C 78 69.65 45.57 27.37
N GLN C 79 68.57 46.33 27.19
CA GLN C 79 68.61 47.70 26.73
C GLN C 79 68.15 48.62 27.86
N ALA C 80 68.53 49.90 27.75
CA ALA C 80 68.07 50.87 28.74
C ALA C 80 66.57 51.15 28.66
N ASP C 81 65.92 50.83 27.54
CA ASP C 81 64.49 51.12 27.37
C ASP C 81 63.60 49.97 27.86
N ASP C 82 64.18 48.91 28.42
CA ASP C 82 63.42 47.76 28.89
C ASP C 82 63.04 47.87 30.36
N GLU C 83 63.26 49.02 31.00
CA GLU C 83 62.92 49.13 32.42
C GLU C 83 61.40 49.17 32.55
N ALA C 84 60.85 48.15 33.21
CA ALA C 84 59.42 48.02 33.34
C ALA C 84 59.12 47.07 34.49
N ASP C 85 57.86 47.12 34.95
CA ASP C 85 57.35 46.18 35.94
C ASP C 85 56.81 44.97 35.21
N TYR C 86 57.47 43.83 35.37
CA TYR C 86 57.10 42.60 34.67
C TYR C 86 56.22 41.74 35.56
N TYR C 87 55.18 41.17 34.96
CA TYR C 87 54.22 40.33 35.65
C TYR C 87 54.06 39.00 34.94
N CYS C 88 53.82 37.94 35.70
CA CYS C 88 53.42 36.65 35.18
C CYS C 88 51.97 36.43 35.55
N SER C 89 51.26 35.65 34.73
CA SER C 89 49.90 35.25 35.08
C SER C 89 49.65 33.87 34.50
N ALA C 90 48.70 33.17 35.11
CA ALA C 90 48.37 31.84 34.61
C ALA C 90 46.90 31.51 34.83
N TYR C 91 46.41 30.64 33.95
CA TYR C 91 45.07 30.09 34.05
C TYR C 91 45.03 29.10 35.20
N ALA C 92 43.94 29.12 35.98
CA ALA C 92 43.81 28.22 37.14
C ALA C 92 42.45 27.55 37.19
N GLY C 93 41.97 27.05 36.06
CA GLY C 93 40.73 26.29 36.02
C GLY C 93 39.48 27.12 35.82
N ARG C 94 38.35 26.46 35.99
CA ARG C 94 37.05 27.06 35.74
C ARG C 94 36.51 27.84 36.93
N GLN C 95 37.09 27.69 38.11
CA GLN C 95 36.63 28.37 39.31
C GLN C 95 37.38 29.68 39.51
N THR C 96 38.71 29.62 39.48
CA THR C 96 39.58 30.78 39.58
C THR C 96 40.18 30.89 38.18
N PHE C 97 39.75 31.89 37.42
CA PHE C 97 40.17 31.93 36.02
C PHE C 97 41.63 32.32 35.86
N TYR C 98 42.03 33.46 36.40
CA TYR C 98 43.42 33.88 36.26
C TYR C 98 43.97 34.28 37.60
N ILE C 99 45.22 33.89 37.83
CA ILE C 99 45.97 34.27 39.02
C ILE C 99 47.23 34.98 38.55
N PHE C 100 47.46 36.17 39.12
CA PHE C 100 48.63 36.99 38.84
C PHE C 100 49.60 36.97 40.01
N GLY C 101 50.88 37.13 39.69
CA GLY C 101 51.91 37.32 40.67
C GLY C 101 52.13 38.80 40.96
N GLY C 102 53.13 39.07 41.80
CA GLY C 102 53.47 40.45 42.09
C GLY C 102 54.38 40.97 40.99
N GLY C 103 54.58 42.28 40.95
CA GLY C 103 55.45 42.85 39.95
C GLY C 103 56.91 42.69 40.29
N THR C 104 57.71 42.52 39.24
CA THR C 104 59.17 42.48 39.32
C THR C 104 59.72 43.71 38.59
N ARG C 105 60.39 44.58 39.31
CA ARG C 105 60.97 45.76 38.68
C ARG C 105 62.28 45.36 38.02
N LEU C 106 62.43 45.68 36.73
CA LEU C 106 63.66 45.33 36.05
C LEU C 106 64.81 46.18 36.61
N ASP D 9 18.01 32.55 7.82
CA ASP D 9 17.80 32.21 6.42
C ASP D 9 16.89 30.99 6.35
N GLY D 10 16.57 30.54 5.14
CA GLY D 10 15.68 29.41 4.94
C GLY D 10 16.42 28.09 4.80
N PHE D 11 15.67 27.08 4.34
CA PHE D 11 16.17 25.73 4.21
C PHE D 11 17.41 25.67 3.32
N LEU D 12 18.50 25.14 3.85
CA LEU D 12 19.80 25.04 3.16
C LEU D 12 20.38 26.40 2.78
N GLY D 13 19.88 27.50 3.34
CA GLY D 13 20.43 28.80 3.00
C GLY D 13 21.90 28.91 3.38
N ALA D 14 22.31 28.18 4.41
CA ALA D 14 23.68 28.18 4.91
C ALA D 14 24.61 27.23 4.16
N ALA D 15 24.13 26.56 3.10
CA ALA D 15 24.96 25.58 2.40
C ALA D 15 26.28 26.18 1.93
N GLY D 16 26.28 27.44 1.52
CA GLY D 16 27.49 28.11 1.10
C GLY D 16 28.17 28.91 2.19
N SER D 17 27.68 28.82 3.42
CA SER D 17 28.25 29.55 4.55
C SER D 17 29.37 28.72 5.14
N THR D 18 30.20 29.37 5.95
CA THR D 18 31.27 28.62 6.58
C THR D 18 30.69 27.74 7.68
N MET D 19 31.48 26.75 8.11
CA MET D 19 31.00 25.81 9.11
C MET D 19 30.64 26.54 10.41
N GLY D 20 31.44 27.53 10.80
CA GLY D 20 31.21 28.23 12.04
C GLY D 20 30.02 29.16 11.99
N ALA D 21 29.50 29.43 10.80
CA ALA D 21 28.31 30.24 10.59
C ALA D 21 27.13 29.33 10.25
N ALA D 22 27.40 28.29 9.46
CA ALA D 22 26.34 27.38 9.05
C ALA D 22 25.75 26.65 10.25
N SER D 23 26.57 26.39 11.28
CA SER D 23 26.04 25.69 12.45
C SER D 23 24.97 26.47 13.18
N MET D 24 24.82 27.77 12.92
CA MET D 24 23.82 28.59 13.59
C MET D 24 22.38 28.22 13.20
N THR D 25 22.17 27.53 12.07
CA THR D 25 20.85 27.23 11.55
C THR D 25 20.53 25.74 11.50
N LEU D 26 21.15 24.92 12.37
CA LEU D 26 20.91 23.49 12.32
C LEU D 26 19.44 23.13 12.50
N THR D 27 18.71 23.90 13.31
CA THR D 27 17.29 23.66 13.52
C THR D 27 16.51 23.76 12.22
N VAL D 28 16.90 24.68 11.35
CA VAL D 28 16.15 24.92 10.11
C VAL D 28 16.17 23.67 9.25
N GLN D 29 17.32 23.00 9.16
CA GLN D 29 17.38 21.78 8.37
C GLN D 29 16.73 20.62 9.12
N ALA D 30 16.89 20.58 10.45
CA ALA D 30 16.33 19.50 11.23
C ALA D 30 14.81 19.44 11.10
N ARG D 31 14.14 20.59 11.05
CA ARG D 31 12.68 20.62 10.96
C ARG D 31 12.13 20.22 9.59
N ASN D 32 12.97 20.13 8.56
CA ASN D 32 12.52 19.82 7.21
C ASN D 32 12.70 18.34 6.84
N LEU D 33 12.98 17.48 7.81
CA LEU D 33 13.16 16.06 7.55
C LEU D 33 11.85 15.29 7.63
N LEU D 34 10.91 15.77 8.43
CA LEU D 34 9.59 15.13 8.56
C LEU D 34 8.51 15.87 7.80
N SER D 35 8.69 17.16 7.54
CA SER D 35 7.66 17.96 6.87
C SER D 35 7.50 17.53 5.41
N GLY D 61 -1.18 4.86 -5.28
CA GLY D 61 -0.10 5.66 -4.75
C GLY D 61 0.80 4.88 -3.81
N ILE D 62 1.05 3.62 -4.16
CA ILE D 62 1.90 2.77 -3.32
C ILE D 62 3.34 3.27 -3.32
N LYS D 63 3.81 3.83 -4.43
CA LYS D 63 5.19 4.30 -4.49
C LYS D 63 5.43 5.45 -3.52
N GLN D 64 4.44 6.32 -3.36
CA GLN D 64 4.63 7.46 -2.46
C GLN D 64 4.56 7.01 -1.02
N LEU D 65 3.70 6.03 -0.72
CA LEU D 65 3.62 5.52 0.63
C LEU D 65 4.91 4.81 1.00
N GLN D 66 5.49 4.08 0.05
CA GLN D 66 6.76 3.41 0.29
C GLN D 66 7.86 4.44 0.54
N ALA D 67 7.86 5.52 -0.23
CA ALA D 67 8.86 6.57 -0.02
C ALA D 67 8.72 7.20 1.35
N ARG D 68 7.48 7.38 1.82
CA ARG D 68 7.27 7.98 3.13
C ARG D 68 7.72 7.05 4.25
N VAL D 69 7.45 5.75 4.10
CA VAL D 69 7.88 4.78 5.11
C VAL D 69 9.41 4.73 5.14
N LEU D 70 10.05 4.74 3.97
CA LEU D 70 11.50 4.70 3.94
C LEU D 70 12.10 5.95 4.59
N ALA D 71 11.50 7.12 4.32
CA ALA D 71 11.99 8.34 4.95
C ALA D 71 11.87 8.28 6.46
N VAL D 72 10.78 7.70 6.96
CA VAL D 72 10.63 7.55 8.41
C VAL D 72 11.70 6.61 8.96
N GLU D 73 11.95 5.49 8.28
CA GLU D 73 12.96 4.56 8.76
C GLU D 73 14.33 5.21 8.80
N HIS D 74 14.67 6.02 7.79
CA HIS D 74 15.98 6.66 7.79
C HIS D 74 16.08 7.70 8.88
N TYR D 75 15.00 8.44 9.13
CA TYR D 75 15.02 9.40 10.24
C TYR D 75 15.28 8.67 11.55
N LEU D 76 14.57 7.56 11.77
CA LEU D 76 14.74 6.82 13.01
C LEU D 76 16.14 6.22 13.10
N ARG D 77 16.72 5.80 11.98
CA ARG D 77 18.08 5.26 12.04
C ARG D 77 19.06 6.34 12.46
N ASP D 78 18.86 7.57 11.99
CA ASP D 78 19.76 8.64 12.42
C ASP D 78 19.55 8.98 13.90
N GLN D 79 18.30 8.94 14.35
CA GLN D 79 18.06 9.23 15.76
C GLN D 79 18.61 8.13 16.66
N GLN D 80 18.51 6.88 16.22
CA GLN D 80 19.08 5.77 16.99
C GLN D 80 20.59 5.90 17.04
N LEU D 81 21.20 6.27 15.91
CA LEU D 81 22.65 6.39 15.87
C LEU D 81 23.11 7.47 16.84
N LEU D 82 22.39 8.60 16.89
CA LEU D 82 22.73 9.62 17.87
C LEU D 82 22.49 9.12 19.29
N GLY D 83 21.40 8.38 19.50
CA GLY D 83 21.08 7.90 20.83
C GLY D 83 22.14 6.97 21.40
N ILE D 84 22.69 6.08 20.58
CA ILE D 84 23.70 5.17 21.08
C ILE D 84 25.04 5.83 21.34
N TRP D 85 25.19 7.11 20.99
CA TRP D 85 26.39 7.88 21.26
C TRP D 85 26.27 8.73 22.52
N GLY D 86 25.11 8.72 23.17
CA GLY D 86 24.85 9.55 24.32
C GLY D 86 24.40 10.96 23.98
N CYS D 87 23.95 11.18 22.75
CA CYS D 87 23.50 12.48 22.26
C CYS D 87 22.03 12.31 21.92
N SER D 88 21.13 12.63 22.86
CA SER D 88 19.71 12.38 22.61
C SER D 88 19.04 13.63 22.06
N GLY D 89 18.51 14.48 22.94
CA GLY D 89 17.82 15.69 22.50
C GLY D 89 18.77 16.83 22.21
N LYS D 90 19.75 16.61 21.33
CA LYS D 90 20.78 17.60 21.05
C LYS D 90 21.02 17.73 19.56
N LEU D 91 21.29 18.96 19.12
CA LEU D 91 21.74 19.23 17.76
C LEU D 91 23.24 19.40 17.70
N ILE D 92 23.84 19.92 18.76
CA ILE D 92 25.29 20.05 18.92
C ILE D 92 25.62 19.22 20.14
N CYS D 93 26.51 18.23 19.98
CA CYS D 93 26.83 17.31 21.07
C CYS D 93 28.33 17.07 21.11
N CYS D 94 28.94 17.35 22.26
CA CYS D 94 30.37 17.16 22.45
C CYS D 94 30.60 15.74 22.95
N THR D 95 31.70 15.12 22.52
CA THR D 95 32.05 13.77 22.91
C THR D 95 33.47 13.74 23.47
N ASN D 96 33.88 12.57 23.96
CA ASN D 96 35.21 12.34 24.53
C ASN D 96 36.14 11.59 23.60
N VAL D 97 35.85 11.51 22.31
CA VAL D 97 36.75 10.89 21.34
C VAL D 97 37.75 11.95 20.87
N PRO D 98 39.06 11.74 21.05
CA PRO D 98 40.02 12.75 20.57
C PRO D 98 40.12 12.70 19.06
N TRP D 99 40.50 13.83 18.47
CA TRP D 99 40.77 13.88 17.04
C TRP D 99 42.16 13.30 16.81
N ASN D 100 42.28 12.37 15.86
CA ASN D 100 43.53 11.66 15.64
C ASN D 100 44.46 12.34 14.64
N SER D 101 44.11 13.54 14.17
CA SER D 101 44.93 14.34 13.25
C SER D 101 45.04 13.73 11.84
N SER D 102 45.27 12.42 11.72
CA SER D 102 45.38 11.81 10.40
C SER D 102 44.08 11.96 9.62
N TRP D 103 42.95 12.05 10.33
CA TRP D 103 41.67 12.25 9.67
C TRP D 103 41.66 13.58 8.93
N SER D 104 42.24 14.61 9.56
CA SER D 104 42.38 15.93 8.99
C SER D 104 43.32 16.73 9.89
N ASN D 105 44.41 17.26 9.33
CA ASN D 105 45.43 17.95 10.13
C ASN D 105 45.37 19.46 9.91
N ARG D 106 44.22 19.98 9.50
CA ARG D 106 44.03 21.40 9.30
C ARG D 106 43.92 22.14 10.63
N ASN D 107 44.30 23.41 10.62
CA ASN D 107 44.13 24.24 11.81
C ASN D 107 42.65 24.42 12.07
N LEU D 108 42.31 24.50 13.36
CA LEU D 108 40.91 24.66 13.76
C LEU D 108 40.26 25.87 13.10
N SER D 109 41.01 26.96 12.94
CA SER D 109 40.41 28.15 12.35
C SER D 109 40.23 28.00 10.85
N GLU D 110 40.97 27.11 10.19
CA GLU D 110 40.76 26.93 8.76
C GLU D 110 39.50 26.11 8.55
N ILE D 111 39.28 25.11 9.41
CA ILE D 111 38.10 24.27 9.26
C ILE D 111 36.86 25.09 9.54
N TRP D 112 36.83 25.83 10.66
CA TRP D 112 35.60 26.53 10.99
C TRP D 112 35.37 27.85 10.25
N ASP D 113 36.43 28.59 9.88
CA ASP D 113 36.22 29.87 9.19
C ASP D 113 36.42 29.85 7.67
N ASN D 114 37.19 28.89 7.13
CA ASN D 114 37.51 28.87 5.71
C ASN D 114 36.98 27.63 4.98
N MET D 115 35.98 26.95 5.53
CA MET D 115 35.40 25.79 4.88
C MET D 115 33.90 25.77 5.02
N THR D 116 33.23 25.17 4.03
CA THR D 116 31.81 24.91 4.08
C THR D 116 31.59 23.47 4.53
N TRP D 117 30.36 23.15 4.91
CA TRP D 117 30.09 21.77 5.31
C TRP D 117 30.15 20.81 4.13
N LEU D 118 29.83 21.27 2.92
CA LEU D 118 29.88 20.39 1.77
C LEU D 118 31.31 19.94 1.48
N GLN D 119 32.28 20.84 1.66
CA GLN D 119 33.67 20.48 1.42
C GLN D 119 34.17 19.55 2.53
N TRP D 120 33.82 19.88 3.77
CA TRP D 120 34.27 19.08 4.91
C TRP D 120 33.74 17.66 4.79
N ASP D 121 32.50 17.50 4.34
CA ASP D 121 31.91 16.17 4.20
C ASP D 121 32.72 15.34 3.21
N LYS D 122 33.45 15.99 2.29
CA LYS D 122 34.26 15.27 1.32
C LYS D 122 35.65 14.98 1.87
N GLU D 123 36.26 15.93 2.59
CA GLU D 123 37.62 15.71 3.09
C GLU D 123 37.70 14.48 3.98
N ILE D 124 36.70 14.25 4.83
CA ILE D 124 36.73 13.13 5.78
C ILE D 124 35.71 12.06 5.44
N SER D 125 35.30 11.95 4.17
CA SER D 125 34.31 10.95 3.82
C SER D 125 34.83 9.52 4.00
N ASN D 126 36.15 9.33 4.05
CA ASN D 126 36.75 8.01 4.20
C ASN D 126 36.99 7.61 5.64
N TYR D 127 36.66 8.46 6.62
CA TYR D 127 36.90 8.20 8.03
C TYR D 127 35.66 8.16 8.91
N THR D 128 34.47 8.35 8.36
CA THR D 128 33.29 8.46 9.22
C THR D 128 32.94 7.15 9.90
N GLN D 129 33.24 6.01 9.29
CA GLN D 129 32.92 4.74 9.94
C GLN D 129 33.79 4.53 11.17
N ILE D 130 35.04 4.96 11.11
CA ILE D 130 35.95 4.79 12.22
C ILE D 130 35.49 5.66 13.38
N ILE D 131 35.13 6.91 13.08
CA ILE D 131 34.69 7.84 14.10
C ILE D 131 33.41 7.32 14.75
N TYR D 132 32.48 6.81 13.94
CA TYR D 132 31.24 6.30 14.51
C TYR D 132 31.50 5.12 15.44
N GLY D 133 32.40 4.22 15.05
CA GLY D 133 32.73 3.10 15.92
C GLY D 133 33.36 3.57 17.23
N LEU D 134 34.24 4.58 17.15
CA LEU D 134 34.88 5.08 18.36
C LEU D 134 33.85 5.73 19.27
N LEU D 135 32.88 6.44 18.70
CA LEU D 135 31.86 7.09 19.51
C LEU D 135 30.99 6.05 20.22
N GLU D 136 30.65 4.96 19.51
CA GLU D 136 29.84 3.93 20.13
C GLU D 136 30.58 3.27 21.27
N GLU D 137 31.89 3.03 21.10
CA GLU D 137 32.65 2.37 22.15
C GLU D 137 32.79 3.29 23.36
N SER D 138 33.04 4.58 23.13
CA SER D 138 33.23 5.48 24.26
C SER D 138 31.92 5.66 25.02
N GLN D 139 30.78 5.58 24.32
CA GLN D 139 29.51 5.67 25.04
C GLN D 139 29.28 4.41 25.87
N ASN D 140 29.65 3.25 25.34
CA ASN D 140 29.47 2.03 26.12
C ASN D 140 30.31 2.10 27.40
N GLN D 141 31.52 2.63 27.29
CA GLN D 141 32.37 2.72 28.47
C GLN D 141 31.81 3.74 29.46
N GLN D 142 31.26 4.85 28.95
CA GLN D 142 30.70 5.86 29.85
C GLN D 142 29.48 5.34 30.59
N GLU D 143 28.61 4.58 29.89
CA GLU D 143 27.41 4.08 30.55
C GLU D 143 27.78 3.04 31.60
N LYS D 144 28.77 2.19 31.31
CA LYS D 144 29.13 1.20 32.32
C LYS D 144 29.78 1.87 33.53
N ASN D 145 30.63 2.88 33.29
CA ASN D 145 31.26 3.56 34.42
C ASN D 145 30.23 4.30 35.26
N GLU D 146 29.21 4.90 34.63
CA GLU D 146 28.19 5.58 35.41
C GLU D 146 27.39 4.58 36.24
N GLN D 147 27.07 3.42 35.64
CA GLN D 147 26.32 2.41 36.38
C GLN D 147 27.09 1.96 37.61
N ASP D 148 28.41 1.81 37.48
CA ASP D 148 29.20 1.37 38.64
C ASP D 148 29.37 2.51 39.63
N LEU D 149 29.51 3.75 39.15
CA LEU D 149 29.70 4.88 40.04
C LEU D 149 28.48 5.10 40.93
N LEU D 150 27.28 4.89 40.37
CA LEU D 150 26.07 5.10 41.16
C LEU D 150 25.90 4.08 42.28
N ALA D 151 26.65 2.98 42.26
CA ALA D 151 26.50 1.92 43.25
C ALA D 151 27.19 2.21 44.58
N LEU D 152 27.97 3.30 44.67
CA LEU D 152 28.74 3.62 45.87
C LEU D 152 27.84 4.27 46.92
N ASP D 153 26.91 3.45 47.43
CA ASP D 153 25.91 3.78 48.48
C ASP D 153 25.85 5.21 49.03
N LEU E 2 -6.13 40.58 -72.15
CA LEU E 2 -5.41 39.33 -71.98
C LEU E 2 -5.53 38.47 -73.23
N GLN E 3 -4.37 38.13 -73.79
CA GLN E 3 -4.24 37.31 -74.98
C GLN E 3 -3.48 36.02 -74.69
N LEU E 4 -3.97 34.92 -75.28
CA LEU E 4 -3.28 33.65 -75.28
C LEU E 4 -2.80 33.41 -76.71
N GLN E 5 -1.55 32.96 -76.86
CA GLN E 5 -1.00 32.72 -78.19
C GLN E 5 -0.25 31.41 -78.20
N GLU E 6 -0.62 30.49 -79.10
CA GLU E 6 0.05 29.19 -79.12
C GLU E 6 1.24 29.22 -80.08
N SER E 7 1.98 28.11 -80.07
CA SER E 7 3.07 27.89 -81.01
C SER E 7 3.42 26.41 -80.98
N GLY E 8 4.36 26.03 -81.84
CA GLY E 8 4.83 24.67 -81.94
C GLY E 8 4.89 24.22 -83.39
N PRO E 9 5.40 23.01 -83.63
CA PRO E 9 5.46 22.50 -85.01
C PRO E 9 4.07 22.37 -85.61
N GLY E 10 4.00 22.52 -86.93
CA GLY E 10 2.72 22.37 -87.61
C GLY E 10 2.36 20.94 -87.93
N LEU E 11 3.27 19.99 -87.72
CA LEU E 11 3.05 18.57 -87.93
C LEU E 11 4.29 17.81 -87.47
N VAL E 12 4.11 16.63 -86.91
CA VAL E 12 5.22 15.75 -86.57
C VAL E 12 5.01 14.42 -87.27
N LYS E 13 6.09 13.65 -87.37
CA LYS E 13 6.06 12.37 -88.05
C LYS E 13 5.54 11.30 -87.10
N PRO E 14 5.06 10.17 -87.62
CA PRO E 14 4.58 9.09 -86.74
C PRO E 14 5.64 8.66 -85.74
N SER E 15 5.20 8.43 -84.50
CA SER E 15 5.97 8.00 -83.33
C SER E 15 6.81 9.13 -82.72
N GLU E 16 6.77 10.34 -83.27
CA GLU E 16 7.50 11.46 -82.66
C GLU E 16 6.62 12.13 -81.60
N THR E 17 7.27 12.84 -80.70
CA THR E 17 6.57 13.61 -79.68
C THR E 17 6.24 15.01 -80.21
N LEU E 18 4.98 15.40 -80.07
CA LEU E 18 4.52 16.73 -80.44
C LEU E 18 4.67 17.61 -79.20
N SER E 19 5.21 18.81 -79.38
CA SER E 19 5.38 19.76 -78.27
C SER E 19 4.81 21.11 -78.67
N LEU E 20 3.74 21.51 -78.01
CA LEU E 20 3.04 22.76 -78.25
C LEU E 20 3.22 23.64 -77.04
N THR E 21 3.27 24.96 -77.27
CA THR E 21 3.38 25.92 -76.18
C THR E 21 2.27 26.95 -76.31
N CYS E 22 2.02 27.66 -75.22
CA CYS E 22 1.07 28.75 -75.18
C CYS E 22 1.60 29.83 -74.24
N ALA E 23 1.67 31.05 -74.76
CA ALA E 23 2.10 32.22 -74.02
C ALA E 23 0.88 32.97 -73.51
N VAL E 24 1.03 33.52 -72.30
CA VAL E 24 0.03 34.33 -71.62
C VAL E 24 0.53 35.76 -71.58
N SER E 25 -0.22 36.68 -72.22
CA SER E 25 0.19 38.07 -72.33
C SER E 25 -0.94 38.93 -71.76
N GLY E 26 -0.62 39.68 -70.70
CA GLY E 26 -1.62 40.48 -70.01
C GLY E 26 -2.23 39.80 -68.81
N GLY E 27 -1.54 38.84 -68.22
CA GLY E 27 -2.06 38.12 -67.07
C GLY E 27 -0.98 37.25 -66.47
N SER E 28 -1.38 36.41 -65.52
CA SER E 28 -0.43 35.60 -64.76
C SER E 28 -0.98 34.20 -64.57
N ILE E 29 -0.13 33.20 -64.86
CA ILE E 29 -0.51 31.80 -64.77
C ILE E 29 -1.01 31.43 -63.37
N SER E 30 -0.37 31.96 -62.34
CA SER E 30 -0.67 31.55 -60.98
C SER E 30 -2.12 31.79 -60.57
N ASP E 31 -2.84 32.71 -61.21
CA ASP E 31 -4.20 33.04 -60.79
C ASP E 31 -5.28 32.29 -61.59
N TYR E 32 -4.91 31.45 -62.55
CA TYR E 32 -5.89 30.75 -63.38
C TYR E 32 -5.43 29.32 -63.62
N CYS E 33 -6.37 28.47 -64.03
CA CYS E 33 -6.03 27.12 -64.48
C CYS E 33 -5.97 27.11 -66.00
N TRP E 34 -5.11 26.26 -66.56
CA TRP E 34 -4.86 26.25 -68.00
C TRP E 34 -5.20 24.90 -68.61
N ASN E 35 -6.05 24.92 -69.63
CA ASN E 35 -6.58 23.73 -70.28
C ASN E 35 -6.01 23.61 -71.69
N TRP E 36 -5.92 22.37 -72.19
CA TRP E 36 -5.66 22.10 -73.59
C TRP E 36 -6.83 21.34 -74.19
N ILE E 37 -7.31 21.79 -75.35
CA ILE E 37 -8.48 21.22 -76.03
C ILE E 37 -8.10 20.83 -77.45
N ARG E 38 -8.50 19.63 -77.86
CA ARG E 38 -8.23 19.12 -79.20
C ARG E 38 -9.51 19.16 -80.03
N GLN E 39 -9.37 19.47 -81.32
CA GLN E 39 -10.48 19.40 -82.27
C GLN E 39 -10.04 18.80 -83.60
N PRO E 40 -10.18 17.49 -83.80
CA PRO E 40 -9.81 16.92 -85.09
C PRO E 40 -10.69 17.52 -86.17
N PRO E 41 -10.21 17.56 -87.43
CA PRO E 41 -11.02 18.19 -88.48
C PRO E 41 -12.40 17.57 -88.65
N GLY E 42 -13.42 18.42 -88.70
CA GLY E 42 -14.79 18.00 -88.91
C GLY E 42 -15.48 17.44 -87.68
N LYS E 43 -14.80 17.39 -86.55
CA LYS E 43 -15.28 16.79 -85.31
C LYS E 43 -15.48 17.89 -84.27
N GLY E 44 -16.04 17.51 -83.13
CA GLY E 44 -16.24 18.44 -82.03
C GLY E 44 -15.00 18.53 -81.16
N LEU E 45 -15.20 19.02 -79.94
CA LEU E 45 -14.09 19.30 -79.03
C LEU E 45 -13.82 18.12 -78.12
N GLU E 46 -12.54 17.87 -77.86
CA GLU E 46 -12.10 16.85 -76.92
C GLU E 46 -11.11 17.48 -75.95
N TRP E 47 -11.38 17.34 -74.65
CA TRP E 47 -10.49 17.84 -73.62
C TRP E 47 -9.26 16.95 -73.49
N ILE E 48 -8.09 17.56 -73.41
CA ILE E 48 -6.82 16.84 -73.27
C ILE E 48 -6.40 16.73 -71.81
N GLY E 49 -6.37 17.86 -71.12
CA GLY E 49 -5.89 17.91 -69.75
C GLY E 49 -5.78 19.34 -69.32
N TYR E 50 -5.46 19.53 -68.04
CA TYR E 50 -5.22 20.88 -67.57
C TYR E 50 -4.21 20.86 -66.43
N ILE E 51 -3.60 22.02 -66.21
CA ILE E 51 -2.67 22.26 -65.12
C ILE E 51 -3.14 23.45 -64.31
N GLY E 52 -2.98 23.37 -63.00
CA GLY E 52 -3.36 24.46 -62.14
C GLY E 52 -2.32 25.56 -62.17
N GLY E 53 -2.58 26.60 -61.40
CA GLY E 53 -1.67 27.74 -61.36
C GLY E 53 -0.70 27.64 -60.21
N SER E 54 -1.04 28.27 -59.09
CA SER E 54 -0.16 28.27 -57.93
C SER E 54 0.06 26.87 -57.34
N SER E 55 -0.86 25.93 -57.58
CA SER E 55 -0.70 24.60 -57.01
C SER E 55 0.21 23.70 -57.83
N GLY E 56 0.28 23.88 -59.15
CA GLY E 56 1.12 23.06 -59.98
C GLY E 56 0.54 21.70 -60.31
N SER E 57 -0.65 21.38 -59.83
CA SER E 57 -1.24 20.07 -60.05
C SER E 57 -1.69 19.95 -61.50
N THR E 58 -1.66 18.71 -62.01
CA THR E 58 -2.12 18.42 -63.36
C THR E 58 -3.14 17.30 -63.33
N TYR E 59 -4.03 17.34 -64.32
CA TYR E 59 -5.02 16.30 -64.56
C TYR E 59 -5.05 16.00 -66.04
N TYR E 60 -5.31 14.74 -66.37
CA TYR E 60 -5.36 14.29 -67.76
C TYR E 60 -6.63 13.50 -68.02
N ASN E 61 -7.07 13.54 -69.27
CA ASN E 61 -8.19 12.73 -69.72
C ASN E 61 -7.81 11.25 -69.72
N PRO E 62 -8.70 10.35 -69.28
CA PRO E 62 -8.42 8.92 -69.48
C PRO E 62 -8.23 8.56 -70.94
N SER E 63 -8.75 9.34 -71.87
CA SER E 63 -8.45 9.10 -73.26
C SER E 63 -7.02 9.59 -73.49
N LEU E 64 -6.42 9.21 -74.62
CA LEU E 64 -5.02 9.55 -74.84
C LEU E 64 -4.20 9.04 -73.66
N LYS E 65 -4.53 7.83 -73.21
CA LYS E 65 -3.99 7.24 -72.00
C LYS E 65 -2.47 7.27 -71.99
N GLY E 66 -1.92 7.76 -70.87
CA GLY E 66 -0.49 7.95 -70.74
C GLY E 66 -0.12 9.04 -71.73
N ARG E 67 1.11 9.02 -72.20
CA ARG E 67 1.57 9.88 -73.29
C ARG E 67 1.51 11.41 -73.06
N VAL E 68 0.47 11.92 -72.42
CA VAL E 68 0.23 13.36 -72.29
C VAL E 68 0.98 13.88 -71.08
N THR E 69 1.76 14.93 -71.28
CA THR E 69 2.42 15.66 -70.20
C THR E 69 2.06 17.12 -70.37
N ILE E 70 1.62 17.76 -69.29
CA ILE E 70 1.30 19.18 -69.30
C ILE E 70 2.13 19.83 -68.21
N SER E 71 2.71 21.00 -68.53
CA SER E 71 3.55 21.69 -67.56
C SER E 71 3.40 23.18 -67.77
N ALA E 72 3.90 23.94 -66.80
CA ALA E 72 3.87 25.40 -66.87
C ALA E 72 5.11 25.96 -66.20
N ASP E 73 5.49 27.16 -66.64
CA ASP E 73 6.65 27.87 -66.10
C ASP E 73 6.22 29.31 -65.88
N THR E 74 5.98 29.64 -64.61
CA THR E 74 5.47 30.95 -64.25
C THR E 74 6.52 32.05 -64.33
N SER E 75 7.81 31.69 -64.48
CA SER E 75 8.84 32.72 -64.54
C SER E 75 8.87 33.39 -65.90
N GLU E 76 8.34 32.73 -66.92
CA GLU E 76 8.19 33.27 -68.27
C GLU E 76 6.72 33.41 -68.63
N ASN E 77 5.81 33.13 -67.70
CA ASN E 77 4.37 33.19 -67.92
C ASN E 77 3.97 32.40 -69.15
N ARG E 78 4.43 31.14 -69.21
CA ARG E 78 4.12 30.28 -70.35
C ARG E 78 3.76 28.88 -69.85
N PHE E 79 3.13 28.10 -70.72
CA PHE E 79 2.87 26.70 -70.40
C PHE E 79 2.91 25.88 -71.67
N SER E 80 3.03 24.56 -71.52
CA SER E 80 3.19 23.70 -72.68
C SER E 80 2.55 22.34 -72.47
N LEU E 81 2.34 21.68 -73.61
CA LEU E 81 1.75 20.36 -73.76
C LEU E 81 2.69 19.49 -74.60
N LYS E 82 2.96 18.28 -74.12
CA LYS E 82 3.73 17.29 -74.88
C LYS E 82 2.89 16.04 -75.02
N LEU E 83 2.85 15.50 -76.25
CA LEU E 83 2.16 14.26 -76.56
C LEU E 83 3.15 13.32 -77.23
N SER E 84 3.51 12.23 -76.54
CA SER E 84 4.46 11.28 -77.10
C SER E 84 3.75 10.36 -78.08
N SER E 85 4.56 9.66 -78.90
CA SER E 85 4.10 8.61 -79.80
C SER E 85 2.90 9.05 -80.64
N VAL E 86 3.03 10.21 -81.29
CA VAL E 86 1.94 10.76 -82.06
C VAL E 86 1.66 9.88 -83.27
N THR E 87 0.38 9.59 -83.50
CA THR E 87 -0.07 8.76 -84.61
C THR E 87 -0.96 9.58 -85.54
N ALA E 88 -1.43 8.93 -86.61
CA ALA E 88 -2.27 9.60 -87.61
C ALA E 88 -3.56 10.12 -87.01
N ALA E 89 -4.12 9.41 -86.02
CA ALA E 89 -5.38 9.80 -85.42
C ALA E 89 -5.26 11.04 -84.54
N ASP E 90 -4.06 11.51 -84.25
CA ASP E 90 -3.86 12.66 -83.37
C ASP E 90 -3.73 13.99 -84.13
N THR E 91 -3.91 14.00 -85.44
CA THR E 91 -3.86 15.26 -86.17
C THR E 91 -5.13 16.02 -85.85
N ALA E 92 -4.98 17.30 -85.50
CA ALA E 92 -6.13 18.08 -85.03
C ALA E 92 -5.70 19.53 -84.87
N VAL E 93 -6.67 20.40 -84.64
CA VAL E 93 -6.36 21.76 -84.21
C VAL E 93 -6.30 21.75 -82.69
N TYR E 94 -5.19 22.24 -82.15
CA TYR E 94 -5.00 22.29 -80.70
C TYR E 94 -5.18 23.71 -80.21
N TYR E 95 -5.85 23.84 -79.07
CA TYR E 95 -6.10 25.15 -78.45
C TYR E 95 -5.64 25.11 -77.01
N CYS E 96 -5.13 26.25 -76.55
CA CYS E 96 -4.88 26.50 -75.15
C CYS E 96 -6.02 27.38 -74.65
N ALA E 97 -6.37 27.25 -73.37
CA ALA E 97 -7.44 28.08 -72.84
C ALA E 97 -7.24 28.35 -71.36
N ARG E 98 -7.78 29.49 -70.95
CA ARG E 98 -7.75 29.95 -69.56
C ARG E 98 -9.08 29.60 -68.91
N SER E 99 -9.02 29.14 -67.66
CA SER E 99 -10.21 28.90 -66.87
C SER E 99 -10.13 29.61 -65.52
N PRO E 100 -11.24 30.14 -65.01
CA PRO E 100 -11.24 30.80 -63.71
C PRO E 100 -11.20 29.80 -62.57
N ILE E 101 -10.81 30.29 -61.40
CA ILE E 101 -10.81 29.51 -60.17
C ILE E 101 -11.67 30.23 -59.14
N THR E 102 -12.67 29.52 -58.62
CA THR E 102 -13.48 29.99 -57.50
C THR E 102 -12.93 29.26 -56.29
N VAL E 103 -12.35 30.00 -55.36
CA VAL E 103 -11.63 29.43 -54.23
C VAL E 103 -12.54 29.37 -53.02
N PHE E 104 -12.64 28.19 -52.42
CA PHE E 104 -13.36 27.96 -51.18
C PHE E 104 -12.47 27.57 -50.04
N GLY E 105 -11.27 27.04 -50.32
CA GLY E 105 -10.29 26.63 -49.34
C GLY E 105 -8.91 27.13 -49.72
N VAL E 106 -7.91 26.32 -49.44
CA VAL E 106 -6.52 26.68 -49.73
C VAL E 106 -6.26 26.43 -51.21
N VAL E 107 -5.80 27.47 -51.91
CA VAL E 107 -5.60 27.37 -53.35
C VAL E 107 -4.48 26.40 -53.69
N ILE E 108 -3.44 26.32 -52.85
CA ILE E 108 -2.31 25.43 -53.14
C ILE E 108 -2.68 23.96 -53.01
N PHE E 109 -3.86 23.64 -52.48
CA PHE E 109 -4.33 22.28 -52.33
C PHE E 109 -5.40 21.95 -53.36
N ASP E 110 -5.58 22.81 -54.36
CA ASP E 110 -6.61 22.69 -55.39
C ASP E 110 -8.01 22.69 -54.80
N GLU E 111 -8.23 23.45 -53.72
CA GLU E 111 -9.54 23.52 -53.10
C GLU E 111 -10.36 24.64 -53.75
N TYR E 112 -10.73 24.38 -55.01
CA TYR E 112 -11.46 25.35 -55.82
C TYR E 112 -12.26 24.60 -56.88
N THR E 113 -13.24 25.30 -57.45
CA THR E 113 -14.05 24.80 -58.55
C THR E 113 -13.61 25.49 -59.83
N THR E 114 -13.26 24.69 -60.83
CA THR E 114 -12.86 25.19 -62.13
C THR E 114 -13.45 24.28 -63.21
N GLY E 115 -13.16 24.62 -64.46
CA GLY E 115 -13.60 23.85 -65.60
C GLY E 115 -14.23 24.67 -66.70
N ASN E 116 -14.66 25.89 -66.37
CA ASN E 116 -15.21 26.78 -67.38
C ASN E 116 -14.06 27.33 -68.19
N LEU E 117 -14.26 27.49 -69.49
CA LEU E 117 -13.27 28.10 -70.37
C LEU E 117 -13.73 29.51 -70.72
N ASP E 118 -12.94 30.50 -70.28
CA ASP E 118 -13.23 31.91 -70.50
C ASP E 118 -12.52 32.54 -71.69
N LEU E 119 -11.35 32.02 -72.07
CA LEU E 119 -10.58 32.61 -73.15
C LEU E 119 -9.88 31.52 -73.96
N TRP E 120 -10.06 31.56 -75.28
CA TRP E 120 -9.46 30.62 -76.20
C TRP E 120 -8.39 31.30 -77.04
N GLY E 121 -7.32 30.57 -77.33
CA GLY E 121 -6.29 31.06 -78.22
C GLY E 121 -6.68 30.92 -79.68
N PRO E 122 -5.87 31.52 -80.56
CA PRO E 122 -6.13 31.39 -82.01
C PRO E 122 -6.23 29.95 -82.51
N GLY E 123 -5.46 29.04 -81.94
CA GLY E 123 -5.44 27.65 -82.37
C GLY E 123 -4.24 27.35 -83.25
N THR E 124 -3.75 26.12 -83.15
CA THR E 124 -2.60 25.64 -83.90
C THR E 124 -2.95 24.35 -84.64
N PRO E 125 -3.29 24.42 -85.93
CA PRO E 125 -3.52 23.17 -86.68
C PRO E 125 -2.28 22.29 -86.69
N ILE E 126 -2.47 21.00 -86.44
CA ILE E 126 -1.42 20.00 -86.45
C ILE E 126 -1.81 18.95 -87.48
N ASP F 1 -16.66 8.87 -67.32
CA ASP F 1 -16.78 9.55 -68.64
C ASP F 1 -18.26 9.89 -68.85
N ILE F 2 -18.61 11.13 -68.53
CA ILE F 2 -19.98 11.61 -68.60
C ILE F 2 -20.32 11.88 -70.06
N GLN F 3 -21.46 11.34 -70.51
CA GLN F 3 -21.92 11.52 -71.87
C GLN F 3 -22.89 12.71 -71.93
N MET F 4 -22.87 13.39 -73.08
CA MET F 4 -23.71 14.53 -73.37
C MET F 4 -24.27 14.41 -74.78
N THR F 5 -25.55 14.70 -74.94
CA THR F 5 -26.18 14.79 -76.25
C THR F 5 -26.82 16.17 -76.40
N GLN F 6 -27.18 16.49 -77.65
CA GLN F 6 -27.77 17.77 -77.98
C GLN F 6 -28.96 17.52 -78.91
N SER F 7 -29.93 18.44 -78.86
CA SER F 7 -31.12 18.33 -79.70
C SER F 7 -31.60 19.72 -80.13
N PRO F 8 -31.86 19.94 -81.44
CA PRO F 8 -31.72 19.06 -82.61
C PRO F 8 -30.25 18.98 -83.01
N SER F 9 -29.81 18.05 -83.88
CA SER F 9 -28.44 18.13 -84.36
C SER F 9 -28.26 19.25 -85.37
N SER F 10 -29.33 19.66 -86.05
CA SER F 10 -29.28 20.74 -87.03
C SER F 10 -30.63 21.43 -86.99
N LEU F 11 -30.66 22.74 -86.75
CA LEU F 11 -31.90 23.49 -86.60
C LEU F 11 -32.04 24.51 -87.72
N SER F 12 -33.05 24.33 -88.56
CA SER F 12 -33.32 25.24 -89.66
C SER F 12 -33.97 26.52 -89.13
N ALA F 13 -33.42 27.68 -89.52
CA ALA F 13 -33.94 28.94 -89.02
C ALA F 13 -33.57 30.05 -90.00
N SER F 14 -34.35 31.12 -89.98
CA SER F 14 -34.11 32.32 -90.77
C SER F 14 -33.59 33.44 -89.85
N VAL F 15 -33.33 34.60 -90.46
CA VAL F 15 -32.76 35.73 -89.74
C VAL F 15 -33.83 36.39 -88.88
N GLY F 16 -33.51 36.58 -87.60
CA GLY F 16 -34.41 37.20 -86.64
C GLY F 16 -35.28 36.23 -85.88
N ASP F 17 -35.23 34.94 -86.21
CA ASP F 17 -36.02 33.94 -85.52
C ASP F 17 -35.54 33.73 -84.08
N LYS F 18 -36.47 33.39 -83.21
CA LYS F 18 -36.15 32.98 -81.84
C LYS F 18 -35.89 31.48 -81.89
N VAL F 19 -34.76 31.04 -81.33
CA VAL F 19 -34.38 29.63 -81.36
C VAL F 19 -33.99 29.14 -79.97
N THR F 20 -34.20 27.84 -79.75
CA THR F 20 -33.80 27.14 -78.52
C THR F 20 -32.97 25.91 -78.87
N ILE F 21 -31.83 25.77 -78.20
CA ILE F 21 -30.91 24.63 -78.33
C ILE F 21 -30.94 23.88 -77.01
N THR F 22 -31.13 22.55 -77.04
CA THR F 22 -31.21 21.79 -75.80
C THR F 22 -30.02 20.84 -75.68
N CYS F 23 -29.66 20.53 -74.43
CA CYS F 23 -28.61 19.59 -74.08
C CYS F 23 -29.13 18.64 -73.01
N HIS F 24 -28.79 17.36 -73.17
CA HIS F 24 -29.22 16.29 -72.28
C HIS F 24 -28.04 15.50 -71.75
N ALA F 25 -27.84 15.56 -70.43
CA ALA F 25 -26.75 14.89 -69.72
C ALA F 25 -27.21 13.51 -69.26
N SER F 26 -26.27 12.56 -69.23
CA SER F 26 -26.62 11.23 -68.72
C SER F 26 -26.86 11.20 -67.22
N GLN F 27 -26.40 12.21 -66.48
CA GLN F 27 -26.61 12.27 -65.04
C GLN F 27 -26.70 13.73 -64.62
N ASP F 28 -27.25 13.97 -63.43
CA ASP F 28 -27.35 15.31 -62.89
C ASP F 28 -25.95 15.92 -62.77
N ILE F 29 -25.78 17.12 -63.34
CA ILE F 29 -24.51 17.82 -63.35
C ILE F 29 -24.54 19.09 -62.49
N SER F 30 -25.58 19.26 -61.66
CA SER F 30 -25.69 20.36 -60.70
C SER F 30 -25.41 21.75 -61.30
N SER F 31 -25.97 22.00 -62.49
CA SER F 31 -25.88 23.28 -63.19
C SER F 31 -24.48 23.68 -63.65
N TRP F 32 -23.47 22.81 -63.53
CA TRP F 32 -22.12 23.15 -63.99
C TRP F 32 -21.99 22.82 -65.48
N LEU F 33 -22.69 23.64 -66.27
CA LEU F 33 -22.78 23.49 -67.72
C LEU F 33 -22.42 24.82 -68.37
N ALA F 34 -21.53 24.78 -69.36
CA ALA F 34 -21.14 25.97 -70.12
C ALA F 34 -21.53 25.85 -71.58
N TRP F 35 -21.90 26.98 -72.18
CA TRP F 35 -22.27 27.05 -73.60
C TRP F 35 -21.23 27.87 -74.36
N TYR F 36 -20.81 27.34 -75.52
CA TYR F 36 -19.83 27.92 -76.44
C TYR F 36 -20.36 28.01 -77.87
N GLN F 37 -19.87 29.03 -78.60
CA GLN F 37 -20.19 29.29 -80.01
C GLN F 37 -18.93 29.22 -80.86
N GLN F 38 -18.92 28.33 -81.86
CA GLN F 38 -17.78 28.15 -82.74
C GLN F 38 -18.17 28.40 -84.18
N LYS F 39 -17.32 29.16 -84.90
CA LYS F 39 -17.39 29.47 -86.31
C LYS F 39 -16.31 28.66 -87.05
N PRO F 40 -16.52 28.31 -88.32
CA PRO F 40 -15.46 27.58 -89.04
C PRO F 40 -14.17 28.37 -89.08
N GLY F 41 -13.06 27.68 -88.80
CA GLY F 41 -11.76 28.29 -88.86
C GLY F 41 -11.34 29.08 -87.63
N LYS F 42 -12.21 29.22 -86.63
CA LYS F 42 -11.92 29.99 -85.42
C LYS F 42 -12.12 29.13 -84.19
N ALA F 43 -11.47 29.56 -83.10
CA ALA F 43 -11.68 28.95 -81.81
C ALA F 43 -13.11 29.25 -81.31
N PRO F 44 -13.71 28.34 -80.54
CA PRO F 44 -15.00 28.67 -79.90
C PRO F 44 -14.82 29.84 -78.95
N LYS F 45 -15.90 30.59 -78.73
CA LYS F 45 -15.88 31.66 -77.73
C LYS F 45 -16.96 31.41 -76.66
N PRO F 46 -16.73 31.86 -75.42
CA PRO F 46 -17.73 31.65 -74.37
C PRO F 46 -19.04 32.43 -74.56
N LEU F 47 -20.12 31.79 -74.10
CA LEU F 47 -21.43 32.43 -73.98
C LEU F 47 -21.90 32.40 -72.53
N ILE F 48 -22.09 31.20 -71.99
CA ILE F 48 -22.70 31.05 -70.67
C ILE F 48 -21.89 30.08 -69.84
N TYR F 49 -21.78 30.36 -68.55
CA TYR F 49 -21.12 29.49 -67.59
C TYR F 49 -22.08 29.24 -66.43
N TYR F 50 -21.88 28.10 -65.77
CA TYR F 50 -22.72 27.67 -64.64
C TYR F 50 -24.19 27.67 -65.04
N ALA F 51 -24.44 27.14 -66.24
CA ALA F 51 -25.77 26.94 -66.82
C ALA F 51 -26.53 28.20 -67.20
N SER F 52 -26.60 29.20 -66.31
CA SER F 52 -27.40 30.40 -66.55
C SER F 52 -26.65 31.74 -66.49
N SER F 53 -25.37 31.76 -66.12
CA SER F 53 -24.66 33.02 -65.96
C SER F 53 -24.05 33.45 -67.30
N LEU F 54 -24.38 34.67 -67.72
CA LEU F 54 -23.90 35.19 -68.99
C LEU F 54 -22.46 35.67 -68.88
N GLN F 55 -21.66 35.35 -69.89
CA GLN F 55 -20.29 35.83 -69.96
C GLN F 55 -20.25 37.32 -70.28
N SER F 56 -19.32 38.04 -69.67
CA SER F 56 -19.15 39.45 -69.96
C SER F 56 -18.78 39.63 -71.42
N GLY F 57 -19.37 40.64 -72.06
CA GLY F 57 -19.08 40.93 -73.45
C GLY F 57 -20.01 40.26 -74.44
N VAL F 58 -20.84 39.32 -73.98
CA VAL F 58 -21.76 38.59 -74.84
C VAL F 58 -23.08 39.37 -74.89
N PRO F 59 -23.66 39.61 -76.08
CA PRO F 59 -24.92 40.37 -76.15
C PRO F 59 -26.04 39.79 -75.29
N SER F 60 -26.88 40.69 -74.78
CA SER F 60 -27.99 40.35 -73.91
C SER F 60 -29.04 39.48 -74.59
N ARG F 61 -28.98 39.34 -75.92
CA ARG F 61 -29.91 38.49 -76.65
C ARG F 61 -29.74 37.01 -76.33
N PHE F 62 -28.63 36.63 -75.71
CA PHE F 62 -28.38 35.26 -75.32
C PHE F 62 -28.82 35.03 -73.88
N SER F 63 -29.48 33.90 -73.65
CA SER F 63 -29.91 33.55 -72.30
C SER F 63 -30.04 32.04 -72.25
N GLY F 64 -30.27 31.51 -71.05
CA GLY F 64 -30.43 30.08 -70.93
C GLY F 64 -30.77 29.71 -69.51
N SER F 65 -31.11 28.44 -69.34
CA SER F 65 -31.50 27.94 -68.03
C SER F 65 -31.52 26.42 -68.08
N GLY F 66 -31.93 25.81 -66.97
CA GLY F 66 -32.07 24.37 -66.90
C GLY F 66 -31.63 23.78 -65.58
N SER F 67 -31.82 22.47 -65.42
CA SER F 67 -31.45 21.82 -64.18
C SER F 67 -31.35 20.32 -64.43
N GLY F 68 -30.76 19.63 -63.47
CA GLY F 68 -30.72 18.18 -63.54
C GLY F 68 -29.93 17.75 -64.75
N THR F 69 -30.63 17.07 -65.66
CA THR F 69 -30.06 16.55 -66.89
C THR F 69 -30.48 17.33 -68.12
N ASP F 70 -31.36 18.33 -67.99
CA ASP F 70 -31.96 19.02 -69.12
C ASP F 70 -31.70 20.52 -69.06
N TYR F 71 -30.95 21.03 -70.06
CA TYR F 71 -30.59 22.44 -70.11
C TYR F 71 -30.90 23.02 -71.48
N THR F 72 -31.19 24.32 -71.52
CA THR F 72 -31.49 25.02 -72.77
C THR F 72 -30.75 26.34 -72.89
N LEU F 73 -30.48 26.70 -74.15
CA LEU F 73 -29.93 27.98 -74.59
C LEU F 73 -30.96 28.64 -75.48
N THR F 74 -31.30 29.89 -75.20
CA THR F 74 -32.28 30.65 -75.97
C THR F 74 -31.62 31.85 -76.64
N ILE F 75 -31.86 32.00 -77.94
CA ILE F 75 -31.41 33.15 -78.73
C ILE F 75 -32.66 33.87 -79.22
N THR F 76 -32.86 35.11 -78.75
CA THR F 76 -34.08 35.86 -79.03
C THR F 76 -34.10 36.55 -80.40
N SER F 77 -32.95 36.72 -81.06
CA SER F 77 -32.92 37.39 -82.36
C SER F 77 -31.70 36.88 -83.13
N LEU F 78 -31.95 35.96 -84.08
CA LEU F 78 -30.89 35.26 -84.78
C LEU F 78 -30.33 36.12 -85.92
N GLN F 79 -29.35 36.95 -85.58
CA GLN F 79 -28.68 37.84 -86.51
C GLN F 79 -27.64 37.03 -87.27
N PRO F 80 -27.16 37.49 -88.45
CA PRO F 80 -26.20 36.68 -89.20
C PRO F 80 -24.93 36.22 -88.46
N GLU F 81 -24.39 37.00 -87.52
CA GLU F 81 -23.19 36.59 -86.79
C GLU F 81 -23.45 35.37 -85.90
N ASP F 82 -24.71 35.01 -85.64
CA ASP F 82 -25.03 33.90 -84.76
C ASP F 82 -25.26 32.57 -85.47
N PHE F 83 -25.01 32.47 -86.78
CA PHE F 83 -25.15 31.19 -87.46
C PHE F 83 -23.85 30.44 -87.20
N ALA F 84 -23.86 29.63 -86.16
CA ALA F 84 -22.65 29.00 -85.64
C ALA F 84 -22.99 27.63 -85.07
N THR F 85 -21.97 26.84 -84.79
CA THR F 85 -22.16 25.56 -84.12
C THR F 85 -22.01 25.80 -82.62
N TYR F 86 -23.00 25.38 -81.85
CA TYR F 86 -23.03 25.58 -80.41
C TYR F 86 -22.68 24.29 -79.69
N TYR F 87 -21.88 24.41 -78.63
CA TYR F 87 -21.44 23.26 -77.85
C TYR F 87 -21.75 23.45 -76.37
N CYS F 88 -22.09 22.32 -75.75
CA CYS F 88 -22.23 22.19 -74.30
C CYS F 88 -21.00 21.54 -73.69
N GLN F 89 -20.44 22.17 -72.65
CA GLN F 89 -19.31 21.63 -71.90
C GLN F 89 -19.78 21.29 -70.50
N GLN F 90 -19.54 20.05 -70.10
CA GLN F 90 -19.92 19.52 -68.80
C GLN F 90 -18.68 19.45 -67.90
N TYR F 91 -18.61 20.33 -66.90
CA TYR F 91 -17.46 20.38 -66.00
C TYR F 91 -17.80 19.99 -64.56
N ASP F 92 -18.93 19.32 -64.32
CA ASP F 92 -19.25 18.87 -62.97
C ASP F 92 -18.26 17.81 -62.50
N ASP F 93 -17.78 16.96 -63.39
CA ASP F 93 -16.91 15.87 -63.02
C ASP F 93 -15.90 15.70 -64.15
N LEU F 94 -14.78 15.08 -63.81
CA LEU F 94 -13.66 14.95 -64.71
C LEU F 94 -13.58 13.53 -65.26
N PRO F 95 -13.24 13.29 -66.54
CA PRO F 95 -12.79 14.21 -67.59
C PRO F 95 -13.86 15.16 -68.09
N PHE F 96 -13.48 16.34 -68.60
CA PHE F 96 -14.46 17.24 -69.16
C PHE F 96 -14.86 16.68 -70.51
N THR F 97 -16.15 16.78 -70.84
CA THR F 97 -16.66 16.32 -72.13
C THR F 97 -17.46 17.42 -72.82
N PHE F 98 -17.61 17.26 -74.13
CA PHE F 98 -18.39 18.15 -74.97
C PHE F 98 -19.42 17.34 -75.74
N GLY F 99 -20.55 17.98 -76.07
CA GLY F 99 -21.54 17.36 -76.91
C GLY F 99 -21.14 17.39 -78.36
N PRO F 100 -21.94 16.69 -79.20
CA PRO F 100 -21.63 16.67 -80.64
C PRO F 100 -21.78 18.00 -81.33
N GLY F 101 -22.56 18.93 -80.77
CA GLY F 101 -22.78 20.24 -81.36
C GLY F 101 -24.02 20.29 -82.23
N THR F 102 -24.64 21.48 -82.26
CA THR F 102 -25.82 21.75 -83.08
C THR F 102 -25.51 22.89 -84.05
N LYS F 103 -25.74 22.66 -85.33
CA LYS F 103 -25.50 23.65 -86.37
C LYS F 103 -26.78 24.43 -86.67
N LEU F 104 -26.66 25.75 -86.69
CA LEU F 104 -27.74 26.63 -87.12
C LEU F 104 -27.51 27.04 -88.57
N ASP F 105 -28.58 27.06 -89.35
CA ASP F 105 -28.51 27.45 -90.74
C ASP F 105 -29.83 28.09 -91.16
N ASN G 3 17.79 -3.49 49.16
CA ASN G 3 19.21 -3.51 48.78
C ASN G 3 19.35 -3.39 47.26
N LEU G 4 18.56 -4.17 46.53
CA LEU G 4 18.62 -4.23 45.09
C LEU G 4 17.52 -3.37 44.48
N TRP G 5 17.82 -2.78 43.33
CA TRP G 5 16.93 -1.87 42.63
C TRP G 5 16.72 -2.36 41.20
N VAL G 6 15.56 -2.02 40.64
CA VAL G 6 15.26 -2.40 39.26
C VAL G 6 16.11 -1.57 38.31
N THR G 7 16.81 -2.24 37.39
CA THR G 7 17.58 -1.59 36.35
C THR G 7 17.01 -2.04 35.00
N VAL G 8 16.76 -1.08 34.13
CA VAL G 8 16.17 -1.31 32.81
C VAL G 8 17.29 -1.47 31.80
N TYR G 9 17.21 -2.52 30.97
CA TYR G 9 18.17 -2.79 29.91
C TYR G 9 17.43 -2.86 28.59
N TYR G 10 17.96 -2.16 27.58
CA TYR G 10 17.44 -2.14 26.23
C TYR G 10 18.53 -2.69 25.32
N GLY G 11 18.15 -3.62 24.44
CA GLY G 11 19.11 -4.33 23.61
C GLY G 11 19.37 -5.74 24.09
N VAL G 12 18.53 -6.25 24.98
CA VAL G 12 18.68 -7.57 25.58
C VAL G 12 18.52 -8.66 24.53
N PRO G 13 19.48 -9.62 24.39
CA PRO G 13 19.40 -10.66 23.33
C PRO G 13 18.41 -11.79 23.62
N VAL G 14 17.12 -11.47 23.65
CA VAL G 14 16.05 -12.44 23.88
C VAL G 14 15.03 -12.32 22.74
N TRP G 15 14.22 -13.36 22.60
CA TRP G 15 13.23 -13.40 21.54
C TRP G 15 12.02 -14.24 21.96
N LYS G 16 10.95 -14.07 21.18
CA LYS G 16 9.70 -14.81 21.34
C LYS G 16 9.32 -15.43 20.02
N ASP G 17 8.60 -16.55 20.06
CA ASP G 17 8.12 -17.13 18.81
C ASP G 17 7.16 -16.14 18.16
N ALA G 18 7.25 -15.99 16.84
CA ALA G 18 6.38 -15.03 16.16
C ALA G 18 6.20 -15.42 14.70
N GLU G 19 5.14 -14.88 14.12
CA GLU G 19 4.83 -15.00 12.70
C GLU G 19 4.88 -13.60 12.10
N THR G 20 5.44 -13.48 10.91
CA THR G 20 5.49 -12.19 10.23
C THR G 20 5.63 -12.44 8.73
N THR G 21 5.80 -11.35 7.99
CA THR G 21 5.97 -11.41 6.54
C THR G 21 7.46 -11.32 6.21
N LEU G 22 7.97 -12.34 5.54
CA LEU G 22 9.35 -12.40 5.09
C LEU G 22 9.38 -11.87 3.67
N PHE G 23 10.52 -11.33 3.24
CA PHE G 23 10.62 -10.82 1.88
C PHE G 23 11.50 -11.72 1.01
N CYS G 24 11.23 -11.63 -0.29
CA CYS G 24 11.97 -12.33 -1.33
C CYS G 24 13.32 -11.70 -1.56
N ALA G 25 14.35 -12.54 -1.68
CA ALA G 25 15.64 -12.08 -2.12
C ALA G 25 16.17 -13.12 -3.12
N SER G 26 16.71 -12.64 -4.24
CA SER G 26 17.20 -13.55 -5.26
C SER G 26 18.17 -12.81 -6.17
N ASP G 27 19.23 -13.50 -6.57
CA ASP G 27 20.22 -12.92 -7.48
C ASP G 27 19.70 -12.92 -8.91
N HIS G 36 12.20 -14.46 -19.84
CA HIS G 36 11.69 -14.11 -18.52
C HIS G 36 11.50 -15.44 -17.79
N ASN G 37 11.08 -15.43 -16.53
CA ASN G 37 10.92 -16.66 -15.76
C ASN G 37 9.82 -16.45 -14.73
N VAL G 38 8.90 -17.42 -14.66
CA VAL G 38 7.72 -17.35 -13.80
C VAL G 38 8.06 -17.10 -12.32
N TRP G 39 9.18 -17.61 -11.80
CA TRP G 39 9.54 -17.45 -10.39
C TRP G 39 10.72 -16.51 -10.17
N ALA G 40 11.04 -15.63 -11.13
CA ALA G 40 12.15 -14.69 -11.00
C ALA G 40 11.72 -13.32 -11.49
N THR G 41 10.70 -12.77 -10.83
CA THR G 41 10.15 -11.48 -11.24
C THR G 41 11.02 -10.36 -10.67
N HIS G 42 10.76 -9.14 -11.13
CA HIS G 42 11.52 -7.99 -10.67
C HIS G 42 11.18 -7.62 -9.23
N ALA G 43 10.07 -8.12 -8.69
CA ALA G 43 9.66 -7.78 -7.33
C ALA G 43 10.36 -8.69 -6.31
N CYS G 44 11.67 -8.53 -6.25
CA CYS G 44 12.50 -9.34 -5.35
C CYS G 44 13.82 -8.59 -5.14
N VAL G 45 14.26 -8.55 -3.90
CA VAL G 45 15.42 -7.76 -3.48
C VAL G 45 16.71 -8.48 -3.89
N PRO G 46 17.69 -7.82 -4.52
CA PRO G 46 18.97 -8.50 -4.77
C PRO G 46 19.58 -9.01 -3.49
N THR G 47 20.24 -10.17 -3.56
CA THR G 47 20.78 -10.80 -2.36
C THR G 47 22.12 -10.20 -1.95
N ASP G 48 22.50 -10.52 -0.72
CA ASP G 48 23.79 -10.13 -0.18
C ASP G 48 24.85 -11.10 -0.71
N PRO G 49 25.86 -10.64 -1.46
CA PRO G 49 26.89 -11.58 -1.93
C PRO G 49 27.64 -12.30 -0.82
N ASN G 50 27.63 -11.80 0.41
CA ASN G 50 28.37 -12.40 1.52
C ASN G 50 27.49 -12.43 2.77
N PRO G 51 26.47 -13.29 2.78
CA PRO G 51 25.52 -13.28 3.90
C PRO G 51 26.22 -13.80 5.16
N GLN G 52 25.72 -13.35 6.30
CA GLN G 52 26.32 -13.71 7.59
C GLN G 52 25.55 -14.84 8.27
N GLU G 53 26.29 -15.59 9.09
CA GLU G 53 25.77 -16.63 9.96
C GLU G 53 26.52 -16.51 11.27
N ILE G 54 25.79 -16.44 12.39
CA ILE G 54 26.38 -16.30 13.71
C ILE G 54 25.99 -17.52 14.53
N HIS G 55 26.96 -18.36 14.85
CA HIS G 55 26.70 -19.54 15.66
C HIS G 55 26.33 -19.09 17.07
N LEU G 56 25.27 -19.68 17.63
CA LEU G 56 24.83 -19.37 18.99
C LEU G 56 25.29 -20.48 19.93
N GLU G 57 26.27 -20.19 20.75
CA GLU G 57 26.78 -21.18 21.69
C GLU G 57 25.80 -21.34 22.85
N ASN G 58 25.68 -22.56 23.36
CA ASN G 58 24.88 -22.85 24.54
C ASN G 58 23.43 -22.39 24.40
N VAL G 59 22.86 -22.52 23.19
CA VAL G 59 21.46 -22.19 22.92
C VAL G 59 20.78 -23.44 22.40
N THR G 60 19.69 -23.84 23.05
CA THR G 60 18.94 -25.05 22.69
C THR G 60 17.47 -24.69 22.47
N GLU G 61 17.16 -24.19 21.29
CA GLU G 61 15.80 -23.78 20.95
C GLU G 61 15.01 -24.99 20.45
N GLU G 62 13.70 -24.96 20.71
CA GLU G 62 12.81 -26.02 20.26
C GLU G 62 12.16 -25.64 18.94
N PHE G 63 12.29 -26.53 17.95
CA PHE G 63 11.77 -26.35 16.61
C PHE G 63 10.57 -27.25 16.40
N ASN G 64 9.68 -26.85 15.49
CA ASN G 64 8.54 -27.70 15.13
C ASN G 64 8.22 -27.43 13.66
N MET G 65 8.70 -28.33 12.78
CA MET G 65 8.54 -28.13 11.35
C MET G 65 7.09 -28.22 10.90
N TRP G 66 6.21 -28.78 11.71
CA TRP G 66 4.82 -28.99 11.30
C TRP G 66 3.92 -27.81 11.64
N LYS G 67 4.44 -26.83 12.38
CA LYS G 67 3.70 -25.65 12.80
C LYS G 67 4.43 -24.39 12.33
N ASN G 68 5.28 -24.53 11.32
CA ASN G 68 6.15 -23.47 10.84
C ASN G 68 5.41 -22.60 9.84
N ASN G 69 5.10 -21.35 10.25
CA ASN G 69 4.32 -20.45 9.40
C ASN G 69 5.02 -20.07 8.11
N MET G 70 6.33 -20.31 7.99
CA MET G 70 7.03 -19.95 6.76
C MET G 70 6.51 -20.74 5.57
N VAL G 71 5.95 -21.93 5.82
CA VAL G 71 5.49 -22.79 4.74
C VAL G 71 4.27 -22.18 4.06
N GLU G 72 3.33 -21.66 4.85
CA GLU G 72 2.13 -21.09 4.27
C GLU G 72 2.45 -19.84 3.47
N GLN G 73 3.38 -19.01 3.96
CA GLN G 73 3.75 -17.84 3.19
C GLN G 73 4.41 -18.25 1.89
N MET G 74 5.33 -19.21 1.93
CA MET G 74 6.00 -19.61 0.70
C MET G 74 4.98 -20.14 -0.31
N HIS G 75 4.00 -20.92 0.19
CA HIS G 75 2.97 -21.44 -0.69
C HIS G 75 2.19 -20.31 -1.35
N GLU G 76 1.72 -19.36 -0.56
CA GLU G 76 0.93 -18.26 -1.11
C GLU G 76 1.76 -17.43 -2.08
N ASP G 77 3.03 -17.19 -1.77
CA ASP G 77 3.87 -16.39 -2.66
C ASP G 77 4.05 -17.08 -4.00
N ILE G 78 4.21 -18.41 -3.99
CA ILE G 78 4.35 -19.13 -5.25
C ILE G 78 3.04 -19.06 -6.04
N ILE G 79 1.90 -19.20 -5.36
CA ILE G 79 0.62 -19.12 -6.06
C ILE G 79 0.48 -17.74 -6.71
N SER G 80 0.84 -16.69 -5.95
CA SER G 80 0.73 -15.33 -6.46
C SER G 80 1.61 -15.12 -7.68
N LEU G 81 2.86 -15.59 -7.63
CA LEU G 81 3.75 -15.39 -8.76
C LEU G 81 3.23 -16.14 -9.98
N TRP G 82 2.72 -17.36 -9.77
CA TRP G 82 2.20 -18.17 -10.86
C TRP G 82 1.03 -17.44 -11.54
N ASP G 83 0.08 -16.96 -10.75
CA ASP G 83 -1.09 -16.31 -11.33
C ASP G 83 -0.71 -15.00 -11.99
N GLN G 84 0.24 -14.25 -11.42
CA GLN G 84 0.65 -13.00 -12.03
C GLN G 84 1.30 -13.25 -13.37
N SER G 85 2.08 -14.32 -13.49
CA SER G 85 2.75 -14.59 -14.76
C SER G 85 1.76 -15.09 -15.81
N LEU G 86 0.76 -15.88 -15.41
CA LEU G 86 -0.18 -16.38 -16.41
C LEU G 86 -1.26 -15.38 -16.81
N LYS G 87 -1.60 -14.43 -15.93
CA LYS G 87 -2.65 -13.46 -16.23
C LYS G 87 -2.46 -12.71 -17.54
N PRO G 88 -1.32 -12.03 -17.81
CA PRO G 88 -1.20 -11.27 -19.07
C PRO G 88 -0.86 -12.14 -20.27
N CYS G 89 -1.73 -13.09 -20.59
CA CYS G 89 -1.51 -14.02 -21.69
C CYS G 89 -2.84 -14.30 -22.38
N VAL G 90 -2.76 -15.01 -23.52
CA VAL G 90 -3.92 -15.29 -24.34
C VAL G 90 -4.88 -16.21 -23.61
N LYS G 91 -6.17 -15.84 -23.58
CA LYS G 91 -7.22 -16.64 -22.97
C LYS G 91 -7.96 -17.39 -24.07
N LEU G 92 -7.82 -18.72 -24.10
CA LEU G 92 -8.31 -19.54 -25.21
C LEU G 92 -9.76 -20.01 -25.02
N THR G 93 -10.69 -19.07 -24.87
CA THR G 93 -12.09 -19.48 -24.82
C THR G 93 -12.59 -20.07 -26.15
N PRO G 94 -12.10 -19.64 -27.32
CA PRO G 94 -12.57 -20.25 -28.58
C PRO G 94 -12.33 -21.76 -28.75
N LEU G 95 -11.55 -22.42 -27.88
CA LEU G 95 -11.35 -23.86 -28.04
C LEU G 95 -12.50 -24.72 -27.53
N CYS G 96 -13.52 -24.17 -26.88
CA CYS G 96 -14.66 -24.98 -26.47
C CYS G 96 -15.61 -25.11 -27.65
N VAL G 97 -15.16 -25.92 -28.60
CA VAL G 97 -15.85 -26.22 -29.85
C VAL G 97 -15.85 -27.74 -29.97
N THR G 98 -16.68 -28.26 -30.87
CA THR G 98 -16.69 -29.69 -31.09
C THR G 98 -15.48 -30.03 -31.95
N LEU G 99 -14.72 -31.02 -31.52
CA LEU G 99 -13.55 -31.48 -32.26
C LEU G 99 -13.94 -32.77 -32.96
N GLN G 100 -13.44 -32.96 -34.18
CA GLN G 100 -13.63 -34.21 -34.92
C GLN G 100 -12.27 -34.89 -35.02
N CYS G 101 -12.09 -35.98 -34.26
CA CYS G 101 -10.77 -36.57 -34.07
C CYS G 101 -10.71 -37.99 -34.58
N THR G 102 -9.56 -38.32 -35.15
CA THR G 102 -9.18 -39.66 -35.58
C THR G 102 -7.82 -39.97 -34.97
N ASN G 103 -7.38 -41.22 -35.03
CA ASN G 103 -6.07 -41.53 -34.47
C ASN G 103 -4.98 -40.95 -35.36
N TYR G 104 -3.96 -40.37 -34.73
CA TYR G 104 -2.85 -39.78 -35.48
C TYR G 104 -2.08 -40.82 -36.29
N ALA G 105 -1.77 -41.95 -35.67
CA ALA G 105 -0.93 -42.99 -36.27
C ALA G 105 -1.65 -44.32 -36.25
N PRO G 106 -2.59 -44.55 -37.18
CA PRO G 106 -3.41 -45.77 -37.11
C PRO G 106 -2.63 -47.06 -37.28
N LYS G 107 -1.39 -47.01 -37.78
CA LYS G 107 -0.57 -48.18 -38.01
C LYS G 107 0.46 -48.43 -36.93
N LEU G 108 0.43 -47.66 -35.83
CA LEU G 108 1.40 -47.85 -34.76
C LEU G 108 1.11 -49.14 -33.99
N ARG G 109 2.14 -49.90 -33.71
CA ARG G 109 2.04 -51.19 -33.02
C ARG G 109 2.89 -51.15 -31.75
N SER G 110 2.90 -49.99 -31.09
CA SER G 110 3.70 -49.75 -29.90
C SER G 110 2.88 -48.84 -28.98
N MET G 111 3.45 -48.49 -27.83
CA MET G 111 2.77 -47.49 -27.02
C MET G 111 2.73 -46.19 -27.82
N MET G 112 1.82 -45.30 -27.43
CA MET G 112 1.40 -44.09 -28.15
C MET G 112 0.35 -44.46 -29.19
N ARG G 113 -0.01 -45.73 -29.35
CA ARG G 113 -1.12 -46.06 -30.22
C ARG G 113 -2.38 -45.53 -29.55
N GLY G 114 -3.08 -44.62 -30.21
CA GLY G 114 -4.28 -44.06 -29.66
C GLY G 114 -4.07 -42.96 -28.64
N GLU G 115 -2.81 -42.64 -28.32
CA GLU G 115 -2.53 -41.60 -27.32
C GLU G 115 -2.55 -40.21 -27.94
N ILE G 116 -2.23 -40.10 -29.23
CA ILE G 116 -2.20 -38.83 -29.93
C ILE G 116 -3.30 -38.90 -30.98
N LYS G 117 -4.20 -37.92 -30.93
CA LYS G 117 -5.33 -37.84 -31.84
C LYS G 117 -5.22 -36.62 -32.73
N ASN G 118 -5.58 -36.79 -33.99
CA ASN G 118 -5.58 -35.75 -35.01
C ASN G 118 -6.99 -35.19 -35.08
N CYS G 119 -7.17 -33.99 -34.51
CA CYS G 119 -8.45 -33.35 -34.31
C CYS G 119 -8.61 -32.14 -35.21
N SER G 120 -9.73 -32.08 -35.91
CA SER G 120 -10.12 -30.97 -36.75
C SER G 120 -11.13 -30.09 -36.01
N PHE G 121 -10.97 -28.78 -36.15
CA PHE G 121 -11.90 -27.82 -35.57
C PHE G 121 -11.87 -26.55 -36.39
N ASN G 122 -12.87 -25.68 -36.19
CA ASN G 122 -12.94 -24.45 -36.99
C ASN G 122 -12.01 -23.36 -36.46
N MET G 123 -12.33 -22.80 -35.28
CA MET G 123 -11.57 -21.70 -34.68
C MET G 123 -11.73 -20.39 -35.43
N THR G 124 -11.76 -19.29 -34.67
CA THR G 124 -11.92 -17.94 -35.18
C THR G 124 -10.63 -17.41 -35.78
N THR G 125 -10.74 -16.28 -36.47
CA THR G 125 -9.62 -15.61 -37.14
C THR G 125 -9.56 -14.17 -36.63
N GLU G 126 -8.65 -13.39 -37.22
CA GLU G 126 -8.50 -11.99 -36.81
C GLU G 126 -9.80 -11.22 -36.94
N LEU G 127 -10.62 -11.54 -37.93
CA LEU G 127 -11.90 -10.88 -38.15
C LEU G 127 -13.04 -11.74 -37.61
N ARG G 128 -14.04 -11.08 -37.04
CA ARG G 128 -15.18 -11.78 -36.47
C ARG G 128 -16.10 -12.38 -37.52
N ASP G 129 -16.02 -11.94 -38.77
CA ASP G 129 -16.90 -12.45 -39.82
C ASP G 129 -16.41 -13.71 -40.50
N LYS G 130 -15.19 -14.18 -40.22
CA LYS G 130 -14.63 -15.34 -40.91
C LYS G 130 -14.07 -16.35 -39.93
N LYS G 131 -14.24 -17.62 -40.27
CA LYS G 131 -13.66 -18.75 -39.55
C LYS G 131 -12.69 -19.49 -40.46
N GLN G 132 -11.75 -20.18 -39.84
CA GLN G 132 -10.76 -20.98 -40.52
C GLN G 132 -11.02 -22.46 -40.21
N LYS G 133 -10.18 -23.32 -40.76
CA LYS G 133 -10.20 -24.75 -40.46
C LYS G 133 -8.80 -25.14 -40.01
N VAL G 134 -8.71 -25.70 -38.81
CA VAL G 134 -7.45 -26.00 -38.15
C VAL G 134 -7.38 -27.49 -37.90
N TYR G 135 -6.24 -28.08 -38.22
CA TYR G 135 -5.92 -29.46 -37.89
C TYR G 135 -4.80 -29.43 -36.87
N SER G 136 -4.97 -30.14 -35.76
CA SER G 136 -3.92 -30.16 -34.75
C SER G 136 -3.97 -31.49 -34.04
N LEU G 137 -2.87 -31.83 -33.35
CA LEU G 137 -2.82 -33.06 -32.59
C LEU G 137 -2.96 -32.75 -31.10
N PHE G 138 -3.67 -33.62 -30.40
CA PHE G 138 -3.85 -33.54 -28.96
C PHE G 138 -3.52 -34.87 -28.33
N TYR G 139 -3.09 -34.84 -27.08
CA TYR G 139 -2.88 -36.07 -26.35
C TYR G 139 -4.22 -36.59 -25.83
N ARG G 140 -4.33 -37.92 -25.74
CA ARG G 140 -5.57 -38.55 -25.28
C ARG G 140 -6.04 -37.99 -23.95
N LEU G 141 -5.10 -37.70 -23.04
CA LEU G 141 -5.47 -37.26 -21.70
C LEU G 141 -6.17 -35.91 -21.70
N ASP G 142 -6.03 -35.12 -22.76
CA ASP G 142 -6.63 -33.79 -22.83
C ASP G 142 -7.97 -33.77 -23.53
N VAL G 143 -8.39 -34.88 -24.13
CA VAL G 143 -9.56 -34.92 -25.00
C VAL G 143 -10.49 -36.02 -24.50
N VAL G 144 -11.79 -35.69 -24.31
CA VAL G 144 -12.80 -36.63 -23.86
C VAL G 144 -13.95 -36.70 -24.87
N GLN G 145 -14.48 -37.90 -25.07
CA GLN G 145 -15.51 -38.15 -26.06
C GLN G 145 -16.86 -37.58 -25.65
N ILE G 146 -17.58 -37.03 -26.62
CA ILE G 146 -18.90 -36.47 -26.38
C ILE G 146 -20.00 -37.50 -26.63
N ASN G 147 -19.92 -38.19 -27.78
CA ASN G 147 -20.93 -39.15 -28.24
C ASN G 147 -22.22 -38.40 -28.60
N ASN G 158 -13.72 -41.28 -37.08
CA ASN G 158 -13.91 -39.88 -36.74
C ASN G 158 -15.03 -39.76 -35.69
N LYS G 159 -14.63 -39.40 -34.48
CA LYS G 159 -15.56 -39.24 -33.36
C LYS G 159 -15.50 -37.81 -32.84
N GLU G 160 -16.62 -37.37 -32.25
CA GLU G 160 -16.70 -36.03 -31.66
C GLU G 160 -16.15 -36.03 -30.24
N TYR G 161 -15.25 -35.08 -29.97
CA TYR G 161 -14.60 -34.93 -28.67
C TYR G 161 -14.60 -33.46 -28.26
N ARG G 162 -14.40 -33.23 -26.96
CA ARG G 162 -14.19 -31.89 -26.41
C ARG G 162 -13.00 -31.91 -25.47
N LEU G 163 -12.49 -30.73 -25.15
CA LEU G 163 -11.42 -30.62 -24.17
C LEU G 163 -12.00 -30.77 -22.77
N ILE G 164 -11.21 -31.34 -21.87
CA ILE G 164 -11.68 -31.54 -20.50
C ILE G 164 -11.96 -30.21 -19.81
N ASN G 165 -11.26 -29.16 -20.22
CA ASN G 165 -11.41 -27.88 -19.53
C ASN G 165 -12.78 -27.28 -19.73
N CYS G 166 -13.50 -27.68 -20.79
CA CYS G 166 -14.78 -27.07 -21.06
C CYS G 166 -15.83 -27.58 -20.08
N ASN G 167 -15.47 -28.54 -19.24
CA ASN G 167 -16.37 -29.04 -18.22
C ASN G 167 -16.38 -28.11 -17.02
N THR G 168 -15.23 -27.52 -16.67
CA THR G 168 -15.10 -26.70 -15.46
C THR G 168 -14.43 -25.34 -15.63
N SER G 169 -13.57 -25.13 -16.64
CA SER G 169 -12.82 -23.87 -16.65
C SER G 169 -12.27 -23.51 -18.02
N ALA G 170 -12.30 -22.22 -18.32
CA ALA G 170 -11.59 -21.71 -19.49
C ALA G 170 -10.10 -21.74 -19.21
N ILE G 171 -9.31 -22.02 -20.25
CA ILE G 171 -7.85 -22.10 -20.14
C ILE G 171 -7.18 -20.84 -20.62
N THR G 172 -6.18 -20.39 -19.87
CA THR G 172 -5.35 -19.27 -20.25
C THR G 172 -4.10 -19.91 -20.85
N GLN G 173 -3.70 -19.46 -22.03
CA GLN G 173 -2.51 -20.01 -22.66
C GLN G 173 -1.28 -19.40 -22.02
N ALA G 174 -0.37 -20.24 -21.55
CA ALA G 174 0.84 -19.70 -20.95
C ALA G 174 1.64 -18.97 -22.01
N CYS G 175 2.24 -17.86 -21.64
CA CYS G 175 3.06 -17.12 -22.59
C CYS G 175 4.29 -17.95 -22.94
N PRO G 176 4.58 -18.18 -24.23
CA PRO G 176 5.72 -19.05 -24.59
C PRO G 176 7.07 -18.49 -24.19
N LYS G 177 7.16 -17.21 -23.88
CA LYS G 177 8.42 -16.55 -23.56
C LYS G 177 8.81 -16.67 -22.08
N VAL G 178 7.97 -17.25 -21.22
CA VAL G 178 8.23 -17.32 -19.79
C VAL G 178 8.64 -18.74 -19.46
N SER G 179 9.88 -18.88 -18.99
CA SER G 179 10.46 -20.18 -18.62
C SER G 179 9.85 -20.71 -17.33
N PHE G 180 9.80 -22.05 -17.23
CA PHE G 180 9.37 -22.76 -16.04
C PHE G 180 10.54 -23.41 -15.30
N GLU G 181 11.77 -23.02 -15.60
CA GLU G 181 12.93 -23.61 -14.93
C GLU G 181 13.00 -23.10 -13.48
N PRO G 182 13.11 -23.99 -12.49
CA PRO G 182 13.25 -23.52 -11.10
C PRO G 182 14.49 -22.64 -10.89
N ILE G 183 14.29 -21.52 -10.19
CA ILE G 183 15.35 -20.61 -9.82
C ILE G 183 15.33 -20.48 -8.29
N PRO G 184 16.46 -20.64 -7.59
CA PRO G 184 16.40 -20.58 -6.12
C PRO G 184 15.95 -19.22 -5.61
N ILE G 185 15.13 -19.25 -4.56
CA ILE G 185 14.63 -18.05 -3.89
C ILE G 185 15.06 -18.10 -2.43
N HIS G 186 15.59 -16.98 -1.94
CA HIS G 186 16.01 -16.83 -0.55
C HIS G 186 14.94 -16.05 0.19
N TYR G 187 14.53 -16.51 1.37
CA TYR G 187 13.62 -15.75 2.22
C TYR G 187 14.41 -15.02 3.28
N CYS G 188 14.10 -13.74 3.48
CA CYS G 188 14.82 -12.88 4.41
C CYS G 188 13.88 -12.26 5.43
N ALA G 189 14.36 -12.17 6.67
CA ALA G 189 13.59 -11.60 7.75
C ALA G 189 13.50 -10.08 7.63
N PRO G 190 12.38 -9.46 8.01
CA PRO G 190 12.34 -8.01 8.12
C PRO G 190 13.07 -7.56 9.38
N ALA G 191 13.36 -6.26 9.44
CA ALA G 191 14.01 -5.71 10.63
C ALA G 191 13.18 -6.01 11.87
N GLY G 192 13.87 -6.31 12.97
CA GLY G 192 13.22 -6.65 14.22
C GLY G 192 12.99 -8.13 14.43
N PHE G 193 13.23 -8.96 13.40
CA PHE G 193 13.02 -10.41 13.44
C PHE G 193 14.32 -11.11 13.06
N ALA G 194 14.40 -12.40 13.42
CA ALA G 194 15.57 -13.20 13.10
C ALA G 194 15.13 -14.61 12.72
N ILE G 195 15.95 -15.26 11.88
CA ILE G 195 15.76 -16.63 11.47
C ILE G 195 16.81 -17.50 12.13
N LEU G 196 16.35 -18.54 12.84
CA LEU G 196 17.22 -19.49 13.52
C LEU G 196 17.28 -20.78 12.72
N LYS G 197 18.50 -21.23 12.41
CA LYS G 197 18.77 -22.43 11.65
C LYS G 197 19.21 -23.54 12.61
N CYS G 198 18.51 -24.67 12.58
CA CYS G 198 18.76 -25.78 13.51
C CYS G 198 20.20 -26.28 13.45
N LYS G 199 20.65 -26.70 12.26
CA LYS G 199 21.99 -27.27 12.06
C LYS G 199 22.27 -28.47 12.96
N ASP G 200 21.26 -29.27 13.28
CA ASP G 200 21.43 -30.44 14.15
C ASP G 200 21.42 -31.67 13.26
N LYS G 201 22.55 -32.38 13.19
CA LYS G 201 22.64 -33.54 12.33
C LYS G 201 21.64 -34.60 12.80
N LYS G 202 20.94 -35.23 11.87
CA LYS G 202 19.92 -36.24 12.19
C LYS G 202 18.76 -35.61 12.95
N PHE G 203 18.37 -34.40 12.55
CA PHE G 203 17.28 -33.69 13.21
C PHE G 203 15.93 -34.39 13.00
N ASN G 204 15.23 -34.58 14.11
CA ASN G 204 13.94 -35.26 14.16
C ASN G 204 12.85 -34.55 13.37
N GLY G 205 12.96 -33.24 13.22
CA GLY G 205 11.95 -32.42 12.60
C GLY G 205 11.21 -31.59 13.63
N THR G 206 11.21 -32.06 14.88
CA THR G 206 10.64 -31.38 16.03
C THR G 206 11.62 -31.57 17.19
N GLY G 207 11.52 -30.70 18.19
CA GLY G 207 12.31 -30.83 19.39
C GLY G 207 13.50 -29.91 19.42
N PRO G 208 14.30 -29.99 20.51
CA PRO G 208 15.43 -29.09 20.66
C PRO G 208 16.55 -29.34 19.66
N CYS G 209 17.19 -28.25 19.23
CA CYS G 209 18.39 -28.30 18.39
C CYS G 209 19.57 -27.79 19.20
N GLN G 210 20.69 -28.49 19.12
CA GLN G 210 21.88 -28.14 19.89
C GLN G 210 22.84 -27.22 19.16
N ASN G 211 22.65 -27.00 17.85
CA ASN G 211 23.57 -26.24 17.02
C ASN G 211 22.89 -25.01 16.41
N VAL G 212 21.94 -24.42 17.13
CA VAL G 212 21.16 -23.31 16.58
C VAL G 212 22.07 -22.14 16.21
N SER G 213 21.89 -21.62 15.00
CA SER G 213 22.68 -20.51 14.47
C SER G 213 21.75 -19.47 13.85
N THR G 214 22.07 -18.19 14.01
CA THR G 214 21.22 -17.13 13.47
C THR G 214 21.72 -16.76 12.08
N VAL G 215 20.79 -16.64 11.13
CA VAL G 215 21.11 -16.25 9.77
C VAL G 215 20.26 -15.07 9.35
N GLN G 216 20.80 -14.28 8.40
CA GLN G 216 20.03 -13.17 7.85
C GLN G 216 18.93 -13.67 6.93
N CYS G 217 19.23 -14.72 6.15
CA CYS G 217 18.31 -15.25 5.16
C CYS G 217 18.53 -16.76 5.09
N THR G 218 17.57 -17.45 4.50
CA THR G 218 17.71 -18.87 4.29
C THR G 218 18.57 -19.15 3.06
N HIS G 219 18.93 -20.41 2.87
CA HIS G 219 19.65 -20.77 1.66
C HIS G 219 18.67 -20.68 0.50
N GLY G 220 19.18 -20.73 -0.73
CA GLY G 220 18.28 -20.66 -1.85
C GLY G 220 17.50 -21.95 -1.95
N ILE G 221 16.19 -21.81 -2.14
CA ILE G 221 15.28 -22.95 -2.26
C ILE G 221 14.69 -22.91 -3.66
N LYS G 222 14.84 -23.99 -4.38
CA LYS G 222 14.30 -24.05 -5.72
C LYS G 222 12.81 -24.38 -5.64
N PRO G 223 11.91 -23.62 -6.29
CA PRO G 223 10.49 -23.99 -6.20
C PRO G 223 10.15 -25.14 -7.14
N VAL G 224 10.71 -26.30 -6.85
CA VAL G 224 10.52 -27.48 -7.69
C VAL G 224 9.19 -28.11 -7.34
N VAL G 225 8.38 -28.36 -8.37
CA VAL G 225 7.05 -28.94 -8.21
C VAL G 225 7.13 -30.39 -8.67
N SER G 226 6.76 -31.31 -7.78
CA SER G 226 6.74 -32.72 -8.11
C SER G 226 5.81 -33.42 -7.13
N THR G 227 5.44 -34.65 -7.47
CA THR G 227 4.67 -35.51 -6.59
C THR G 227 5.47 -36.80 -6.35
N GLN G 228 5.19 -37.44 -5.22
CA GLN G 228 5.71 -38.75 -4.85
C GLN G 228 7.22 -38.79 -4.59
N LEU G 229 8.03 -38.24 -5.49
CA LEU G 229 9.48 -38.18 -5.32
C LEU G 229 9.92 -36.72 -5.33
N LEU G 230 10.65 -36.30 -4.30
CA LEU G 230 11.13 -34.93 -4.23
C LEU G 230 12.38 -34.82 -5.10
N LEU G 231 12.45 -33.78 -5.94
CA LEU G 231 13.56 -33.59 -6.84
C LEU G 231 14.35 -32.33 -6.52
N ASN G 232 15.66 -32.39 -6.80
CA ASN G 232 16.58 -31.25 -6.72
C ASN G 232 16.49 -30.54 -5.37
N GLY G 233 16.33 -31.31 -4.30
CA GLY G 233 16.27 -30.79 -2.96
C GLY G 233 17.58 -30.96 -2.22
N SER G 234 17.51 -30.80 -0.90
CA SER G 234 18.68 -30.96 -0.05
C SER G 234 18.79 -32.42 0.39
N LEU G 235 20.02 -32.88 0.57
CA LEU G 235 20.28 -34.23 1.08
C LEU G 235 20.62 -34.21 2.56
N ALA G 236 20.34 -35.33 3.21
CA ALA G 236 20.74 -35.54 4.59
C ALA G 236 22.26 -35.70 4.65
N GLU G 237 22.86 -35.29 5.77
CA GLU G 237 24.31 -35.36 5.89
C GLU G 237 24.83 -36.67 6.46
N GLU G 238 24.10 -37.32 7.37
CA GLU G 238 24.60 -38.53 8.02
C GLU G 238 23.84 -39.80 7.66
N GLU G 239 22.53 -39.74 7.53
CA GLU G 239 21.73 -40.94 7.28
C GLU G 239 20.41 -40.52 6.67
N VAL G 240 19.64 -41.52 6.21
CA VAL G 240 18.28 -41.23 5.75
C VAL G 240 17.45 -40.86 6.96
N ILE G 241 16.74 -39.74 6.88
CA ILE G 241 15.95 -39.22 7.99
C ILE G 241 14.48 -39.31 7.63
N ILE G 242 13.70 -39.96 8.50
CA ILE G 242 12.27 -40.15 8.30
C ILE G 242 11.55 -39.24 9.27
N ARG G 243 10.72 -38.33 8.75
CA ARG G 243 10.02 -37.35 9.57
C ARG G 243 8.53 -37.38 9.28
N SER G 244 7.73 -37.23 10.32
CA SER G 244 6.28 -37.10 10.16
C SER G 244 5.72 -36.36 11.36
N GLU G 245 4.55 -35.76 11.16
CA GLU G 245 3.86 -35.11 12.28
C GLU G 245 3.47 -36.14 13.34
N ASN G 246 3.00 -37.31 12.89
CA ASN G 246 2.55 -38.37 13.78
C ASN G 246 2.71 -39.66 13.01
N ILE G 247 3.54 -40.57 13.52
CA ILE G 247 3.77 -41.83 12.83
C ILE G 247 2.58 -42.77 13.03
N THR G 248 2.04 -42.81 14.25
CA THR G 248 0.92 -43.68 14.55
C THR G 248 -0.30 -43.36 13.70
N ASN G 249 -0.57 -42.08 13.47
CA ASN G 249 -1.75 -41.66 12.72
C ASN G 249 -1.51 -41.88 11.24
N ASN G 250 -2.26 -42.79 10.63
CA ASN G 250 -2.06 -43.16 9.24
C ASN G 250 -2.48 -42.07 8.26
N ALA G 251 -3.14 -41.01 8.74
CA ALA G 251 -3.58 -39.93 7.86
C ALA G 251 -2.46 -38.93 7.55
N LYS G 252 -1.33 -39.01 8.24
CA LYS G 252 -0.23 -38.08 8.05
C LYS G 252 0.75 -38.63 7.03
N ASN G 253 1.43 -37.74 6.32
CA ASN G 253 2.42 -38.14 5.35
C ASN G 253 3.78 -38.26 6.02
N ILE G 254 4.61 -39.14 5.47
CA ILE G 254 5.97 -39.37 5.94
C ILE G 254 6.93 -38.83 4.88
N LEU G 255 7.81 -37.92 5.28
CA LEU G 255 8.82 -37.34 4.41
C LEU G 255 10.15 -38.01 4.71
N VAL G 256 10.73 -38.67 3.72
CA VAL G 256 11.98 -39.39 3.88
C VAL G 256 13.04 -38.60 3.12
N GLN G 257 14.03 -38.10 3.84
CA GLN G 257 15.11 -37.32 3.25
C GLN G 257 16.32 -38.24 3.11
N LEU G 258 16.83 -38.38 1.89
CA LEU G 258 17.93 -39.30 1.62
C LEU G 258 19.25 -38.61 1.89
N ASN G 259 20.27 -39.41 2.22
CA ASN G 259 21.63 -38.90 2.39
C ASN G 259 22.44 -39.02 1.11
N THR G 260 21.87 -39.60 0.05
CA THR G 260 22.49 -39.69 -1.26
C THR G 260 21.40 -39.35 -2.25
N SER G 261 21.82 -38.92 -3.45
CA SER G 261 20.86 -38.64 -4.50
C SER G 261 20.79 -39.82 -5.45
N VAL G 262 19.64 -39.97 -6.10
CA VAL G 262 19.46 -40.98 -7.16
C VAL G 262 19.27 -40.24 -8.47
N GLN G 263 20.07 -40.58 -9.48
CA GLN G 263 20.01 -39.87 -10.75
C GLN G 263 18.91 -40.43 -11.63
N ILE G 264 18.06 -39.52 -12.11
CA ILE G 264 16.90 -39.78 -12.96
C ILE G 264 17.12 -39.14 -14.32
N ASN G 265 17.02 -39.95 -15.39
CA ASN G 265 17.18 -39.46 -16.77
C ASN G 265 15.83 -39.54 -17.48
N CYS G 266 15.15 -38.41 -17.66
CA CYS G 266 13.82 -38.38 -18.26
C CYS G 266 13.89 -37.78 -19.66
N THR G 267 13.06 -38.30 -20.57
CA THR G 267 13.10 -37.82 -21.94
C THR G 267 11.76 -37.99 -22.66
N ARG G 268 11.60 -37.14 -23.68
CA ARG G 268 10.55 -37.17 -24.69
C ARG G 268 11.33 -37.26 -26.01
N PRO G 269 11.62 -38.49 -26.47
CA PRO G 269 12.50 -38.66 -27.65
C PRO G 269 11.98 -38.10 -28.96
N SER G 270 10.69 -37.86 -29.11
CA SER G 270 10.16 -37.44 -30.40
C SER G 270 10.56 -36.01 -30.76
N ASN G 271 10.89 -35.81 -32.04
CA ASN G 271 11.31 -34.50 -32.56
C ASN G 271 10.06 -33.71 -32.92
N ASN G 272 9.42 -33.21 -31.87
CA ASN G 272 8.14 -32.51 -32.00
C ASN G 272 8.29 -31.12 -32.60
N THR G 273 7.34 -30.75 -33.45
CA THR G 273 7.27 -29.42 -34.06
C THR G 273 6.14 -28.63 -33.41
N VAL G 274 6.17 -27.31 -33.57
CA VAL G 274 5.14 -26.41 -33.07
C VAL G 274 4.65 -25.52 -34.20
N LYS G 275 3.33 -25.43 -34.36
CA LYS G 275 2.71 -24.55 -35.34
C LYS G 275 1.93 -23.49 -34.59
N SER G 276 1.60 -22.39 -35.26
CA SER G 276 0.78 -21.37 -34.62
C SER G 276 -0.14 -20.71 -35.64
N ILE G 277 -1.26 -20.21 -35.12
CA ILE G 277 -2.26 -19.48 -35.88
C ILE G 277 -2.68 -18.23 -35.12
N ARG G 278 -3.21 -17.26 -35.86
CA ARG G 278 -3.81 -16.09 -35.24
C ARG G 278 -5.24 -16.44 -34.88
N ILE G 279 -5.72 -15.95 -33.74
CA ILE G 279 -7.09 -16.19 -33.30
C ILE G 279 -7.86 -14.92 -33.02
N GLY G 280 -7.24 -13.75 -33.13
CA GLY G 280 -7.91 -12.51 -32.82
C GLY G 280 -7.02 -11.31 -32.99
N PRO G 281 -7.56 -10.14 -32.74
CA PRO G 281 -6.78 -8.92 -32.95
C PRO G 281 -5.68 -8.74 -31.91
N GLY G 282 -4.58 -9.46 -32.08
CA GLY G 282 -3.49 -9.45 -31.14
C GLY G 282 -3.30 -10.72 -30.34
N GLN G 283 -3.97 -11.82 -30.72
CA GLN G 283 -3.84 -13.09 -30.01
C GLN G 283 -3.45 -14.18 -31.01
N ALA G 284 -2.68 -15.14 -30.51
CA ALA G 284 -2.26 -16.27 -31.31
C ALA G 284 -2.23 -17.53 -30.45
N PHE G 285 -2.55 -18.64 -31.09
CA PHE G 285 -2.62 -19.95 -30.47
C PHE G 285 -1.51 -20.83 -31.02
N TYR G 286 -0.81 -21.52 -30.13
CA TYR G 286 0.26 -22.45 -30.48
C TYR G 286 -0.26 -23.85 -30.29
N TYR G 287 0.09 -24.75 -31.23
CA TYR G 287 -0.41 -26.11 -31.15
C TYR G 287 0.59 -27.11 -31.68
N PHE G 288 0.37 -28.35 -31.26
CA PHE G 288 1.19 -29.49 -31.61
C PHE G 288 1.09 -29.68 -33.11
N GLY G 289 2.22 -29.82 -33.78
CA GLY G 289 2.26 -29.98 -35.22
C GLY G 289 2.50 -31.41 -35.63
N ASP G 290 3.38 -31.60 -36.60
CA ASP G 290 3.68 -32.92 -37.10
C ASP G 290 4.82 -33.51 -36.27
N VAL G 291 5.21 -34.74 -36.56
CA VAL G 291 6.33 -35.41 -35.91
C VAL G 291 7.35 -35.72 -36.98
N LEU G 292 8.56 -35.18 -36.83
CA LEU G 292 9.62 -35.35 -37.82
C LEU G 292 10.41 -36.62 -37.51
N GLY G 293 9.74 -37.75 -37.62
CA GLY G 293 10.32 -39.02 -37.29
C GLY G 293 9.26 -39.94 -36.72
N HIS G 294 9.73 -40.97 -36.03
CA HIS G 294 8.84 -41.94 -35.43
C HIS G 294 8.17 -41.37 -34.19
N VAL G 295 6.97 -41.85 -33.91
CA VAL G 295 6.30 -41.52 -32.66
C VAL G 295 6.83 -42.48 -31.61
N ARG G 296 7.29 -41.93 -30.49
CA ARG G 296 7.88 -42.72 -29.42
C ARG G 296 7.27 -42.34 -28.08
N MET G 297 7.32 -43.28 -27.15
CA MET G 297 6.71 -43.12 -25.84
C MET G 297 7.66 -42.30 -24.96
N ALA G 298 7.12 -41.29 -24.29
CA ALA G 298 7.96 -40.56 -23.35
C ALA G 298 8.27 -41.51 -22.20
N HIS G 299 9.47 -41.39 -21.64
CA HIS G 299 9.82 -42.33 -20.58
C HIS G 299 10.94 -41.75 -19.74
N CYS G 300 11.24 -42.46 -18.66
CA CYS G 300 12.30 -42.02 -17.78
C CYS G 300 13.02 -43.21 -17.15
N ASN G 301 14.35 -43.15 -17.12
CA ASN G 301 15.20 -44.24 -16.63
C ASN G 301 15.76 -43.91 -15.25
N ILE G 302 15.76 -44.90 -14.37
CA ILE G 302 16.38 -44.85 -13.05
C ILE G 302 17.30 -46.05 -12.91
N SER G 303 18.48 -45.86 -12.33
CA SER G 303 19.36 -47.00 -12.14
C SER G 303 18.71 -48.00 -11.19
N LYS G 304 18.76 -49.28 -11.54
CA LYS G 304 18.07 -50.28 -10.75
C LYS G 304 18.80 -50.60 -9.44
N ALA G 305 20.12 -50.75 -9.50
CA ALA G 305 20.88 -51.09 -8.29
C ALA G 305 20.84 -49.94 -7.29
N THR G 306 20.93 -48.71 -7.79
CA THR G 306 20.93 -47.55 -6.91
C THR G 306 19.59 -47.44 -6.20
N TRP G 307 18.49 -47.61 -6.95
CA TRP G 307 17.18 -47.54 -6.34
C TRP G 307 17.00 -48.65 -5.31
N ASN G 308 17.43 -49.86 -5.63
CA ASN G 308 17.27 -50.96 -4.68
C ASN G 308 18.06 -50.70 -3.40
N GLU G 309 19.27 -50.15 -3.53
CA GLU G 309 20.06 -49.82 -2.35
C GLU G 309 19.41 -48.70 -1.54
N THR G 310 18.89 -47.68 -2.24
CA THR G 310 18.25 -46.57 -1.54
C THR G 310 17.03 -47.07 -0.78
N LEU G 311 16.23 -47.93 -1.41
CA LEU G 311 15.04 -48.43 -0.75
C LEU G 311 15.44 -49.29 0.45
N GLY G 312 16.52 -50.06 0.32
CA GLY G 312 17.00 -50.83 1.45
C GLY G 312 17.40 -49.94 2.62
N LYS G 313 18.06 -48.81 2.32
CA LYS G 313 18.41 -47.87 3.38
C LYS G 313 17.15 -47.31 4.03
N VAL G 314 16.14 -47.01 3.22
CA VAL G 314 14.90 -46.46 3.76
C VAL G 314 14.24 -47.46 4.69
N VAL G 315 14.16 -48.73 4.29
CA VAL G 315 13.53 -49.72 5.17
C VAL G 315 14.36 -49.88 6.44
N LYS G 316 15.69 -49.95 6.33
CA LYS G 316 16.52 -50.11 7.52
C LYS G 316 16.27 -49.01 8.54
N GLN G 317 16.14 -47.76 8.08
CA GLN G 317 15.86 -46.68 9.02
C GLN G 317 14.40 -46.69 9.46
N LEU G 318 13.48 -47.09 8.58
CA LEU G 318 12.06 -47.09 8.87
C LEU G 318 11.70 -48.09 9.97
N ARG G 319 12.39 -49.23 10.01
CA ARG G 319 12.11 -50.25 11.02
C ARG G 319 12.23 -49.74 12.46
N LYS G 320 13.02 -48.68 12.68
CA LYS G 320 13.22 -48.17 14.04
C LYS G 320 11.94 -47.73 14.71
N HIS G 321 10.90 -47.37 13.94
CA HIS G 321 9.65 -46.88 14.50
C HIS G 321 8.55 -47.93 14.56
N PHE G 322 8.81 -49.15 14.06
CA PHE G 322 7.82 -50.22 14.00
C PHE G 322 8.27 -51.50 14.66
N GLY G 323 9.57 -51.80 14.68
CA GLY G 323 10.09 -53.03 15.25
C GLY G 323 11.00 -53.75 14.29
N ASN G 324 11.85 -54.64 14.81
CA ASN G 324 12.81 -55.38 14.00
C ASN G 324 12.31 -56.77 13.60
N ASN G 325 11.05 -57.10 13.94
CA ASN G 325 10.46 -58.38 13.57
C ASN G 325 9.24 -58.20 12.67
N THR G 326 9.16 -57.06 11.98
CA THR G 326 8.03 -56.72 11.12
C THR G 326 8.41 -56.92 9.67
N ILE G 327 7.41 -56.81 8.79
CA ILE G 327 7.60 -56.87 7.35
C ILE G 327 7.16 -55.52 6.80
N ILE G 328 8.03 -54.88 6.03
CA ILE G 328 7.73 -53.60 5.41
C ILE G 328 7.55 -53.87 3.92
N ARG G 329 6.37 -53.55 3.39
CA ARG G 329 6.07 -53.82 1.99
C ARG G 329 5.75 -52.48 1.33
N PHE G 330 6.16 -52.35 0.08
CA PHE G 330 5.88 -51.16 -0.72
C PHE G 330 4.95 -51.56 -1.85
N ALA G 331 4.03 -50.65 -2.18
CA ALA G 331 3.04 -50.83 -3.21
C ALA G 331 2.80 -49.49 -3.91
N GLN G 332 2.24 -49.55 -5.10
CA GLN G 332 1.97 -48.32 -5.85
C GLN G 332 0.76 -47.61 -5.29
N SER G 333 0.44 -46.45 -5.88
CA SER G 333 -0.71 -45.68 -5.45
C SER G 333 -1.99 -46.43 -5.81
N SER G 334 -3.12 -45.97 -5.24
CA SER G 334 -4.40 -46.64 -5.45
C SER G 334 -5.32 -45.74 -6.24
N GLY G 335 -6.13 -44.90 -5.60
CA GLY G 335 -7.11 -44.10 -6.31
C GLY G 335 -6.61 -42.72 -6.70
N GLY G 336 -7.50 -41.97 -7.34
CA GLY G 336 -7.23 -40.63 -7.81
C GLY G 336 -6.86 -40.58 -9.28
N ASP G 337 -6.69 -39.35 -9.76
CA ASP G 337 -6.32 -39.09 -11.14
C ASP G 337 -4.79 -39.01 -11.23
N LEU G 338 -4.27 -38.63 -12.40
CA LEU G 338 -2.82 -38.64 -12.58
C LEU G 338 -2.09 -37.61 -11.74
N GLU G 339 -2.80 -36.66 -11.11
CA GLU G 339 -2.12 -35.70 -10.26
C GLU G 339 -1.58 -36.33 -8.98
N VAL G 340 -2.24 -37.38 -8.48
CA VAL G 340 -1.84 -38.02 -7.23
C VAL G 340 -1.46 -39.48 -7.42
N THR G 341 -1.92 -40.15 -8.46
CA THR G 341 -1.62 -41.56 -8.66
C THR G 341 -0.29 -41.78 -9.36
N THR G 342 0.24 -40.77 -10.04
CA THR G 342 1.51 -40.84 -10.73
C THR G 342 2.47 -39.75 -10.26
N HIS G 343 3.74 -39.96 -10.58
CA HIS G 343 4.77 -38.95 -10.36
C HIS G 343 4.58 -37.89 -11.42
N SER G 344 4.80 -36.63 -11.08
CA SER G 344 4.67 -35.57 -12.08
C SER G 344 5.81 -34.57 -11.95
N PHE G 345 6.20 -33.98 -13.07
CA PHE G 345 7.28 -33.00 -13.04
C PHE G 345 7.30 -32.15 -14.30
N ASN G 346 8.01 -31.03 -14.21
CA ASN G 346 8.23 -30.12 -15.33
C ASN G 346 9.66 -30.31 -15.84
N CYS G 347 9.80 -30.89 -17.03
CA CYS G 347 11.09 -31.22 -17.65
C CYS G 347 11.19 -30.48 -18.97
N GLY G 348 12.06 -29.47 -19.01
CA GLY G 348 12.26 -28.72 -20.23
C GLY G 348 11.14 -27.78 -20.56
N GLY G 349 10.15 -27.67 -19.68
CA GLY G 349 8.95 -26.90 -19.90
C GLY G 349 7.75 -27.78 -20.24
N GLU G 350 7.97 -29.08 -20.47
CA GLU G 350 6.89 -30.01 -20.70
C GLU G 350 6.50 -30.66 -19.38
N PHE G 351 5.23 -31.06 -19.27
CA PHE G 351 4.71 -31.66 -18.05
C PHE G 351 4.56 -33.17 -18.21
N PHE G 352 5.37 -33.92 -17.47
CA PHE G 352 5.43 -35.38 -17.55
C PHE G 352 4.66 -35.97 -16.38
N TYR G 353 3.96 -37.08 -16.64
CA TYR G 353 3.33 -37.91 -15.61
C TYR G 353 3.84 -39.33 -15.80
N CYS G 354 4.47 -39.89 -14.77
CA CYS G 354 5.13 -41.20 -14.85
C CYS G 354 4.53 -42.21 -13.89
N ASN G 355 4.36 -43.44 -14.40
CA ASN G 355 3.66 -44.51 -13.70
C ASN G 355 4.22 -44.80 -12.30
N THR G 356 5.51 -45.04 -12.20
CA THR G 356 6.25 -45.38 -10.97
C THR G 356 5.90 -46.72 -10.34
N SER G 357 4.98 -47.51 -10.87
CA SER G 357 4.60 -48.74 -10.15
C SER G 357 5.78 -49.70 -10.05
N GLY G 358 6.74 -49.60 -10.97
CA GLY G 358 7.93 -50.42 -10.93
C GLY G 358 8.89 -50.05 -9.82
N LEU G 359 8.68 -48.91 -9.14
CA LEU G 359 9.54 -48.47 -8.06
C LEU G 359 9.08 -48.91 -6.69
N PHE G 360 7.80 -49.22 -6.52
CA PHE G 360 7.22 -49.52 -5.21
C PHE G 360 6.41 -50.80 -5.30
N ASN G 361 7.11 -51.93 -5.44
CA ASN G 361 6.47 -53.24 -5.49
C ASN G 361 7.47 -54.21 -4.85
N SER G 362 7.44 -54.30 -3.52
CA SER G 362 8.43 -55.14 -2.86
C SER G 362 7.97 -55.51 -1.46
N THR G 363 8.52 -56.62 -0.95
CA THR G 363 8.31 -57.04 0.43
C THR G 363 9.67 -57.23 1.07
N TRP G 364 9.90 -56.53 2.18
CA TRP G 364 11.16 -56.53 2.93
C TRP G 364 10.93 -57.26 4.25
N ILE G 365 11.55 -58.42 4.39
CA ILE G 365 11.39 -59.30 5.56
C ILE G 365 12.75 -59.33 6.25
N SER G 366 12.75 -58.98 7.54
CA SER G 366 13.92 -58.92 8.45
C SER G 366 15.21 -59.61 8.01
N ASP G 380 19.94 -53.61 -15.64
CA ASP G 380 20.70 -52.60 -14.91
C ASP G 380 19.98 -51.26 -14.82
N SER G 381 18.94 -51.06 -15.64
CA SER G 381 18.21 -49.80 -15.71
C SER G 381 16.72 -50.08 -15.73
N LEU G 382 15.98 -49.40 -14.87
CA LEU G 382 14.54 -49.54 -14.75
C LEU G 382 13.88 -48.39 -15.50
N ILE G 383 13.02 -48.74 -16.46
CA ILE G 383 12.40 -47.79 -17.38
C ILE G 383 10.95 -47.61 -16.96
N LEU G 384 10.55 -46.37 -16.69
CA LEU G 384 9.19 -46.04 -16.32
C LEU G 384 8.51 -45.35 -17.49
N PRO G 385 7.32 -45.79 -17.93
CA PRO G 385 6.62 -45.05 -18.99
C PRO G 385 6.05 -43.76 -18.45
N CYS G 386 5.98 -42.76 -19.32
CA CYS G 386 5.43 -41.46 -18.95
C CYS G 386 4.53 -40.93 -20.05
N TRP G 387 3.50 -40.19 -19.63
CA TRP G 387 2.56 -39.53 -20.51
C TRP G 387 2.75 -38.02 -20.42
N ILE G 388 2.43 -37.33 -21.51
CA ILE G 388 2.50 -35.88 -21.60
C ILE G 388 1.07 -35.35 -21.64
N LYS G 389 0.80 -34.32 -20.83
CA LYS G 389 -0.54 -33.72 -20.76
C LYS G 389 -0.37 -32.22 -20.89
N GLN G 390 -1.18 -31.60 -21.76
CA GLN G 390 -1.11 -30.15 -21.99
C GLN G 390 -2.11 -29.34 -21.17
N ILE G 391 -3.19 -29.95 -20.69
CA ILE G 391 -4.22 -29.23 -19.94
C ILE G 391 -3.93 -29.51 -18.48
N ILE G 392 -3.57 -28.46 -17.75
CA ILE G 392 -2.99 -28.56 -16.42
C ILE G 392 -3.88 -27.85 -15.41
N ASN G 393 -4.09 -28.50 -14.25
CA ASN G 393 -4.88 -27.96 -13.12
C ASN G 393 -3.98 -28.00 -11.89
N MET G 394 -3.11 -27.00 -11.75
CA MET G 394 -2.10 -26.96 -10.69
C MET G 394 -2.69 -26.56 -9.34
N TRP G 395 -1.92 -26.90 -8.30
CA TRP G 395 -2.18 -26.50 -6.92
C TRP G 395 -3.49 -27.07 -6.38
N GLN G 396 -4.00 -28.15 -6.99
CA GLN G 396 -5.27 -28.76 -6.60
C GLN G 396 -6.43 -27.77 -6.64
N ARG G 397 -6.37 -26.80 -7.54
CA ARG G 397 -7.46 -25.85 -7.71
C ARG G 397 -8.43 -26.34 -8.76
N ILE G 398 -9.70 -25.96 -8.59
CA ILE G 398 -10.77 -26.27 -9.53
C ILE G 398 -11.31 -24.94 -10.03
N GLY G 399 -11.45 -24.83 -11.34
CA GLY G 399 -11.95 -23.62 -11.97
C GLY G 399 -10.91 -22.75 -12.62
N GLN G 400 -9.61 -23.05 -12.46
CA GLN G 400 -8.52 -22.25 -13.06
C GLN G 400 -7.57 -23.17 -13.83
N ALA G 401 -7.97 -23.55 -15.03
CA ALA G 401 -7.19 -24.46 -15.85
C ALA G 401 -6.11 -23.70 -16.63
N MET G 402 -5.00 -24.38 -16.90
CA MET G 402 -3.88 -23.84 -17.65
C MET G 402 -3.54 -24.75 -18.83
N TYR G 403 -3.18 -24.13 -19.95
CA TYR G 403 -2.75 -24.83 -21.16
C TYR G 403 -1.26 -24.60 -21.38
N ALA G 404 -0.49 -25.67 -21.47
CA ALA G 404 0.95 -25.57 -21.70
C ALA G 404 1.23 -25.62 -23.20
N PRO G 405 1.85 -24.61 -23.81
CA PRO G 405 2.17 -24.72 -25.22
C PRO G 405 3.14 -25.85 -25.46
N PRO G 406 3.08 -26.50 -26.62
CA PRO G 406 4.09 -27.53 -26.92
C PRO G 406 5.44 -26.88 -27.18
N ILE G 407 6.49 -27.64 -26.90
CA ILE G 407 7.87 -27.20 -27.08
C ILE G 407 8.49 -28.00 -28.23
N GLN G 408 9.02 -27.27 -29.22
CA GLN G 408 9.62 -27.89 -30.38
C GLN G 408 10.92 -28.58 -30.02
N GLY G 409 11.13 -29.78 -30.56
CA GLY G 409 12.35 -30.53 -30.36
C GLY G 409 12.22 -31.68 -29.39
N VAL G 410 13.34 -32.35 -29.20
CA VAL G 410 13.45 -33.52 -28.34
C VAL G 410 13.85 -33.03 -26.96
N ILE G 411 13.18 -33.51 -25.91
CA ILE G 411 13.40 -33.02 -24.56
C ILE G 411 14.11 -34.10 -23.74
N ARG G 412 15.19 -33.71 -23.08
CA ARG G 412 15.90 -34.58 -22.14
C ARG G 412 16.29 -33.76 -20.93
N CYS G 413 16.18 -34.36 -19.74
CA CYS G 413 16.64 -33.71 -18.52
C CYS G 413 17.14 -34.75 -17.54
N VAL G 414 17.98 -34.30 -16.62
CA VAL G 414 18.56 -35.12 -15.56
C VAL G 414 18.19 -34.49 -14.22
N SER G 415 17.54 -35.27 -13.37
CA SER G 415 17.08 -34.84 -12.05
C SER G 415 17.68 -35.73 -10.96
N ASN G 416 17.74 -35.19 -9.75
CA ASN G 416 18.18 -35.91 -8.57
C ASN G 416 16.99 -36.23 -7.68
N ILE G 417 16.85 -37.49 -7.26
CA ILE G 417 15.86 -37.80 -6.23
C ILE G 417 16.58 -37.50 -4.93
N THR G 418 16.00 -36.59 -4.14
CA THR G 418 16.55 -36.17 -2.87
C THR G 418 15.64 -36.54 -1.71
N GLY G 419 14.47 -37.11 -1.97
CA GLY G 419 13.58 -37.48 -0.91
C GLY G 419 12.32 -38.11 -1.47
N LEU G 420 11.64 -38.85 -0.59
CA LEU G 420 10.43 -39.58 -0.91
C LEU G 420 9.29 -39.11 -0.02
N ILE G 421 8.07 -39.26 -0.52
CA ILE G 421 6.85 -39.11 0.27
C ILE G 421 6.22 -40.50 0.35
N LEU G 422 5.91 -40.94 1.56
CA LEU G 422 5.26 -42.23 1.78
C LEU G 422 4.07 -42.05 2.70
N THR G 423 3.05 -42.89 2.53
CA THR G 423 1.91 -42.94 3.44
C THR G 423 1.71 -44.36 3.92
N ARG G 424 1.09 -44.49 5.09
CA ARG G 424 0.76 -45.79 5.64
C ARG G 424 -0.60 -46.25 5.14
N ASP G 425 -0.84 -47.55 5.25
CA ASP G 425 -2.09 -48.17 4.82
C ASP G 425 -2.62 -49.02 5.96
N SER G 431 -1.65 -57.23 13.02
CA SER G 431 -0.88 -57.47 11.81
C SER G 431 0.57 -57.04 12.01
N THR G 432 1.49 -57.80 11.39
CA THR G 432 2.91 -57.51 11.45
C THR G 432 3.48 -56.97 10.14
N THR G 433 2.64 -56.79 9.12
CA THR G 433 3.07 -56.32 7.81
C THR G 433 2.46 -54.94 7.58
N GLU G 434 3.30 -53.98 7.22
CA GLU G 434 2.87 -52.60 6.97
C GLU G 434 3.16 -52.25 5.52
N THR G 435 2.13 -51.77 4.81
CA THR G 435 2.24 -51.43 3.39
C THR G 435 2.32 -49.91 3.22
N PHE G 436 3.33 -49.46 2.49
CA PHE G 436 3.57 -48.05 2.21
C PHE G 436 3.32 -47.75 0.74
N ARG G 437 2.75 -46.57 0.47
CA ARG G 437 2.41 -46.11 -0.87
C ARG G 437 2.98 -44.72 -1.10
N PRO G 438 3.27 -44.35 -2.36
CA PRO G 438 3.79 -42.98 -2.62
C PRO G 438 2.99 -41.82 -2.06
N GLY G 439 1.66 -41.88 -2.07
CA GLY G 439 0.86 -40.79 -1.53
C GLY G 439 1.20 -39.45 -2.17
N GLY G 440 1.42 -38.44 -1.34
CA GLY G 440 1.77 -37.12 -1.83
C GLY G 440 0.60 -36.35 -2.39
N GLY G 441 0.92 -35.30 -3.16
CA GLY G 441 -0.06 -34.45 -3.80
C GLY G 441 -0.28 -33.10 -3.15
N ASP G 442 0.07 -32.91 -1.88
CA ASP G 442 -0.10 -31.63 -1.20
C ASP G 442 1.26 -30.95 -1.26
N MET G 443 1.35 -29.87 -2.06
CA MET G 443 2.63 -29.23 -2.31
C MET G 443 3.33 -28.69 -1.08
N ARG G 444 2.62 -28.40 0.01
CA ARG G 444 3.33 -27.90 1.19
C ARG G 444 4.28 -28.97 1.72
N ASP G 445 3.97 -30.24 1.48
CA ASP G 445 4.84 -31.31 1.94
C ASP G 445 6.15 -31.30 1.18
N ASN G 446 6.20 -30.67 0.01
CA ASN G 446 7.42 -30.60 -0.77
C ASN G 446 8.32 -29.47 -0.32
N TRP G 447 7.83 -28.58 0.54
CA TRP G 447 8.61 -27.45 1.03
C TRP G 447 9.01 -27.57 2.48
N ARG G 448 8.26 -28.34 3.28
CA ARG G 448 8.67 -28.58 4.65
C ARG G 448 10.00 -29.30 4.67
N SER G 449 10.23 -30.18 3.68
CA SER G 449 11.45 -30.95 3.60
C SER G 449 12.67 -30.06 3.42
N GLU G 450 12.48 -28.79 3.05
CA GLU G 450 13.55 -27.83 2.93
C GLU G 450 13.49 -26.79 4.03
N LEU G 451 12.30 -26.42 4.48
CA LEU G 451 12.12 -25.39 5.49
C LEU G 451 12.15 -25.93 6.92
N TYR G 452 12.27 -27.24 7.09
CA TYR G 452 12.26 -27.86 8.41
C TYR G 452 13.33 -27.33 9.36
N LYS G 453 14.42 -26.78 8.84
CA LYS G 453 15.50 -26.32 9.71
C LYS G 453 15.43 -24.85 10.10
N TYR G 454 14.42 -24.10 9.66
CA TYR G 454 14.32 -22.67 9.96
C TYR G 454 13.12 -22.34 10.83
N LYS G 455 13.33 -21.39 11.75
CA LYS G 455 12.28 -20.86 12.62
C LYS G 455 12.40 -19.34 12.64
N VAL G 456 11.26 -18.66 12.70
CA VAL G 456 11.22 -17.19 12.75
C VAL G 456 10.92 -16.79 14.18
N VAL G 457 11.75 -15.89 14.72
CA VAL G 457 11.55 -15.35 16.06
C VAL G 457 11.56 -13.83 16.00
N LYS G 458 10.90 -13.23 16.97
CA LYS G 458 10.83 -11.78 17.13
C LYS G 458 11.73 -11.35 18.27
N ILE G 459 12.46 -10.28 18.07
CA ILE G 459 13.36 -9.75 19.10
C ILE G 459 12.58 -8.79 19.98
N GLU G 460 12.71 -8.95 21.29
CA GLU G 460 12.05 -8.09 22.28
C GLU G 460 13.12 -7.53 23.20
N PRO G 461 13.91 -6.57 22.72
CA PRO G 461 15.14 -6.14 23.39
C PRO G 461 14.89 -5.16 24.53
N LEU G 462 14.03 -5.55 25.48
CA LEU G 462 13.73 -4.70 26.61
C LEU G 462 13.43 -5.60 27.80
N GLY G 463 14.08 -5.31 28.92
CA GLY G 463 13.84 -6.11 30.11
C GLY G 463 14.42 -5.42 31.33
N VAL G 464 14.22 -6.05 32.48
CA VAL G 464 14.64 -5.50 33.76
C VAL G 464 15.43 -6.55 34.52
N ALA G 465 16.24 -6.07 35.46
CA ALA G 465 16.97 -6.99 36.33
C ALA G 465 17.39 -6.25 37.59
N PRO G 466 17.51 -6.92 38.73
CA PRO G 466 18.00 -6.23 39.93
C PRO G 466 19.49 -5.95 39.87
N THR G 467 19.87 -4.75 40.28
CA THR G 467 21.29 -4.38 40.43
C THR G 467 21.41 -3.47 41.64
N ARG G 468 22.64 -3.27 42.10
CA ARG G 468 22.89 -2.32 43.18
C ARG G 468 23.14 -0.93 42.57
N CYS G 469 22.09 -0.36 42.00
CA CYS G 469 22.23 0.92 41.32
C CYS G 469 20.95 1.71 41.50
N LYS G 470 21.06 2.85 42.18
CA LYS G 470 19.94 3.72 42.47
C LYS G 470 20.08 5.00 41.66
N ARG G 471 18.95 5.55 41.23
CA ARG G 471 18.93 6.80 40.48
C ARG G 471 18.95 7.97 41.47
N ARG G 472 20.10 8.11 42.14
CA ARG G 472 20.37 9.11 43.18
C ARG G 472 19.20 9.38 44.11
N GLU H 1 46.03 -19.25 48.48
CA GLU H 1 46.71 -19.20 47.14
C GLU H 1 46.76 -17.79 46.56
N VAL H 2 46.03 -16.86 47.15
CA VAL H 2 46.00 -15.48 46.67
C VAL H 2 47.26 -14.78 47.18
N GLN H 3 47.99 -14.13 46.25
CA GLN H 3 49.21 -13.42 46.62
C GLN H 3 49.35 -12.12 45.85
N LEU H 4 49.75 -11.08 46.58
CA LEU H 4 50.07 -9.76 46.03
C LEU H 4 51.51 -9.47 46.41
N VAL H 5 52.35 -9.19 45.40
CA VAL H 5 53.78 -8.99 45.62
C VAL H 5 54.15 -7.57 45.22
N GLU H 6 54.59 -6.78 46.19
CA GLU H 6 55.09 -5.42 45.99
C GLU H 6 56.49 -5.40 45.40
N THR H 7 56.70 -4.54 44.40
CA THR H 7 58.01 -4.29 43.81
C THR H 7 58.22 -2.78 43.74
N GLY H 8 58.44 -2.16 44.90
CA GLY H 8 58.51 -0.72 45.01
C GLY H 8 59.93 -0.19 44.95
N GLY H 9 60.06 1.08 45.34
CA GLY H 9 61.33 1.78 45.32
C GLY H 9 61.95 1.88 46.71
N GLY H 10 62.81 2.88 46.88
CA GLY H 10 63.52 3.11 48.12
C GLY H 10 63.37 4.52 48.66
N LEU H 11 64.50 5.21 48.83
CA LEU H 11 64.55 6.56 49.38
C LEU H 11 64.62 7.58 48.25
N VAL H 12 63.76 8.59 48.32
CA VAL H 12 63.77 9.72 47.39
C VAL H 12 63.76 10.97 48.27
N GLN H 13 64.10 12.13 47.67
CA GLN H 13 64.03 13.40 48.38
C GLN H 13 62.79 14.19 47.96
N PRO H 14 62.34 15.15 48.78
CA PRO H 14 61.16 15.95 48.42
C PRO H 14 61.31 16.64 47.07
N GLY H 15 60.23 16.61 46.28
CA GLY H 15 60.22 17.16 44.95
C GLY H 15 60.43 16.14 43.85
N GLY H 16 60.79 14.92 44.20
CA GLY H 16 61.01 13.85 43.26
C GLY H 16 59.76 13.05 43.01
N SER H 17 59.96 11.81 42.57
CA SER H 17 58.84 10.93 42.28
C SER H 17 59.29 9.50 42.48
N LEU H 18 58.31 8.64 42.72
CA LEU H 18 58.56 7.21 42.89
C LEU H 18 57.35 6.44 42.40
N LYS H 19 57.61 5.36 41.66
CA LYS H 19 56.54 4.50 41.16
C LYS H 19 56.59 3.16 41.89
N LEU H 20 55.43 2.75 42.40
CA LEU H 20 55.23 1.46 43.05
C LEU H 20 54.47 0.57 42.10
N SER H 21 54.67 -0.74 42.24
CA SER H 21 53.97 -1.72 41.43
C SER H 21 53.72 -2.98 42.24
N CYS H 22 52.56 -3.59 42.01
CA CYS H 22 52.19 -4.87 42.60
C CYS H 22 51.79 -5.86 41.52
N ARG H 23 52.28 -7.09 41.69
CA ARG H 23 51.90 -8.22 40.85
C ARG H 23 50.90 -9.07 41.63
N ALA H 24 49.89 -9.58 40.92
CA ALA H 24 48.85 -10.39 41.54
C ALA H 24 48.86 -11.81 41.00
N SER H 25 48.51 -12.76 41.87
CA SER H 25 48.36 -14.14 41.47
C SER H 25 47.32 -14.81 42.37
N GLY H 26 46.79 -15.93 41.87
CA GLY H 26 45.86 -16.75 42.62
C GLY H 26 44.39 -16.42 42.44
N TYR H 27 44.06 -15.41 41.64
CA TYR H 27 42.67 -15.02 41.43
C TYR H 27 42.61 -14.29 40.09
N THR H 28 41.40 -14.08 39.60
CA THR H 28 41.24 -13.31 38.37
C THR H 28 41.41 -11.84 38.71
N PHE H 29 42.46 -11.24 38.16
CA PHE H 29 42.81 -9.86 38.49
C PHE H 29 41.68 -8.90 38.10
N SER H 30 41.17 -9.05 36.89
CA SER H 30 40.13 -8.18 36.35
C SER H 30 38.79 -8.30 37.08
N SER H 31 38.62 -9.27 37.97
CA SER H 31 37.34 -9.44 38.67
C SER H 31 37.22 -8.63 39.96
N PHE H 32 38.30 -8.03 40.46
CA PHE H 32 38.26 -7.31 41.74
C PHE H 32 38.81 -5.89 41.59
N ALA H 33 38.22 -4.99 42.36
CA ALA H 33 38.79 -3.66 42.53
C ALA H 33 40.01 -3.76 43.44
N MET H 34 40.96 -2.84 43.29
CA MET H 34 42.14 -2.87 44.14
C MET H 34 42.43 -1.46 44.64
N SER H 35 43.19 -1.38 45.72
CA SER H 35 43.45 -0.10 46.37
C SER H 35 44.81 -0.12 47.06
N TRP H 36 45.27 1.08 47.44
CA TRP H 36 46.48 1.27 48.22
C TRP H 36 46.11 1.84 49.58
N VAL H 37 46.74 1.25 50.61
CA VAL H 37 46.61 1.65 52.01
C VAL H 37 48.00 1.98 52.55
N ARG H 38 48.12 3.12 53.21
CA ARG H 38 49.39 3.60 53.75
C ARG H 38 49.44 3.49 55.26
N GLN H 39 50.62 3.13 55.78
CA GLN H 39 50.87 3.06 57.22
C GLN H 39 52.22 3.69 57.54
N ALA H 40 52.22 4.84 58.21
CA ALA H 40 53.48 5.46 58.58
C ALA H 40 54.18 4.54 59.59
N PRO H 41 55.53 4.58 59.67
CA PRO H 41 56.24 3.65 60.56
C PRO H 41 55.73 3.56 61.99
N GLY H 42 55.28 4.67 62.56
CA GLY H 42 54.76 4.71 63.92
C GLY H 42 53.28 4.95 64.09
N LYS H 43 52.49 4.89 63.02
CA LYS H 43 51.07 5.22 63.04
C LYS H 43 50.23 4.02 62.64
N GLY H 44 48.92 4.25 62.57
CA GLY H 44 47.97 3.25 62.15
C GLY H 44 47.78 3.26 60.66
N LEU H 45 46.68 2.65 60.22
CA LEU H 45 46.42 2.49 58.79
C LEU H 45 45.56 3.65 58.30
N GLU H 46 45.79 4.06 57.06
CA GLU H 46 44.91 4.99 56.38
C GLU H 46 44.78 4.60 54.91
N TRP H 47 43.61 4.88 54.35
CA TRP H 47 43.37 4.64 52.93
C TRP H 47 43.97 5.77 52.12
N VAL H 48 44.59 5.43 50.98
CA VAL H 48 45.19 6.41 50.08
C VAL H 48 44.47 6.45 48.74
N SER H 49 44.30 5.30 48.07
CA SER H 49 43.68 5.37 46.74
C SER H 49 42.93 4.11 46.41
N LEU H 50 41.94 4.24 45.53
CA LEU H 50 41.09 3.13 45.10
C LEU H 50 40.92 3.17 43.59
N ILE H 51 41.08 2.03 42.94
CA ILE H 51 40.84 1.88 41.51
C ILE H 51 39.89 0.71 41.32
N ASN H 52 38.93 0.87 40.42
CA ASN H 52 37.95 -0.17 40.17
C ASN H 52 38.54 -1.27 39.29
N ASP H 53 37.72 -2.30 39.03
CA ASP H 53 38.20 -3.48 38.34
C ASP H 53 38.61 -3.21 36.89
N ARG H 54 38.03 -2.21 36.24
CA ARG H 54 38.37 -1.91 34.85
C ARG H 54 39.41 -0.81 34.71
N GLY H 55 39.83 -0.18 35.80
CA GLY H 55 40.79 0.89 35.71
C GLY H 55 40.25 2.17 35.11
N GLY H 56 38.94 2.40 35.21
CA GLY H 56 38.31 3.56 34.61
C GLY H 56 37.86 4.59 35.64
N LEU H 57 37.64 4.14 36.88
CA LEU H 57 37.21 5.00 37.97
C LEU H 57 38.28 4.95 39.04
N THR H 58 38.79 6.13 39.42
CA THR H 58 39.82 6.24 40.45
C THR H 58 39.36 7.24 41.49
N PHE H 59 39.74 6.98 42.73
CA PHE H 59 39.43 7.84 43.86
C PHE H 59 40.68 7.99 44.69
N TYR H 60 40.86 9.16 45.29
CA TYR H 60 42.03 9.43 46.12
C TYR H 60 41.64 10.10 47.42
N VAL H 61 42.45 9.86 48.46
CA VAL H 61 42.32 10.63 49.69
C VAL H 61 42.74 12.06 49.39
N ASP H 62 42.06 13.01 50.03
CA ASP H 62 42.26 14.44 49.75
C ASP H 62 43.73 14.87 49.76
N SER H 63 44.53 14.30 50.66
CA SER H 63 45.92 14.73 50.78
C SER H 63 46.76 14.44 49.54
N VAL H 64 46.34 13.52 48.67
CA VAL H 64 47.10 13.12 47.49
C VAL H 64 46.35 13.38 46.18
N LYS H 65 45.22 14.09 46.22
CA LYS H 65 44.41 14.24 45.02
C LYS H 65 45.19 14.88 43.86
N GLY H 66 46.11 15.80 44.16
CA GLY H 66 46.92 16.45 43.16
C GLY H 66 48.32 15.89 42.99
N ARG H 67 48.63 14.75 43.59
CA ARG H 67 50.00 14.23 43.60
C ARG H 67 50.14 12.79 43.10
N PHE H 68 49.17 11.92 43.36
CA PHE H 68 49.28 10.50 43.03
C PHE H 68 48.38 10.14 41.87
N THR H 69 48.87 9.23 41.02
CA THR H 69 48.11 8.64 39.93
C THR H 69 48.09 7.13 40.11
N ILE H 70 46.90 6.52 40.07
CA ILE H 70 46.74 5.07 40.22
C ILE H 70 46.31 4.51 38.88
N SER H 71 46.93 3.40 38.48
CA SER H 71 46.57 2.77 37.21
C SER H 71 46.77 1.27 37.34
N ARG H 72 46.15 0.52 36.44
CA ARG H 72 46.28 -0.93 36.42
C ARG H 72 46.27 -1.43 34.99
N ASP H 73 46.87 -2.61 34.81
CA ASP H 73 46.94 -3.31 33.53
C ASP H 73 46.43 -4.72 33.78
N ASN H 74 45.23 -5.01 33.26
CA ASN H 74 44.54 -6.27 33.52
C ASN H 74 45.11 -7.41 32.69
N SER H 75 45.96 -7.13 31.70
CA SER H 75 46.58 -8.19 30.91
C SER H 75 47.87 -8.65 31.56
N LYS H 76 48.50 -7.76 32.32
CA LYS H 76 49.73 -8.01 33.04
C LYS H 76 49.47 -8.40 34.49
N ASN H 77 48.23 -8.22 34.97
CA ASN H 77 47.89 -8.43 36.37
C ASN H 77 48.76 -7.52 37.23
N THR H 78 48.93 -6.28 36.77
CA THR H 78 49.81 -5.31 37.44
C THR H 78 49.05 -4.06 37.87
N LEU H 79 49.24 -3.69 39.13
CA LEU H 79 48.73 -2.44 39.69
C LEU H 79 49.92 -1.54 39.88
N SER H 80 49.79 -0.25 39.59
CA SER H 80 50.89 0.67 39.82
C SER H 80 50.38 2.00 40.31
N LEU H 81 51.27 2.69 41.04
CA LEU H 81 50.97 3.99 41.63
C LEU H 81 52.16 4.92 41.37
N GLN H 82 51.91 6.05 40.73
CA GLN H 82 52.91 7.06 40.43
C GLN H 82 52.75 8.18 41.45
N MET H 83 53.75 8.35 42.33
CA MET H 83 53.70 9.33 43.41
C MET H 83 54.67 10.46 43.10
N HIS H 84 54.17 11.69 43.17
CA HIS H 84 54.95 12.91 42.98
C HIS H 84 55.12 13.67 44.30
N SER H 85 56.16 14.49 44.33
CA SER H 85 56.52 15.42 45.40
C SER H 85 57.13 14.72 46.61
N LEU H 86 56.45 13.67 47.11
CA LEU H 86 56.95 12.83 48.20
C LEU H 86 57.56 13.60 49.36
N ARG H 87 56.73 14.24 50.17
CA ARG H 87 57.24 15.03 51.27
C ARG H 87 57.57 14.15 52.47
N ASP H 88 58.23 14.76 53.47
CA ASP H 88 58.68 14.02 54.65
C ASP H 88 57.53 13.28 55.33
N GLY H 89 56.33 13.84 55.29
CA GLY H 89 55.19 13.21 55.94
C GLY H 89 54.65 12.00 55.21
N ASP H 90 55.18 11.68 54.02
CA ASP H 90 54.75 10.55 53.23
C ASP H 90 55.57 9.29 53.46
N THR H 91 56.53 9.30 54.38
CA THR H 91 57.28 8.09 54.68
C THR H 91 56.32 7.07 55.28
N ALA H 92 56.26 5.88 54.68
CA ALA H 92 55.32 4.88 55.13
C ALA H 92 55.52 3.57 54.37
N VAL H 93 54.90 2.53 54.88
CA VAL H 93 54.72 1.29 54.14
C VAL H 93 53.43 1.40 53.34
N TYR H 94 53.51 1.11 52.04
CA TYR H 94 52.39 1.17 51.11
C TYR H 94 51.98 -0.25 50.74
N TYR H 95 50.76 -0.63 51.13
CA TYR H 95 50.24 -1.96 50.91
C TYR H 95 49.22 -1.93 49.78
N CYS H 96 49.30 -2.93 48.90
CA CYS H 96 48.25 -3.20 47.93
C CYS H 96 47.21 -4.08 48.60
N ALA H 97 45.94 -3.83 48.28
CA ALA H 97 44.88 -4.69 48.80
C ALA H 97 43.79 -4.87 47.75
N THR H 98 43.18 -6.05 47.82
CA THR H 98 42.08 -6.43 46.95
C THR H 98 40.79 -6.35 47.74
N GLY H 99 39.84 -5.59 47.21
CA GLY H 99 38.55 -5.28 47.79
C GLY H 99 38.34 -3.79 47.80
N GLY H 100 37.32 -3.35 48.51
CA GLY H 100 36.99 -1.94 48.60
C GLY H 100 35.92 -1.44 47.64
N MET H 101 35.55 -2.21 46.63
CA MET H 101 34.54 -1.74 45.69
C MET H 101 34.01 -2.94 44.91
N SER H 102 32.81 -2.79 44.35
CA SER H 102 32.20 -3.82 43.53
C SER H 102 31.38 -3.15 42.43
N SER H 103 31.50 -3.69 41.22
CA SER H 103 30.99 -3.01 40.02
C SER H 103 29.51 -3.34 39.77
N ALA H 104 28.67 -2.88 40.68
CA ALA H 104 27.21 -2.88 40.54
C ALA H 104 26.51 -4.23 40.37
N LEU H 105 27.09 -5.17 39.61
CA LEU H 105 26.48 -6.47 39.38
C LEU H 105 27.04 -7.53 40.32
N GLN H 106 27.98 -7.18 41.18
CA GLN H 106 28.63 -8.04 42.15
C GLN H 106 28.07 -7.70 43.52
N SER H 107 28.24 -8.62 44.47
CA SER H 107 27.75 -8.33 45.79
C SER H 107 28.60 -7.23 46.42
N SER H 108 28.05 -6.61 47.46
CA SER H 108 28.73 -5.50 48.11
C SER H 108 30.03 -5.95 48.76
N LYS H 109 31.04 -5.10 48.70
CA LYS H 109 32.29 -5.33 49.41
C LYS H 109 32.46 -4.27 50.48
N TYR H 110 33.04 -3.12 50.12
CA TYR H 110 33.34 -2.05 51.07
C TYR H 110 34.29 -2.52 52.16
N TYR H 111 35.19 -3.43 51.83
CA TYR H 111 36.22 -3.89 52.74
C TYR H 111 37.41 -4.35 51.91
N PHE H 112 38.56 -4.47 52.57
CA PHE H 112 39.79 -4.93 51.94
C PHE H 112 39.90 -6.43 52.22
N ASP H 113 39.81 -7.24 51.17
CA ASP H 113 39.74 -8.68 51.33
C ASP H 113 41.10 -9.35 51.43
N PHE H 114 42.04 -8.97 50.56
CA PHE H 114 43.37 -9.57 50.54
C PHE H 114 44.41 -8.47 50.64
N TRP H 115 45.54 -8.77 51.29
CA TRP H 115 46.63 -7.82 51.49
C TRP H 115 47.97 -8.38 51.03
N GLY H 116 48.82 -7.48 50.55
CA GLY H 116 50.20 -7.78 50.28
C GLY H 116 51.01 -7.54 51.54
N GLN H 117 52.34 -7.52 51.39
CA GLN H 117 53.22 -7.34 52.55
C GLN H 117 53.75 -5.92 52.68
N GLY H 118 53.74 -5.13 51.60
CA GLY H 118 54.05 -3.72 51.67
C GLY H 118 55.43 -3.28 51.21
N ALA H 119 55.47 -2.21 50.42
CA ALA H 119 56.72 -1.59 50.00
C ALA H 119 57.03 -0.48 50.99
N LEU H 120 58.31 -0.29 51.33
CA LEU H 120 58.70 0.78 52.23
C LEU H 120 59.22 1.98 51.45
N VAL H 121 58.51 3.10 51.55
CA VAL H 121 58.83 4.34 50.85
C VAL H 121 59.28 5.33 51.91
N THR H 122 60.48 5.88 51.74
CA THR H 122 61.05 6.81 52.69
C THR H 122 61.40 8.13 52.01
N VAL H 123 61.50 9.18 52.83
CA VAL H 123 61.86 10.50 52.36
C VAL H 123 62.90 11.09 53.32
N ALA I 1 38.77 10.02 61.70
CA ALA I 1 39.20 8.73 62.21
C ALA I 1 38.28 8.27 63.32
N LEU I 2 38.31 6.97 63.61
CA LEU I 2 37.52 6.39 64.70
C LEU I 2 38.38 6.34 65.95
N THR I 3 37.71 6.36 67.10
CA THR I 3 38.38 6.30 68.38
C THR I 3 38.28 4.88 68.91
N GLN I 4 39.42 4.33 69.31
CA GLN I 4 39.55 2.98 69.86
C GLN I 4 40.36 3.09 71.15
N PRO I 5 40.19 2.16 72.08
CA PRO I 5 41.08 2.17 73.24
C PRO I 5 42.51 1.96 72.79
N PRO I 6 43.49 2.56 73.48
CA PRO I 6 44.89 2.30 73.10
C PRO I 6 45.36 0.91 73.46
N SER I 7 44.73 0.23 74.41
CA SER I 7 45.18 -1.09 74.81
C SER I 7 44.05 -1.84 75.48
N VAL I 8 43.85 -3.09 75.08
CA VAL I 8 42.87 -4.00 75.66
C VAL I 8 43.60 -5.31 75.89
N SER I 9 43.46 -5.88 77.09
CA SER I 9 44.16 -7.11 77.40
C SER I 9 43.37 -7.94 78.40
N GLY I 10 43.84 -9.16 78.60
CA GLY I 10 43.24 -10.09 79.52
C GLY I 10 44.08 -11.34 79.56
N SER I 11 43.73 -12.24 80.47
CA SER I 11 44.50 -13.46 80.60
C SER I 11 44.02 -14.51 79.59
N PRO I 12 44.88 -15.43 79.16
CA PRO I 12 44.43 -16.52 78.29
C PRO I 12 43.25 -17.29 78.91
N GLY I 13 42.28 -17.64 78.07
CA GLY I 13 41.09 -18.32 78.51
C GLY I 13 39.91 -17.41 78.79
N GLN I 14 40.13 -16.10 78.83
CA GLN I 14 39.10 -15.10 79.09
C GLN I 14 38.61 -14.53 77.76
N SER I 15 37.96 -13.37 77.80
CA SER I 15 37.44 -12.73 76.61
C SER I 15 37.53 -11.22 76.78
N VAL I 16 37.65 -10.50 75.67
CA VAL I 16 37.64 -9.04 75.67
C VAL I 16 36.76 -8.52 74.55
N THR I 17 36.41 -7.25 74.66
CA THR I 17 35.78 -6.50 73.58
C THR I 17 36.62 -5.26 73.28
N ILE I 18 36.76 -4.98 71.99
CA ILE I 18 37.47 -3.80 71.51
C ILE I 18 36.42 -2.93 70.83
N SER I 19 36.20 -1.73 71.38
CA SER I 19 35.20 -0.83 70.85
C SER I 19 35.79 0.02 69.72
N CYS I 20 34.88 0.58 68.92
CA CYS I 20 35.21 1.49 67.84
C CYS I 20 34.07 2.50 67.78
N THR I 21 34.39 3.79 67.84
CA THR I 21 33.36 4.83 67.82
C THR I 21 33.62 5.85 66.73
N GLY I 22 32.52 6.39 66.22
CA GLY I 22 32.57 7.41 65.17
C GLY I 22 31.42 8.37 65.33
N THR I 23 30.85 8.81 64.21
CA THR I 23 29.73 9.74 64.21
C THR I 23 28.56 9.16 63.42
N SER I 24 27.45 9.89 63.45
CA SER I 24 26.20 9.45 62.81
C SER I 24 26.27 9.48 61.29
N SER I 25 27.22 10.19 60.69
CA SER I 25 27.30 10.28 59.24
C SER I 25 28.09 9.15 58.58
N ASP I 26 28.83 8.34 59.35
CA ASP I 26 29.65 7.28 58.76
C ASP I 26 29.41 5.92 59.42
N ILE I 27 29.94 5.66 60.61
CA ILE I 27 29.77 4.34 61.22
C ILE I 27 28.30 4.07 61.55
N GLY I 28 27.53 5.11 61.85
CA GLY I 28 26.13 4.98 62.16
C GLY I 28 25.17 5.12 60.99
N SER I 29 25.68 5.28 59.78
CA SER I 29 24.87 5.44 58.58
C SER I 29 25.03 4.29 57.62
N TYR I 30 26.26 3.84 57.38
CA TYR I 30 26.56 2.74 56.48
C TYR I 30 26.96 1.52 57.30
N ASN I 31 26.30 0.40 57.03
CA ASN I 31 26.56 -0.84 57.77
C ASN I 31 27.72 -1.61 57.12
N TYR I 32 28.88 -0.95 57.07
CA TYR I 32 30.10 -1.55 56.51
C TYR I 32 31.24 -1.21 57.47
N VAL I 33 31.37 -2.01 58.53
CA VAL I 33 32.37 -1.79 59.57
C VAL I 33 33.19 -3.06 59.67
N SER I 34 34.43 -3.00 59.18
CA SER I 34 35.31 -4.15 59.12
C SER I 34 36.39 -4.03 60.20
N TRP I 35 36.99 -5.18 60.53
CA TRP I 35 38.09 -5.26 61.49
C TRP I 35 39.28 -6.00 60.90
N TYR I 36 40.48 -5.52 61.22
CA TYR I 36 41.73 -6.12 60.77
C TYR I 36 42.62 -6.45 61.95
N GLN I 37 43.39 -7.53 61.80
CA GLN I 37 44.35 -8.00 62.78
C GLN I 37 45.74 -7.92 62.17
N GLN I 38 46.60 -7.04 62.71
CA GLN I 38 47.94 -6.82 62.21
C GLN I 38 48.98 -7.31 63.21
N HIS I 39 49.61 -8.44 62.91
CA HIS I 39 50.66 -8.92 63.79
C HIS I 39 51.89 -8.03 63.59
N PRO I 40 52.67 -7.76 64.64
CA PRO I 40 53.85 -6.91 64.45
C PRO I 40 54.76 -7.44 63.36
N GLY I 41 55.16 -6.54 62.46
CA GLY I 41 56.04 -6.88 61.36
C GLY I 41 55.32 -7.45 60.14
N LYS I 42 54.00 -7.65 60.21
CA LYS I 42 53.21 -8.26 59.15
C LYS I 42 52.11 -7.31 58.71
N ALA I 43 51.62 -7.55 57.50
CA ALA I 43 50.47 -6.84 56.99
C ALA I 43 49.18 -7.25 57.74
N PRO I 44 48.20 -6.35 57.83
CA PRO I 44 46.92 -6.73 58.44
C PRO I 44 46.21 -7.81 57.63
N LYS I 45 45.41 -8.62 58.33
CA LYS I 45 44.52 -9.57 57.69
C LYS I 45 43.08 -9.25 58.12
N LEU I 46 42.13 -9.61 57.27
CA LEU I 46 40.73 -9.34 57.53
C LEU I 46 40.15 -10.34 58.51
N MET I 47 39.51 -9.83 59.58
CA MET I 47 38.86 -10.66 60.59
C MET I 47 37.34 -10.61 60.51
N ILE I 48 36.78 -9.43 60.32
CA ILE I 48 35.34 -9.22 60.22
C ILE I 48 35.08 -8.30 59.03
N TYR I 49 34.04 -8.61 58.26
CA TYR I 49 33.59 -7.76 57.17
C TYR I 49 32.10 -7.54 57.36
N ASP I 50 31.51 -6.71 56.51
CA ASP I 50 30.11 -6.30 56.68
C ASP I 50 30.08 -5.68 58.08
N VAL I 51 29.14 -6.06 58.95
CA VAL I 51 29.14 -5.61 60.34
C VAL I 51 29.44 -6.77 61.28
N THR I 52 28.79 -7.92 61.08
CA THR I 52 28.93 -9.07 61.97
C THR I 52 29.37 -10.33 61.22
N GLN I 53 29.78 -10.23 59.96
CA GLN I 53 30.12 -11.42 59.18
C GLN I 53 31.62 -11.69 59.26
N ARG I 54 31.98 -12.98 59.31
CA ARG I 54 33.37 -13.42 59.38
C ARG I 54 33.82 -14.08 58.08
N PRO I 55 35.03 -13.81 57.58
CA PRO I 55 35.51 -14.53 56.39
C PRO I 55 35.68 -16.01 56.69
N SER I 56 35.54 -16.82 55.64
CA SER I 56 35.80 -18.24 55.79
C SER I 56 37.26 -18.46 56.14
N GLY I 57 37.52 -19.42 57.04
CA GLY I 57 38.87 -19.73 57.46
C GLY I 57 39.30 -19.04 58.74
N VAL I 58 38.52 -18.09 59.25
CA VAL I 58 38.84 -17.36 60.47
C VAL I 58 38.06 -18.00 61.61
N SER I 59 38.76 -18.22 62.72
CA SER I 59 38.21 -18.92 63.87
C SER I 59 36.92 -18.28 64.40
N ASP I 60 36.02 -19.15 64.87
CA ASP I 60 34.70 -18.78 65.40
C ASP I 60 34.81 -17.98 66.69
N ARG I 61 36.00 -17.83 67.26
CA ARG I 61 36.19 -17.05 68.48
C ARG I 61 36.08 -15.55 68.25
N PHE I 62 36.12 -15.10 66.99
CA PHE I 62 36.07 -13.69 66.65
C PHE I 62 34.67 -13.35 66.15
N SER I 63 34.01 -12.39 66.79
CA SER I 63 32.65 -12.02 66.45
C SER I 63 32.50 -10.54 66.72
N GLY I 64 31.33 -9.99 66.42
CA GLY I 64 31.17 -8.57 66.68
C GLY I 64 29.74 -8.11 66.48
N SER I 65 29.54 -6.82 66.74
CA SER I 65 28.22 -6.23 66.66
C SER I 65 28.35 -4.72 66.50
N LYS I 66 27.23 -4.08 66.21
CA LYS I 66 27.17 -2.63 66.11
C LYS I 66 25.83 -2.13 66.64
N SER I 67 25.87 -1.02 67.37
CA SER I 67 24.66 -0.35 67.86
C SER I 67 24.93 1.14 67.88
N GLY I 68 24.00 1.92 67.31
CA GLY I 68 24.20 3.36 67.28
C GLY I 68 25.45 3.67 66.48
N ASN I 69 26.35 4.43 67.10
CA ASN I 69 27.62 4.81 66.50
C ASN I 69 28.78 4.02 67.10
N THR I 70 28.48 2.91 67.79
CA THR I 70 29.50 2.10 68.45
C THR I 70 29.53 0.70 67.85
N ALA I 71 30.71 0.28 67.40
CA ALA I 71 30.96 -1.06 66.90
C ALA I 71 31.83 -1.76 67.93
N SER I 72 31.73 -3.09 68.00
CA SER I 72 32.56 -3.84 68.94
C SER I 72 32.98 -5.18 68.36
N LEU I 73 34.26 -5.48 68.52
CA LEU I 73 34.84 -6.77 68.16
C LEU I 73 35.03 -7.54 69.45
N THR I 74 34.42 -8.73 69.53
CA THR I 74 34.51 -9.58 70.70
C THR I 74 35.44 -10.74 70.37
N ILE I 75 36.45 -10.93 71.22
CA ILE I 75 37.43 -12.00 71.09
C ILE I 75 37.27 -12.87 72.33
N SER I 76 36.75 -14.07 72.13
CA SER I 76 36.55 -15.02 73.22
C SER I 76 37.66 -16.05 73.19
N GLY I 77 37.82 -16.77 74.30
CA GLY I 77 38.78 -17.86 74.31
C GLY I 77 40.20 -17.42 74.06
N LEU I 78 40.64 -16.33 74.70
CA LEU I 78 41.93 -15.72 74.41
C LEU I 78 43.08 -16.72 74.43
N GLN I 79 43.88 -16.69 73.37
CA GLN I 79 45.07 -17.51 73.20
C GLN I 79 46.30 -16.62 73.25
N ALA I 80 47.45 -17.23 73.53
CA ALA I 80 48.71 -16.48 73.51
C ALA I 80 49.12 -16.05 72.11
N ASP I 81 48.59 -16.67 71.06
CA ASP I 81 48.97 -16.34 69.68
C ASP I 81 48.11 -15.24 69.08
N ASP I 82 47.19 -14.66 69.84
CA ASP I 82 46.30 -13.62 69.35
C ASP I 82 46.84 -12.21 69.59
N GLU I 83 48.08 -12.08 70.06
CA GLU I 83 48.62 -10.74 70.32
C GLU I 83 48.87 -10.05 68.98
N ALA I 84 48.13 -8.96 68.76
CA ALA I 84 48.21 -8.24 67.50
C ALA I 84 47.64 -6.83 67.70
N ASP I 85 47.96 -5.97 66.75
CA ASP I 85 47.38 -4.63 66.69
C ASP I 85 46.08 -4.69 65.90
N TYR I 86 44.96 -4.49 66.58
CA TYR I 86 43.65 -4.59 65.96
C TYR I 86 43.17 -3.21 65.53
N TYR I 87 42.57 -3.16 64.34
CA TYR I 87 42.06 -1.93 63.75
C TYR I 87 40.62 -2.11 63.32
N CYS I 88 39.84 -1.04 63.42
CA CYS I 88 38.51 -0.96 62.85
C CYS I 88 38.57 0.00 61.67
N SER I 89 37.68 -0.20 60.70
CA SER I 89 37.55 0.74 59.61
C SER I 89 36.10 0.74 59.15
N ALA I 90 35.70 1.85 58.54
CA ALA I 90 34.34 1.94 58.03
C ALA I 90 34.25 2.79 56.78
N TYR I 91 33.23 2.48 55.99
CA TYR I 91 32.88 3.25 54.81
C TYR I 91 32.25 4.56 55.25
N ALA I 92 32.61 5.66 54.57
CA ALA I 92 32.08 6.98 54.93
C ALA I 92 31.61 7.76 53.71
N GLY I 93 30.88 7.10 52.81
CA GLY I 93 30.27 7.78 51.68
C GLY I 93 31.16 7.84 50.45
N ARG I 94 30.70 8.63 49.49
CA ARG I 94 31.35 8.76 48.19
C ARG I 94 32.49 9.77 48.18
N GLN I 95 32.59 10.62 49.19
CA GLN I 95 33.63 11.65 49.25
C GLN I 95 34.85 11.14 50.01
N THR I 96 34.62 10.62 51.21
CA THR I 96 35.67 10.01 52.04
C THR I 96 35.32 8.53 52.02
N PHE I 97 36.12 7.74 51.31
CA PHE I 97 35.73 6.35 51.12
C PHE I 97 35.89 5.52 52.39
N TYR I 98 37.09 5.50 52.97
CA TYR I 98 37.29 4.71 54.18
C TYR I 98 37.98 5.55 55.22
N ILE I 99 37.53 5.37 56.46
CA ILE I 99 38.12 6.01 57.62
C ILE I 99 38.54 4.90 58.58
N PHE I 100 39.80 4.95 59.01
CA PHE I 100 40.37 4.01 59.96
C PHE I 100 40.56 4.66 61.32
N GLY I 101 40.49 3.82 62.36
CA GLY I 101 40.81 4.24 63.71
C GLY I 101 42.28 3.96 64.01
N GLY I 102 42.66 4.23 65.26
CA GLY I 102 44.01 3.93 65.69
C GLY I 102 44.11 2.47 66.06
N GLY I 103 45.33 1.98 66.22
CA GLY I 103 45.51 0.59 66.60
C GLY I 103 45.29 0.36 68.07
N THR I 104 44.74 -0.81 68.38
CA THR I 104 44.57 -1.30 69.75
C THR I 104 45.47 -2.51 69.94
N ARG I 105 46.42 -2.41 70.85
CA ARG I 105 47.33 -3.53 71.11
C ARG I 105 46.61 -4.50 72.04
N LEU I 106 46.54 -5.77 71.65
CA LEU I 106 45.89 -6.76 72.50
C LEU I 106 46.72 -6.96 73.77
N ASP J 9 31.19 -9.77 19.40
CA ASP J 9 30.51 -10.81 18.65
C ASP J 9 29.43 -10.16 17.79
N GLY J 10 28.70 -10.96 17.02
CA GLY J 10 27.67 -10.46 16.12
C GLY J 10 26.29 -10.48 16.75
N PHE J 11 25.29 -10.29 15.89
CA PHE J 11 23.90 -10.20 16.31
C PHE J 11 23.47 -11.45 17.07
N LEU J 12 22.98 -11.26 18.30
CA LEU J 12 22.55 -12.33 19.19
C LEU J 12 23.67 -13.29 19.56
N GLY J 13 24.93 -12.93 19.32
CA GLY J 13 26.02 -13.83 19.68
C GLY J 13 26.07 -14.11 21.17
N ALA J 14 25.60 -13.16 21.98
CA ALA J 14 25.59 -13.25 23.42
C ALA J 14 24.37 -13.99 23.98
N ALA J 15 23.50 -14.53 23.12
CA ALA J 15 22.28 -15.18 23.60
C ALA J 15 22.57 -16.28 24.60
N GLY J 16 23.67 -17.01 24.43
CA GLY J 16 24.05 -18.04 25.36
C GLY J 16 25.02 -17.59 26.43
N SER J 17 25.35 -16.31 26.48
CA SER J 17 26.28 -15.75 27.44
C SER J 17 25.51 -15.43 28.71
N THR J 18 26.26 -15.24 29.79
CA THR J 18 25.60 -14.89 31.03
C THR J 18 25.12 -13.44 30.97
N MET J 19 24.20 -13.08 31.86
CA MET J 19 23.63 -11.74 31.84
C MET J 19 24.71 -10.69 32.04
N GLY J 20 25.67 -10.95 32.92
CA GLY J 20 26.72 -9.99 33.21
C GLY J 20 27.72 -9.84 32.09
N ALA J 21 27.72 -10.75 31.13
CA ALA J 21 28.56 -10.71 29.95
C ALA J 21 27.75 -10.28 28.75
N ALA J 22 26.50 -10.76 28.67
CA ALA J 22 25.64 -10.44 27.55
C ALA J 22 25.34 -8.95 27.50
N SER J 23 25.27 -8.30 28.67
CA SER J 23 24.97 -6.87 28.68
C SER J 23 26.04 -6.03 27.98
N MET J 24 27.23 -6.59 27.73
CA MET J 24 28.31 -5.84 27.08
C MET J 24 28.02 -5.52 25.62
N THR J 25 27.08 -6.22 24.97
CA THR J 25 26.79 -6.07 23.55
C THR J 25 25.38 -5.55 23.25
N LEU J 26 24.78 -4.80 24.17
CA LEU J 26 23.41 -4.32 23.95
C LEU J 26 23.30 -3.49 22.67
N THR J 27 24.34 -2.73 22.34
CA THR J 27 24.32 -1.91 21.13
C THR J 27 24.15 -2.77 19.88
N VAL J 28 24.76 -3.97 19.88
CA VAL J 28 24.73 -4.82 18.70
C VAL J 28 23.29 -5.21 18.37
N GLN J 29 22.50 -5.54 19.39
CA GLN J 29 21.11 -5.88 19.13
C GLN J 29 20.28 -4.64 18.85
N ALA J 30 20.59 -3.53 19.54
CA ALA J 30 19.83 -2.30 19.35
C ALA J 30 19.91 -1.81 17.90
N ARG J 31 21.07 -1.94 17.27
CA ARG J 31 21.24 -1.46 15.90
C ARG J 31 20.55 -2.32 14.85
N ASN J 32 20.09 -3.51 15.19
CA ASN J 32 19.47 -4.43 14.23
C ASN J 32 17.96 -4.38 14.25
N LEU J 33 17.36 -3.40 14.91
CA LEU J 33 15.91 -3.28 14.98
C LEU J 33 15.34 -2.47 13.82
N LEU J 34 16.12 -1.54 13.28
CA LEU J 34 15.70 -0.73 12.14
C LEU J 34 16.32 -1.19 10.83
N SER J 35 17.46 -1.86 10.88
CA SER J 35 18.16 -2.28 9.67
C SER J 35 17.38 -3.35 8.93
N GLY J 61 3.35 -5.57 -3.26
CA GLY J 61 4.13 -5.76 -2.06
C GLY J 61 3.54 -5.07 -0.86
N ILE J 62 2.21 -5.10 -0.76
CA ILE J 62 1.54 -4.46 0.36
C ILE J 62 1.85 -5.16 1.68
N LYS J 63 2.02 -6.48 1.65
CA LYS J 63 2.31 -7.22 2.89
C LYS J 63 3.63 -6.79 3.49
N GLN J 64 4.63 -6.52 2.65
CA GLN J 64 5.94 -6.14 3.17
C GLN J 64 5.90 -4.73 3.70
N LEU J 65 5.15 -3.85 3.04
CA LEU J 65 5.04 -2.48 3.52
C LEU J 65 4.32 -2.46 4.86
N GLN J 66 3.30 -3.30 5.00
CA GLN J 66 2.58 -3.38 6.27
C GLN J 66 3.50 -3.91 7.37
N ALA J 67 4.33 -4.90 7.04
CA ALA J 67 5.27 -5.41 8.04
C ALA J 67 6.27 -4.34 8.46
N ARG J 68 6.70 -3.50 7.52
CA ARG J 68 7.65 -2.45 7.86
C ARG J 68 7.01 -1.39 8.73
N VAL J 69 5.76 -1.02 8.43
CA VAL J 69 5.07 -0.04 9.25
C VAL J 69 4.85 -0.58 10.65
N LEU J 70 4.47 -1.85 10.76
CA LEU J 70 4.26 -2.43 12.08
C LEU J 70 5.56 -2.47 12.88
N ALA J 71 6.67 -2.82 12.21
CA ALA J 71 7.96 -2.83 12.91
C ALA J 71 8.31 -1.44 13.41
N VAL J 72 8.02 -0.41 12.62
CA VAL J 72 8.29 0.97 13.08
C VAL J 72 7.42 1.31 14.28
N GLU J 73 6.14 0.94 14.24
CA GLU J 73 5.26 1.24 15.37
C GLU J 73 5.74 0.54 16.63
N HIS J 74 6.21 -0.70 16.52
CA HIS J 74 6.66 -1.40 17.72
C HIS J 74 7.94 -0.80 18.25
N TYR J 75 8.84 -0.38 17.36
CA TYR J 75 10.05 0.31 17.81
C TYR J 75 9.68 1.55 18.59
N LEU J 76 8.77 2.35 18.04
CA LEU J 76 8.37 3.58 18.72
C LEU J 76 7.67 3.29 20.03
N ARG J 77 6.90 2.21 20.11
CA ARG J 77 6.24 1.88 21.38
C ARG J 77 7.28 1.55 22.44
N ASP J 78 8.35 0.85 22.06
CA ASP J 78 9.39 0.57 23.05
C ASP J 78 10.12 1.84 23.45
N GLN J 79 10.36 2.74 22.50
CA GLN J 79 11.05 3.98 22.84
C GLN J 79 10.18 4.87 23.72
N GLN J 80 8.87 4.89 23.46
CA GLN J 80 7.97 5.67 24.30
C GLN J 80 7.91 5.09 25.70
N LEU J 81 7.90 3.76 25.79
CA LEU J 81 7.84 3.12 27.10
C LEU J 81 9.08 3.47 27.91
N LEU J 82 10.26 3.45 27.27
CA LEU J 82 11.46 3.88 27.97
C LEU J 82 11.39 5.35 28.33
N GLY J 83 10.87 6.19 27.42
CA GLY J 83 10.80 7.61 27.68
C GLY J 83 9.96 7.97 28.88
N ILE J 84 8.83 7.29 29.05
CA ILE J 84 7.96 7.61 30.19
C ILE J 84 8.52 7.11 31.51
N TRP J 85 9.64 6.37 31.50
CA TRP J 85 10.31 5.91 32.71
C TRP J 85 11.47 6.81 33.10
N GLY J 86 11.77 7.84 32.30
CA GLY J 86 12.91 8.69 32.52
C GLY J 86 14.20 8.16 31.97
N CYS J 87 14.14 7.19 31.06
CA CYS J 87 15.29 6.56 30.44
C CYS J 87 15.22 6.89 28.96
N SER J 88 15.87 7.97 28.52
CA SER J 88 15.73 8.38 27.11
C SER J 88 16.85 7.81 26.27
N GLY J 89 17.97 8.52 26.14
CA GLY J 89 19.07 8.05 25.32
C GLY J 89 19.97 7.10 26.07
N LYS J 90 19.42 6.01 26.61
CA LYS J 90 20.18 5.07 27.42
C LYS J 90 19.86 3.65 27.03
N LEU J 91 20.89 2.80 27.09
CA LEU J 91 20.73 1.35 26.95
C LEU J 91 20.71 0.65 28.29
N ILE J 92 21.43 1.19 29.27
CA ILE J 92 21.43 0.74 30.65
C ILE J 92 20.92 1.91 31.46
N CYS J 93 19.84 1.72 32.21
CA CYS J 93 19.22 2.81 32.96
C CYS J 93 18.83 2.33 34.34
N CYS J 94 19.34 3.00 35.37
CA CYS J 94 19.04 2.68 36.75
C CYS J 94 17.79 3.44 37.18
N THR J 95 16.97 2.81 38.02
CA THR J 95 15.74 3.42 38.50
C THR J 95 15.70 3.35 40.03
N ASN J 96 14.67 3.97 40.61
CA ASN J 96 14.46 4.01 42.05
C ASN J 96 13.38 3.05 42.53
N VAL J 97 13.00 2.05 41.74
CA VAL J 97 12.03 1.05 42.17
C VAL J 97 12.79 -0.06 42.89
N PRO J 98 12.50 -0.36 44.16
CA PRO J 98 13.22 -1.44 44.83
C PRO J 98 12.76 -2.79 44.31
N TRP J 99 13.64 -3.78 44.42
CA TRP J 99 13.26 -5.14 44.08
C TRP J 99 12.49 -5.73 45.26
N ASN J 100 11.34 -6.33 44.99
CA ASN J 100 10.45 -6.80 46.05
C ASN J 100 10.72 -8.23 46.48
N SER J 101 11.79 -8.86 45.96
CA SER J 101 12.20 -10.22 46.33
C SER J 101 11.24 -11.31 45.86
N SER J 102 9.92 -11.12 46.03
CA SER J 102 8.97 -12.14 45.60
C SER J 102 9.05 -12.35 44.09
N TRP J 103 9.45 -11.32 43.35
CA TRP J 103 9.61 -11.46 41.91
C TRP J 103 10.68 -12.48 41.60
N SER J 104 11.77 -12.46 42.37
CA SER J 104 12.86 -13.41 42.26
C SER J 104 13.76 -13.22 43.47
N ASN J 105 14.00 -14.29 44.24
CA ASN J 105 14.76 -14.20 45.49
C ASN J 105 16.14 -14.81 45.34
N ARG J 106 16.66 -14.86 44.11
CA ARG J 106 17.99 -15.38 43.85
C ARG J 106 19.06 -14.39 44.29
N ASN J 107 20.24 -14.92 44.61
CA ASN J 107 21.36 -14.07 44.95
C ASN J 107 21.78 -13.31 43.69
N LEU J 108 22.24 -12.07 43.91
CA LEU J 108 22.66 -11.23 42.79
C LEU J 108 23.72 -11.91 41.92
N SER J 109 24.64 -12.65 42.53
CA SER J 109 25.68 -13.30 41.74
C SER J 109 25.15 -14.49 40.96
N GLU J 110 24.02 -15.08 41.38
CA GLU J 110 23.50 -16.20 40.61
C GLU J 110 22.79 -15.65 39.38
N ILE J 111 22.11 -14.52 39.53
CA ILE J 111 21.39 -13.95 38.40
C ILE J 111 22.40 -13.46 37.37
N TRP J 112 23.40 -12.68 37.80
CA TRP J 112 24.30 -12.12 36.80
C TRP J 112 25.39 -13.06 36.28
N ASP J 113 25.88 -14.01 37.08
CA ASP J 113 26.95 -14.92 36.61
C ASP J 113 26.48 -16.30 36.18
N ASN J 114 25.34 -16.80 36.67
CA ASN J 114 24.89 -18.16 36.38
C ASN J 114 23.57 -18.22 35.61
N MET J 115 23.18 -17.14 34.92
CA MET J 115 21.96 -17.16 34.15
C MET J 115 22.15 -16.44 32.82
N THR J 116 21.39 -16.87 31.82
CA THR J 116 21.31 -16.19 30.54
C THR J 116 20.08 -15.30 30.54
N TRP J 117 20.01 -14.39 29.57
CA TRP J 117 18.85 -13.52 29.50
C TRP J 117 17.59 -14.29 29.07
N LEU J 118 17.74 -15.36 28.29
CA LEU J 118 16.58 -16.13 27.87
C LEU J 118 15.92 -16.80 29.06
N GLN J 119 16.72 -17.29 30.01
CA GLN J 119 16.14 -17.93 31.19
C GLN J 119 15.50 -16.90 32.10
N TRP J 120 16.19 -15.76 32.29
CA TRP J 120 15.68 -14.71 33.16
C TRP J 120 14.35 -14.20 32.65
N ASP J 121 14.23 -14.06 31.33
CA ASP J 121 12.99 -13.56 30.74
C ASP J 121 11.83 -14.50 31.08
N LYS J 122 12.11 -15.78 31.37
CA LYS J 122 11.08 -16.73 31.73
C LYS J 122 10.79 -16.70 33.21
N GLU J 123 11.82 -16.60 34.06
CA GLU J 123 11.59 -16.62 35.51
C GLU J 123 10.64 -15.52 35.96
N ILE J 124 10.77 -14.31 35.39
CA ILE J 124 9.95 -13.17 35.81
C ILE J 124 8.95 -12.75 34.74
N SER J 125 8.55 -13.67 33.86
CA SER J 125 7.60 -13.29 32.82
C SER J 125 6.24 -12.92 33.37
N ASN J 126 5.92 -13.34 34.60
CA ASN J 126 4.63 -13.06 35.22
C ASN J 126 4.61 -11.77 36.03
N TYR J 127 5.74 -11.04 36.11
CA TYR J 127 5.83 -9.83 36.91
C TYR J 127 6.17 -8.57 36.14
N THR J 128 6.35 -8.63 34.82
CA THR J 128 6.82 -7.46 34.10
C THR J 128 5.79 -6.33 34.07
N GLN J 129 4.50 -6.66 34.10
CA GLN J 129 3.49 -5.60 34.08
C GLN J 129 3.53 -4.79 35.37
N ILE J 130 3.78 -5.47 36.50
CA ILE J 130 3.82 -4.80 37.78
C ILE J 130 5.02 -3.87 37.82
N ILE J 131 6.17 -4.36 37.36
CA ILE J 131 7.38 -3.56 37.37
C ILE J 131 7.21 -2.35 36.47
N TYR J 132 6.60 -2.54 35.30
CA TYR J 132 6.42 -1.41 34.39
C TYR J 132 5.51 -0.35 35.02
N GLY J 133 4.44 -0.78 35.69
CA GLY J 133 3.57 0.19 36.35
C GLY J 133 4.30 0.94 37.46
N LEU J 134 5.14 0.23 38.23
CA LEU J 134 5.88 0.89 39.29
C LEU J 134 6.86 1.90 38.72
N LEU J 135 7.50 1.57 37.60
CA LEU J 135 8.45 2.49 36.99
C LEU J 135 7.75 3.74 36.49
N GLU J 136 6.56 3.58 35.91
CA GLU J 136 5.83 4.74 35.42
C GLU J 136 5.42 5.64 36.57
N GLU J 137 5.00 5.05 37.69
CA GLU J 137 4.57 5.87 38.82
C GLU J 137 5.76 6.60 39.44
N SER J 138 6.91 5.91 39.56
CA SER J 138 8.05 6.57 40.18
C SER J 138 8.57 7.69 39.30
N GLN J 139 8.45 7.54 37.97
CA GLN J 139 8.86 8.64 37.11
C GLN J 139 7.91 9.82 37.25
N ASN J 140 6.61 9.56 37.37
CA ASN J 140 5.68 10.67 37.54
C ASN J 140 5.99 11.44 38.82
N GLN J 141 6.34 10.71 39.88
CA GLN J 141 6.66 11.38 41.14
C GLN J 141 7.95 12.17 41.02
N GLN J 142 8.94 11.62 40.30
CA GLN J 142 10.20 12.32 40.15
C GLN J 142 10.05 13.59 39.34
N GLU J 143 9.23 13.54 38.27
CA GLU J 143 9.07 14.73 37.45
C GLU J 143 8.32 15.81 38.21
N LYS J 144 7.32 15.43 39.00
CA LYS J 144 6.60 16.45 39.76
C LYS J 144 7.50 17.06 40.84
N ASN J 145 8.30 16.22 41.51
CA ASN J 145 9.19 16.76 42.54
C ASN J 145 10.24 17.68 41.93
N GLU J 146 10.75 17.35 40.75
CA GLU J 146 11.73 18.24 40.13
C GLU J 146 11.10 19.56 39.74
N GLN J 147 9.87 19.51 39.20
CA GLN J 147 9.19 20.74 38.83
C GLN J 147 9.00 21.64 40.04
N ASP J 148 8.67 21.05 41.19
CA ASP J 148 8.48 21.88 42.38
C ASP J 148 9.81 22.36 42.93
N LEU J 149 10.85 21.52 42.86
CA LEU J 149 12.15 21.89 43.39
C LEU J 149 12.74 23.07 42.64
N LEU J 150 12.53 23.12 41.31
CA LEU J 150 13.07 24.22 40.52
C LEU J 150 12.42 25.56 40.83
N ALA J 151 11.28 25.57 41.52
CA ALA J 151 10.55 26.81 41.79
C ALA J 151 11.12 27.61 42.96
N LEU J 152 12.09 27.06 43.70
CA LEU J 152 12.63 27.71 44.89
C LEU J 152 13.65 28.79 44.50
N ASP J 153 13.11 29.85 43.86
CA ASP J 153 13.81 31.05 43.36
C ASP J 153 15.33 31.14 43.53
N LEU K 2 19.94 -72.46 -35.25
CA LEU K 2 18.70 -72.23 -34.51
C LEU K 2 17.55 -73.02 -35.12
N GLN K 3 16.94 -73.86 -34.29
CA GLN K 3 15.83 -74.70 -34.66
C GLN K 3 14.59 -74.37 -33.84
N LEU K 4 13.43 -74.38 -34.51
CA LEU K 4 12.13 -74.28 -33.86
C LEU K 4 11.47 -75.63 -34.02
N GLN K 5 10.85 -76.12 -32.93
CA GLN K 5 10.20 -77.43 -32.96
C GLN K 5 8.85 -77.34 -32.27
N GLU K 6 7.78 -77.70 -32.97
CA GLU K 6 6.46 -77.62 -32.36
C GLU K 6 6.09 -78.92 -31.66
N SER K 7 4.95 -78.88 -30.98
CA SER K 7 4.36 -80.06 -30.36
C SER K 7 2.91 -79.73 -30.01
N GLY K 8 2.21 -80.75 -29.51
CA GLY K 8 0.83 -80.62 -29.11
C GLY K 8 0.00 -81.77 -29.63
N PRO K 9 -1.28 -81.82 -29.26
CA PRO K 9 -2.15 -82.90 -29.76
C PRO K 9 -2.28 -82.84 -31.28
N GLY K 10 -2.48 -84.01 -31.89
CA GLY K 10 -2.67 -84.05 -33.32
C GLY K 10 -4.08 -83.77 -33.78
N LEU K 11 -5.03 -83.67 -32.85
CA LEU K 11 -6.43 -83.35 -33.13
C LEU K 11 -7.16 -83.21 -31.80
N VAL K 12 -8.13 -82.30 -31.72
CA VAL K 12 -9.00 -82.18 -30.57
C VAL K 12 -10.44 -82.32 -31.04
N LYS K 13 -11.32 -82.61 -30.09
CA LYS K 13 -12.72 -82.81 -30.39
C LYS K 13 -13.43 -81.46 -30.47
N PRO K 14 -14.60 -81.39 -31.11
CA PRO K 14 -15.33 -80.13 -31.18
C PRO K 14 -15.59 -79.54 -29.80
N SER K 15 -15.43 -78.22 -29.70
CA SER K 15 -15.61 -77.38 -28.52
C SER K 15 -14.46 -77.50 -27.51
N GLU K 16 -13.44 -78.32 -27.77
CA GLU K 16 -12.30 -78.40 -26.87
C GLU K 16 -11.28 -77.34 -27.24
N THR K 17 -10.41 -77.02 -26.29
CA THR K 17 -9.32 -76.08 -26.52
C THR K 17 -8.10 -76.82 -27.04
N LEU K 18 -7.54 -76.32 -28.14
CA LEU K 18 -6.31 -76.85 -28.72
C LEU K 18 -5.16 -76.08 -28.09
N SER K 19 -4.12 -76.80 -27.68
CA SER K 19 -2.94 -76.18 -27.08
C SER K 19 -1.69 -76.71 -27.76
N LEU K 20 -1.01 -75.83 -28.48
CA LEU K 20 0.21 -76.14 -29.23
C LEU K 20 1.36 -75.40 -28.58
N THR K 21 2.55 -76.01 -28.63
CA THR K 21 3.75 -75.38 -28.09
C THR K 21 4.82 -75.37 -29.17
N CYS K 22 5.82 -74.52 -28.96
CA CYS K 22 7.00 -74.44 -29.83
C CYS K 22 8.21 -74.15 -28.96
N ALA K 23 9.23 -74.98 -29.12
CA ALA K 23 10.51 -74.85 -28.44
C ALA K 23 11.50 -74.15 -29.35
N VAL K 24 12.33 -73.31 -28.72
CA VAL K 24 13.40 -72.55 -29.36
C VAL K 24 14.72 -73.15 -28.90
N SER K 25 15.51 -73.69 -29.84
CA SER K 25 16.78 -74.35 -29.53
C SER K 25 17.87 -73.66 -30.33
N GLY K 26 18.84 -73.08 -29.62
CA GLY K 26 19.90 -72.33 -30.26
C GLY K 26 19.65 -70.84 -30.33
N GLY K 27 18.82 -70.31 -29.45
CA GLY K 27 18.49 -68.90 -29.44
C GLY K 27 17.71 -68.54 -28.21
N SER K 28 17.21 -67.30 -28.18
CA SER K 28 16.53 -66.78 -27.00
C SER K 28 15.30 -65.98 -27.41
N ILE K 29 14.18 -66.28 -26.75
CA ILE K 29 12.90 -65.64 -27.05
C ILE K 29 12.98 -64.12 -26.93
N SER K 30 13.70 -63.63 -25.93
CA SER K 30 13.71 -62.19 -25.65
C SER K 30 14.21 -61.34 -26.81
N ASP K 31 15.00 -61.89 -27.73
CA ASP K 31 15.58 -61.09 -28.81
C ASP K 31 14.78 -61.14 -30.11
N TYR K 32 13.67 -61.88 -30.17
CA TYR K 32 12.89 -62.01 -31.40
C TYR K 32 11.41 -61.98 -31.06
N CYS K 33 10.58 -61.72 -32.07
CA CYS K 33 9.13 -61.85 -31.94
C CYS K 33 8.71 -63.20 -32.51
N TRP K 34 7.64 -63.77 -31.94
CA TRP K 34 7.22 -65.12 -32.30
C TRP K 34 5.79 -65.13 -32.84
N ASN K 35 5.63 -65.69 -34.04
CA ASN K 35 4.38 -65.71 -34.78
C ASN K 35 3.82 -67.12 -34.84
N TRP K 36 2.49 -67.23 -34.95
CA TRP K 36 1.82 -68.48 -35.27
C TRP K 36 1.07 -68.31 -36.59
N ILE K 37 1.23 -69.27 -37.49
CA ILE K 37 0.64 -69.24 -38.83
C ILE K 37 -0.16 -70.52 -39.06
N ARG K 38 -1.38 -70.37 -39.59
CA ARG K 38 -2.25 -71.49 -39.88
C ARG K 38 -2.30 -71.72 -41.39
N GLN K 39 -2.37 -72.99 -41.79
CA GLN K 39 -2.57 -73.37 -43.19
C GLN K 39 -3.55 -74.52 -43.33
N PRO K 40 -4.84 -74.25 -43.53
CA PRO K 40 -5.78 -75.36 -43.71
C PRO K 40 -5.39 -76.14 -44.95
N PRO K 41 -5.75 -77.43 -45.03
CA PRO K 41 -5.33 -78.22 -46.21
C PRO K 41 -5.82 -77.64 -47.53
N GLY K 42 -4.91 -77.54 -48.48
CA GLY K 42 -5.21 -77.07 -49.81
C GLY K 42 -5.33 -75.56 -49.95
N LYS K 43 -5.16 -74.82 -48.86
CA LYS K 43 -5.33 -73.37 -48.79
C LYS K 43 -3.99 -72.71 -48.56
N GLY K 44 -3.97 -71.39 -48.60
CA GLY K 44 -2.76 -70.62 -48.35
C GLY K 44 -2.59 -70.37 -46.86
N LEU K 45 -1.75 -69.38 -46.55
CA LEU K 45 -1.37 -69.11 -45.17
C LEU K 45 -2.29 -68.06 -44.54
N GLU K 46 -2.60 -68.27 -43.26
CA GLU K 46 -3.36 -67.31 -42.47
C GLU K 46 -2.61 -67.04 -41.18
N TRP K 47 -2.37 -65.76 -40.89
CA TRP K 47 -1.71 -65.36 -39.66
C TRP K 47 -2.67 -65.47 -38.48
N ILE K 48 -2.19 -66.03 -37.38
CA ILE K 48 -2.99 -66.19 -36.17
C ILE K 48 -2.74 -65.05 -35.19
N GLY K 49 -1.48 -64.79 -34.89
CA GLY K 49 -1.12 -63.80 -33.89
C GLY K 49 0.36 -63.89 -33.63
N TYR K 50 0.85 -62.96 -32.81
CA TYR K 50 2.24 -63.03 -32.41
C TYR K 50 2.42 -62.43 -31.02
N ILE K 51 3.52 -62.82 -30.39
CA ILE K 51 3.93 -62.30 -29.09
C ILE K 51 5.34 -61.77 -29.20
N GLY K 52 5.60 -60.66 -28.52
CA GLY K 52 6.93 -60.08 -28.53
C GLY K 52 7.85 -60.83 -27.60
N GLY K 53 9.08 -60.36 -27.53
CA GLY K 53 10.08 -61.01 -26.70
C GLY K 53 10.18 -60.37 -25.33
N SER K 54 11.13 -59.45 -25.20
CA SER K 54 11.34 -58.77 -23.92
C SER K 54 10.14 -57.94 -23.47
N SER K 55 9.28 -57.50 -24.41
CA SER K 55 8.14 -56.68 -24.01
C SER K 55 6.96 -57.50 -23.50
N GLY K 56 6.78 -58.72 -23.99
CA GLY K 56 5.66 -59.53 -23.56
C GLY K 56 4.33 -59.19 -24.20
N SER K 57 4.30 -58.21 -25.10
CA SER K 57 3.06 -57.79 -25.72
C SER K 57 2.59 -58.84 -26.71
N THR K 58 1.27 -58.94 -26.88
CA THR K 58 0.67 -59.85 -27.85
C THR K 58 -0.27 -59.10 -28.77
N TYR K 59 -0.40 -59.63 -29.98
CA TYR K 59 -1.34 -59.14 -30.97
C TYR K 59 -2.03 -60.34 -31.60
N TYR K 60 -3.30 -60.15 -31.96
CA TYR K 60 -4.09 -61.21 -32.57
C TYR K 60 -4.78 -60.71 -33.83
N ASN K 61 -5.03 -61.64 -34.74
CA ASN K 61 -5.79 -61.36 -35.95
C ASN K 61 -7.25 -61.07 -35.58
N PRO K 62 -7.89 -60.08 -36.22
CA PRO K 62 -9.34 -59.94 -36.03
C PRO K 62 -10.11 -61.18 -36.44
N SER K 63 -9.55 -62.01 -37.31
CA SER K 63 -10.19 -63.28 -37.60
C SER K 63 -9.95 -64.17 -36.39
N LEU K 64 -10.69 -65.28 -36.30
CA LEU K 64 -10.59 -66.13 -35.10
C LEU K 64 -10.84 -65.26 -33.88
N LYS K 65 -11.84 -64.39 -33.99
CA LYS K 65 -12.13 -63.38 -32.99
C LYS K 65 -12.29 -63.97 -31.59
N GLY K 66 -11.57 -63.35 -30.64
CA GLY K 66 -11.51 -63.85 -29.29
C GLY K 66 -10.78 -65.17 -29.37
N ARG K 67 -11.07 -66.06 -28.43
CA ARG K 67 -10.59 -67.45 -28.46
C ARG K 67 -9.07 -67.67 -28.43
N VAL K 68 -8.28 -66.85 -29.13
CA VAL K 68 -6.85 -67.08 -29.30
C VAL K 68 -6.10 -66.46 -28.13
N THR K 69 -5.24 -67.25 -27.50
CA THR K 69 -4.34 -66.79 -26.46
C THR K 69 -2.93 -67.22 -26.88
N ILE K 70 -1.98 -66.30 -26.85
CA ILE K 70 -0.59 -66.59 -27.16
C ILE K 70 0.23 -66.16 -25.95
N SER K 71 1.20 -67.00 -25.56
CA SER K 71 2.02 -66.69 -24.41
C SER K 71 3.41 -67.26 -24.64
N ALA K 72 4.35 -66.83 -23.79
CA ALA K 72 5.72 -67.30 -23.86
C ALA K 72 6.30 -67.37 -22.45
N ASP K 73 7.28 -68.25 -22.29
CA ASP K 73 7.97 -68.44 -21.02
C ASP K 73 9.46 -68.51 -21.34
N THR K 74 10.15 -67.41 -21.04
CA THR K 74 11.56 -67.27 -21.37
C THR K 74 12.46 -68.08 -20.44
N SER K 75 11.93 -68.60 -19.33
CA SER K 75 12.78 -69.36 -18.42
C SER K 75 13.05 -70.76 -18.95
N GLU K 76 12.20 -71.25 -19.85
CA GLU K 76 12.37 -72.52 -20.53
C GLU K 76 12.58 -72.31 -22.03
N ASN K 77 12.67 -71.05 -22.48
CA ASN K 77 12.83 -70.71 -23.88
C ASN K 77 11.78 -71.38 -24.75
N ARG K 78 10.51 -71.26 -24.34
CA ARG K 78 9.41 -71.87 -25.08
C ARG K 78 8.25 -70.89 -25.19
N PHE K 79 7.35 -71.17 -26.13
CA PHE K 79 6.13 -70.38 -26.22
C PHE K 79 5.00 -71.27 -26.69
N SER K 80 3.76 -70.79 -26.51
CA SER K 80 2.60 -71.60 -26.83
C SER K 80 1.43 -70.78 -27.32
N LEU K 81 0.51 -71.49 -27.97
CA LEU K 81 -0.73 -71.00 -28.56
C LEU K 81 -1.89 -71.84 -28.04
N LYS K 82 -2.95 -71.19 -27.58
CA LYS K 82 -4.18 -71.85 -27.18
C LYS K 82 -5.33 -71.29 -28.00
N LEU K 83 -6.17 -72.18 -28.53
CA LEU K 83 -7.36 -71.81 -29.28
C LEU K 83 -8.56 -72.51 -28.64
N SER K 84 -9.44 -71.73 -28.02
CA SER K 84 -10.62 -72.31 -27.38
C SER K 84 -11.68 -72.61 -28.42
N SER K 85 -12.67 -73.44 -28.01
CA SER K 85 -13.86 -73.74 -28.80
C SER K 85 -13.53 -74.14 -30.24
N VAL K 86 -12.62 -75.09 -30.38
CA VAL K 86 -12.17 -75.50 -31.70
C VAL K 86 -13.31 -76.18 -32.44
N THR K 87 -13.50 -75.81 -33.71
CA THR K 87 -14.55 -76.35 -34.56
C THR K 87 -13.91 -77.06 -35.76
N ALA K 88 -14.78 -77.62 -36.61
CA ALA K 88 -14.31 -78.35 -37.79
C ALA K 88 -13.50 -77.48 -38.73
N ALA K 89 -13.85 -76.19 -38.83
CA ALA K 89 -13.17 -75.29 -39.75
C ALA K 89 -11.76 -74.92 -39.29
N ASP K 90 -11.36 -75.29 -38.08
CA ASP K 90 -10.04 -74.94 -37.55
C ASP K 90 -9.01 -76.03 -37.74
N THR K 91 -9.33 -77.12 -38.44
CA THR K 91 -8.33 -78.14 -38.70
C THR K 91 -7.36 -77.58 -39.74
N ALA K 92 -6.06 -77.72 -39.47
CA ALA K 92 -5.07 -77.08 -40.32
C ALA K 92 -3.69 -77.53 -39.88
N VAL K 93 -2.68 -77.21 -40.68
CA VAL K 93 -1.30 -77.37 -40.23
C VAL K 93 -0.91 -76.06 -39.55
N TYR K 94 -0.42 -76.16 -38.32
CA TYR K 94 0.00 -74.99 -37.56
C TYR K 94 1.52 -74.91 -37.54
N TYR K 95 2.03 -73.69 -37.70
CA TYR K 95 3.46 -73.44 -37.67
C TYR K 95 3.77 -72.35 -36.67
N CYS K 96 4.93 -72.48 -36.03
CA CYS K 96 5.51 -71.42 -35.22
C CYS K 96 6.62 -70.80 -36.07
N ALA K 97 6.88 -69.51 -35.87
CA ALA K 97 7.95 -68.88 -36.64
C ALA K 97 8.58 -67.74 -35.86
N ARG K 98 9.84 -67.50 -36.19
CA ARG K 98 10.65 -66.44 -35.60
C ARG K 98 10.65 -65.25 -36.54
N SER K 99 10.54 -64.05 -35.98
CA SER K 99 10.66 -62.82 -36.74
C SER K 99 11.70 -61.89 -36.12
N PRO K 100 12.46 -61.16 -36.94
CA PRO K 100 13.45 -60.22 -36.41
C PRO K 100 12.79 -58.95 -35.91
N ILE K 101 13.53 -58.23 -35.08
CA ILE K 101 13.12 -56.93 -34.57
C ILE K 101 14.19 -55.91 -34.94
N THR K 102 13.77 -54.84 -35.64
CA THR K 102 14.62 -53.70 -35.93
C THR K 102 14.18 -52.63 -34.93
N VAL K 103 15.07 -52.28 -34.02
CA VAL K 103 14.74 -51.40 -32.90
C VAL K 103 15.13 -49.97 -33.24
N PHE K 104 14.17 -49.06 -33.08
CA PHE K 104 14.38 -47.63 -33.23
C PHE K 104 14.20 -46.87 -31.94
N GLY K 105 13.49 -47.44 -30.96
CA GLY K 105 13.25 -46.83 -29.67
C GLY K 105 13.48 -47.85 -28.57
N VAL K 106 12.65 -47.76 -27.53
CA VAL K 106 12.76 -48.66 -26.38
C VAL K 106 12.10 -49.99 -26.74
N VAL K 107 12.85 -51.08 -26.62
CA VAL K 107 12.34 -52.39 -27.03
C VAL K 107 11.20 -52.84 -26.13
N ILE K 108 11.23 -52.49 -24.84
CA ILE K 108 10.17 -52.92 -23.91
C ILE K 108 8.84 -52.23 -24.19
N PHE K 109 8.82 -51.21 -25.05
CA PHE K 109 7.60 -50.49 -25.42
C PHE K 109 7.14 -50.88 -26.81
N ASP K 110 7.71 -51.94 -27.38
CA ASP K 110 7.43 -52.40 -28.74
C ASP K 110 7.74 -51.33 -29.78
N GLU K 111 8.78 -50.53 -29.54
CA GLU K 111 9.17 -49.50 -30.49
C GLU K 111 10.15 -50.08 -31.51
N TYR K 112 9.61 -50.96 -32.36
CA TYR K 112 10.40 -51.65 -33.37
C TYR K 112 9.49 -52.05 -34.52
N THR K 113 10.12 -52.37 -35.66
CA THR K 113 9.43 -52.86 -36.84
C THR K 113 9.70 -54.35 -36.96
N THR K 114 8.62 -55.14 -37.04
CA THR K 114 8.70 -56.57 -37.21
C THR K 114 7.60 -57.02 -38.18
N GLY K 115 7.55 -58.31 -38.42
CA GLY K 115 6.56 -58.91 -39.29
C GLY K 115 7.13 -59.87 -40.32
N ASN K 116 8.42 -59.77 -40.59
CA ASN K 116 9.07 -60.69 -41.51
C ASN K 116 9.23 -62.01 -40.79
N LEU K 117 9.06 -63.12 -41.50
CA LEU K 117 9.29 -64.45 -40.95
C LEU K 117 10.60 -64.99 -41.52
N ASP K 118 11.57 -65.21 -40.64
CA ASP K 118 12.90 -65.69 -41.00
C ASP K 118 13.08 -67.19 -40.84
N LEU K 119 12.36 -67.84 -39.92
CA LEU K 119 12.55 -69.26 -39.66
C LEU K 119 11.21 -69.90 -39.35
N TRP K 120 10.91 -71.00 -40.05
CA TRP K 120 9.68 -71.77 -39.86
C TRP K 120 9.99 -73.11 -39.23
N GLY K 121 9.10 -73.57 -38.37
CA GLY K 121 9.21 -74.90 -37.79
C GLY K 121 8.72 -75.97 -38.75
N PRO K 122 8.97 -77.23 -38.37
CA PRO K 122 8.48 -78.36 -39.20
C PRO K 122 6.98 -78.35 -39.48
N GLY K 123 6.17 -77.88 -38.54
CA GLY K 123 4.72 -77.86 -38.69
C GLY K 123 4.06 -79.00 -37.94
N THR K 124 2.85 -78.73 -37.45
CA THR K 124 2.06 -79.70 -36.70
C THR K 124 0.67 -79.82 -37.31
N PRO K 125 0.42 -80.85 -38.14
CA PRO K 125 -0.94 -81.04 -38.65
C PRO K 125 -1.93 -81.28 -37.52
N ILE K 126 -3.07 -80.60 -37.59
CA ILE K 126 -4.15 -80.73 -36.62
C ILE K 126 -5.39 -81.16 -37.39
N ASP L 1 -7.88 -54.82 -42.68
CA ASP L 1 -7.56 -56.12 -43.33
C ASP L 1 -7.14 -55.83 -44.77
N ILE L 2 -5.83 -55.77 -44.96
CA ILE L 2 -5.24 -55.43 -46.25
C ILE L 2 -5.33 -56.66 -47.16
N GLN L 3 -5.83 -56.45 -48.37
CA GLN L 3 -5.98 -57.51 -49.35
C GLN L 3 -4.75 -57.54 -50.27
N MET L 4 -4.42 -58.75 -50.72
CA MET L 4 -3.31 -59.01 -51.62
C MET L 4 -3.74 -59.98 -52.69
N THR L 5 -3.36 -59.70 -53.94
CA THR L 5 -3.56 -60.62 -55.04
C THR L 5 -2.22 -60.90 -55.71
N GLN L 6 -2.21 -61.95 -56.54
CA GLN L 6 -1.00 -62.38 -57.23
C GLN L 6 -1.35 -62.66 -58.69
N SER L 7 -0.34 -62.51 -59.56
CA SER L 7 -0.55 -62.74 -60.98
C SER L 7 0.71 -63.34 -61.61
N PRO L 8 0.61 -64.44 -62.38
CA PRO L 8 -0.58 -65.26 -62.72
C PRO L 8 -0.93 -66.16 -61.55
N SER L 9 -2.09 -66.81 -61.49
CA SER L 9 -2.31 -67.80 -60.43
C SER L 9 -1.53 -69.08 -60.69
N SER L 10 -1.20 -69.38 -61.95
CA SER L 10 -0.44 -70.57 -62.31
C SER L 10 0.38 -70.21 -63.53
N LEU L 11 1.70 -70.37 -63.47
CA LEU L 11 2.60 -69.97 -64.54
C LEU L 11 3.29 -71.19 -65.14
N SER L 12 3.00 -71.48 -66.40
CA SER L 12 3.61 -72.60 -67.10
C SER L 12 5.04 -72.26 -67.49
N ALA L 13 5.98 -73.15 -67.15
CA ALA L 13 7.39 -72.89 -67.44
C ALA L 13 8.13 -74.21 -67.50
N SER L 14 9.27 -74.20 -68.22
CA SER L 14 10.16 -75.34 -68.33
C SER L 14 11.42 -75.07 -67.49
N VAL L 15 12.33 -76.04 -67.50
CA VAL L 15 13.55 -75.98 -66.69
C VAL L 15 14.54 -75.00 -67.33
N GLY L 16 15.03 -74.06 -66.52
CA GLY L 16 15.98 -73.06 -66.95
C GLY L 16 15.36 -71.76 -67.43
N ASP L 17 14.03 -71.69 -67.51
CA ASP L 17 13.35 -70.48 -67.95
C ASP L 17 13.49 -69.36 -66.92
N LYS L 18 13.50 -68.13 -67.41
CA LYS L 18 13.44 -66.94 -66.56
C LYS L 18 11.96 -66.64 -66.33
N VAL L 19 11.57 -66.48 -65.07
CA VAL L 19 10.17 -66.23 -64.73
C VAL L 19 10.03 -65.03 -63.80
N THR L 20 8.87 -64.37 -63.89
CA THR L 20 8.50 -63.26 -63.02
C THR L 20 7.13 -63.52 -62.40
N ILE L 21 7.05 -63.34 -61.08
CA ILE L 21 5.83 -63.47 -60.29
C ILE L 21 5.46 -62.09 -59.77
N THR L 22 4.20 -61.66 -59.95
CA THR L 22 3.83 -60.33 -59.50
C THR L 22 2.81 -60.40 -58.37
N CYS L 23 2.82 -59.36 -57.53
CA CYS L 23 1.89 -59.19 -56.41
C CYS L 23 1.33 -57.78 -56.45
N HIS L 24 0.03 -57.67 -56.19
CA HIS L 24 -0.70 -56.41 -56.22
C HIS L 24 -1.45 -56.18 -54.91
N ALA L 25 -1.06 -55.13 -54.20
CA ALA L 25 -1.63 -54.72 -52.92
C ALA L 25 -2.78 -53.74 -53.14
N SER L 26 -3.78 -53.80 -52.26
CA SER L 26 -4.88 -52.84 -52.36
C SER L 26 -4.46 -51.43 -51.97
N GLN L 27 -3.36 -51.26 -51.25
CA GLN L 27 -2.88 -49.94 -50.86
C GLN L 27 -1.36 -49.96 -50.78
N ASP L 28 -0.75 -48.78 -50.80
CA ASP L 28 0.69 -48.68 -50.68
C ASP L 28 1.15 -49.28 -49.36
N ILE L 29 2.12 -50.20 -49.44
CA ILE L 29 2.65 -50.91 -48.30
C ILE L 29 4.10 -50.53 -47.98
N SER L 30 4.60 -49.44 -48.60
CA SER L 30 5.92 -48.89 -48.31
C SER L 30 7.06 -49.93 -48.31
N SER L 31 7.04 -50.82 -49.30
CA SER L 31 8.06 -51.84 -49.52
C SER L 31 8.16 -52.91 -48.43
N TRP L 32 7.25 -52.94 -47.45
CA TRP L 32 7.30 -53.97 -46.41
C TRP L 32 6.56 -55.23 -46.89
N LEU L 33 7.20 -55.88 -47.86
CA LEU L 33 6.68 -57.07 -48.53
C LEU L 33 7.74 -58.17 -48.48
N ALA L 34 7.34 -59.37 -48.07
CA ALA L 34 8.22 -60.53 -48.03
C ALA L 34 7.75 -61.62 -48.97
N TRP L 35 8.71 -62.32 -49.58
CA TRP L 35 8.43 -63.44 -50.48
C TRP L 35 8.90 -64.75 -49.85
N TYR L 36 8.02 -65.77 -49.94
CA TYR L 36 8.22 -67.13 -49.42
C TYR L 36 7.97 -68.20 -50.48
N GLN L 37 8.70 -69.32 -50.35
CA GLN L 37 8.61 -70.50 -51.21
C GLN L 37 8.16 -71.71 -50.41
N GLN L 38 7.04 -72.33 -50.80
CA GLN L 38 6.50 -73.49 -50.11
C GLN L 38 6.39 -74.68 -51.05
N LYS L 39 6.83 -75.85 -50.57
CA LYS L 39 6.75 -77.15 -51.21
C LYS L 39 5.65 -77.97 -50.53
N PRO L 40 5.00 -78.90 -51.23
CA PRO L 40 3.99 -79.73 -50.56
C PRO L 40 4.58 -80.51 -49.39
N GLY L 41 3.88 -80.49 -48.26
CA GLY L 41 4.29 -81.23 -47.10
C GLY L 41 5.34 -80.55 -46.23
N LYS L 42 5.84 -79.38 -46.61
CA LYS L 42 6.86 -78.66 -45.86
C LYS L 42 6.40 -77.26 -45.54
N ALA L 43 7.04 -76.69 -44.51
CA ALA L 43 6.82 -75.30 -44.17
C ALA L 43 7.40 -74.39 -45.26
N PRO L 44 6.82 -73.22 -45.50
CA PRO L 44 7.45 -72.27 -46.41
C PRO L 44 8.81 -71.84 -45.87
N LYS L 45 9.71 -71.45 -46.78
CA LYS L 45 11.00 -70.89 -46.36
C LYS L 45 11.17 -69.48 -46.91
N PRO L 46 11.90 -68.60 -46.19
CA PRO L 46 12.11 -67.24 -46.69
C PRO L 46 12.95 -67.12 -47.96
N LEU L 47 12.59 -66.11 -48.76
CA LEU L 47 13.38 -65.68 -49.91
C LEU L 47 13.79 -64.23 -49.75
N ILE L 48 12.81 -63.32 -49.70
CA ILE L 48 13.10 -61.89 -49.71
C ILE L 48 12.30 -61.20 -48.63
N TYR L 49 12.91 -60.20 -48.01
CA TYR L 49 12.27 -59.36 -47.01
C TYR L 49 12.45 -57.90 -47.41
N TYR L 50 11.52 -57.07 -46.95
CA TYR L 50 11.50 -55.64 -47.24
C TYR L 50 11.56 -55.40 -48.76
N ALA L 51 10.77 -56.20 -49.48
CA ALA L 51 10.56 -56.13 -50.92
C ALA L 51 11.75 -56.52 -51.78
N SER L 52 12.96 -56.01 -51.49
CA SER L 52 14.14 -56.27 -52.33
C SER L 52 15.33 -56.90 -51.62
N SER L 53 15.32 -57.09 -50.31
CA SER L 53 16.48 -57.60 -49.60
C SER L 53 16.47 -59.13 -49.59
N LEU L 54 17.56 -59.73 -50.07
CA LEU L 54 17.65 -61.18 -50.16
C LEU L 54 17.98 -61.78 -48.79
N GLN L 55 17.31 -62.88 -48.48
CA GLN L 55 17.59 -63.62 -47.26
C GLN L 55 18.92 -64.35 -47.37
N SER L 56 19.67 -64.39 -46.26
CA SER L 56 20.92 -65.12 -46.24
C SER L 56 20.66 -66.60 -46.50
N GLY L 57 21.52 -67.21 -47.31
CA GLY L 57 21.39 -68.63 -47.62
C GLY L 57 20.58 -68.93 -48.86
N VAL L 58 19.90 -67.93 -49.42
CA VAL L 58 19.07 -68.10 -50.61
C VAL L 58 19.95 -67.87 -51.84
N PRO L 59 19.93 -68.75 -52.86
CA PRO L 59 20.78 -68.54 -54.04
C PRO L 59 20.59 -67.19 -54.70
N SER L 60 21.68 -66.68 -55.27
CA SER L 60 21.72 -65.37 -55.93
C SER L 60 20.82 -65.31 -57.16
N ARG L 61 20.32 -66.45 -57.64
CA ARG L 61 19.41 -66.47 -58.79
C ARG L 61 18.07 -65.82 -58.49
N PHE L 62 17.75 -65.61 -57.22
CA PHE L 62 16.50 -64.97 -56.82
C PHE L 62 16.73 -63.48 -56.64
N SER L 63 15.79 -62.67 -57.14
CA SER L 63 15.87 -61.24 -56.98
C SER L 63 14.45 -60.69 -57.07
N GLY L 64 14.30 -59.41 -56.79
CA GLY L 64 12.98 -58.81 -56.88
C GLY L 64 13.04 -57.34 -56.60
N SER L 65 11.92 -56.67 -56.83
CA SER L 65 11.84 -55.24 -56.65
C SER L 65 10.37 -54.82 -56.68
N GLY L 66 10.14 -53.52 -56.60
CA GLY L 66 8.80 -52.98 -56.69
C GLY L 66 8.55 -51.82 -55.75
N SER L 67 7.36 -51.23 -55.85
CA SER L 67 7.02 -50.10 -55.00
C SER L 67 5.51 -49.92 -55.00
N GLY L 68 5.05 -49.11 -54.06
CA GLY L 68 3.64 -48.76 -54.04
C GLY L 68 2.81 -50.00 -53.81
N THR L 69 1.99 -50.31 -54.81
CA THR L 69 1.10 -51.46 -54.80
C THR L 69 1.56 -52.59 -55.70
N ASP L 70 2.65 -52.43 -56.44
CA ASP L 70 3.07 -53.39 -57.46
C ASP L 70 4.49 -53.88 -57.20
N TYR L 71 4.62 -55.19 -56.93
CA TYR L 71 5.91 -55.79 -56.63
C TYR L 71 6.13 -57.03 -57.48
N THR L 72 7.40 -57.34 -57.77
CA THR L 72 7.76 -58.52 -58.55
C THR L 72 8.91 -59.30 -57.94
N LEU L 73 8.88 -60.61 -58.20
CA LEU L 73 9.92 -61.59 -57.89
C LEU L 73 10.43 -62.15 -59.20
N THR L 74 11.75 -62.15 -59.41
CA THR L 74 12.38 -62.65 -60.62
C THR L 74 13.26 -63.85 -60.29
N ILE L 75 13.08 -64.93 -61.05
CA ILE L 75 13.91 -66.13 -60.97
C ILE L 75 14.61 -66.28 -62.31
N THR L 76 15.94 -66.16 -62.30
CA THR L 76 16.73 -66.15 -63.54
C THR L 76 17.02 -67.54 -64.12
N SER L 77 16.87 -68.61 -63.35
CA SER L 77 17.15 -69.96 -63.85
C SER L 77 16.32 -70.95 -63.05
N LEU L 78 15.22 -71.41 -63.66
CA LEU L 78 14.23 -72.24 -62.97
C LEU L 78 14.67 -73.69 -62.92
N GLN L 79 15.46 -74.03 -61.90
CA GLN L 79 15.97 -75.37 -61.68
C GLN L 79 14.88 -76.21 -61.02
N PRO L 80 14.95 -77.54 -61.08
CA PRO L 80 13.84 -78.34 -60.49
C PRO L 80 13.47 -78.07 -59.03
N GLU L 81 14.41 -77.67 -58.16
CA GLU L 81 14.09 -77.39 -56.76
C GLU L 81 13.19 -76.16 -56.63
N ASP L 82 13.05 -75.33 -57.66
CA ASP L 82 12.27 -74.10 -57.60
C ASP L 82 10.84 -74.25 -58.10
N PHE L 83 10.37 -75.46 -58.39
CA PHE L 83 8.96 -75.62 -58.79
C PHE L 83 8.17 -75.68 -57.49
N ALA L 84 7.67 -74.53 -57.06
CA ALA L 84 7.08 -74.36 -55.74
C ALA L 84 5.97 -73.33 -55.82
N THR L 85 5.17 -73.27 -54.76
CA THR L 85 4.15 -72.22 -54.66
C THR L 85 4.77 -71.05 -53.91
N TYR L 86 4.68 -69.86 -54.50
CA TYR L 86 5.27 -68.65 -53.94
C TYR L 86 4.19 -67.78 -53.32
N TYR L 87 4.49 -67.21 -52.16
CA TYR L 87 3.57 -66.36 -51.43
C TYR L 87 4.18 -65.00 -51.11
N CYS L 88 3.32 -63.99 -51.16
CA CYS L 88 3.59 -62.64 -50.70
C CYS L 88 3.00 -62.39 -49.32
N GLN L 89 3.82 -61.89 -48.40
CA GLN L 89 3.38 -61.53 -47.05
C GLN L 89 3.49 -60.02 -46.90
N GLN L 90 2.38 -59.40 -46.51
CA GLN L 90 2.27 -57.96 -46.33
C GLN L 90 2.31 -57.65 -44.83
N TYR L 91 3.41 -57.05 -44.37
CA TYR L 91 3.58 -56.73 -42.95
C TYR L 91 3.63 -55.22 -42.67
N ASP L 92 3.18 -54.38 -43.60
CA ASP L 92 3.15 -52.95 -43.34
C ASP L 92 2.16 -52.61 -42.24
N ASP L 93 1.05 -53.34 -42.16
CA ASP L 93 0.00 -53.02 -41.20
C ASP L 93 -0.57 -54.36 -40.74
N LEU L 94 -1.20 -54.32 -39.58
CA LEU L 94 -1.69 -55.50 -38.91
C LEU L 94 -3.21 -55.59 -39.06
N PRO L 95 -3.83 -56.76 -39.27
CA PRO L 95 -3.28 -58.14 -39.29
C PRO L 95 -2.39 -58.43 -40.48
N PHE L 96 -1.45 -59.36 -40.34
CA PHE L 96 -0.62 -59.75 -41.47
C PHE L 96 -1.49 -60.60 -42.39
N THR L 97 -1.33 -60.41 -43.70
CA THR L 97 -2.06 -61.20 -44.68
C THR L 97 -1.10 -61.82 -45.70
N PHE L 98 -1.60 -62.85 -46.37
CA PHE L 98 -0.88 -63.54 -47.43
C PHE L 98 -1.75 -63.57 -48.68
N GLY L 99 -1.10 -63.61 -49.85
CA GLY L 99 -1.82 -63.76 -51.09
C GLY L 99 -2.22 -65.19 -51.33
N PRO L 100 -3.01 -65.41 -52.39
CA PRO L 100 -3.47 -66.78 -52.69
C PRO L 100 -2.36 -67.72 -53.12
N GLY L 101 -1.25 -67.20 -53.60
CA GLY L 101 -0.12 -68.02 -54.06
C GLY L 101 -0.17 -68.30 -55.55
N THR L 102 1.03 -68.44 -56.14
CA THR L 102 1.21 -68.76 -57.55
C THR L 102 1.99 -70.06 -57.66
N LYS L 103 1.45 -71.03 -58.40
CA LYS L 103 2.09 -72.32 -58.60
C LYS L 103 2.90 -72.32 -59.90
N LEU L 104 4.14 -72.76 -59.81
CA LEU L 104 4.99 -72.98 -60.98
C LEU L 104 4.96 -74.44 -61.37
N ASP L 105 4.89 -74.71 -62.66
CA ASP L 105 4.88 -76.08 -63.16
C ASP L 105 5.53 -76.11 -64.54
N ASN M 3 7.97 36.95 36.28
CA ASN M 3 7.70 36.07 37.41
C ASN M 3 7.37 34.66 36.94
N LEU M 4 6.52 34.56 35.92
CA LEU M 4 6.07 33.29 35.39
C LEU M 4 6.85 32.94 34.13
N TRP M 5 7.07 31.65 33.93
CA TRP M 5 7.85 31.13 32.82
C TRP M 5 7.01 30.10 32.05
N VAL M 6 7.32 29.96 30.76
CA VAL M 6 6.62 28.99 29.93
C VAL M 6 7.05 27.59 30.32
N THR M 7 6.08 26.71 30.59
CA THR M 7 6.34 25.30 30.86
C THR M 7 5.60 24.48 29.80
N VAL M 8 6.31 23.53 29.21
CA VAL M 8 5.81 22.69 28.13
C VAL M 8 5.25 21.41 28.74
N TYR M 9 4.04 21.04 28.34
CA TYR M 9 3.38 19.81 28.79
C TYR M 9 3.04 18.96 27.58
N TYR M 10 3.37 17.67 27.66
CA TYR M 10 3.08 16.69 26.63
C TYR M 10 2.18 15.63 27.25
N GLY M 11 1.11 15.28 26.56
CA GLY M 11 0.10 14.39 27.10
C GLY M 11 -1.15 15.13 27.53
N VAL M 12 -1.31 16.38 27.13
CA VAL M 12 -2.42 17.25 27.52
C VAL M 12 -3.73 16.70 26.95
N PRO M 13 -4.80 16.49 27.79
CA PRO M 13 -6.06 15.91 27.29
C PRO M 13 -6.96 16.88 26.51
N VAL M 14 -6.49 17.31 25.34
CA VAL M 14 -7.24 18.21 24.46
C VAL M 14 -7.32 17.59 23.07
N TRP M 15 -8.25 18.09 22.27
CA TRP M 15 -8.47 17.56 20.94
C TRP M 15 -9.01 18.63 20.02
N LYS M 16 -8.96 18.33 18.72
CA LYS M 16 -9.47 19.17 17.65
C LYS M 16 -10.38 18.35 16.76
N ASP M 17 -11.35 19.00 16.13
CA ASP M 17 -12.19 18.27 15.19
C ASP M 17 -11.31 17.78 14.04
N ALA M 18 -11.54 16.56 13.59
CA ALA M 18 -10.72 16.02 12.51
C ALA M 18 -11.46 14.93 11.76
N GLU M 19 -10.98 14.68 10.54
CA GLU M 19 -11.44 13.59 9.70
C GLU M 19 -10.27 12.65 9.47
N THR M 20 -10.54 11.35 9.51
CA THR M 20 -9.50 10.35 9.26
C THR M 20 -10.16 9.07 8.79
N THR M 21 -9.34 8.03 8.63
CA THR M 21 -9.81 6.71 8.21
C THR M 21 -9.98 5.83 9.42
N LEU M 22 -11.20 5.34 9.62
CA LEU M 22 -11.53 4.43 10.70
C LEU M 22 -11.42 3.01 10.15
N PHE M 23 -11.14 2.04 11.01
CA PHE M 23 -11.04 0.66 10.54
C PHE M 23 -12.23 -0.17 11.00
N CYS M 24 -12.46 -1.24 10.22
CA CYS M 24 -13.51 -2.21 10.48
C CYS M 24 -13.12 -3.13 11.62
N ALA M 25 -14.06 -3.39 12.51
CA ALA M 25 -13.90 -4.42 13.51
C ALA M 25 -15.21 -5.18 13.59
N SER M 26 -15.13 -6.52 13.63
CA SER M 26 -16.32 -7.33 13.66
C SER M 26 -15.98 -8.72 14.18
N ASP M 27 -16.87 -9.28 14.99
CA ASP M 27 -16.67 -10.63 15.52
C ASP M 27 -16.99 -11.67 14.46
N HIS M 36 -20.58 -17.84 3.18
CA HIS M 36 -19.83 -16.59 3.24
C HIS M 36 -20.89 -15.48 3.38
N ASN M 37 -20.48 -14.22 3.50
CA ASN M 37 -21.43 -13.13 3.68
C ASN M 37 -20.83 -11.86 3.09
N VAL M 38 -21.63 -11.16 2.29
CA VAL M 38 -21.20 -9.96 1.57
C VAL M 38 -20.59 -8.88 2.47
N TRP M 39 -21.08 -8.71 3.71
CA TRP M 39 -20.58 -7.67 4.60
C TRP M 39 -19.75 -8.22 5.77
N ALA M 40 -19.21 -9.44 5.67
CA ALA M 40 -18.40 -10.03 6.73
C ALA M 40 -17.17 -10.69 6.12
N THR M 41 -16.36 -9.89 5.45
CA THR M 41 -15.17 -10.40 4.78
C THR M 41 -14.05 -10.58 5.81
N HIS M 42 -12.97 -11.23 5.36
CA HIS M 42 -11.84 -11.46 6.24
C HIS M 42 -11.05 -10.18 6.52
N ALA M 43 -11.25 -9.13 5.72
CA ALA M 43 -10.52 -7.88 5.89
C ALA M 43 -11.19 -7.00 6.95
N CYS M 44 -11.17 -7.51 8.19
CA CYS M 44 -11.79 -6.81 9.30
C CYS M 44 -11.17 -7.36 10.59
N VAL M 45 -10.84 -6.46 11.50
CA VAL M 45 -10.10 -6.78 12.73
C VAL M 45 -11.06 -7.43 13.75
N PRO M 46 -10.70 -8.56 14.37
CA PRO M 46 -11.56 -9.09 15.44
C PRO M 46 -11.78 -8.05 16.53
N THR M 47 -12.98 -8.03 17.11
CA THR M 47 -13.32 -7.01 18.10
C THR M 47 -12.79 -7.35 19.48
N ASP M 48 -12.80 -6.33 20.33
CA ASP M 48 -12.43 -6.48 21.72
C ASP M 48 -13.61 -7.07 22.49
N PRO M 49 -13.49 -8.26 23.10
CA PRO M 49 -14.64 -8.80 23.86
C PRO M 49 -15.12 -7.91 25.00
N ASN M 50 -14.30 -6.98 25.49
CA ASN M 50 -14.65 -6.12 26.62
C ASN M 50 -14.25 -4.68 26.32
N PRO M 51 -14.95 -4.02 25.40
CA PRO M 51 -14.53 -2.67 25.00
C PRO M 51 -14.76 -1.70 26.15
N GLN M 52 -13.97 -0.63 26.15
CA GLN M 52 -14.03 0.36 27.22
C GLN M 52 -14.84 1.59 26.81
N GLU M 53 -15.42 2.23 27.83
CA GLU M 53 -16.11 3.50 27.70
C GLU M 53 -15.73 4.32 28.93
N ILE M 54 -15.28 5.55 28.71
CA ILE M 54 -14.85 6.44 29.79
C ILE M 54 -15.75 7.66 29.78
N HIS M 55 -16.58 7.81 30.80
CA HIS M 55 -17.45 8.97 30.90
C HIS M 55 -16.60 10.20 31.13
N LEU M 56 -16.90 11.28 30.39
CA LEU M 56 -16.18 12.54 30.55
C LEU M 56 -17.05 13.51 31.36
N GLU M 57 -16.65 13.76 32.59
CA GLU M 57 -17.40 14.67 33.44
C GLU M 57 -17.12 16.11 33.02
N ASN M 58 -18.14 16.96 33.12
CA ASN M 58 -18.01 18.39 32.87
C ASN M 58 -17.45 18.70 31.48
N VAL M 59 -17.83 17.91 30.48
CA VAL M 59 -17.43 18.12 29.09
C VAL M 59 -18.69 18.30 28.27
N THR M 60 -18.77 19.42 27.53
CA THR M 60 -19.94 19.75 26.71
C THR M 60 -19.49 20.03 25.28
N GLU M 61 -19.30 18.96 24.51
CA GLU M 61 -18.85 19.08 23.13
C GLU M 61 -20.04 19.31 22.21
N GLU M 62 -19.80 20.04 21.12
CA GLU M 62 -20.83 20.31 20.13
C GLU M 62 -20.76 19.29 19.00
N PHE M 63 -21.89 18.64 18.72
CA PHE M 63 -22.02 17.62 17.70
C PHE M 63 -22.80 18.18 16.52
N ASN M 64 -22.57 17.62 15.33
CA ASN M 64 -23.34 18.00 14.16
C ASN M 64 -23.46 16.75 13.26
N MET M 65 -24.60 16.06 13.35
CA MET M 65 -24.78 14.81 12.62
C MET M 65 -24.82 15.02 11.11
N TRP M 66 -25.04 16.24 10.64
CA TRP M 66 -25.20 16.48 9.21
C TRP M 66 -23.88 16.79 8.52
N LYS M 67 -22.79 16.94 9.28
CA LYS M 67 -21.46 17.25 8.77
C LYS M 67 -20.47 16.19 9.23
N ASN M 68 -20.97 15.02 9.60
CA ASN M 68 -20.20 13.94 10.20
C ASN M 68 -19.54 13.11 9.10
N ASN M 69 -18.22 13.21 8.99
CA ASN M 69 -17.50 12.53 7.92
C ASN M 69 -17.56 11.01 8.03
N MET M 70 -17.98 10.46 9.18
CA MET M 70 -18.04 9.01 9.32
C MET M 70 -19.05 8.40 8.36
N VAL M 71 -20.07 9.19 7.96
CA VAL M 71 -21.12 8.67 7.11
C VAL M 71 -20.59 8.39 5.71
N GLU M 72 -19.77 9.29 5.17
CA GLU M 72 -19.25 9.09 3.83
C GLU M 72 -18.30 7.89 3.80
N GLN M 73 -17.49 7.71 4.83
CA GLN M 73 -16.60 6.55 4.85
C GLN M 73 -17.43 5.28 4.93
N MET M 74 -18.45 5.24 5.79
CA MET M 74 -19.23 4.02 5.90
C MET M 74 -19.90 3.70 4.57
N HIS M 75 -20.40 4.74 3.88
CA HIS M 75 -21.02 4.54 2.58
C HIS M 75 -20.03 3.92 1.60
N GLU M 76 -18.85 4.53 1.48
CA GLU M 76 -17.86 4.03 0.53
C GLU M 76 -17.43 2.62 0.88
N ASP M 77 -17.26 2.32 2.17
CA ASP M 77 -16.83 0.98 2.57
C ASP M 77 -17.87 -0.05 2.19
N ILE M 78 -19.15 0.28 2.35
CA ILE M 78 -20.20 -0.67 1.97
C ILE M 78 -20.20 -0.86 0.45
N ILE M 79 -20.01 0.22 -0.31
CA ILE M 79 -19.98 0.08 -1.77
C ILE M 79 -18.83 -0.83 -2.17
N SER M 80 -17.67 -0.62 -1.53
CA SER M 80 -16.49 -1.42 -1.86
C SER M 80 -16.72 -2.89 -1.55
N LEU M 81 -17.29 -3.20 -0.38
CA LEU M 81 -17.52 -4.59 -0.03
C LEU M 81 -18.50 -5.23 -1.00
N TRP M 82 -19.55 -4.49 -1.36
CA TRP M 82 -20.55 -5.00 -2.29
C TRP M 82 -19.92 -5.36 -3.63
N ASP M 83 -19.13 -4.43 -4.19
CA ASP M 83 -18.54 -4.67 -5.49
C ASP M 83 -17.50 -5.78 -5.43
N GLN M 84 -16.75 -5.86 -4.32
CA GLN M 84 -15.76 -6.93 -4.20
C GLN M 84 -16.43 -8.29 -4.16
N SER M 85 -17.58 -8.38 -3.48
CA SER M 85 -18.26 -9.65 -3.39
C SER M 85 -18.91 -10.04 -4.72
N LEU M 86 -19.44 -9.07 -5.47
CA LEU M 86 -20.09 -9.43 -6.73
C LEU M 86 -19.11 -9.66 -7.88
N LYS M 87 -17.93 -9.04 -7.84
CA LYS M 87 -16.96 -9.17 -8.93
C LYS M 87 -16.62 -10.61 -9.29
N PRO M 88 -16.18 -11.48 -8.37
CA PRO M 88 -15.81 -12.85 -8.78
C PRO M 88 -17.00 -13.79 -8.95
N CYS M 89 -17.90 -13.43 -9.87
CA CYS M 89 -19.11 -14.21 -10.11
C CYS M 89 -19.41 -14.22 -11.60
N VAL M 90 -20.40 -15.03 -11.98
CA VAL M 90 -20.76 -15.21 -13.38
C VAL M 90 -21.35 -13.93 -13.95
N LYS M 91 -20.83 -13.52 -15.11
CA LYS M 91 -21.31 -12.33 -15.83
C LYS M 91 -22.25 -12.78 -16.94
N LEU M 92 -23.54 -12.46 -16.82
CA LEU M 92 -24.57 -13.00 -17.72
C LEU M 92 -24.80 -12.14 -18.95
N THR M 93 -23.76 -11.92 -19.75
CA THR M 93 -23.98 -11.20 -21.01
C THR M 93 -24.84 -12.00 -22.00
N PRO M 94 -24.80 -13.35 -22.03
CA PRO M 94 -25.68 -14.07 -22.97
C PRO M 94 -27.19 -13.87 -22.81
N LEU M 95 -27.68 -13.23 -21.74
CA LEU M 95 -29.12 -13.02 -21.60
C LEU M 95 -29.67 -11.88 -22.44
N CYS M 96 -28.85 -11.07 -23.12
CA CYS M 96 -29.39 -10.03 -23.98
C CYS M 96 -29.73 -10.64 -25.33
N VAL M 97 -30.81 -11.42 -25.30
CA VAL M 97 -31.36 -12.14 -26.43
C VAL M 97 -32.84 -11.80 -26.48
N THR M 98 -33.48 -12.11 -27.60
CA THR M 98 -34.91 -11.88 -27.69
C THR M 98 -35.60 -13.01 -26.93
N LEU M 99 -36.53 -12.64 -26.05
CA LEU M 99 -37.30 -13.59 -25.28
C LEU M 99 -38.68 -13.68 -25.91
N GLN M 100 -39.25 -14.88 -25.96
CA GLN M 100 -40.62 -15.09 -26.42
C GLN M 100 -41.45 -15.50 -25.21
N CYS M 101 -42.30 -14.60 -24.73
CA CYS M 101 -42.96 -14.77 -23.45
C CYS M 101 -44.47 -14.82 -23.59
N THR M 102 -45.07 -15.68 -22.76
CA THR M 102 -46.51 -15.80 -22.59
C THR M 102 -46.80 -15.71 -21.09
N ASN M 103 -48.05 -15.57 -20.70
CA ASN M 103 -48.36 -15.50 -19.28
C ASN M 103 -48.15 -16.87 -18.65
N TYR M 104 -47.55 -16.90 -17.47
CA TYR M 104 -47.31 -18.16 -16.76
C TYR M 104 -48.61 -18.85 -16.38
N ALA M 105 -49.56 -18.10 -15.83
CA ALA M 105 -50.81 -18.65 -15.31
C ALA M 105 -52.01 -17.96 -15.95
N PRO M 106 -52.37 -18.34 -17.18
CA PRO M 106 -53.42 -17.59 -17.89
C PRO M 106 -54.79 -17.67 -17.24
N LYS M 107 -55.02 -18.61 -16.31
CA LYS M 107 -56.30 -18.79 -15.65
C LYS M 107 -56.35 -18.18 -14.26
N LEU M 108 -55.32 -17.43 -13.85
CA LEU M 108 -55.32 -16.82 -12.53
C LEU M 108 -56.30 -15.65 -12.47
N ARG M 109 -57.08 -15.59 -11.40
CA ARG M 109 -58.11 -14.57 -11.21
C ARG M 109 -57.82 -13.80 -9.92
N SER M 110 -56.54 -13.57 -9.64
CA SER M 110 -56.07 -12.92 -8.44
C SER M 110 -54.87 -12.06 -8.82
N MET M 111 -54.28 -11.39 -7.83
CA MET M 111 -53.03 -10.71 -8.13
C MET M 111 -52.00 -11.77 -8.50
N MET M 112 -50.95 -11.35 -9.17
CA MET M 112 -49.94 -12.15 -9.86
C MET M 112 -50.45 -12.55 -11.24
N ARG M 113 -51.67 -12.18 -11.63
CA ARG M 113 -52.09 -12.40 -12.99
C ARG M 113 -51.26 -11.48 -13.87
N GLY M 114 -50.49 -12.05 -14.79
CA GLY M 114 -49.67 -11.26 -15.67
C GLY M 114 -48.37 -10.79 -15.06
N GLU M 115 -48.12 -11.08 -13.79
CA GLU M 115 -46.88 -10.62 -13.14
C GLU M 115 -45.72 -11.57 -13.41
N ILE M 116 -46.00 -12.85 -13.64
CA ILE M 116 -44.98 -13.84 -13.91
C ILE M 116 -45.20 -14.31 -15.35
N LYS M 117 -44.16 -14.20 -16.16
CA LYS M 117 -44.20 -14.57 -17.56
C LYS M 117 -43.29 -15.76 -17.82
N ASN M 118 -43.75 -16.66 -18.67
CA ASN M 118 -43.03 -17.86 -19.09
C ASN M 118 -42.35 -17.53 -20.42
N CYS M 119 -41.04 -17.33 -20.34
CA CYS M 119 -40.22 -16.83 -21.45
C CYS M 119 -39.29 -17.92 -21.96
N SER M 120 -39.30 -18.10 -23.27
CA SER M 120 -38.41 -19.01 -23.98
C SER M 120 -37.26 -18.23 -24.60
N PHE M 121 -36.06 -18.80 -24.52
CA PHE M 121 -34.88 -18.20 -25.15
C PHE M 121 -33.89 -19.31 -25.46
N ASN M 122 -32.90 -19.00 -26.30
CA ASN M 122 -31.93 -20.02 -26.70
C ASN M 122 -30.84 -20.24 -25.65
N MET M 123 -29.96 -19.26 -25.46
CA MET M 123 -28.83 -19.37 -24.52
C MET M 123 -27.76 -20.34 -24.99
N THR M 124 -26.50 -19.98 -24.71
CA THR M 124 -25.32 -20.76 -25.08
C THR M 124 -25.15 -21.94 -24.15
N THR M 125 -24.23 -22.84 -24.53
CA THR M 125 -23.90 -24.05 -23.79
C THR M 125 -22.39 -24.05 -23.54
N GLU M 126 -21.90 -25.16 -22.96
CA GLU M 126 -20.47 -25.27 -22.66
C GLU M 126 -19.62 -25.10 -23.91
N LEU M 127 -20.11 -25.55 -25.06
CA LEU M 127 -19.39 -25.43 -26.32
C LEU M 127 -19.94 -24.27 -27.13
N ARG M 128 -19.04 -23.58 -27.82
CA ARG M 128 -19.43 -22.42 -28.62
C ARG M 128 -20.18 -22.80 -29.89
N ASP M 129 -20.11 -24.06 -30.32
CA ASP M 129 -20.78 -24.48 -31.55
C ASP M 129 -22.23 -24.89 -31.37
N LYS M 130 -22.74 -24.98 -30.15
CA LYS M 130 -24.09 -25.46 -29.91
C LYS M 130 -24.86 -24.53 -28.99
N LYS M 131 -26.15 -24.40 -29.26
CA LYS M 131 -27.08 -23.65 -28.44
C LYS M 131 -28.15 -24.61 -27.92
N GLN M 132 -28.75 -24.24 -26.81
CA GLN M 132 -29.82 -24.98 -26.16
C GLN M 132 -31.11 -24.18 -26.27
N LYS M 133 -32.19 -24.73 -25.72
CA LYS M 133 -33.47 -24.03 -25.61
C LYS M 133 -33.87 -24.07 -24.14
N VAL M 134 -34.10 -22.91 -23.56
CA VAL M 134 -34.35 -22.74 -22.14
C VAL M 134 -35.71 -22.10 -21.97
N TYR M 135 -36.49 -22.65 -21.05
CA TYR M 135 -37.77 -22.09 -20.62
C TYR M 135 -37.58 -21.64 -19.18
N SER M 136 -37.94 -20.40 -18.88
CA SER M 136 -37.80 -19.93 -17.51
C SER M 136 -38.88 -18.90 -17.25
N LEU M 137 -39.14 -18.63 -15.97
CA LEU M 137 -40.12 -17.62 -15.60
C LEU M 137 -39.40 -16.36 -15.12
N PHE M 138 -39.95 -15.21 -15.49
CA PHE M 138 -39.47 -13.91 -15.06
C PHE M 138 -40.61 -13.09 -14.50
N TYR M 139 -40.29 -12.18 -13.60
CA TYR M 139 -41.29 -11.26 -13.10
C TYR M 139 -41.50 -10.14 -14.11
N ARG M 140 -42.73 -9.63 -14.16
CA ARG M 140 -43.06 -8.55 -15.10
C ARG M 140 -42.13 -7.37 -14.99
N LEU M 141 -41.70 -7.04 -13.77
CA LEU M 141 -40.88 -5.85 -13.56
C LEU M 141 -39.50 -5.97 -14.21
N ASP M 142 -39.05 -7.18 -14.52
CA ASP M 142 -37.74 -7.41 -15.10
C ASP M 142 -37.75 -7.50 -16.62
N VAL M 143 -38.92 -7.53 -17.24
CA VAL M 143 -39.07 -7.81 -18.66
C VAL M 143 -39.88 -6.69 -19.30
N VAL M 144 -39.37 -6.12 -20.40
CA VAL M 144 -40.03 -5.05 -21.14
C VAL M 144 -40.24 -5.46 -22.60
N GLN M 145 -41.38 -5.08 -23.16
CA GLN M 145 -41.78 -5.47 -24.50
C GLN M 145 -40.97 -4.74 -25.57
N ILE M 146 -40.62 -5.47 -26.63
CA ILE M 146 -39.86 -4.92 -27.75
C ILE M 146 -40.80 -4.41 -28.84
N ASN M 147 -41.78 -5.23 -29.23
CA ASN M 147 -42.70 -4.96 -30.33
C ASN M 147 -41.94 -4.99 -31.66
N ASN M 158 -47.95 -14.87 -27.33
CA ASN M 158 -46.50 -14.91 -27.37
C ASN M 158 -45.97 -13.58 -27.97
N LYS M 159 -45.35 -12.79 -27.11
CA LYS M 159 -44.78 -11.50 -27.51
C LYS M 159 -43.28 -11.49 -27.26
N GLU M 160 -42.57 -10.66 -28.04
CA GLU M 160 -41.14 -10.51 -27.88
C GLU M 160 -40.81 -9.48 -26.81
N TYR M 161 -39.93 -9.88 -25.88
CA TYR M 161 -39.49 -9.05 -24.76
C TYR M 161 -37.99 -9.12 -24.60
N ARG M 162 -37.44 -8.13 -23.89
CA ARG M 162 -36.03 -8.13 -23.49
C ARG M 162 -35.94 -7.76 -22.01
N LEU M 163 -34.78 -8.04 -21.43
CA LEU M 163 -34.52 -7.63 -20.05
C LEU M 163 -34.21 -6.13 -20.02
N ILE M 164 -34.62 -5.49 -18.92
CA ILE M 164 -34.39 -4.05 -18.79
C ILE M 164 -32.90 -3.73 -18.77
N ASN M 165 -32.08 -4.67 -18.30
CA ASN M 165 -30.65 -4.39 -18.17
C ASN M 165 -29.97 -4.20 -19.51
N CYS M 166 -30.57 -4.73 -20.59
CA CYS M 166 -29.91 -4.65 -21.88
C CYS M 166 -30.01 -3.24 -22.43
N ASN M 167 -30.75 -2.35 -21.75
CA ASN M 167 -30.84 -0.97 -22.16
C ASN M 167 -29.63 -0.19 -21.70
N THR M 168 -29.10 -0.50 -20.50
CA THR M 168 -28.01 0.26 -19.89
C THR M 168 -26.83 -0.55 -19.36
N SER M 169 -26.99 -1.83 -18.99
CA SER M 169 -25.88 -2.50 -18.32
C SER M 169 -25.97 -4.02 -18.37
N ALA M 170 -24.80 -4.66 -18.53
CA ALA M 170 -24.71 -6.10 -18.37
C ALA M 170 -24.84 -6.43 -16.89
N ILE M 171 -25.49 -7.56 -16.59
CA ILE M 171 -25.69 -8.01 -15.21
C ILE M 171 -24.68 -9.07 -14.81
N THR M 172 -24.17 -8.93 -13.59
CA THR M 172 -23.31 -9.92 -12.99
C THR M 172 -24.22 -10.74 -12.09
N GLN M 173 -24.15 -12.06 -12.21
CA GLN M 173 -25.00 -12.91 -11.37
C GLN M 173 -24.37 -13.01 -10.00
N ALA M 174 -25.15 -12.71 -8.96
CA ALA M 174 -24.60 -12.82 -7.62
C ALA M 174 -24.28 -14.27 -7.33
N CYS M 175 -23.19 -14.51 -6.63
CA CYS M 175 -22.83 -15.87 -6.28
C CYS M 175 -23.86 -16.43 -5.29
N PRO M 176 -24.46 -17.60 -5.55
CA PRO M 176 -25.53 -18.08 -4.65
C PRO M 176 -25.04 -18.44 -3.25
N LYS M 177 -23.73 -18.58 -3.06
CA LYS M 177 -23.16 -18.97 -1.78
C LYS M 177 -22.91 -17.82 -0.82
N VAL M 178 -23.14 -16.56 -1.23
CA VAL M 178 -22.85 -15.40 -0.41
C VAL M 178 -24.17 -14.85 0.11
N SER M 179 -24.32 -14.88 1.44
CA SER M 179 -25.51 -14.40 2.11
C SER M 179 -25.61 -12.88 2.10
N PHE M 180 -26.85 -12.39 2.09
CA PHE M 180 -27.17 -10.98 2.19
C PHE M 180 -27.72 -10.60 3.57
N GLU M 181 -27.57 -11.45 4.57
CA GLU M 181 -28.07 -11.15 5.90
C GLU M 181 -27.21 -10.06 6.56
N PRO M 182 -27.80 -8.98 7.06
CA PRO M 182 -26.99 -7.96 7.76
C PRO M 182 -26.24 -8.51 8.96
N ILE M 183 -24.96 -8.16 9.06
CA ILE M 183 -24.09 -8.52 10.17
C ILE M 183 -23.56 -7.21 10.77
N PRO M 184 -23.65 -6.99 12.09
CA PRO M 184 -23.20 -5.70 12.64
C PRO M 184 -21.70 -5.49 12.43
N ILE M 185 -21.34 -4.24 12.10
CA ILE M 185 -19.96 -3.82 11.91
C ILE M 185 -19.67 -2.69 12.90
N HIS M 186 -18.53 -2.80 13.58
CA HIS M 186 -18.06 -1.79 14.52
C HIS M 186 -16.98 -0.96 13.83
N TYR M 187 -17.06 0.36 13.95
CA TYR M 187 -16.00 1.24 13.46
C TYR M 187 -15.11 1.65 14.61
N CYS M 188 -13.79 1.56 14.39
CA CYS M 188 -12.80 1.83 15.43
C CYS M 188 -11.83 2.91 14.98
N ALA M 189 -11.46 3.78 15.93
CA ALA M 189 -10.52 4.86 15.65
C ALA M 189 -9.09 4.34 15.51
N PRO M 190 -8.28 4.93 14.64
CA PRO M 190 -6.85 4.61 14.63
C PRO M 190 -6.16 5.29 15.81
N ALA M 191 -4.94 4.85 16.09
CA ALA M 191 -4.17 5.47 17.16
C ALA M 191 -4.03 6.97 16.91
N GLY M 192 -4.09 7.75 18.00
CA GLY M 192 -4.01 9.18 17.91
C GLY M 192 -5.34 9.89 17.80
N PHE M 193 -6.44 9.16 17.59
CA PHE M 193 -7.78 9.68 17.43
C PHE M 193 -8.70 9.06 18.47
N ALA M 194 -9.84 9.72 18.70
CA ALA M 194 -10.84 9.22 19.65
C ALA M 194 -12.23 9.47 19.11
N ILE M 195 -13.17 8.61 19.51
CA ILE M 195 -14.58 8.73 19.18
C ILE M 195 -15.35 9.15 20.42
N LEU M 196 -16.09 10.25 20.29
CA LEU M 196 -16.91 10.79 21.37
C LEU M 196 -18.37 10.44 21.11
N LYS M 197 -19.03 9.83 22.10
CA LYS M 197 -20.41 9.41 22.04
C LYS M 197 -21.25 10.40 22.84
N CYS M 198 -22.27 10.98 22.20
CA CYS M 198 -23.10 12.03 22.81
C CYS M 198 -23.76 11.55 24.11
N LYS M 199 -24.53 10.46 24.04
CA LYS M 199 -25.29 9.93 25.18
C LYS M 199 -26.23 10.96 25.82
N ASP M 200 -26.79 11.87 25.04
CA ASP M 200 -27.69 12.90 25.54
C ASP M 200 -29.11 12.50 25.19
N LYS M 201 -29.93 12.20 26.20
CA LYS M 201 -31.29 11.75 25.94
C LYS M 201 -32.06 12.87 25.22
N LYS M 202 -32.84 12.51 24.20
CA LYS M 202 -33.60 13.49 23.41
C LYS M 202 -32.65 14.42 22.66
N PHE M 203 -31.57 13.86 22.14
CA PHE M 203 -30.59 14.66 21.40
C PHE M 203 -31.16 15.21 20.09
N ASN M 204 -30.96 16.51 19.90
CA ASN M 204 -31.45 17.26 18.74
C ASN M 204 -30.86 16.79 17.43
N GLY M 205 -29.67 16.23 17.46
CA GLY M 205 -28.93 15.84 16.27
C GLY M 205 -27.78 16.78 16.01
N THR M 206 -27.89 18.02 16.52
CA THR M 206 -26.86 19.04 16.47
C THR M 206 -26.83 19.72 17.84
N GLY M 207 -25.72 20.38 18.14
CA GLY M 207 -25.61 21.15 19.35
C GLY M 207 -24.86 20.45 20.46
N PRO M 208 -24.73 21.11 21.61
CA PRO M 208 -23.95 20.53 22.70
C PRO M 208 -24.60 19.30 23.33
N CYS M 209 -23.75 18.35 23.73
CA CYS M 209 -24.15 17.17 24.48
C CYS M 209 -23.58 17.26 25.88
N GLN M 210 -24.40 16.96 26.88
CA GLN M 210 -23.99 17.07 28.28
C GLN M 210 -23.41 15.77 28.85
N ASN M 211 -23.54 14.65 28.15
CA ASN M 211 -23.14 13.33 28.65
C ASN M 211 -22.05 12.70 27.77
N VAL M 212 -21.18 13.53 27.18
CA VAL M 212 -20.19 13.04 26.24
C VAL M 212 -19.28 12.02 26.91
N SER M 213 -19.08 10.87 26.25
CA SER M 213 -18.25 9.78 26.75
C SER M 213 -17.33 9.31 25.64
N THR M 214 -16.10 8.94 25.98
CA THR M 214 -15.13 8.48 24.99
C THR M 214 -15.20 6.97 24.87
N VAL M 215 -15.24 6.47 23.64
CA VAL M 215 -15.28 5.04 23.38
C VAL M 215 -14.16 4.66 22.42
N GLN M 216 -13.72 3.40 22.51
CA GLN M 216 -12.73 2.89 21.58
C GLN M 216 -13.34 2.66 20.21
N CYS M 217 -14.57 2.17 20.17
CA CYS M 217 -15.26 1.83 18.93
C CYS M 217 -16.74 2.11 19.11
N THR M 218 -17.45 2.19 18.00
CA THR M 218 -18.89 2.36 18.06
C THR M 218 -19.58 1.03 18.35
N HIS M 219 -20.88 1.10 18.60
CA HIS M 219 -21.63 -0.13 18.76
C HIS M 219 -21.75 -0.79 17.40
N GLY M 220 -22.19 -2.05 17.37
CA GLY M 220 -22.32 -2.70 16.09
C GLY M 220 -23.49 -2.09 15.35
N ILE M 221 -23.26 -1.80 14.08
CA ILE M 221 -24.28 -1.21 13.20
C ILE M 221 -24.55 -2.21 12.09
N LYS M 222 -25.81 -2.58 11.94
CA LYS M 222 -26.16 -3.51 10.90
C LYS M 222 -26.29 -2.77 9.58
N PRO M 223 -25.63 -3.20 8.49
CA PRO M 223 -25.79 -2.46 7.23
C PRO M 223 -27.11 -2.82 6.55
N VAL M 224 -28.22 -2.44 7.19
CA VAL M 224 -29.54 -2.76 6.68
C VAL M 224 -29.90 -1.74 5.61
N VAL M 225 -30.33 -2.25 4.45
CA VAL M 225 -30.69 -1.43 3.30
C VAL M 225 -32.21 -1.43 3.20
N SER M 226 -32.80 -0.24 3.23
CA SER M 226 -34.23 -0.10 3.08
C SER M 226 -34.54 1.32 2.64
N THR M 227 -35.77 1.53 2.17
CA THR M 227 -36.26 2.85 1.84
C THR M 227 -37.51 3.12 2.67
N GLN M 228 -37.79 4.41 2.88
CA GLN M 228 -39.01 4.91 3.52
C GLN M 228 -39.15 4.56 5.01
N LEU M 229 -38.95 3.30 5.38
CA LEU M 229 -39.00 2.86 6.76
C LEU M 229 -37.66 2.26 7.16
N LEU M 230 -37.08 2.75 8.24
CA LEU M 230 -35.80 2.22 8.70
C LEU M 230 -36.07 0.94 9.48
N LEU M 231 -35.31 -0.13 9.19
CA LEU M 231 -35.49 -1.41 9.84
C LEU M 231 -34.29 -1.81 10.68
N ASN M 232 -34.59 -2.54 11.77
CA ASN M 232 -33.57 -3.16 12.63
C ASN M 232 -32.51 -2.17 13.10
N GLY M 233 -32.95 -0.94 13.38
CA GLY M 233 -32.08 0.10 13.88
C GLY M 233 -32.19 0.29 15.38
N SER M 234 -31.67 1.41 15.85
CA SER M 234 -31.73 1.75 17.26
C SER M 234 -33.02 2.53 17.55
N LEU M 235 -33.55 2.34 18.75
CA LEU M 235 -34.72 3.05 19.21
C LEU M 235 -34.35 4.22 20.12
N ALA M 236 -35.22 5.23 20.14
CA ALA M 236 -35.08 6.33 21.07
C ALA M 236 -35.38 5.84 22.48
N GLU M 237 -34.76 6.46 23.47
CA GLU M 237 -34.95 6.01 24.85
C GLU M 237 -36.11 6.69 25.57
N GLU M 238 -36.41 7.96 25.29
CA GLU M 238 -37.44 8.70 26.00
C GLU M 238 -38.67 9.05 25.18
N GLU M 239 -38.50 9.43 23.92
CA GLU M 239 -39.62 9.87 23.10
C GLU M 239 -39.24 9.74 21.64
N VAL M 240 -40.22 9.92 20.76
CA VAL M 240 -39.93 9.97 19.34
C VAL M 240 -39.15 11.25 19.07
N ILE M 241 -38.03 11.13 18.37
CA ILE M 241 -37.13 12.25 18.10
C ILE M 241 -37.15 12.54 16.61
N ILE M 242 -37.45 13.79 16.26
CA ILE M 242 -37.52 14.24 14.87
C ILE M 242 -36.30 15.10 14.60
N ARG M 243 -35.48 14.70 13.62
CA ARG M 243 -34.24 15.40 13.31
C ARG M 243 -34.17 15.73 11.83
N SER M 244 -33.66 16.92 11.52
CA SER M 244 -33.42 17.29 10.14
C SER M 244 -32.33 18.35 10.11
N GLU M 245 -31.67 18.46 8.95
CA GLU M 245 -30.68 19.51 8.78
C GLU M 245 -31.32 20.89 8.85
N ASN M 246 -32.50 21.02 8.25
CA ASN M 246 -33.23 22.29 8.21
C ASN M 246 -34.70 21.94 8.05
N ILE M 247 -35.53 22.32 9.03
CA ILE M 247 -36.94 22.00 8.96
C ILE M 247 -37.64 22.91 7.96
N THR M 248 -37.29 24.20 7.96
CA THR M 248 -37.92 25.17 7.07
C THR M 248 -37.70 24.81 5.60
N ASN M 249 -36.50 24.33 5.26
CA ASN M 249 -36.18 24.02 3.87
C ASN M 249 -36.82 22.68 3.50
N ASN M 250 -37.76 22.73 2.56
CA ASN M 250 -38.52 21.54 2.18
C ASN M 250 -37.69 20.53 1.39
N ALA M 251 -36.47 20.89 0.98
CA ALA M 251 -35.63 19.98 0.22
C ALA M 251 -34.89 18.98 1.10
N LYS M 252 -34.91 19.16 2.42
CA LYS M 252 -34.19 18.29 3.34
C LYS M 252 -35.11 17.18 3.83
N ASN M 253 -34.52 16.04 4.14
CA ASN M 253 -35.29 14.92 4.66
C ASN M 253 -35.37 15.00 6.18
N ILE M 254 -36.45 14.46 6.71
CA ILE M 254 -36.69 14.41 8.15
C ILE M 254 -36.58 12.95 8.59
N LEU M 255 -35.70 12.69 9.55
CA LEU M 255 -35.50 11.36 10.12
C LEU M 255 -36.21 11.31 11.46
N VAL M 256 -37.18 10.41 11.59
CA VAL M 256 -37.97 10.27 12.81
C VAL M 256 -37.53 8.96 13.46
N GLN M 257 -36.96 9.05 14.65
CA GLN M 257 -36.50 7.88 15.39
C GLN M 257 -37.56 7.56 16.44
N LEU M 258 -38.08 6.34 16.41
CA LEU M 258 -39.15 5.94 17.31
C LEU M 258 -38.57 5.45 18.63
N ASN M 259 -39.37 5.59 19.70
CA ASN M 259 -38.99 5.06 21.00
C ASN M 259 -39.54 3.66 21.23
N THR M 260 -40.31 3.12 20.28
CA THR M 260 -40.83 1.77 20.31
C THR M 260 -40.65 1.22 18.91
N SER M 261 -40.62 -0.10 18.80
CA SER M 261 -40.51 -0.74 17.49
C SER M 261 -41.90 -1.18 17.05
N VAL M 262 -42.08 -1.27 15.74
CA VAL M 262 -43.31 -1.82 15.15
C VAL M 262 -42.95 -3.11 14.44
N GLN M 263 -43.64 -4.19 14.77
CA GLN M 263 -43.29 -5.48 14.19
C GLN M 263 -43.94 -5.68 12.83
N ILE M 264 -43.10 -6.02 11.85
CA ILE M 264 -43.44 -6.24 10.44
C ILE M 264 -43.24 -7.69 10.09
N ASN M 265 -44.29 -8.35 9.57
CA ASN M 265 -44.21 -9.75 9.15
C ASN M 265 -44.33 -9.83 7.63
N CYS M 266 -43.22 -10.05 6.92
CA CYS M 266 -43.21 -10.06 5.46
C CYS M 266 -43.02 -11.48 4.95
N THR M 267 -43.67 -11.80 3.83
CA THR M 267 -43.58 -13.15 3.30
C THR M 267 -43.79 -13.20 1.79
N ARG M 268 -43.24 -14.29 1.23
CA ARG M 268 -43.42 -14.75 -0.15
C ARG M 268 -43.95 -16.17 0.03
N PRO M 269 -45.28 -16.34 0.12
CA PRO M 269 -45.87 -17.65 0.44
C PRO M 269 -45.63 -18.76 -0.57
N SER M 270 -45.29 -18.46 -1.82
CA SER M 270 -45.18 -19.50 -2.83
C SER M 270 -43.96 -20.38 -2.62
N ASN M 271 -44.14 -21.69 -2.83
CA ASN M 271 -43.08 -22.69 -2.67
C ASN M 271 -42.28 -22.75 -3.97
N ASN M 272 -41.44 -21.74 -4.14
CA ASN M 272 -40.67 -21.55 -5.36
C ASN M 272 -39.52 -22.54 -5.47
N THR M 273 -39.28 -23.03 -6.69
CA THR M 273 -38.17 -23.90 -7.01
C THR M 273 -37.12 -23.13 -7.79
N VAL M 274 -35.90 -23.68 -7.83
CA VAL M 274 -34.79 -23.10 -8.58
C VAL M 274 -34.18 -24.16 -9.49
N LYS M 275 -34.00 -23.81 -10.76
CA LYS M 275 -33.35 -24.68 -11.73
C LYS M 275 -32.05 -24.03 -12.15
N SER M 276 -31.14 -24.82 -12.73
CA SER M 276 -29.90 -24.23 -13.23
C SER M 276 -29.43 -24.95 -14.48
N ILE M 277 -28.69 -24.21 -15.30
CA ILE M 277 -28.09 -24.70 -16.52
C ILE M 277 -26.64 -24.24 -16.61
N ARG M 278 -25.85 -24.96 -17.40
CA ARG M 278 -24.50 -24.53 -17.70
C ARG M 278 -24.58 -23.56 -18.86
N ILE M 279 -23.74 -22.51 -18.84
CA ILE M 279 -23.70 -21.53 -19.92
C ILE M 279 -22.31 -21.34 -20.52
N GLY M 280 -21.31 -22.04 -20.00
CA GLY M 280 -19.96 -21.86 -20.50
C GLY M 280 -18.96 -22.71 -19.75
N PRO M 281 -17.70 -22.63 -20.15
CA PRO M 281 -16.68 -23.48 -19.54
C PRO M 281 -16.36 -23.05 -18.12
N GLY M 282 -17.22 -23.42 -17.17
CA GLY M 282 -17.08 -23.02 -15.79
C GLY M 282 -18.10 -22.03 -15.28
N GLN M 283 -19.18 -21.78 -16.03
CA GLN M 283 -20.21 -20.84 -15.63
C GLN M 283 -21.57 -21.54 -15.67
N ALA M 284 -22.44 -21.12 -14.76
CA ALA M 284 -23.78 -21.65 -14.69
C ALA M 284 -24.75 -20.55 -14.31
N PHE M 285 -25.95 -20.65 -14.85
CA PHE M 285 -27.03 -19.70 -14.65
C PHE M 285 -28.14 -20.36 -13.86
N TYR M 286 -28.65 -19.65 -12.84
CA TYR M 286 -29.75 -20.10 -12.00
C TYR M 286 -30.99 -19.32 -12.39
N TYR M 287 -32.13 -20.01 -12.46
CA TYR M 287 -33.36 -19.34 -12.86
C TYR M 287 -34.57 -19.90 -12.16
N PHE M 288 -35.61 -19.09 -12.18
CA PHE M 288 -36.89 -19.38 -11.57
C PHE M 288 -37.47 -20.59 -12.27
N GLY M 289 -37.92 -21.58 -11.50
CA GLY M 289 -38.45 -22.81 -12.06
C GLY M 289 -39.96 -22.83 -11.99
N ASP M 290 -40.50 -23.97 -11.58
CA ASP M 290 -41.94 -24.13 -11.50
C ASP M 290 -42.40 -23.68 -10.12
N VAL M 291 -43.70 -23.74 -9.87
CA VAL M 291 -44.29 -23.40 -8.59
C VAL M 291 -45.00 -24.64 -8.08
N LEU M 292 -44.59 -25.14 -6.92
CA LEU M 292 -45.14 -26.38 -6.35
C LEU M 292 -46.35 -26.04 -5.49
N GLY M 293 -47.38 -25.54 -6.15
CA GLY M 293 -48.57 -25.10 -5.48
C GLY M 293 -49.18 -23.92 -6.19
N HIS M 294 -50.03 -23.20 -5.48
CA HIS M 294 -50.70 -22.05 -6.04
C HIS M 294 -49.74 -20.88 -6.15
N VAL M 295 -49.98 -20.02 -7.14
CA VAL M 295 -49.26 -18.76 -7.24
C VAL M 295 -49.95 -17.77 -6.32
N ARG M 296 -49.17 -17.13 -5.45
CA ARG M 296 -49.70 -16.20 -4.47
C ARG M 296 -48.90 -14.91 -4.49
N MET M 297 -49.56 -13.83 -4.06
CA MET M 297 -48.98 -12.51 -4.08
C MET M 297 -48.07 -12.34 -2.86
N ALA M 298 -46.86 -11.84 -3.09
CA ALA M 298 -46.00 -11.57 -1.95
C ALA M 298 -46.62 -10.42 -1.19
N HIS M 299 -46.50 -10.42 0.14
CA HIS M 299 -47.15 -9.36 0.89
C HIS M 299 -46.50 -9.23 2.25
N CYS M 300 -46.92 -8.20 2.98
CA CYS M 300 -46.38 -7.98 4.30
C CYS M 300 -47.43 -7.36 5.22
N ASN M 301 -47.52 -7.88 6.45
CA ASN M 301 -48.51 -7.46 7.43
C ASN M 301 -47.89 -6.57 8.50
N ILE M 302 -48.60 -5.51 8.86
CA ILE M 302 -48.26 -4.61 9.96
C ILE M 302 -49.47 -4.49 10.88
N SER M 303 -49.26 -4.52 12.19
CA SER M 303 -50.41 -4.36 13.08
C SER M 303 -51.03 -2.97 12.87
N LYS M 304 -52.36 -2.93 12.80
CA LYS M 304 -53.02 -1.67 12.49
C LYS M 304 -53.05 -0.73 13.69
N ALA M 305 -53.37 -1.25 14.88
CA ALA M 305 -53.45 -0.39 16.05
C ALA M 305 -52.08 0.16 16.43
N THR M 306 -51.05 -0.67 16.29
CA THR M 306 -49.70 -0.24 16.64
C THR M 306 -49.25 0.86 15.71
N TRP M 307 -49.48 0.68 14.40
CA TRP M 307 -49.11 1.71 13.45
C TRP M 307 -49.86 3.01 13.71
N ASN M 308 -51.16 2.92 13.98
CA ASN M 308 -51.94 4.14 14.23
C ASN M 308 -51.44 4.86 15.47
N GLU M 309 -51.09 4.12 16.52
CA GLU M 309 -50.54 4.74 17.72
C GLU M 309 -49.18 5.37 17.45
N THR M 310 -48.33 4.67 16.69
CA THR M 310 -47.00 5.20 16.38
C THR M 310 -47.13 6.48 15.56
N LEU M 311 -48.03 6.49 14.59
CA LEU M 311 -48.20 7.69 13.78
C LEU M 311 -48.74 8.83 14.63
N GLY M 312 -49.63 8.51 15.57
CA GLY M 312 -50.12 9.55 16.48
C GLY M 312 -49.00 10.14 17.32
N LYS M 313 -48.07 9.29 17.79
CA LYS M 313 -46.93 9.81 18.53
C LYS M 313 -46.07 10.70 17.65
N VAL M 314 -45.89 10.30 16.38
CA VAL M 314 -45.07 11.10 15.47
C VAL M 314 -45.71 12.46 15.25
N VAL M 315 -47.02 12.51 15.03
CA VAL M 315 -47.67 13.82 14.82
C VAL M 315 -47.56 14.66 16.09
N LYS M 316 -47.81 14.05 17.26
CA LYS M 316 -47.74 14.81 18.51
C LYS M 316 -46.38 15.48 18.68
N GLN M 317 -45.30 14.76 18.37
CA GLN M 317 -43.97 15.37 18.49
C GLN M 317 -43.70 16.33 17.33
N LEU M 318 -44.22 16.04 16.14
CA LEU M 318 -43.97 16.86 14.96
C LEU M 318 -44.59 18.24 15.09
N ARG M 319 -45.76 18.35 15.74
CA ARG M 319 -46.42 19.64 15.90
C ARG M 319 -45.55 20.68 16.60
N LYS M 320 -44.57 20.27 17.40
CA LYS M 320 -43.75 21.21 18.14
C LYS M 320 -42.98 22.18 17.23
N HIS M 321 -42.74 21.80 15.98
CA HIS M 321 -41.98 22.63 15.05
C HIS M 321 -42.85 23.43 14.09
N PHE M 322 -44.17 23.25 14.12
CA PHE M 322 -45.09 23.90 13.19
C PHE M 322 -46.20 24.68 13.89
N GLY M 323 -46.62 24.28 15.08
CA GLY M 323 -47.70 24.92 15.79
C GLY M 323 -48.76 23.94 16.25
N ASN M 324 -49.56 24.33 17.24
CA ASN M 324 -50.59 23.47 17.79
C ASN M 324 -51.97 23.73 17.18
N ASN M 325 -52.07 24.60 16.18
CA ASN M 325 -53.32 24.90 15.49
C ASN M 325 -53.24 24.53 14.01
N THR M 326 -52.34 23.63 13.64
CA THR M 326 -52.11 23.22 12.26
C THR M 326 -52.74 21.85 12.02
N ILE M 327 -52.77 21.46 10.75
CA ILE M 327 -53.22 20.14 10.33
C ILE M 327 -52.03 19.43 9.70
N ILE M 328 -51.74 18.24 10.18
CA ILE M 328 -50.65 17.43 9.65
C ILE M 328 -51.29 16.29 8.87
N ARG M 329 -51.00 16.19 7.58
CA ARG M 329 -51.59 15.17 6.73
C ARG M 329 -50.46 14.32 6.17
N PHE M 330 -50.71 13.03 6.04
CA PHE M 330 -49.77 12.10 5.44
C PHE M 330 -50.35 11.59 4.13
N ALA M 331 -49.46 11.40 3.15
CA ALA M 331 -49.81 10.93 1.83
C ALA M 331 -48.69 10.03 1.32
N GLN M 332 -49.00 9.22 0.32
CA GLN M 332 -48.01 8.32 -0.23
C GLN M 332 -47.02 9.07 -1.12
N SER M 333 -46.05 8.34 -1.66
CA SER M 333 -45.06 8.94 -2.54
C SER M 333 -45.73 9.34 -3.85
N SER M 334 -45.01 10.14 -4.66
CA SER M 334 -45.57 10.66 -5.90
C SER M 334 -44.81 10.07 -7.08
N GLY M 335 -43.74 10.69 -7.56
CA GLY M 335 -43.05 10.22 -8.75
C GLY M 335 -41.91 9.28 -8.46
N GLY M 336 -41.26 8.85 -9.54
CA GLY M 336 -40.13 7.94 -9.49
C GLY M 336 -40.54 6.50 -9.75
N ASP M 337 -39.50 5.66 -9.81
CA ASP M 337 -39.67 4.23 -10.03
C ASP M 337 -39.78 3.53 -8.67
N LEU M 338 -39.81 2.20 -8.67
CA LEU M 338 -40.03 1.47 -7.43
C LEU M 338 -38.90 1.62 -6.42
N GLU M 339 -37.74 2.17 -6.82
CA GLU M 339 -36.66 2.36 -5.85
C GLU M 339 -36.98 3.45 -4.84
N VAL M 340 -37.77 4.46 -5.23
CA VAL M 340 -38.09 5.57 -4.35
C VAL M 340 -39.59 5.70 -4.07
N THR M 341 -40.45 5.16 -4.92
CA THR M 341 -41.89 5.29 -4.71
C THR M 341 -42.45 4.22 -3.77
N THR M 342 -41.72 3.12 -3.58
CA THR M 342 -42.12 2.04 -2.69
C THR M 342 -41.06 1.76 -1.64
N HIS M 343 -41.49 1.04 -0.61
CA HIS M 343 -40.58 0.54 0.42
C HIS M 343 -39.84 -0.63 -0.19
N SER M 344 -38.56 -0.79 0.14
CA SER M 344 -37.81 -1.92 -0.39
C SER M 344 -36.94 -2.54 0.69
N PHE M 345 -36.73 -3.85 0.58
CA PHE M 345 -35.90 -4.52 1.57
C PHE M 345 -35.44 -5.88 1.07
N ASN M 346 -34.42 -6.41 1.75
CA ASN M 346 -33.88 -7.75 1.50
C ASN M 346 -34.36 -8.70 2.60
N CYS M 347 -35.25 -9.61 2.24
CA CYS M 347 -35.88 -10.56 3.17
C CYS M 347 -35.54 -11.97 2.72
N GLY M 348 -34.69 -12.64 3.49
CA GLY M 348 -34.33 -14.01 3.17
C GLY M 348 -33.39 -14.13 2.01
N GLY M 349 -32.93 -13.01 1.46
CA GLY M 349 -32.12 -12.97 0.27
C GLY M 349 -32.92 -12.53 -0.95
N GLU M 350 -34.25 -12.43 -0.84
CA GLU M 350 -35.08 -11.94 -1.92
C GLU M 350 -35.30 -10.45 -1.73
N PHE M 351 -35.50 -9.73 -2.83
CA PHE M 351 -35.69 -8.29 -2.82
C PHE M 351 -37.16 -7.94 -3.01
N PHE M 352 -37.77 -7.39 -1.96
CA PHE M 352 -39.18 -7.04 -1.93
C PHE M 352 -39.36 -5.55 -2.15
N TYR M 353 -40.41 -5.17 -2.89
CA TYR M 353 -40.84 -3.79 -3.04
C TYR M 353 -42.32 -3.74 -2.64
N CYS M 354 -42.64 -2.92 -1.64
CA CYS M 354 -43.99 -2.86 -1.06
C CYS M 354 -44.63 -1.49 -1.22
N ASN M 355 -45.91 -1.51 -1.57
CA ASN M 355 -46.67 -0.30 -1.92
C ASN M 355 -46.64 0.78 -0.84
N THR M 356 -46.99 0.43 0.40
CA THR M 356 -47.06 1.31 1.56
C THR M 356 -48.13 2.39 1.52
N SER M 357 -48.93 2.52 0.46
CA SER M 357 -49.86 3.65 0.43
C SER M 357 -50.88 3.57 1.54
N GLY M 358 -51.15 2.37 2.05
CA GLY M 358 -52.06 2.17 3.16
C GLY M 358 -51.51 2.66 4.48
N LEU M 359 -50.21 2.99 4.56
CA LEU M 359 -49.60 3.47 5.78
C LEU M 359 -49.60 4.98 5.92
N PHE M 360 -49.71 5.72 4.82
CA PHE M 360 -49.56 7.17 4.83
C PHE M 360 -50.73 7.79 4.06
N ASN M 361 -51.92 7.71 4.65
CA ASN M 361 -53.12 8.31 4.06
C ASN M 361 -53.98 8.77 5.24
N SER M 362 -53.70 9.97 5.74
CA SER M 362 -54.43 10.40 6.93
C SER M 362 -54.37 11.91 7.08
N THR M 363 -55.34 12.47 7.80
CA THR M 363 -55.35 13.88 8.17
C THR M 363 -55.51 13.96 9.68
N TRP M 364 -54.56 14.63 10.33
CA TRP M 364 -54.51 14.79 11.79
C TRP M 364 -54.82 16.25 12.12
N ILE M 365 -55.97 16.48 12.75
CA ILE M 365 -56.46 17.81 13.09
C ILE M 365 -56.46 17.89 14.61
N SER M 366 -55.78 18.92 15.13
CA SER M 366 -55.61 19.23 16.57
C SER M 366 -56.53 18.54 17.57
N ASP M 380 -57.74 -5.70 12.23
CA ASP M 380 -56.66 -5.65 13.21
C ASP M 380 -55.27 -5.69 12.58
N SER M 381 -55.20 -6.04 11.30
CA SER M 381 -53.93 -6.20 10.60
C SER M 381 -54.03 -5.56 9.22
N LEU M 382 -53.05 -4.72 8.89
CA LEU M 382 -53.00 -4.00 7.63
C LEU M 382 -52.03 -4.73 6.72
N ILE M 383 -52.52 -5.14 5.55
CA ILE M 383 -51.79 -5.98 4.60
C ILE M 383 -51.35 -5.10 3.44
N LEU M 384 -50.04 -5.08 3.18
CA LEU M 384 -49.47 -4.31 2.08
C LEU M 384 -49.05 -5.27 0.97
N PRO M 385 -49.46 -5.06 -0.29
CA PRO M 385 -48.96 -5.92 -1.36
C PRO M 385 -47.52 -5.61 -1.67
N CYS M 386 -46.79 -6.64 -2.10
CA CYS M 386 -45.38 -6.48 -2.45
C CYS M 386 -45.07 -7.24 -3.73
N TRP M 387 -44.13 -6.70 -4.50
CA TRP M 387 -43.63 -7.29 -5.73
C TRP M 387 -42.19 -7.72 -5.53
N ILE M 388 -41.79 -8.76 -6.27
CA ILE M 388 -40.43 -9.28 -6.25
C ILE M 388 -39.78 -8.91 -7.58
N LYS M 389 -38.54 -8.40 -7.51
CA LYS M 389 -37.80 -8.00 -8.69
C LYS M 389 -36.41 -8.62 -8.61
N GLN M 390 -35.97 -9.24 -9.71
CA GLN M 390 -34.66 -9.89 -9.75
C GLN M 390 -33.55 -9.02 -10.33
N ILE M 391 -33.88 -8.01 -11.12
CA ILE M 391 -32.87 -7.16 -11.76
C ILE M 391 -32.78 -5.91 -10.90
N ILE M 392 -31.62 -5.74 -10.27
CA ILE M 392 -31.42 -4.77 -9.21
C ILE M 392 -30.35 -3.75 -9.62
N ASN M 393 -30.64 -2.46 -9.34
CA ASN M 393 -29.72 -1.34 -9.60
C ASN M 393 -29.54 -0.59 -8.27
N MET M 394 -28.64 -1.11 -7.43
CA MET M 394 -28.43 -0.60 -6.08
C MET M 394 -27.63 0.70 -6.06
N TRP M 395 -27.75 1.41 -4.94
CA TRP M 395 -26.96 2.60 -4.62
C TRP M 395 -27.21 3.75 -5.59
N GLN M 396 -28.35 3.72 -6.30
CA GLN M 396 -28.69 4.75 -7.29
C GLN M 396 -27.62 4.87 -8.38
N ARG M 397 -26.94 3.78 -8.70
CA ARG M 397 -25.96 3.78 -9.77
C ARG M 397 -26.60 3.39 -11.08
N ILE M 398 -26.05 3.92 -12.17
CA ILE M 398 -26.48 3.62 -13.53
C ILE M 398 -25.27 2.99 -14.23
N GLY M 399 -25.51 1.87 -14.90
CA GLY M 399 -24.47 1.17 -15.63
C GLY M 399 -23.92 -0.07 -14.94
N GLN M 400 -24.32 -0.34 -13.69
CA GLN M 400 -23.85 -1.52 -12.94
C GLN M 400 -25.04 -2.30 -12.38
N ALA M 401 -25.69 -3.09 -13.23
CA ALA M 401 -26.87 -3.84 -12.84
C ALA M 401 -26.47 -5.15 -12.18
N MET M 402 -27.33 -5.63 -11.27
CA MET M 402 -27.13 -6.88 -10.56
C MET M 402 -28.35 -7.77 -10.73
N TYR M 403 -28.11 -9.08 -10.85
CA TYR M 403 -29.16 -10.10 -10.94
C TYR M 403 -29.16 -10.94 -9.68
N ALA M 404 -30.30 -11.00 -9.00
CA ALA M 404 -30.43 -11.78 -7.78
C ALA M 404 -30.91 -13.19 -8.14
N PRO M 405 -30.18 -14.26 -7.83
CA PRO M 405 -30.71 -15.60 -8.11
C PRO M 405 -31.97 -15.85 -7.30
N PRO M 406 -32.90 -16.65 -7.84
CA PRO M 406 -34.07 -17.00 -7.03
C PRO M 406 -33.68 -17.94 -5.90
N ILE M 407 -34.45 -17.88 -4.82
CA ILE M 407 -34.24 -18.71 -3.64
C ILE M 407 -35.37 -19.73 -3.53
N GLN M 408 -35.00 -21.00 -3.46
CA GLN M 408 -35.98 -22.07 -3.38
C GLN M 408 -36.69 -22.06 -2.03
N GLY M 409 -38.01 -22.26 -2.06
CA GLY M 409 -38.81 -22.36 -0.85
C GLY M 409 -39.63 -21.11 -0.58
N VAL M 410 -40.35 -21.19 0.54
CA VAL M 410 -41.25 -20.14 1.00
C VAL M 410 -40.45 -19.24 1.92
N ILE M 411 -40.55 -17.91 1.73
CA ILE M 411 -39.74 -16.96 2.48
C ILE M 411 -40.63 -16.21 3.47
N ARG M 412 -40.19 -16.17 4.73
CA ARG M 412 -40.86 -15.38 5.76
C ARG M 412 -39.79 -14.71 6.61
N CYS M 413 -40.02 -13.45 6.98
CA CYS M 413 -39.13 -12.76 7.90
C CYS M 413 -39.92 -11.79 8.76
N VAL M 414 -39.32 -11.45 9.90
CA VAL M 414 -39.89 -10.51 10.87
C VAL M 414 -38.88 -9.39 11.08
N SER M 415 -39.32 -8.15 10.83
CA SER M 415 -38.50 -6.96 10.94
C SER M 415 -39.12 -5.99 11.94
N ASN M 416 -38.29 -5.10 12.48
CA ASN M 416 -38.71 -4.04 13.38
C ASN M 416 -38.64 -2.70 12.65
N ILE M 417 -39.71 -1.91 12.71
CA ILE M 417 -39.63 -0.53 12.22
C ILE M 417 -39.05 0.23 13.40
N THR M 418 -37.91 0.88 13.19
CA THR M 418 -37.23 1.65 14.21
C THR M 418 -37.17 3.12 13.85
N GLY M 419 -37.64 3.51 12.68
CA GLY M 419 -37.61 4.91 12.30
C GLY M 419 -38.21 5.09 10.92
N LEU M 420 -38.61 6.34 10.66
CA LEU M 420 -39.27 6.76 9.44
C LEU M 420 -38.45 7.84 8.75
N ILE M 421 -38.58 7.92 7.44
CA ILE M 421 -38.10 9.04 6.65
C ILE M 421 -39.33 9.76 6.12
N LEU M 422 -39.38 11.07 6.32
CA LEU M 422 -40.48 11.89 5.83
C LEU M 422 -39.92 13.11 5.11
N THR M 423 -40.66 13.61 4.13
CA THR M 423 -40.33 14.86 3.45
C THR M 423 -41.54 15.77 3.47
N ARG M 424 -41.27 17.08 3.38
CA ARG M 424 -42.32 18.08 3.31
C ARG M 424 -42.74 18.30 1.87
N ASP M 425 -43.94 18.87 1.71
CA ASP M 425 -44.50 19.17 0.39
C ASP M 425 -44.95 20.62 0.39
N SER M 431 -50.99 28.82 4.20
CA SER M 431 -51.63 27.52 4.41
C SER M 431 -51.34 27.00 5.81
N THR M 432 -52.33 26.33 6.40
CA THR M 432 -52.20 25.74 7.73
C THR M 432 -52.11 24.22 7.70
N THR M 433 -52.12 23.60 6.53
CA THR M 433 -52.07 22.15 6.38
C THR M 433 -50.74 21.79 5.72
N GLU M 434 -50.02 20.85 6.34
CA GLU M 434 -48.72 20.40 5.84
C GLU M 434 -48.80 18.92 5.51
N THR M 435 -48.43 18.56 4.27
CA THR M 435 -48.49 17.19 3.79
C THR M 435 -47.10 16.56 3.78
N PHE M 436 -46.98 15.39 4.40
CA PHE M 436 -45.74 14.64 4.50
C PHE M 436 -45.82 13.37 3.67
N ARG M 437 -44.70 13.01 3.03
CA ARG M 437 -44.59 11.84 2.18
C ARG M 437 -43.39 11.01 2.59
N PRO M 438 -43.40 9.68 2.34
CA PRO M 438 -42.23 8.86 2.71
C PRO M 438 -40.88 9.32 2.19
N GLY M 439 -40.78 9.84 0.97
CA GLY M 439 -39.50 10.31 0.45
C GLY M 439 -38.44 9.22 0.49
N GLY M 440 -37.27 9.56 1.02
CA GLY M 440 -36.18 8.61 1.14
C GLY M 440 -35.46 8.36 -0.18
N GLY M 441 -34.70 7.26 -0.20
CA GLY M 441 -33.95 6.82 -1.36
C GLY M 441 -32.46 7.08 -1.31
N ASP M 442 -31.98 8.00 -0.47
CA ASP M 442 -30.55 8.28 -0.35
C ASP M 442 -30.06 7.49 0.86
N MET M 443 -29.26 6.46 0.61
CA MET M 443 -28.86 5.54 1.67
C MET M 443 -28.10 6.18 2.81
N ARG M 444 -27.43 7.33 2.60
CA ARG M 444 -26.73 7.93 3.73
C ARG M 444 -27.71 8.34 4.82
N ASP M 445 -28.96 8.61 4.45
CA ASP M 445 -29.95 8.99 5.43
C ASP M 445 -30.30 7.82 6.32
N ASN M 446 -30.02 6.59 5.88
CA ASN M 446 -30.31 5.41 6.69
C ASN M 446 -29.20 5.12 7.68
N TRP M 447 -28.07 5.81 7.58
CA TRP M 447 -26.93 5.59 8.48
C TRP M 447 -26.70 6.74 9.44
N ARG M 448 -27.14 7.95 9.07
CA ARG M 448 -27.04 9.06 10.02
C ARG M 448 -27.88 8.77 11.24
N SER M 449 -29.01 8.07 11.05
CA SER M 449 -29.91 7.75 12.15
C SER M 449 -29.25 6.86 13.19
N GLU M 450 -28.11 6.24 12.84
CA GLU M 450 -27.35 5.43 13.77
C GLU M 450 -26.04 6.11 14.15
N LEU M 451 -25.44 6.87 13.24
CA LEU M 451 -24.15 7.51 13.48
C LEU M 451 -24.29 8.90 14.09
N TYR M 452 -25.52 9.39 14.29
CA TYR M 452 -25.75 10.72 14.82
C TYR M 452 -25.10 10.98 16.18
N LYS M 453 -24.83 9.94 16.96
CA LYS M 453 -24.28 10.14 18.30
C LYS M 453 -22.77 10.08 18.38
N TYR M 454 -22.05 9.87 17.28
CA TYR M 454 -20.60 9.75 17.30
C TYR M 454 -19.91 10.89 16.55
N LYS M 455 -18.78 11.32 17.11
CA LYS M 455 -17.92 12.33 16.51
C LYS M 455 -16.48 11.86 16.61
N VAL M 456 -15.67 12.15 15.59
CA VAL M 456 -14.26 11.79 15.55
C VAL M 456 -13.44 13.03 15.87
N VAL M 457 -12.53 12.91 16.84
CA VAL M 457 -11.63 14.00 17.20
C VAL M 457 -10.20 13.49 17.17
N LYS M 458 -9.28 14.43 16.96
CA LYS M 458 -7.85 14.17 16.95
C LYS M 458 -7.23 14.69 18.23
N ILE M 459 -6.33 13.91 18.80
CA ILE M 459 -5.66 14.30 20.05
C ILE M 459 -4.42 15.09 19.68
N GLU M 460 -4.22 16.24 20.33
CA GLU M 460 -3.06 17.10 20.12
C GLU M 460 -2.40 17.32 21.48
N PRO M 461 -1.70 16.31 21.99
CA PRO M 461 -1.25 16.29 23.39
C PRO M 461 0.03 17.09 23.61
N LEU M 462 0.01 18.36 23.23
CA LEU M 462 1.16 19.23 23.40
C LEU M 462 0.67 20.65 23.61
N GLY M 463 1.16 21.29 24.67
CA GLY M 463 0.76 22.65 24.94
C GLY M 463 1.68 23.28 25.96
N VAL M 464 1.40 24.55 26.25
CA VAL M 464 2.23 25.34 27.14
C VAL M 464 1.35 25.99 28.20
N ALA M 465 1.97 26.37 29.31
CA ALA M 465 1.24 27.12 30.34
C ALA M 465 2.25 27.82 31.22
N PRO M 466 1.90 28.97 31.80
CA PRO M 466 2.83 29.62 32.74
C PRO M 466 2.90 28.91 34.07
N THR M 467 4.12 28.76 34.58
CA THR M 467 4.36 28.23 35.93
C THR M 467 5.54 28.97 36.52
N ARG M 468 5.72 28.84 37.83
CA ARG M 468 6.89 29.39 38.50
C ARG M 468 8.02 28.37 38.47
N CYS M 469 8.53 28.11 37.27
CA CYS M 469 9.56 27.08 37.12
C CYS M 469 10.51 27.51 36.01
N LYS M 470 11.77 27.73 36.38
CA LYS M 470 12.81 28.16 35.47
C LYS M 470 13.79 27.02 35.26
N ARG M 471 14.33 26.93 34.05
CA ARG M 471 15.33 25.91 33.71
C ARG M 471 16.71 26.43 34.13
N ARG M 472 16.89 26.53 35.45
CA ARG M 472 18.10 27.03 36.12
C ARG M 472 18.74 28.22 35.42
N GLU N 1 -10.47 29.94 61.91
CA GLU N 1 -10.87 28.51 61.98
C GLU N 1 -9.69 27.56 61.79
N VAL N 2 -8.55 28.09 61.35
CA VAL N 2 -7.36 27.28 61.13
C VAL N 2 -6.69 27.02 62.47
N GLN N 3 -6.42 25.74 62.76
CA GLN N 3 -5.77 25.37 64.02
C GLN N 3 -4.75 24.26 63.82
N LEU N 4 -3.60 24.43 64.48
CA LEU N 4 -2.53 23.45 64.53
C LEU N 4 -2.32 23.13 66.01
N VAL N 5 -2.41 21.84 66.36
CA VAL N 5 -2.32 21.41 67.75
C VAL N 5 -1.11 20.49 67.92
N GLU N 6 -0.15 20.93 68.71
CA GLU N 6 1.04 20.18 69.07
C GLU N 6 0.74 19.11 70.11
N THR N 7 1.28 17.90 69.89
CA THR N 7 1.19 16.80 70.85
C THR N 7 2.61 16.21 70.99
N GLY N 8 3.48 16.96 71.67
CA GLY N 8 4.88 16.61 71.76
C GLY N 8 5.21 15.85 73.03
N GLY N 9 6.51 15.75 73.31
CA GLY N 9 7.04 15.04 74.44
C GLY N 9 7.44 15.98 75.58
N GLY N 10 8.35 15.49 76.42
CA GLY N 10 8.81 16.24 77.58
C GLY N 10 10.33 16.35 77.65
N LEU N 11 10.91 15.85 78.75
CA LEU N 11 12.33 15.92 79.00
C LEU N 11 13.00 14.60 78.61
N VAL N 12 14.08 14.70 77.84
CA VAL N 12 14.91 13.56 77.46
C VAL N 12 16.34 13.96 77.81
N GLN N 13 17.25 12.96 77.86
CA GLN N 13 18.67 13.24 78.08
C GLN N 13 19.45 13.13 76.77
N PRO N 14 20.64 13.73 76.69
CA PRO N 14 21.44 13.65 75.45
C PRO N 14 21.70 12.21 75.04
N GLY N 15 21.59 11.95 73.73
CA GLY N 15 21.77 10.63 73.17
C GLY N 15 20.47 9.89 72.93
N GLY N 16 19.35 10.42 73.41
CA GLY N 16 18.05 9.81 73.24
C GLY N 16 17.36 10.33 72.00
N SER N 17 16.03 10.23 72.01
CA SER N 17 15.25 10.67 70.87
C SER N 17 13.88 11.09 71.37
N LEU N 18 13.22 11.94 70.59
CA LEU N 18 11.88 12.41 70.89
C LEU N 18 11.14 12.68 69.60
N LYS N 19 9.89 12.24 69.53
CA LYS N 19 9.05 12.48 68.36
C LYS N 19 7.97 13.50 68.71
N LEU N 20 7.84 14.51 67.86
CA LEU N 20 6.81 15.53 67.95
C LEU N 20 5.78 15.27 66.88
N SER N 21 4.54 15.70 67.14
CA SER N 21 3.47 15.55 66.16
C SER N 21 2.51 16.72 66.28
N CYS N 22 1.99 17.15 65.13
CA CYS N 22 0.99 18.19 65.04
C CYS N 22 -0.21 17.69 64.24
N ARG N 23 -1.40 18.02 64.76
CA ARG N 23 -2.67 17.77 64.09
C ARG N 23 -3.15 19.08 63.49
N ALA N 24 -3.72 19.01 62.29
CA ALA N 24 -4.20 20.20 61.59
C ALA N 24 -5.71 20.14 61.40
N SER N 25 -6.34 21.31 61.44
CA SER N 25 -7.76 21.43 61.15
C SER N 25 -8.04 22.80 60.57
N GLY N 26 -9.18 22.92 59.89
CA GLY N 26 -9.66 24.17 59.35
C GLY N 26 -9.22 24.49 57.93
N TYR N 27 -8.43 23.63 57.30
CA TYR N 27 -7.96 23.86 55.94
C TYR N 27 -7.62 22.51 55.34
N THR N 28 -7.41 22.50 54.02
CA THR N 28 -6.99 21.26 53.37
C THR N 28 -5.52 21.06 53.67
N PHE N 29 -5.21 19.99 54.39
CA PHE N 29 -3.85 19.74 54.84
C PHE N 29 -2.91 19.55 53.64
N SER N 30 -3.32 18.75 52.68
CA SER N 30 -2.51 18.43 51.50
C SER N 30 -2.28 19.62 50.58
N SER N 31 -2.94 20.75 50.79
CA SER N 31 -2.77 21.91 49.91
C SER N 31 -1.63 22.84 50.32
N PHE N 32 -1.05 22.69 51.50
CA PHE N 32 -0.01 23.59 51.99
C PHE N 32 1.23 22.85 52.42
N ALA N 33 2.38 23.48 52.19
CA ALA N 33 3.63 23.01 52.77
C ALA N 33 3.64 23.36 54.25
N MET N 34 4.38 22.59 55.05
CA MET N 34 4.44 22.87 56.48
C MET N 34 5.89 22.78 56.93
N SER N 35 6.18 23.41 58.07
CA SER N 35 7.54 23.49 58.57
C SER N 35 7.56 23.56 60.09
N TRP N 36 8.76 23.37 60.64
CA TRP N 36 9.01 23.52 62.06
C TRP N 36 9.97 24.68 62.29
N VAL N 37 9.62 25.50 63.28
CA VAL N 37 10.39 26.67 63.73
C VAL N 37 10.70 26.49 65.21
N ARG N 38 11.95 26.70 65.58
CA ARG N 38 12.42 26.52 66.96
C ARG N 38 12.71 27.86 67.63
N GLN N 39 12.37 27.95 68.92
CA GLN N 39 12.67 29.13 69.73
C GLN N 39 13.20 28.70 71.09
N ALA N 40 14.48 28.94 71.35
CA ALA N 40 15.04 28.59 72.65
C ALA N 40 14.35 29.46 73.71
N PRO N 41 14.26 29.00 74.97
CA PRO N 41 13.52 29.77 75.99
C PRO N 41 13.89 31.25 76.10
N GLY N 42 15.16 31.60 75.92
CA GLY N 42 15.62 32.98 76.00
C GLY N 42 16.06 33.62 74.71
N LYS N 43 15.80 33.02 73.56
CA LYS N 43 16.29 33.49 72.27
C LYS N 43 15.12 33.83 71.34
N GLY N 44 15.47 34.21 70.12
CA GLY N 44 14.51 34.52 69.08
C GLY N 44 14.14 33.28 68.31
N LEU N 45 13.57 33.50 67.12
CA LEU N 45 13.06 32.41 66.30
C LEU N 45 14.13 31.98 65.31
N GLU N 46 14.15 30.68 65.02
CA GLU N 46 14.96 30.16 63.92
C GLU N 46 14.21 29.04 63.21
N TRP N 47 14.45 28.93 61.91
CA TRP N 47 13.87 27.86 61.12
C TRP N 47 14.66 26.58 61.33
N VAL N 48 13.95 25.46 61.44
CA VAL N 48 14.58 24.14 61.61
C VAL N 48 14.34 23.24 60.40
N SER N 49 13.08 23.06 59.99
CA SER N 49 12.86 22.12 58.88
C SER N 49 11.64 22.50 58.07
N LEU N 50 11.64 22.08 56.80
CA LEU N 50 10.57 22.36 55.86
C LEU N 50 10.21 21.10 55.09
N ILE N 51 8.92 20.81 54.98
CA ILE N 51 8.42 19.69 54.19
C ILE N 51 7.36 20.25 53.24
N ASN N 52 7.38 19.78 52.00
CA ASN N 52 6.42 20.26 51.01
C ASN N 52 5.07 19.59 51.20
N ASP N 53 4.12 19.98 50.35
CA ASP N 53 2.73 19.53 50.53
C ASP N 53 2.55 18.04 50.30
N ARG N 54 3.40 17.39 49.50
CA ARG N 54 3.28 15.97 49.23
C ARG N 54 4.16 15.11 50.13
N GLY N 55 5.02 15.71 50.95
CA GLY N 55 5.91 14.94 51.78
C GLY N 55 7.02 14.26 51.03
N GLY N 56 7.42 14.79 49.88
CA GLY N 56 8.45 14.18 49.05
C GLY N 56 9.75 14.95 49.05
N LEU N 57 9.68 16.24 49.37
CA LEU N 57 10.85 17.12 49.40
C LEU N 57 10.98 17.64 50.82
N THR N 58 12.14 17.42 51.43
CA THR N 58 12.41 17.89 52.79
C THR N 58 13.70 18.68 52.79
N PHE N 59 13.74 19.69 53.64
CA PHE N 59 14.91 20.54 53.81
C PHE N 59 15.13 20.74 55.29
N TYR N 60 16.39 20.85 55.69
CA TYR N 60 16.75 21.03 57.09
C TYR N 60 17.78 22.13 57.26
N VAL N 61 17.75 22.78 58.42
CA VAL N 61 18.82 23.68 58.81
C VAL N 61 20.07 22.83 59.05
N ASP N 62 21.24 23.38 58.69
CA ASP N 62 22.50 22.64 58.75
C ASP N 62 22.74 21.95 60.08
N SER N 63 22.36 22.59 61.19
CA SER N 63 22.64 22.02 62.51
C SER N 63 21.93 20.69 62.77
N VAL N 64 20.86 20.38 62.04
CA VAL N 64 20.08 19.16 62.25
C VAL N 64 20.05 18.24 61.04
N LYS N 65 20.87 18.50 60.02
CA LYS N 65 20.79 17.72 58.79
C LYS N 65 20.98 16.23 59.02
N GLY N 66 21.84 15.86 59.98
CA GLY N 66 22.11 14.48 60.31
C GLY N 66 21.37 13.94 61.52
N ARG N 67 20.40 14.69 62.06
CA ARG N 67 19.75 14.31 63.32
C ARG N 67 18.22 14.24 63.25
N PHE N 68 17.58 15.10 62.47
CA PHE N 68 16.12 15.19 62.45
C PHE N 68 15.56 14.63 61.16
N THR N 69 14.40 13.96 61.26
CA THR N 69 13.63 13.49 60.13
C THR N 69 12.23 14.09 60.20
N ILE N 70 11.77 14.70 59.10
CA ILE N 70 10.46 15.32 59.03
C ILE N 70 9.60 14.49 58.09
N SER N 71 8.36 14.22 58.50
CA SER N 71 7.45 13.44 57.67
C SER N 71 6.03 13.92 57.91
N ARG N 72 5.14 13.59 56.98
CA ARG N 72 3.74 13.96 57.09
C ARG N 72 2.87 12.85 56.52
N ASP N 73 1.63 12.81 57.00
CA ASP N 73 0.61 11.87 56.54
C ASP N 73 -0.62 12.71 56.19
N ASN N 74 -0.90 12.81 54.88
CA ASN N 74 -1.96 13.67 54.37
C ASN N 74 -3.34 13.06 54.55
N SER N 75 -3.44 11.79 54.93
CA SER N 75 -4.73 11.16 55.19
C SER N 75 -5.13 11.36 56.63
N LYS N 76 -4.15 11.51 57.51
CA LYS N 76 -4.35 11.73 58.93
C LYS N 76 -4.29 13.21 59.28
N ASN N 77 -3.85 14.06 58.34
CA ASN N 77 -3.63 15.48 58.61
C ASN N 77 -2.62 15.62 59.75
N THR N 78 -1.58 14.79 59.70
CA THR N 78 -0.58 14.75 60.77
C THR N 78 0.82 15.06 60.24
N LEU N 79 1.50 15.98 60.92
CA LEU N 79 2.91 16.29 60.68
C LEU N 79 3.68 15.72 61.84
N SER N 80 4.85 15.14 61.59
CA SER N 80 5.66 14.65 62.68
C SER N 80 7.13 14.88 62.41
N LEU N 81 7.89 14.97 63.50
CA LEU N 81 9.32 15.21 63.47
C LEU N 81 10.00 14.25 64.45
N GLN N 82 10.94 13.46 63.95
CA GLN N 82 11.71 12.51 64.74
C GLN N 82 13.08 13.14 64.99
N MET N 83 13.36 13.46 66.26
CA MET N 83 14.59 14.13 66.66
C MET N 83 15.48 13.16 67.40
N HIS N 84 16.74 13.05 66.97
CA HIS N 84 17.76 12.23 67.59
C HIS N 84 18.82 13.09 68.28
N SER N 85 19.50 12.45 69.24
CA SER N 85 20.64 12.98 70.00
C SER N 85 20.23 14.01 71.04
N LEU N 86 19.44 15.01 70.64
CA LEU N 86 18.88 16.01 71.54
C LEU N 86 19.86 16.56 72.56
N ARG N 87 20.77 17.42 72.14
CA ARG N 87 21.78 17.94 73.04
C ARG N 87 21.22 19.12 73.84
N ASP N 88 22.00 19.55 74.85
CA ASP N 88 21.57 20.62 75.73
C ASP N 88 21.17 21.87 74.97
N GLY N 89 21.84 22.15 73.85
CA GLY N 89 21.54 23.34 73.08
C GLY N 89 20.24 23.28 72.30
N ASP N 90 19.56 22.12 72.31
CA ASP N 90 18.31 21.93 71.59
C ASP N 90 17.07 22.18 72.45
N THR N 91 17.23 22.61 73.70
CA THR N 91 16.06 22.93 74.51
C THR N 91 15.36 24.13 73.90
N ALA N 92 14.07 23.98 73.60
CA ALA N 92 13.34 25.04 72.93
C ALA N 92 11.86 24.67 72.82
N VAL N 93 11.07 25.68 72.46
CA VAL N 93 9.69 25.46 72.01
C VAL N 93 9.75 25.23 70.50
N TYR N 94 9.10 24.16 70.05
CA TYR N 94 9.03 23.76 68.65
C TYR N 94 7.62 24.02 68.13
N TYR N 95 7.50 24.95 67.18
CA TYR N 95 6.22 25.36 66.62
C TYR N 95 6.06 24.75 65.23
N CYS N 96 4.86 24.25 64.95
CA CYS N 96 4.46 23.89 63.60
C CYS N 96 3.93 25.13 62.93
N ALA N 97 4.22 25.29 61.64
CA ALA N 97 3.66 26.40 60.89
C ALA N 97 3.31 25.97 59.47
N THR N 98 2.28 26.61 58.94
CA THR N 98 1.81 26.39 57.59
C THR N 98 2.25 27.57 56.73
N GLY N 99 2.95 27.25 55.64
CA GLY N 99 3.54 28.17 54.70
C GLY N 99 4.99 27.81 54.50
N GLY N 100 5.72 28.71 53.85
CA GLY N 100 7.12 28.50 53.58
C GLY N 100 7.46 27.94 52.21
N MET N 101 6.49 27.44 51.46
CA MET N 101 6.80 26.87 50.15
C MET N 101 5.50 26.74 49.37
N SER N 102 5.63 26.67 48.04
CA SER N 102 4.50 26.51 47.15
C SER N 102 4.92 25.67 45.96
N SER N 103 4.08 24.72 45.58
CA SER N 103 4.45 23.68 44.62
C SER N 103 4.23 24.13 43.17
N ALA N 104 5.02 25.13 42.76
CA ALA N 104 5.15 25.57 41.37
C ALA N 104 3.89 26.10 40.68
N LEU N 105 2.73 25.49 40.90
CA LEU N 105 1.48 25.91 40.26
C LEU N 105 0.66 26.82 41.16
N GLN N 106 1.13 27.09 42.37
CA GLN N 106 0.49 27.94 43.36
C GLN N 106 1.25 29.25 43.41
N SER N 107 0.61 30.28 43.95
CA SER N 107 1.31 31.55 44.04
C SER N 107 2.43 31.44 45.07
N SER N 108 3.37 32.38 44.99
CA SER N 108 4.52 32.35 45.86
C SER N 108 4.12 32.55 47.32
N LYS N 109 4.81 31.85 48.21
CA LYS N 109 4.63 32.04 49.64
C LYS N 109 5.92 32.59 50.23
N TYR N 110 6.86 31.72 50.60
CA TYR N 110 8.11 32.12 51.25
C TYR N 110 7.85 32.84 52.56
N TYR N 111 6.78 32.46 53.26
CA TYR N 111 6.47 32.98 54.58
C TYR N 111 5.67 31.94 55.33
N PHE N 112 5.60 32.10 56.65
CA PHE N 112 4.85 31.20 57.52
C PHE N 112 3.49 31.84 57.74
N ASP N 113 2.44 31.20 57.24
CA ASP N 113 1.11 31.80 57.24
C ASP N 113 0.34 31.54 58.54
N PHE N 114 0.36 30.30 59.04
CA PHE N 114 -0.37 29.95 60.25
C PHE N 114 0.60 29.31 61.23
N TRP N 115 0.36 29.52 62.53
CA TRP N 115 1.20 28.98 63.60
C TRP N 115 0.39 28.23 64.64
N GLY N 116 1.02 27.21 65.21
CA GLY N 116 0.50 26.52 66.37
C GLY N 116 0.98 27.23 67.62
N GLN N 117 0.81 26.58 68.78
CA GLN N 117 1.20 27.19 70.05
C GLN N 117 2.53 26.68 70.58
N GLY N 118 2.99 25.52 70.12
CA GLY N 118 4.32 25.04 70.42
C GLY N 118 4.47 23.97 71.49
N ALA N 119 5.27 22.95 71.20
CA ALA N 119 5.60 21.91 72.17
C ALA N 119 6.90 22.32 72.85
N LEU N 120 7.03 22.07 74.15
CA LEU N 120 8.25 22.39 74.87
C LEU N 120 9.12 21.15 75.02
N VAL N 121 10.30 21.19 74.40
CA VAL N 121 11.25 20.09 74.40
C VAL N 121 12.45 20.55 75.23
N THR N 122 12.80 19.77 76.25
CA THR N 122 13.87 20.10 77.16
C THR N 122 14.91 18.98 77.19
N VAL N 123 16.12 19.35 77.61
CA VAL N 123 17.22 18.41 77.74
C VAL N 123 17.92 18.67 79.07
N ALA O 1 21.91 35.73 60.45
CA ALA O 1 20.76 36.38 61.06
C ALA O 1 20.72 37.85 60.68
N LEU O 2 19.56 38.47 60.83
CA LEU O 2 19.40 39.89 60.55
C LEU O 2 19.59 40.66 61.85
N THR O 3 19.99 41.93 61.70
CA THR O 3 20.21 42.80 62.84
C THR O 3 19.00 43.71 62.98
N GLN O 4 18.45 43.78 64.18
CA GLN O 4 17.30 44.60 64.54
C GLN O 4 17.66 45.38 65.79
N PRO O 5 17.04 46.54 66.03
CA PRO O 5 17.26 47.20 67.31
C PRO O 5 16.78 46.31 68.44
N PRO O 6 17.43 46.35 69.61
CA PRO O 6 16.93 45.55 70.73
C PRO O 6 15.64 46.07 71.32
N SER O 7 15.32 47.36 71.14
CA SER O 7 14.11 47.92 71.72
C SER O 7 13.71 49.18 70.96
N VAL O 8 12.42 49.26 70.63
CA VAL O 8 11.83 50.42 69.98
C VAL O 8 10.55 50.72 70.74
N SER O 9 10.35 51.99 71.11
CA SER O 9 9.17 52.34 71.89
C SER O 9 8.74 53.77 71.58
N GLY O 10 7.57 54.12 72.10
CA GLY O 10 7.00 55.44 71.93
C GLY O 10 5.72 55.50 72.72
N SER O 11 5.15 56.70 72.78
CA SER O 11 3.93 56.87 73.55
C SER O 11 2.72 56.48 72.70
N PRO O 12 1.62 56.04 73.32
CA PRO O 12 0.39 55.79 72.56
C PRO O 12 -0.04 57.00 71.75
N GLY O 13 -0.50 56.75 70.52
CA GLY O 13 -0.89 57.81 69.61
C GLY O 13 0.19 58.23 68.64
N GLN O 14 1.43 57.80 68.85
CA GLN O 14 2.56 58.14 68.01
C GLN O 14 2.81 57.01 67.01
N SER O 15 4.01 56.96 66.42
CA SER O 15 4.35 55.93 65.47
C SER O 15 5.84 55.61 65.60
N VAL O 16 6.20 54.38 65.26
CA VAL O 16 7.60 53.96 65.24
C VAL O 16 7.89 53.16 63.97
N THR O 17 9.18 53.03 63.69
CA THR O 17 9.67 52.11 62.67
C THR O 17 10.67 51.15 63.31
N ILE O 18 10.59 49.89 62.91
CA ILE O 18 11.51 48.84 63.35
C ILE O 18 12.27 48.40 62.11
N SER O 19 13.58 48.63 62.12
CA SER O 19 14.42 48.29 60.99
C SER O 19 14.86 46.82 61.06
N CYS O 20 15.28 46.32 59.91
CA CYS O 20 15.82 44.97 59.76
C CYS O 20 16.90 45.06 58.69
N THR O 21 18.11 44.62 58.99
CA THR O 21 19.21 44.71 58.04
C THR O 21 19.86 43.36 57.83
N GLY O 22 20.37 43.17 56.60
CA GLY O 22 21.05 41.94 56.22
C GLY O 22 22.14 42.25 55.23
N THR O 23 22.33 41.37 54.24
CA THR O 23 23.34 41.54 53.22
C THR O 23 22.70 41.47 51.83
N SER O 24 23.54 41.71 50.82
CA SER O 24 23.09 41.77 49.43
C SER O 24 22.70 40.41 48.86
N SER O 25 23.10 39.30 49.49
CA SER O 25 22.79 37.99 48.97
C SER O 25 21.44 37.43 49.44
N ASP O 26 20.79 38.05 50.43
CA ASP O 26 19.52 37.53 50.95
C ASP O 26 18.42 38.60 51.00
N ILE O 27 18.44 39.51 51.97
CA ILE O 27 17.37 40.50 52.07
C ILE O 27 17.37 41.43 50.87
N GLY O 28 18.53 41.70 50.28
CA GLY O 28 18.65 42.55 49.13
C GLY O 28 18.57 41.86 47.78
N SER O 29 18.33 40.55 47.75
CA SER O 29 18.26 39.77 46.52
C SER O 29 16.88 39.22 46.28
N TYR O 30 16.24 38.66 47.32
CA TYR O 30 14.91 38.07 47.23
C TYR O 30 13.92 39.00 47.94
N ASN O 31 12.85 39.36 47.23
CA ASN O 31 11.84 40.26 47.78
C ASN O 31 10.80 39.46 48.57
N TYR O 32 11.28 38.77 49.62
CA TYR O 32 10.42 37.99 50.50
C TYR O 32 10.87 38.27 51.93
N VAL O 33 10.39 39.39 52.49
CA VAL O 33 10.77 39.83 53.82
C VAL O 33 9.49 39.97 54.62
N SER O 34 9.27 39.05 55.55
CA SER O 34 8.06 38.99 56.34
C SER O 34 8.34 39.46 57.77
N TRP O 35 7.26 39.86 58.46
CA TRP O 35 7.32 40.29 59.85
C TRP O 35 6.32 39.53 60.70
N TYR O 36 6.73 39.21 61.93
CA TYR O 36 5.90 38.49 62.88
C TYR O 36 5.80 39.28 64.18
N GLN O 37 4.64 39.15 64.83
CA GLN O 37 4.34 39.79 66.11
C GLN O 37 4.09 38.68 67.13
N GLN O 38 4.98 38.57 68.13
CA GLN O 38 4.91 37.53 69.16
C GLN O 38 4.59 38.14 70.52
N HIS O 39 3.36 37.97 70.98
CA HIS O 39 3.02 38.47 72.30
C HIS O 39 3.69 37.55 73.33
N PRO O 40 4.13 38.07 74.47
CA PRO O 40 4.76 37.20 75.47
C PRO O 40 3.86 36.04 75.85
N GLY O 41 4.42 34.84 75.85
CA GLY O 41 3.71 33.63 76.20
C GLY O 41 2.90 33.03 75.06
N LYS O 42 2.88 33.66 73.88
CA LYS O 42 2.10 33.22 72.73
C LYS O 42 3.02 33.00 71.54
N ALA O 43 2.51 32.20 70.60
CA ALA O 43 3.19 32.00 69.33
C ALA O 43 3.15 33.26 68.48
N PRO O 44 4.15 33.47 67.60
CA PRO O 44 4.09 34.62 66.68
C PRO O 44 2.92 34.50 65.71
N LYS O 45 2.43 35.66 65.28
CA LYS O 45 1.44 35.73 64.20
C LYS O 45 2.02 36.58 63.07
N LEU O 46 1.56 36.31 61.86
CA LEU O 46 2.06 37.01 60.67
C LEU O 46 1.42 38.39 60.56
N MET O 47 2.27 39.41 60.40
CA MET O 47 1.83 40.79 60.23
C MET O 47 2.02 41.31 58.81
N ILE O 48 3.17 41.00 58.21
CA ILE O 48 3.50 41.43 56.85
C ILE O 48 4.08 40.23 56.12
N TYR O 49 3.69 40.04 54.87
CA TYR O 49 4.27 39.01 54.00
C TYR O 49 4.70 39.71 52.72
N ASP O 50 5.33 38.95 51.82
CA ASP O 50 5.93 39.52 50.61
C ASP O 50 6.91 40.57 51.15
N VAL O 51 6.89 41.80 50.65
CA VAL O 51 7.69 42.89 51.21
C VAL O 51 6.80 43.94 51.88
N THR O 52 5.73 44.35 51.21
CA THR O 52 4.84 45.41 51.71
C THR O 52 3.39 44.96 51.82
N GLN O 53 3.09 43.67 51.68
CA GLN O 53 1.71 43.21 51.68
C GLN O 53 1.30 42.77 53.08
N ARG O 54 0.04 43.04 53.44
CA ARG O 54 -0.51 42.70 54.74
C ARG O 54 -1.55 41.58 54.62
N PRO O 55 -1.57 40.59 55.53
CA PRO O 55 -2.63 39.58 55.49
C PRO O 55 -3.98 40.20 55.77
N SER O 56 -5.03 39.58 55.22
CA SER O 56 -6.38 40.03 55.53
C SER O 56 -6.65 39.83 57.01
N GLY O 57 -7.35 40.79 57.62
CA GLY O 57 -7.69 40.72 59.03
C GLY O 57 -6.74 41.47 59.94
N VAL O 58 -5.60 41.94 59.43
CA VAL O 58 -4.61 42.67 60.20
C VAL O 58 -4.82 44.16 59.96
N SER O 59 -4.81 44.91 61.07
CA SER O 59 -5.11 46.34 61.03
C SER O 59 -4.21 47.11 60.06
N ASP O 60 -4.80 48.13 59.43
CA ASP O 60 -4.16 48.99 58.45
C ASP O 60 -3.05 49.85 59.07
N ARG O 61 -2.90 49.83 60.39
CA ARG O 61 -1.84 50.60 61.04
C ARG O 61 -0.46 50.00 60.84
N PHE O 62 -0.37 48.75 60.36
CA PHE O 62 0.90 48.06 60.16
C PHE O 62 1.24 48.07 58.68
N SER O 63 2.40 48.61 58.34
CA SER O 63 2.81 48.73 56.95
C SER O 63 4.32 48.59 56.91
N GLY O 64 4.90 48.62 55.72
CA GLY O 64 6.35 48.50 55.67
C GLY O 64 6.90 48.74 54.28
N SER O 65 8.22 48.68 54.19
CA SER O 65 8.91 48.95 52.95
C SER O 65 10.30 48.30 52.99
N LYS O 66 10.96 48.31 51.84
CA LYS O 66 12.33 47.83 51.74
C LYS O 66 13.10 48.66 50.72
N SER O 67 14.35 48.96 51.05
CA SER O 67 15.25 49.66 50.15
C SER O 67 16.66 49.13 50.38
N GLY O 68 17.35 48.77 49.31
CA GLY O 68 18.70 48.24 49.46
C GLY O 68 18.64 46.97 50.28
N ASN O 69 19.43 46.93 51.35
CA ASN O 69 19.49 45.81 52.25
C ASN O 69 18.76 46.10 53.57
N THR O 70 17.92 47.14 53.58
CA THR O 70 17.21 47.57 54.78
C THR O 70 15.71 47.44 54.58
N ALA O 71 15.05 46.71 55.48
CA ALA O 71 13.61 46.58 55.51
C ALA O 71 13.11 47.33 56.74
N SER O 72 11.87 47.82 56.68
CA SER O 72 11.32 48.54 57.82
C SER O 72 9.84 48.26 57.98
N LEU O 73 9.44 47.99 59.22
CA LEU O 73 8.05 47.82 59.61
C LEU O 73 7.64 49.11 60.31
N THR O 74 6.60 49.76 59.80
CA THR O 74 6.10 51.00 60.36
C THR O 74 4.79 50.68 61.08
N ILE O 75 4.72 51.09 62.35
CA ILE O 75 3.56 50.90 63.20
C ILE O 75 3.07 52.30 63.57
N SER O 76 1.93 52.70 63.02
CA SER O 76 1.34 53.99 63.29
C SER O 76 0.23 53.83 64.30
N GLY O 77 -0.18 54.95 64.90
CA GLY O 77 -1.33 54.91 65.79
C GLY O 77 -1.14 54.00 66.99
N LEU O 78 0.03 54.07 67.63
CA LEU O 78 0.39 53.13 68.69
C LEU O 78 -0.70 53.00 69.76
N GLN O 79 -1.04 51.76 70.05
CA GLN O 79 -2.01 51.39 71.08
C GLN O 79 -1.28 50.67 72.22
N ALA O 80 -1.91 50.65 73.38
CA ALA O 80 -1.35 49.92 74.52
C ALA O 80 -1.36 48.41 74.33
N ASP O 81 -2.19 47.89 73.41
CA ASP O 81 -2.28 46.44 73.20
C ASP O 81 -1.30 45.93 72.16
N ASP O 82 -0.43 46.79 71.63
CA ASP O 82 0.53 46.39 70.61
C ASP O 82 1.88 45.98 71.20
N GLU O 83 2.00 45.87 72.51
CA GLU O 83 3.27 45.49 73.11
C GLU O 83 3.55 44.03 72.77
N ALA O 84 4.62 43.80 72.01
CA ALA O 84 4.96 42.46 71.56
C ALA O 84 6.41 42.44 71.12
N ASP O 85 6.95 41.23 71.01
CA ASP O 85 8.28 41.01 70.46
C ASP O 85 8.15 40.84 68.94
N TYR O 86 8.66 41.82 68.20
CA TYR O 86 8.54 41.83 66.75
C TYR O 86 9.79 41.23 66.12
N TYR O 87 9.59 40.41 65.09
CA TYR O 87 10.67 39.73 64.38
C TYR O 87 10.54 39.98 62.89
N CYS O 88 11.68 40.05 62.21
CA CYS O 88 11.75 40.06 60.76
C CYS O 88 12.34 38.72 60.33
N SER O 89 11.98 38.29 59.12
CA SER O 89 12.60 37.11 58.55
C SER O 89 12.65 37.27 57.04
N ALA O 90 13.58 36.56 56.42
CA ALA O 90 13.69 36.63 54.97
C ALA O 90 14.18 35.33 54.37
N TYR O 91 13.78 35.13 53.12
CA TYR O 91 14.24 34.00 52.32
C TYR O 91 15.68 34.25 51.91
N ALA O 92 16.50 33.20 51.95
CA ALA O 92 17.92 33.33 51.61
C ALA O 92 18.39 32.22 50.67
N GLY O 93 17.61 31.92 49.64
CA GLY O 93 18.01 30.96 48.63
C GLY O 93 17.64 29.52 48.94
N ARG O 94 18.18 28.63 48.12
CA ARG O 94 17.87 27.21 48.19
C ARG O 94 18.71 26.46 49.21
N GLN O 95 19.79 27.06 49.71
CA GLN O 95 20.67 26.40 50.68
C GLN O 95 20.25 26.73 52.10
N THR O 96 20.10 28.02 52.39
CA THR O 96 19.63 28.51 53.69
C THR O 96 18.26 29.07 53.37
N PHE O 97 17.21 28.37 53.82
CA PHE O 97 15.87 28.77 53.39
C PHE O 97 15.41 30.05 54.06
N TYR O 98 15.40 30.10 55.39
CA TYR O 98 14.96 31.30 56.08
C TYR O 98 15.97 31.69 57.12
N ILE O 99 16.18 33.00 57.22
CA ILE O 99 17.03 33.60 58.23
C ILE O 99 16.18 34.59 59.00
N PHE O 100 16.21 34.47 60.33
CA PHE O 100 15.51 35.35 61.25
C PHE O 100 16.47 36.27 61.97
N GLY O 101 15.97 37.45 62.33
CA GLY O 101 16.69 38.38 63.17
C GLY O 101 16.34 38.15 64.64
N GLY O 102 16.89 39.01 65.49
CA GLY O 102 16.57 38.94 66.90
C GLY O 102 15.27 39.66 67.15
N GLY O 103 14.70 39.47 68.34
CA GLY O 103 13.46 40.13 68.66
C GLY O 103 13.66 41.58 69.06
N THR O 104 12.69 42.41 68.70
CA THR O 104 12.61 43.80 69.10
C THR O 104 11.40 43.98 70.01
N ARG O 105 11.63 44.36 71.26
CA ARG O 105 10.53 44.56 72.19
C ARG O 105 9.94 45.94 71.92
N LEU O 106 8.62 46.00 71.71
CA LEU O 106 7.99 47.29 71.47
C LEU O 106 8.04 48.13 72.74
N ASP P 9 -7.62 7.59 36.46
CA ASP P 9 -8.74 7.51 35.53
C ASP P 9 -8.22 7.00 34.19
N GLY P 10 -9.12 6.84 33.22
CA GLY P 10 -8.76 6.32 31.91
C GLY P 10 -8.46 7.42 30.90
N PHE P 11 -8.40 7.00 29.64
CA PHE P 11 -8.04 7.88 28.54
C PHE P 11 -8.98 9.08 28.46
N LEU P 12 -8.40 10.28 28.51
CA LEU P 12 -9.14 11.55 28.49
C LEU P 12 -10.08 11.71 29.68
N GLY P 13 -9.95 10.91 30.73
CA GLY P 13 -10.82 11.05 31.87
C GLY P 13 -10.69 12.42 32.53
N ALA P 14 -9.52 13.02 32.43
CA ALA P 14 -9.22 14.32 33.00
C ALA P 14 -9.63 15.49 32.12
N ALA P 15 -10.29 15.25 30.98
CA ALA P 15 -10.63 16.33 30.05
C ALA P 15 -11.45 17.42 30.74
N GLY P 16 -12.32 17.05 31.68
CA GLY P 16 -13.10 18.02 32.42
C GLY P 16 -12.49 18.43 33.74
N SER P 17 -11.28 17.97 34.04
CA SER P 17 -10.59 18.29 35.28
C SER P 17 -9.86 19.61 35.10
N THR P 18 -9.47 20.20 36.22
CA THR P 18 -8.72 21.44 36.12
C THR P 18 -7.30 21.14 35.64
N MET P 19 -6.61 22.18 35.16
CA MET P 19 -5.27 21.99 34.62
C MET P 19 -4.33 21.43 35.69
N GLY P 20 -4.47 21.90 36.92
CA GLY P 20 -3.57 21.45 37.99
C GLY P 20 -3.85 20.05 38.45
N ALA P 21 -4.98 19.48 38.06
CA ALA P 21 -5.35 18.11 38.35
C ALA P 21 -5.18 17.25 37.12
N ALA P 22 -5.52 17.81 35.95
CA ALA P 22 -5.42 17.07 34.71
C ALA P 22 -3.97 16.72 34.40
N SER P 23 -3.02 17.56 34.81
CA SER P 23 -1.62 17.27 34.53
C SER P 23 -1.13 16.00 35.22
N MET P 24 -1.86 15.48 36.21
CA MET P 24 -1.45 14.28 36.92
C MET P 24 -1.51 13.02 36.05
N THR P 25 -2.25 13.02 34.94
CA THR P 25 -2.45 11.85 34.10
C THR P 25 -1.88 11.99 32.69
N LEU P 26 -0.84 12.81 32.51
CA LEU P 26 -0.30 13.01 31.16
C LEU P 26 0.17 11.70 30.54
N THR P 27 0.69 10.77 31.34
CA THR P 27 1.15 9.48 30.83
C THR P 27 0.01 8.72 30.17
N VAL P 28 -1.21 8.82 30.73
CA VAL P 28 -2.34 8.05 30.23
C VAL P 28 -2.64 8.44 28.79
N GLN P 29 -2.59 9.74 28.49
CA GLN P 29 -2.84 10.16 27.11
C GLN P 29 -1.63 9.88 26.24
N ALA P 30 -0.41 10.03 26.78
CA ALA P 30 0.79 9.81 26.01
C ALA P 30 0.87 8.37 25.48
N ARG P 31 0.44 7.39 26.29
CA ARG P 31 0.51 6.00 25.88
C ARG P 31 -0.52 5.60 24.83
N ASN P 32 -1.52 6.43 24.56
CA ASN P 32 -2.58 6.10 23.61
C ASN P 32 -2.36 6.70 22.23
N LEU P 33 -1.18 7.22 21.95
CA LEU P 33 -0.88 7.81 20.65
C LEU P 33 -0.35 6.79 19.65
N LEU P 34 0.30 5.73 20.14
CA LEU P 34 0.81 4.66 19.29
C LEU P 34 -0.05 3.42 19.32
N SER P 35 -0.81 3.21 20.39
CA SER P 35 -1.61 2.00 20.53
C SER P 35 -2.76 1.99 19.53
N GLY P 61 -6.59 -2.52 1.77
CA GLY P 61 -6.54 -1.72 2.98
C GLY P 61 -5.48 -0.64 2.92
N ILE P 62 -5.33 -0.03 1.75
CA ILE P 62 -4.34 1.03 1.58
C ILE P 62 -4.69 2.26 2.41
N LYS P 63 -5.98 2.55 2.57
CA LYS P 63 -6.37 3.73 3.33
C LYS P 63 -5.97 3.61 4.79
N GLN P 64 -6.04 2.41 5.35
CA GLN P 64 -5.69 2.25 6.76
C GLN P 64 -4.19 2.31 6.93
N LEU P 65 -3.44 1.77 5.96
CA LEU P 65 -1.99 1.83 6.06
C LEU P 65 -1.53 3.28 5.94
N GLN P 66 -2.18 4.05 5.07
CA GLN P 66 -1.83 5.46 4.93
C GLN P 66 -2.13 6.21 6.22
N ALA P 67 -3.27 5.89 6.86
CA ALA P 67 -3.59 6.54 8.12
C ALA P 67 -2.56 6.20 9.19
N ARG P 68 -2.06 4.96 9.20
CA ARG P 68 -1.08 4.58 10.21
C ARG P 68 0.25 5.29 9.97
N VAL P 69 0.65 5.40 8.70
CA VAL P 69 1.90 6.09 8.39
C VAL P 69 1.78 7.57 8.77
N LEU P 70 0.63 8.18 8.48
CA LEU P 70 0.46 9.59 8.82
C LEU P 70 0.50 9.79 10.33
N ALA P 71 -0.14 8.87 11.09
CA ALA P 71 -0.11 8.97 12.55
C ALA P 71 1.32 8.87 13.07
N VAL P 72 2.13 7.99 12.47
CA VAL P 72 3.52 7.89 12.89
C VAL P 72 4.28 9.17 12.58
N GLU P 73 4.06 9.75 11.40
CA GLU P 73 4.75 10.98 11.05
C GLU P 73 4.37 12.11 12.01
N HIS P 74 3.10 12.20 12.40
CA HIS P 74 2.71 13.27 13.30
C HIS P 74 3.28 13.05 14.69
N TYR P 75 3.34 11.80 15.15
CA TYR P 75 3.97 11.52 16.43
C TYR P 75 5.43 11.97 16.40
N LEU P 76 6.15 11.62 15.33
CA LEU P 76 7.54 12.00 15.24
C LEU P 76 7.71 13.50 15.13
N ARG P 77 6.78 14.20 14.46
CA ARG P 77 6.88 15.65 14.39
C ARG P 77 6.74 16.27 15.77
N ASP P 78 5.85 15.73 16.60
CA ASP P 78 5.73 16.27 17.95
C ASP P 78 6.97 15.96 18.78
N GLN P 79 7.54 14.76 18.60
CA GLN P 79 8.75 14.44 19.36
C GLN P 79 9.93 15.28 18.92
N GLN P 80 10.03 15.56 17.61
CA GLN P 80 11.10 16.42 17.12
C GLN P 80 10.92 17.83 17.66
N LEU P 81 9.69 18.31 17.68
CA LEU P 81 9.44 19.66 18.16
C LEU P 81 9.85 19.78 19.63
N LEU P 82 9.52 18.76 20.44
CA LEU P 82 9.99 18.78 21.83
C LEU P 82 11.51 18.69 21.90
N GLY P 83 12.11 17.85 21.05
CA GLY P 83 13.55 17.68 21.08
C GLY P 83 14.31 18.96 20.80
N ILE P 84 13.85 19.75 19.83
CA ILE P 84 14.55 20.99 19.51
C ILE P 84 14.37 22.07 20.56
N TRP P 85 13.54 21.84 21.58
CA TRP P 85 13.35 22.77 22.68
C TRP P 85 14.18 22.39 23.90
N GLY P 86 14.91 21.28 23.84
CA GLY P 86 15.67 20.77 24.96
C GLY P 86 14.85 19.94 25.93
N CYS P 87 13.69 19.45 25.51
CA CYS P 87 12.79 18.64 26.31
C CYS P 87 12.72 17.28 25.63
N SER P 88 13.56 16.33 26.04
CA SER P 88 13.58 15.04 25.34
C SER P 88 12.67 14.03 26.03
N GLY P 89 13.19 13.28 26.99
CA GLY P 89 12.40 12.27 27.67
C GLY P 89 11.58 12.85 28.81
N LYS P 90 10.76 13.85 28.52
CA LYS P 90 9.99 14.54 29.55
C LYS P 90 8.56 14.75 29.12
N LEU P 91 7.64 14.65 30.09
CA LEU P 91 6.25 15.00 29.89
C LEU P 91 5.95 16.40 30.42
N ILE P 92 6.65 16.80 31.47
CA ILE P 92 6.58 18.15 32.04
C ILE P 92 7.99 18.70 31.90
N CYS P 93 8.12 19.84 31.22
CA CYS P 93 9.43 20.41 30.95
C CYS P 93 9.40 21.91 31.16
N CYS P 94 10.26 22.40 32.05
CA CYS P 94 10.36 23.83 32.33
C CYS P 94 11.35 24.46 31.36
N THR P 95 11.07 25.70 30.95
CA THR P 95 11.91 26.43 30.02
C THR P 95 12.27 27.79 30.60
N ASN P 96 13.14 28.52 29.90
CA ASN P 96 13.59 29.85 30.29
C ASN P 96 12.92 30.98 29.51
N VAL P 97 11.80 30.73 28.84
CA VAL P 97 11.07 31.78 28.14
C VAL P 97 10.12 32.43 29.14
N PRO P 98 10.21 33.74 29.39
CA PRO P 98 9.28 34.36 30.33
C PRO P 98 7.89 34.49 29.71
N TRP P 99 6.87 34.53 30.56
CA TRP P 99 5.52 34.78 30.09
C TRP P 99 5.38 36.28 29.86
N ASN P 100 4.85 36.67 28.71
CA ASN P 100 4.80 38.08 28.33
C ASN P 100 3.51 38.77 28.77
N SER P 101 2.65 38.09 29.53
CA SER P 101 1.41 38.64 30.07
C SER P 101 0.35 38.93 29.00
N SER P 102 0.72 39.54 27.88
CA SER P 102 -0.26 39.83 26.84
C SER P 102 -0.88 38.55 26.29
N TRP P 103 -0.15 37.44 26.36
CA TRP P 103 -0.68 36.16 25.91
C TRP P 103 -1.88 35.77 26.78
N SER P 104 -1.77 36.02 28.08
CA SER P 104 -2.82 35.77 29.04
C SER P 104 -2.41 36.43 30.35
N ASN P 105 -3.25 37.31 30.89
CA ASN P 105 -2.91 38.08 32.09
C ASN P 105 -3.69 37.58 33.30
N ARG P 106 -4.13 36.33 33.27
CA ARG P 106 -4.86 35.74 34.39
C ARG P 106 -3.91 35.41 35.54
N ASN P 107 -4.47 35.39 36.74
CA ASN P 107 -3.69 34.99 37.90
C ASN P 107 -3.34 33.51 37.77
N LEU P 108 -2.16 33.15 38.27
CA LEU P 108 -1.70 31.76 38.20
C LEU P 108 -2.71 30.79 38.80
N SER P 109 -3.36 31.18 39.90
CA SER P 109 -4.31 30.28 40.53
C SER P 109 -5.59 30.15 39.74
N GLU P 110 -5.93 31.13 38.89
CA GLU P 110 -7.14 30.99 38.10
C GLU P 110 -6.87 30.03 36.96
N ILE P 111 -5.68 30.11 36.39
CA ILE P 111 -5.35 29.23 35.27
C ILE P 111 -5.27 27.80 35.76
N TRP P 112 -4.54 27.55 36.85
CA TRP P 112 -4.36 26.16 37.26
C TRP P 112 -5.53 25.56 38.05
N ASP P 113 -6.28 26.35 38.83
CA ASP P 113 -7.39 25.78 39.62
C ASP P 113 -8.78 25.99 39.03
N ASN P 114 -8.99 27.01 38.19
CA ASN P 114 -10.32 27.34 37.67
C ASN P 114 -10.43 27.20 36.15
N MET P 115 -9.56 26.43 35.51
CA MET P 115 -9.63 26.24 34.07
C MET P 115 -9.33 24.80 33.70
N THR P 116 -9.93 24.35 32.61
CA THR P 116 -9.62 23.06 32.01
C THR P 116 -8.62 23.28 30.88
N TRP P 117 -8.00 22.19 30.41
CA TRP P 117 -7.07 22.34 29.31
C TRP P 117 -7.78 22.68 28.00
N LEU P 118 -9.02 22.24 27.83
CA LEU P 118 -9.74 22.57 26.60
C LEU P 118 -9.98 24.06 26.48
N GLN P 119 -10.29 24.72 27.60
CA GLN P 119 -10.52 26.16 27.57
C GLN P 119 -9.21 26.91 27.35
N TRP P 120 -8.16 26.46 28.04
CA TRP P 120 -6.86 27.12 27.92
C TRP P 120 -6.35 27.04 26.50
N ASP P 121 -6.56 25.90 25.84
CA ASP P 121 -6.11 25.72 24.47
C ASP P 121 -6.78 26.75 23.56
N LYS P 122 -7.95 27.26 23.94
CA LYS P 122 -8.65 28.25 23.15
C LYS P 122 -8.19 29.66 23.49
N GLU P 123 -7.97 29.96 24.77
CA GLU P 123 -7.58 31.33 25.15
C GLU P 123 -6.29 31.76 24.46
N ILE P 124 -5.31 30.86 24.34
CA ILE P 124 -4.02 31.21 23.75
C ILE P 124 -3.79 30.55 22.41
N SER P 125 -4.86 30.21 21.69
CA SER P 125 -4.68 29.56 20.40
C SER P 125 -4.01 30.46 19.38
N ASN P 126 -4.05 31.78 19.58
CA ASN P 126 -3.46 32.75 18.66
C ASN P 126 -2.00 33.08 18.95
N TYR P 127 -1.41 32.51 20.01
CA TYR P 127 -0.05 32.81 20.42
C TYR P 127 0.91 31.63 20.41
N THR P 128 0.47 30.43 20.03
CA THR P 128 1.34 29.27 20.16
C THR P 128 2.52 29.32 19.19
N GLN P 129 2.37 29.95 18.03
CA GLN P 129 3.49 30.01 17.10
C GLN P 129 4.60 30.89 17.65
N ILE P 130 4.23 31.96 18.35
CA ILE P 130 5.22 32.87 18.90
C ILE P 130 5.99 32.17 19.99
N ILE P 131 5.26 31.46 20.87
CA ILE P 131 5.89 30.76 21.98
C ILE P 131 6.83 29.69 21.44
N TYR P 132 6.39 28.95 20.42
CA TYR P 132 7.25 27.91 19.87
C TYR P 132 8.53 28.50 19.29
N GLY P 133 8.43 29.63 18.58
CA GLY P 133 9.62 30.26 18.06
C GLY P 133 10.56 30.72 19.16
N LEU P 134 10.00 31.26 20.25
CA LEU P 134 10.83 31.72 21.35
C LEU P 134 11.53 30.53 22.01
N LEU P 135 10.84 29.41 22.14
CA LEU P 135 11.45 28.23 22.76
C LEU P 135 12.58 27.71 21.90
N GLU P 136 12.40 27.71 20.58
CA GLU P 136 13.47 27.22 19.70
C GLU P 136 14.69 28.13 19.79
N GLU P 137 14.48 29.44 19.87
CA GLU P 137 15.61 30.35 19.93
C GLU P 137 16.34 30.21 21.26
N SER P 138 15.59 30.08 22.36
CA SER P 138 16.26 29.98 23.66
C SER P 138 17.02 28.67 23.77
N GLN P 139 16.54 27.61 23.11
CA GLN P 139 17.31 26.37 23.13
C GLN P 139 18.59 26.51 22.31
N ASN P 140 18.51 27.21 21.17
CA ASN P 140 19.73 27.39 20.39
C ASN P 140 20.77 28.16 21.19
N GLN P 141 20.33 29.17 21.94
CA GLN P 141 21.27 29.94 22.74
C GLN P 141 21.85 29.10 23.87
N GLN P 142 21.01 28.25 24.47
CA GLN P 142 21.50 27.42 25.57
C GLN P 142 22.52 26.39 25.09
N GLU P 143 22.27 25.79 23.92
CA GLU P 143 23.20 24.80 23.42
C GLU P 143 24.53 25.43 23.03
N LYS P 144 24.49 26.64 22.45
CA LYS P 144 25.75 27.28 22.09
C LYS P 144 26.52 27.68 23.35
N ASN P 145 25.81 28.20 24.36
CA ASN P 145 26.51 28.60 25.58
C ASN P 145 27.10 27.38 26.29
N GLU P 146 26.41 26.25 26.28
CA GLU P 146 26.98 25.06 26.91
C GLU P 146 28.21 24.59 26.17
N GLN P 147 28.16 24.61 24.82
CA GLN P 147 29.31 24.19 24.05
C GLN P 147 30.52 25.06 24.36
N ASP P 148 30.30 26.37 24.53
CA ASP P 148 31.44 27.23 24.84
C ASP P 148 31.89 27.05 26.28
N LEU P 149 30.96 26.83 27.20
CA LEU P 149 31.30 26.67 28.60
C LEU P 149 32.16 25.44 28.83
N LEU P 150 31.87 24.36 28.09
CA LEU P 150 32.65 23.13 28.26
C LEU P 150 34.09 23.26 27.78
N ALA P 151 34.42 24.30 27.01
CA ALA P 151 35.76 24.46 26.46
C ALA P 151 36.77 25.02 27.44
N LEU P 152 36.34 25.45 28.64
CA LEU P 152 37.23 26.08 29.61
C LEU P 152 38.04 25.03 30.37
N ASP P 153 38.93 24.38 29.60
CA ASP P 153 39.87 23.31 30.04
C ASP P 153 39.82 22.83 31.50
N LEU Q 2 -81.07 -17.28 4.38
CA LEU Q 2 -80.51 -16.22 3.55
C LEU Q 2 -81.30 -16.06 2.26
N GLN Q 3 -81.81 -14.85 2.05
CA GLN Q 3 -82.59 -14.48 0.88
C GLN Q 3 -81.91 -13.38 0.08
N LEU Q 4 -81.97 -13.52 -1.25
CA LEU Q 4 -81.55 -12.48 -2.17
C LEU Q 4 -82.82 -11.95 -2.83
N GLN Q 5 -82.91 -10.62 -2.95
CA GLN Q 5 -84.10 -10.00 -3.55
C GLN Q 5 -83.67 -8.90 -4.50
N GLU Q 6 -84.09 -8.98 -5.77
CA GLU Q 6 -83.69 -7.97 -6.71
C GLU Q 6 -84.71 -6.82 -6.76
N SER Q 7 -84.36 -5.79 -7.52
CA SER Q 7 -85.25 -4.68 -7.81
C SER Q 7 -84.68 -3.91 -8.99
N GLY Q 8 -85.43 -2.90 -9.42
CA GLY Q 8 -85.04 -2.04 -10.51
C GLY Q 8 -86.19 -1.84 -11.48
N PRO Q 9 -85.99 -1.00 -12.50
CA PRO Q 9 -87.06 -0.79 -13.48
C PRO Q 9 -87.40 -2.07 -14.22
N GLY Q 10 -88.67 -2.17 -14.64
CA GLY Q 10 -89.07 -3.34 -15.40
C GLY Q 10 -88.77 -3.27 -16.88
N LEU Q 11 -88.30 -2.12 -17.37
CA LEU Q 11 -87.92 -1.91 -18.76
C LEU Q 11 -87.35 -0.51 -18.89
N VAL Q 12 -86.35 -0.33 -19.75
CA VAL Q 12 -85.81 0.98 -20.08
C VAL Q 12 -85.92 1.18 -21.59
N LYS Q 13 -85.83 2.43 -22.00
CA LYS Q 13 -85.95 2.78 -23.40
C LYS Q 13 -84.60 2.59 -24.08
N PRO Q 14 -84.58 2.47 -25.42
CA PRO Q 14 -83.31 2.32 -26.12
C PRO Q 14 -82.34 3.46 -25.81
N SER Q 15 -81.07 3.09 -25.62
CA SER Q 15 -79.92 3.95 -25.32
C SER Q 15 -79.90 4.41 -23.86
N GLU Q 16 -80.87 4.02 -23.03
CA GLU Q 16 -80.84 4.38 -21.61
C GLU Q 16 -80.04 3.35 -20.83
N THR Q 17 -79.56 3.75 -19.66
CA THR Q 17 -78.85 2.85 -18.77
C THR Q 17 -79.84 2.14 -17.86
N LEU Q 18 -79.73 0.81 -17.80
CA LEU Q 18 -80.53 -0.02 -16.91
C LEU Q 18 -79.76 -0.15 -15.60
N SER Q 19 -80.45 0.02 -14.48
CA SER Q 19 -79.83 -0.11 -13.16
C SER Q 19 -80.67 -1.03 -12.29
N LEU Q 20 -80.09 -2.19 -11.97
CA LEU Q 20 -80.72 -3.22 -11.16
C LEU Q 20 -79.98 -3.32 -9.85
N THR Q 21 -80.70 -3.65 -8.79
CA THR Q 21 -80.10 -3.84 -7.47
C THR Q 21 -80.50 -5.20 -6.93
N CYS Q 22 -79.74 -5.66 -5.93
CA CYS Q 22 -80.03 -6.90 -5.22
C CYS Q 22 -79.65 -6.70 -3.76
N ALA Q 23 -80.61 -7.00 -2.89
CA ALA Q 23 -80.45 -6.93 -1.44
C ALA Q 23 -80.13 -8.32 -0.91
N VAL Q 24 -79.26 -8.34 0.10
CA VAL Q 24 -78.84 -9.54 0.81
C VAL Q 24 -79.42 -9.49 2.20
N SER Q 25 -80.28 -10.46 2.55
CA SER Q 25 -80.98 -10.48 3.84
C SER Q 25 -80.66 -11.81 4.51
N GLY Q 26 -80.02 -11.74 5.68
CA GLY Q 26 -79.59 -12.94 6.38
C GLY Q 26 -78.17 -13.33 6.11
N GLY Q 27 -77.32 -12.39 5.70
CA GLY Q 27 -75.94 -12.68 5.40
C GLY Q 27 -75.17 -11.40 5.19
N SER Q 28 -73.92 -11.55 4.73
CA SER Q 28 -73.02 -10.40 4.58
C SER Q 28 -72.23 -10.52 3.29
N ILE Q 29 -72.21 -9.41 2.54
CA ILE Q 29 -71.53 -9.37 1.24
C ILE Q 29 -70.06 -9.74 1.36
N SER Q 30 -69.40 -9.29 2.42
CA SER Q 30 -67.96 -9.47 2.53
C SER Q 30 -67.51 -10.94 2.51
N ASP Q 31 -68.38 -11.88 2.86
CA ASP Q 31 -67.97 -13.27 2.94
C ASP Q 31 -68.29 -14.09 1.68
N TYR Q 32 -68.87 -13.50 0.65
CA TYR Q 32 -69.25 -14.21 -0.56
C TYR Q 32 -68.95 -13.35 -1.79
N CYS Q 33 -68.89 -13.99 -2.95
CA CYS Q 33 -68.81 -13.27 -4.22
C CYS Q 33 -70.21 -13.20 -4.83
N TRP Q 34 -70.49 -12.13 -5.56
CA TRP Q 34 -71.82 -11.87 -6.09
C TRP Q 34 -71.82 -11.79 -7.61
N ASN Q 35 -72.65 -12.61 -8.24
CA ASN Q 35 -72.73 -12.76 -9.68
C ASN Q 35 -74.04 -12.17 -10.21
N TRP Q 36 -74.01 -11.72 -11.46
CA TRP Q 36 -75.22 -11.37 -12.21
C TRP Q 36 -75.33 -12.27 -13.43
N ILE Q 37 -76.52 -12.85 -13.63
CA ILE Q 37 -76.78 -13.79 -14.73
C ILE Q 37 -77.97 -13.30 -15.55
N ARG Q 38 -77.84 -13.33 -16.87
CA ARG Q 38 -78.89 -12.92 -17.78
C ARG Q 38 -79.51 -14.15 -18.44
N GLN Q 39 -80.83 -14.10 -18.65
CA GLN Q 39 -81.54 -15.13 -19.40
C GLN Q 39 -82.58 -14.52 -20.34
N PRO Q 40 -82.23 -14.27 -21.60
CA PRO Q 40 -83.22 -13.75 -22.53
C PRO Q 40 -84.35 -14.75 -22.68
N PRO Q 41 -85.57 -14.30 -23.02
CA PRO Q 41 -86.69 -15.25 -23.12
C PRO Q 41 -86.44 -16.38 -24.11
N GLY Q 42 -86.70 -17.60 -23.66
CA GLY Q 42 -86.57 -18.78 -24.49
C GLY Q 42 -85.16 -19.30 -24.66
N LYS Q 43 -84.18 -18.64 -24.06
CA LYS Q 43 -82.76 -18.93 -24.20
C LYS Q 43 -82.22 -19.45 -22.88
N GLY Q 44 -80.96 -19.89 -22.90
CA GLY Q 44 -80.30 -20.35 -21.70
C GLY Q 44 -79.67 -19.20 -20.93
N LEU Q 45 -78.73 -19.55 -20.05
CA LEU Q 45 -78.14 -18.58 -19.14
C LEU Q 45 -76.87 -17.98 -19.73
N GLU Q 46 -76.68 -16.68 -19.50
CA GLU Q 46 -75.47 -15.96 -19.88
C GLU Q 46 -74.95 -15.22 -18.66
N TRP Q 47 -73.67 -15.43 -18.34
CA TRP Q 47 -73.03 -14.74 -17.24
C TRP Q 47 -72.71 -13.31 -17.63
N ILE Q 48 -73.00 -12.36 -16.74
CA ILE Q 48 -72.73 -10.95 -16.98
C ILE Q 48 -71.41 -10.52 -16.36
N GLY Q 49 -71.22 -10.83 -15.09
CA GLY Q 49 -70.04 -10.38 -14.36
C GLY Q 49 -70.22 -10.72 -12.90
N TYR Q 50 -69.17 -10.47 -12.13
CA TYR Q 50 -69.29 -10.64 -10.69
C TYR Q 50 -68.35 -9.68 -9.98
N ILE Q 51 -68.67 -9.44 -8.71
CA ILE Q 51 -67.88 -8.61 -7.80
C ILE Q 51 -67.55 -9.43 -6.57
N GLY Q 52 -66.34 -9.26 -6.06
CA GLY Q 52 -65.94 -9.95 -4.86
C GLY Q 52 -66.52 -9.28 -3.63
N GLY Q 53 -66.19 -9.84 -2.47
CA GLY Q 53 -66.69 -9.32 -1.23
C GLY Q 53 -65.73 -8.35 -0.58
N SER Q 54 -64.91 -8.87 0.33
CA SER Q 54 -63.95 -8.04 1.04
C SER Q 54 -62.90 -7.43 0.13
N SER Q 55 -62.64 -8.03 -1.04
CA SER Q 55 -61.62 -7.48 -1.93
C SER Q 55 -62.12 -6.34 -2.80
N GLY Q 56 -63.40 -6.34 -3.15
CA GLY Q 56 -63.93 -5.28 -3.99
C GLY Q 56 -63.63 -5.42 -5.47
N SER Q 57 -62.93 -6.48 -5.87
CA SER Q 57 -62.55 -6.66 -7.27
C SER Q 57 -63.78 -7.03 -8.09
N THR Q 58 -63.77 -6.65 -9.36
CA THR Q 58 -64.84 -6.98 -10.29
C THR Q 58 -64.25 -7.64 -11.53
N TYR Q 59 -65.07 -8.49 -12.14
CA TYR Q 59 -64.77 -9.13 -13.41
C TYR Q 59 -66.01 -9.05 -14.29
N TYR Q 60 -65.79 -8.93 -15.59
CA TYR Q 60 -66.88 -8.84 -16.56
C TYR Q 60 -66.66 -9.82 -17.70
N ASN Q 61 -67.77 -10.24 -18.29
CA ASN Q 61 -67.74 -11.07 -19.48
C ASN Q 61 -67.20 -10.27 -20.67
N PRO Q 62 -66.35 -10.87 -21.52
CA PRO Q 62 -66.00 -10.18 -22.77
C PRO Q 62 -67.21 -9.87 -23.63
N SER Q 63 -68.31 -10.60 -23.47
CA SER Q 63 -69.52 -10.23 -24.16
C SER Q 63 -70.07 -9.00 -23.45
N LEU Q 64 -71.03 -8.31 -24.07
CA LEU Q 64 -71.53 -7.06 -23.49
C LEU Q 64 -70.35 -6.15 -23.22
N LYS Q 65 -69.42 -6.12 -24.19
CA LYS Q 65 -68.15 -5.42 -24.06
C LYS Q 65 -68.32 -3.98 -23.62
N GLY Q 66 -67.55 -3.60 -22.59
CA GLY Q 66 -67.66 -2.30 -21.98
C GLY Q 66 -69.03 -2.26 -21.34
N ARG Q 67 -69.60 -1.07 -21.21
CA ARG Q 67 -70.99 -0.88 -20.77
C ARG Q 67 -71.36 -1.38 -19.38
N VAL Q 68 -70.86 -2.54 -18.94
CA VAL Q 68 -71.28 -3.18 -17.71
C VAL Q 68 -70.46 -2.64 -16.55
N THR Q 69 -71.14 -2.19 -15.50
CA THR Q 69 -70.52 -1.78 -14.26
C THR Q 69 -71.20 -2.56 -13.14
N ILE Q 70 -70.42 -3.17 -12.27
CA ILE Q 70 -70.94 -3.90 -11.12
C ILE Q 70 -70.30 -3.30 -9.88
N SER Q 71 -71.10 -3.09 -8.84
CA SER Q 71 -70.59 -2.50 -7.62
C SER Q 71 -71.35 -3.08 -6.44
N ALA Q 72 -70.82 -2.83 -5.24
CA ALA Q 72 -71.45 -3.28 -4.01
C ALA Q 72 -71.20 -2.27 -2.91
N ASP Q 73 -72.10 -2.25 -1.94
CA ASP Q 73 -72.03 -1.35 -0.78
C ASP Q 73 -72.34 -2.19 0.44
N THR Q 74 -71.29 -2.53 1.19
CA THR Q 74 -71.41 -3.41 2.34
C THR Q 74 -72.02 -2.72 3.55
N SER Q 75 -72.17 -1.38 3.52
CA SER Q 75 -72.75 -0.69 4.67
C SER Q 75 -74.25 -0.85 4.71
N GLU Q 76 -74.86 -1.17 3.58
CA GLU Q 76 -76.29 -1.46 3.47
C GLU Q 76 -76.52 -2.90 3.04
N ASN Q 77 -75.44 -3.69 2.92
CA ASN Q 77 -75.51 -5.09 2.50
C ASN Q 77 -76.28 -5.23 1.19
N ARG Q 78 -75.90 -4.42 0.20
CA ARG Q 78 -76.57 -4.45 -1.10
C ARG Q 78 -75.52 -4.39 -2.21
N PHE Q 79 -75.94 -4.76 -3.42
CA PHE Q 79 -75.06 -4.61 -4.58
C PHE Q 79 -75.91 -4.31 -5.80
N SER Q 80 -75.27 -3.81 -6.86
CA SER Q 80 -76.01 -3.40 -8.03
C SER Q 80 -75.22 -3.61 -9.31
N LEU Q 81 -75.98 -3.60 -10.41
CA LEU Q 81 -75.52 -3.78 -11.78
C LEU Q 81 -76.06 -2.63 -12.63
N LYS Q 82 -75.19 -2.01 -13.41
CA LYS Q 82 -75.58 -0.98 -14.37
C LYS Q 82 -75.13 -1.42 -15.75
N LEU Q 83 -76.03 -1.29 -16.73
CA LEU Q 83 -75.74 -1.58 -18.13
C LEU Q 83 -76.10 -0.35 -18.96
N SER Q 84 -75.10 0.31 -19.52
CA SER Q 84 -75.34 1.50 -20.33
C SER Q 84 -75.78 1.10 -21.72
N SER Q 85 -76.36 2.08 -22.45
CA SER Q 85 -76.72 1.95 -23.86
C SER Q 85 -77.52 0.68 -24.14
N VAL Q 86 -78.58 0.48 -23.36
CA VAL Q 86 -79.38 -0.73 -23.48
C VAL Q 86 -80.10 -0.73 -24.82
N THR Q 87 -80.07 -1.86 -25.51
CA THR Q 87 -80.70 -2.04 -26.81
C THR Q 87 -81.78 -3.12 -26.71
N ALA Q 88 -82.44 -3.37 -27.85
CA ALA Q 88 -83.52 -4.36 -27.89
C ALA Q 88 -83.03 -5.75 -27.54
N ALA Q 89 -81.79 -6.09 -27.91
CA ALA Q 89 -81.25 -7.42 -27.67
C ALA Q 89 -80.94 -7.68 -26.19
N ASP Q 90 -81.00 -6.66 -25.34
CA ASP Q 90 -80.66 -6.83 -23.93
C ASP Q 90 -81.89 -7.08 -23.05
N THR Q 91 -83.07 -7.24 -23.62
CA THR Q 91 -84.23 -7.56 -22.80
C THR Q 91 -84.09 -9.00 -22.34
N ALA Q 92 -84.30 -9.24 -21.04
CA ALA Q 92 -84.04 -10.56 -20.49
C ALA Q 92 -84.51 -10.57 -19.05
N VAL Q 93 -84.52 -11.76 -18.46
CA VAL Q 93 -84.71 -11.87 -17.01
C VAL Q 93 -83.32 -11.81 -16.39
N TYR Q 94 -83.14 -10.90 -15.44
CA TYR Q 94 -81.85 -10.75 -14.76
C TYR Q 94 -81.95 -11.34 -13.36
N TYR Q 95 -80.88 -12.04 -12.96
CA TYR Q 95 -80.80 -12.65 -11.65
C TYR Q 95 -79.53 -12.21 -10.96
N CYS Q 96 -79.60 -12.07 -9.64
CA CYS Q 96 -78.44 -11.91 -8.79
C CYS Q 96 -78.21 -13.26 -8.13
N ALA Q 97 -76.95 -13.57 -7.82
CA ALA Q 97 -76.67 -14.84 -7.16
C ALA Q 97 -75.45 -14.75 -6.27
N ARG Q 98 -75.45 -15.60 -5.25
CA ARG Q 98 -74.37 -15.71 -4.29
C ARG Q 98 -73.48 -16.88 -4.68
N SER Q 99 -72.17 -16.70 -4.56
CA SER Q 99 -71.22 -17.77 -4.77
C SER Q 99 -70.27 -17.91 -3.57
N PRO Q 100 -69.89 -19.14 -3.21
CA PRO Q 100 -68.96 -19.34 -2.10
C PRO Q 100 -67.53 -19.02 -2.51
N ILE Q 101 -66.71 -18.79 -1.50
CA ILE Q 101 -65.27 -18.57 -1.67
C ILE Q 101 -64.52 -19.62 -0.86
N THR Q 102 -63.65 -20.36 -1.54
CA THR Q 102 -62.72 -21.29 -0.89
C THR Q 102 -61.39 -20.55 -0.89
N VAL Q 103 -60.90 -20.22 0.29
CA VAL Q 103 -59.72 -19.37 0.45
C VAL Q 103 -58.49 -20.24 0.65
N PHE Q 104 -57.47 -19.98 -0.17
CA PHE Q 104 -56.17 -20.63 -0.05
C PHE Q 104 -55.06 -19.65 0.30
N GLY Q 105 -55.26 -18.35 0.06
CA GLY Q 105 -54.30 -17.30 0.36
C GLY Q 105 -55.01 -16.14 1.02
N VAL Q 106 -54.55 -14.93 0.69
CA VAL Q 106 -55.11 -13.71 1.27
C VAL Q 106 -56.40 -13.38 0.52
N VAL Q 107 -57.50 -13.25 1.27
CA VAL Q 107 -58.80 -13.02 0.64
C VAL Q 107 -58.86 -11.65 -0.03
N ILE Q 108 -58.18 -10.64 0.52
CA ILE Q 108 -58.22 -9.30 -0.06
C ILE Q 108 -57.49 -9.22 -1.40
N PHE Q 109 -56.73 -10.25 -1.78
CA PHE Q 109 -56.02 -10.32 -3.04
C PHE Q 109 -56.72 -11.23 -4.02
N ASP Q 110 -57.94 -11.64 -3.73
CA ASP Q 110 -58.72 -12.58 -4.54
C ASP Q 110 -58.02 -13.93 -4.68
N GLU Q 111 -57.30 -14.36 -3.64
CA GLU Q 111 -56.61 -15.65 -3.68
C GLU Q 111 -57.57 -16.75 -3.19
N TYR Q 112 -58.56 -17.03 -4.03
CA TYR Q 112 -59.59 -18.01 -3.71
C TYR Q 112 -60.18 -18.55 -5.01
N THR Q 113 -60.87 -19.68 -4.89
CA THR Q 113 -61.58 -20.30 -6.00
C THR Q 113 -63.07 -20.07 -5.80
N THR Q 114 -63.72 -19.49 -6.80
CA THR Q 114 -65.15 -19.25 -6.79
C THR Q 114 -65.70 -19.54 -8.19
N GLY Q 115 -67.02 -19.35 -8.32
CA GLY Q 115 -67.71 -19.53 -9.58
C GLY Q 115 -68.96 -20.38 -9.47
N ASN Q 116 -69.09 -21.15 -8.40
CA ASN Q 116 -70.28 -21.93 -8.18
C ASN Q 116 -71.39 -20.98 -7.72
N LEU Q 117 -72.60 -21.21 -8.17
CA LEU Q 117 -73.76 -20.43 -7.72
C LEU Q 117 -74.58 -21.28 -6.75
N ASP Q 118 -74.66 -20.83 -5.50
CA ASP Q 118 -75.37 -21.52 -4.44
C ASP Q 118 -76.78 -21.01 -4.18
N LEU Q 119 -77.06 -19.75 -4.48
CA LEU Q 119 -78.37 -19.16 -4.19
C LEU Q 119 -78.76 -18.17 -5.27
N TRP Q 120 -79.96 -18.35 -5.83
CA TRP Q 120 -80.50 -17.49 -6.87
C TRP Q 120 -81.65 -16.66 -6.32
N GLY Q 121 -81.76 -15.42 -6.78
CA GLY Q 121 -82.88 -14.57 -6.44
C GLY Q 121 -84.11 -14.90 -7.26
N PRO Q 122 -85.24 -14.30 -6.88
CA PRO Q 122 -86.48 -14.50 -7.66
C PRO Q 122 -86.37 -14.16 -9.13
N GLY Q 123 -85.59 -13.16 -9.49
CA GLY Q 123 -85.43 -12.74 -10.88
C GLY Q 123 -86.25 -11.49 -11.17
N THR Q 124 -85.73 -10.67 -12.07
CA THR Q 124 -86.36 -9.41 -12.49
C THR Q 124 -86.49 -9.37 -14.00
N PRO Q 125 -87.67 -9.70 -14.56
CA PRO Q 125 -87.83 -9.55 -16.01
C PRO Q 125 -87.65 -8.11 -16.45
N ILE Q 126 -86.88 -7.92 -17.53
CA ILE Q 126 -86.62 -6.62 -18.12
C ILE Q 126 -87.10 -6.68 -19.56
N ASP R 1 -63.07 -18.05 -24.18
CA ASP R 1 -64.53 -18.36 -24.15
C ASP R 1 -64.69 -19.87 -24.34
N ILE R 2 -64.83 -20.56 -23.22
CA ILE R 2 -64.93 -22.02 -23.21
C ILE R 2 -66.33 -22.42 -23.66
N GLN R 3 -66.41 -23.34 -24.61
CA GLN R 3 -67.67 -23.83 -25.14
C GLN R 3 -68.08 -25.09 -24.39
N MET R 4 -69.40 -25.26 -24.26
CA MET R 4 -70.01 -26.41 -23.61
C MET R 4 -71.20 -26.89 -24.43
N THR R 5 -71.30 -28.21 -24.60
CA THR R 5 -72.46 -28.83 -25.22
C THR R 5 -73.07 -29.84 -24.26
N GLN R 6 -74.29 -30.27 -24.58
CA GLN R 6 -75.03 -31.22 -23.76
C GLN R 6 -75.65 -32.27 -24.67
N SER R 7 -75.84 -33.47 -24.11
CA SER R 7 -76.44 -34.56 -24.87
C SER R 7 -77.32 -35.43 -23.97
N PRO R 8 -78.58 -35.73 -24.37
CA PRO R 8 -79.32 -35.33 -25.59
C PRO R 8 -79.82 -33.90 -25.43
N SER R 9 -80.29 -33.21 -26.47
CA SER R 9 -80.92 -31.91 -26.22
C SER R 9 -82.31 -32.05 -25.61
N SER R 10 -82.97 -33.19 -25.82
CA SER R 10 -84.29 -33.46 -25.26
C SER R 10 -84.37 -34.96 -25.01
N LEU R 11 -84.66 -35.36 -23.78
CA LEU R 11 -84.67 -36.77 -23.40
C LEU R 11 -86.08 -37.20 -22.99
N SER R 12 -86.66 -38.11 -23.77
CA SER R 12 -87.99 -38.63 -23.49
C SER R 12 -87.94 -39.63 -22.34
N ALA R 13 -88.79 -39.44 -21.35
CA ALA R 13 -88.78 -40.31 -20.18
C ALA R 13 -90.15 -40.27 -19.51
N SER R 14 -90.46 -41.34 -18.77
CA SER R 14 -91.69 -41.45 -17.98
C SER R 14 -91.34 -41.29 -16.50
N VAL R 15 -92.37 -41.37 -15.67
CA VAL R 15 -92.23 -41.17 -14.23
C VAL R 15 -91.59 -42.39 -13.59
N GLY R 16 -90.52 -42.15 -12.82
CA GLY R 16 -89.78 -43.19 -12.13
C GLY R 16 -88.60 -43.75 -12.91
N ASP R 17 -88.41 -43.32 -14.15
CA ASP R 17 -87.30 -43.80 -14.96
C ASP R 17 -85.97 -43.28 -14.42
N LYS R 18 -84.92 -44.08 -14.62
CA LYS R 18 -83.55 -43.65 -14.34
C LYS R 18 -83.03 -42.97 -15.59
N VAL R 19 -82.49 -41.77 -15.44
CA VAL R 19 -82.01 -40.99 -16.58
C VAL R 19 -80.58 -40.48 -16.33
N THR R 20 -79.85 -40.30 -17.44
CA THR R 20 -78.51 -39.72 -17.44
C THR R 20 -78.44 -38.57 -18.43
N ILE R 21 -77.90 -37.44 -17.97
CA ILE R 21 -77.67 -36.22 -18.76
C ILE R 21 -76.17 -36.03 -18.90
N THR R 22 -75.66 -35.84 -20.12
CA THR R 22 -74.22 -35.69 -20.29
C THR R 22 -73.87 -34.28 -20.76
N CYS R 23 -72.65 -33.85 -20.42
CA CYS R 23 -72.08 -32.57 -20.81
C CYS R 23 -70.68 -32.80 -21.35
N HIS R 24 -70.36 -32.09 -22.43
CA HIS R 24 -69.08 -32.21 -23.11
C HIS R 24 -68.42 -30.84 -23.27
N ALA R 25 -67.27 -30.68 -22.63
CA ALA R 25 -66.46 -29.46 -22.63
C ALA R 25 -65.46 -29.49 -23.78
N SER R 26 -65.17 -28.31 -24.33
CA SER R 26 -64.15 -28.25 -25.39
C SER R 26 -62.74 -28.49 -24.86
N GLN R 27 -62.50 -28.35 -23.56
CA GLN R 27 -61.19 -28.58 -22.97
C GLN R 27 -61.37 -29.10 -21.55
N ASP R 28 -60.31 -29.70 -21.02
CA ASP R 28 -60.33 -30.19 -19.65
C ASP R 28 -60.62 -29.04 -18.69
N ILE R 29 -61.62 -29.22 -17.83
CA ILE R 29 -62.06 -28.21 -16.87
C ILE R 29 -61.76 -28.63 -15.42
N SER R 30 -60.96 -29.67 -15.22
CA SER R 30 -60.50 -30.11 -13.90
C SER R 30 -61.62 -30.25 -12.86
N SER R 31 -62.73 -30.84 -13.27
CA SER R 31 -63.89 -31.12 -12.42
C SER R 31 -64.62 -29.90 -11.88
N TRP R 32 -64.28 -28.68 -12.31
CA TRP R 32 -64.99 -27.49 -11.84
C TRP R 32 -66.24 -27.25 -12.70
N LEU R 33 -67.20 -28.15 -12.50
CA LEU R 33 -68.46 -28.19 -13.24
C LEU R 33 -69.61 -28.24 -12.25
N ALA R 34 -70.61 -27.36 -12.44
CA ALA R 34 -71.81 -27.34 -11.60
C ALA R 34 -73.05 -27.66 -12.42
N TRP R 35 -74.00 -28.35 -11.77
CA TRP R 35 -75.28 -28.71 -12.39
C TRP R 35 -76.41 -27.95 -11.70
N TYR R 36 -77.31 -27.38 -12.53
CA TYR R 36 -78.49 -26.61 -12.13
C TYR R 36 -79.77 -27.13 -12.78
N GLN R 37 -80.89 -26.95 -12.05
CA GLN R 37 -82.24 -27.33 -12.48
C GLN R 37 -83.14 -26.11 -12.54
N GLN R 38 -83.70 -25.83 -13.72
CA GLN R 38 -84.56 -24.67 -13.93
C GLN R 38 -85.94 -25.11 -14.41
N LYS R 39 -86.98 -24.52 -13.80
CA LYS R 39 -88.40 -24.66 -14.13
C LYS R 39 -88.87 -23.39 -14.84
N PRO R 40 -89.87 -23.48 -15.72
CA PRO R 40 -90.37 -22.26 -16.36
C PRO R 40 -90.85 -21.24 -15.35
N GLY R 41 -90.46 -19.99 -15.52
CA GLY R 41 -90.89 -18.91 -14.67
C GLY R 41 -90.13 -18.75 -13.37
N LYS R 42 -89.16 -19.64 -13.07
CA LYS R 42 -88.40 -19.59 -11.83
C LYS R 42 -86.91 -19.55 -12.13
N ALA R 43 -86.17 -19.05 -11.14
CA ALA R 43 -84.72 -19.09 -11.21
C ALA R 43 -84.22 -20.54 -11.12
N PRO R 44 -83.09 -20.86 -11.76
CA PRO R 44 -82.50 -22.19 -11.57
C PRO R 44 -82.10 -22.36 -10.11
N LYS R 45 -82.07 -23.62 -9.66
CA LYS R 45 -81.57 -23.93 -8.32
C LYS R 45 -80.39 -24.88 -8.39
N PRO R 46 -79.45 -24.81 -7.43
CA PRO R 46 -78.29 -25.72 -7.46
C PRO R 46 -78.62 -27.19 -7.21
N LEU R 47 -77.83 -28.04 -7.88
CA LEU R 47 -77.82 -29.48 -7.62
C LEU R 47 -76.44 -29.93 -7.19
N ILE R 48 -75.45 -29.77 -8.06
CA ILE R 48 -74.12 -30.32 -7.82
C ILE R 48 -73.07 -29.25 -8.12
N TYR R 49 -72.01 -29.25 -7.32
CA TYR R 49 -70.87 -28.38 -7.50
C TYR R 49 -69.61 -29.22 -7.51
N TYR R 50 -68.58 -28.70 -8.17
CA TYR R 50 -67.29 -29.37 -8.32
C TYR R 50 -67.48 -30.78 -8.89
N ALA R 51 -68.34 -30.87 -9.90
CA ALA R 51 -68.65 -32.06 -10.68
C ALA R 51 -69.40 -33.17 -9.93
N SER R 52 -68.97 -33.53 -8.71
CA SER R 52 -69.57 -34.65 -7.98
C SER R 52 -70.12 -34.32 -6.60
N SER R 53 -69.94 -33.11 -6.07
CA SER R 53 -70.38 -32.79 -4.71
C SER R 53 -71.83 -32.34 -4.72
N LEU R 54 -72.65 -33.00 -3.91
CA LEU R 54 -74.07 -32.68 -3.86
C LEU R 54 -74.32 -31.45 -3.00
N GLN R 55 -75.21 -30.59 -3.47
CA GLN R 55 -75.62 -29.42 -2.71
C GLN R 55 -76.50 -29.82 -1.53
N SER R 56 -76.31 -29.14 -0.41
CA SER R 56 -77.15 -29.39 0.75
C SER R 56 -78.60 -29.08 0.42
N GLY R 57 -79.51 -29.94 0.88
CA GLY R 57 -80.92 -29.74 0.64
C GLY R 57 -81.46 -30.43 -0.59
N VAL R 58 -80.58 -30.94 -1.45
CA VAL R 58 -80.98 -31.61 -2.69
C VAL R 58 -81.19 -33.09 -2.39
N PRO R 59 -82.31 -33.71 -2.82
CA PRO R 59 -82.52 -35.14 -2.52
C PRO R 59 -81.37 -36.04 -2.98
N SER R 60 -81.17 -37.11 -2.22
CA SER R 60 -80.10 -38.08 -2.46
C SER R 60 -80.28 -38.83 -3.78
N ARG R 61 -81.44 -38.71 -4.43
CA ARG R 61 -81.67 -39.35 -5.72
C ARG R 61 -80.82 -38.76 -6.83
N PHE R 62 -80.24 -37.58 -6.61
CA PHE R 62 -79.37 -36.94 -7.59
C PHE R 62 -77.91 -37.31 -7.32
N SER R 63 -77.19 -37.62 -8.38
CA SER R 63 -75.77 -37.92 -8.26
C SER R 63 -75.11 -37.61 -9.60
N GLY R 64 -73.80 -37.69 -9.62
CA GLY R 64 -73.10 -37.42 -10.87
C GLY R 64 -71.62 -37.64 -10.71
N SER R 65 -70.92 -37.59 -11.84
CA SER R 65 -69.49 -37.83 -11.85
C SER R 65 -68.94 -37.40 -13.20
N GLY R 66 -67.64 -37.63 -13.39
CA GLY R 66 -67.00 -37.34 -14.66
C GLY R 66 -65.61 -36.76 -14.51
N SER R 67 -64.94 -36.55 -15.64
CA SER R 67 -63.59 -36.02 -15.61
C SER R 67 -63.25 -35.47 -16.99
N GLY R 68 -62.16 -34.71 -17.04
CA GLY R 68 -61.67 -34.25 -18.32
C GLY R 68 -62.69 -33.35 -18.98
N THR R 69 -63.18 -33.82 -20.12
CA THR R 69 -64.16 -33.12 -20.94
C THR R 69 -65.54 -33.75 -20.86
N ASP R 70 -65.72 -34.88 -20.17
CA ASP R 70 -66.96 -35.64 -20.20
C ASP R 70 -67.51 -35.82 -18.79
N TYR R 71 -68.71 -35.27 -18.55
CA TYR R 71 -69.34 -35.33 -17.25
C TYR R 71 -70.79 -35.79 -17.38
N THR R 72 -71.30 -36.46 -16.34
CA THR R 72 -72.68 -36.93 -16.32
C THR R 72 -73.39 -36.61 -15.02
N LEU R 73 -74.72 -36.45 -15.14
CA LEU R 73 -75.68 -36.29 -14.06
C LEU R 73 -76.64 -37.47 -14.12
N THR R 74 -76.83 -38.17 -13.01
CA THR R 74 -77.71 -39.32 -12.92
C THR R 74 -78.86 -39.03 -11.97
N ILE R 75 -80.09 -39.31 -12.43
CA ILE R 75 -81.31 -39.20 -11.63
C ILE R 75 -81.90 -40.61 -11.55
N THR R 76 -81.94 -41.15 -10.32
CA THR R 76 -82.35 -42.54 -10.11
C THR R 76 -83.86 -42.75 -10.08
N SER R 77 -84.66 -41.71 -9.88
CA SER R 77 -86.12 -41.87 -9.82
C SER R 77 -86.75 -40.55 -10.25
N LEU R 78 -87.24 -40.52 -11.50
CA LEU R 78 -87.73 -39.28 -12.11
C LEU R 78 -89.16 -38.98 -11.68
N GLN R 79 -89.29 -38.31 -10.54
CA GLN R 79 -90.56 -37.92 -9.97
C GLN R 79 -91.06 -36.67 -10.71
N PRO R 80 -92.37 -36.35 -10.65
CA PRO R 80 -92.85 -35.17 -11.41
C PRO R 80 -92.15 -33.83 -11.16
N GLU R 81 -91.64 -33.56 -9.95
CA GLU R 81 -90.95 -32.30 -9.68
C GLU R 81 -89.64 -32.19 -10.45
N ASP R 82 -89.11 -33.29 -11.01
CA ASP R 82 -87.83 -33.28 -11.70
C ASP R 82 -87.94 -33.11 -13.22
N PHE R 83 -89.13 -32.83 -13.76
CA PHE R 83 -89.23 -32.58 -15.20
C PHE R 83 -88.85 -31.12 -15.39
N ALA R 84 -87.58 -30.89 -15.69
CA ALA R 84 -86.99 -29.56 -15.69
C ALA R 84 -85.90 -29.49 -16.74
N THR R 85 -85.46 -28.27 -17.05
CA THR R 85 -84.32 -28.09 -17.94
C THR R 85 -83.06 -28.03 -17.08
N TYR R 86 -82.08 -28.86 -17.41
CA TYR R 86 -80.83 -28.96 -16.65
C TYR R 86 -79.71 -28.24 -17.39
N TYR R 87 -78.88 -27.53 -16.64
CA TYR R 87 -77.78 -26.77 -17.20
C TYR R 87 -76.46 -27.13 -16.52
N CYS R 88 -75.41 -27.13 -17.34
CA CYS R 88 -74.02 -27.24 -16.90
C CYS R 88 -73.35 -25.87 -16.89
N GLN R 89 -72.71 -25.54 -15.77
CA GLN R 89 -71.95 -24.30 -15.62
C GLN R 89 -70.48 -24.66 -15.47
N GLN R 90 -69.66 -24.06 -16.33
CA GLN R 90 -68.22 -24.28 -16.37
C GLN R 90 -67.51 -23.09 -15.73
N TYR R 91 -66.95 -23.28 -14.54
CA TYR R 91 -66.28 -22.21 -13.80
C TYR R 91 -64.76 -22.42 -13.66
N ASP R 92 -64.16 -23.31 -14.45
CA ASP R 92 -62.71 -23.49 -14.39
C ASP R 92 -61.98 -22.24 -14.84
N ASP R 93 -62.52 -21.53 -15.82
CA ASP R 93 -61.85 -20.37 -16.38
C ASP R 93 -62.93 -19.37 -16.71
N LEU R 94 -62.51 -18.10 -16.82
CA LEU R 94 -63.40 -16.98 -16.99
C LEU R 94 -63.36 -16.49 -18.43
N PRO R 95 -64.47 -16.09 -19.07
CA PRO R 95 -65.84 -15.91 -18.58
C PRO R 95 -66.55 -17.22 -18.24
N PHE R 96 -67.51 -17.20 -17.31
CA PHE R 96 -68.28 -18.39 -17.02
C PHE R 96 -69.24 -18.60 -18.18
N THR R 97 -69.44 -19.86 -18.57
CA THR R 97 -70.38 -20.20 -19.63
C THR R 97 -71.35 -21.28 -19.17
N PHE R 98 -72.47 -21.38 -19.88
CA PHE R 98 -73.49 -22.38 -19.65
C PHE R 98 -73.77 -23.12 -20.95
N GLY R 99 -74.19 -24.37 -20.84
CA GLY R 99 -74.60 -25.13 -22.00
C GLY R 99 -75.99 -24.76 -22.45
N PRO R 100 -76.38 -25.31 -23.61
CA PRO R 100 -77.72 -25.00 -24.14
C PRO R 100 -78.86 -25.53 -23.29
N GLY R 101 -78.63 -26.54 -22.47
CA GLY R 101 -79.65 -27.14 -21.63
C GLY R 101 -80.32 -28.33 -22.28
N THR R 102 -80.74 -29.28 -21.42
CA THR R 102 -81.47 -30.48 -21.83
C THR R 102 -82.83 -30.51 -21.14
N LYS R 103 -83.88 -30.65 -21.94
CA LYS R 103 -85.25 -30.70 -21.42
C LYS R 103 -85.69 -32.15 -21.22
N LEU R 104 -86.23 -32.43 -20.04
CA LEU R 104 -86.85 -33.72 -19.74
C LEU R 104 -88.36 -33.61 -19.91
N ASP R 105 -88.95 -34.64 -20.50
CA ASP R 105 -90.39 -34.66 -20.71
C ASP R 105 -90.87 -36.11 -20.67
C1 NAG S . -3.10 29.58 -44.16
C2 NAG S . -4.53 29.77 -43.69
C3 NAG S . -5.47 29.56 -44.87
C4 NAG S . -5.11 30.53 -45.99
C5 NAG S . -3.64 30.35 -46.36
C6 NAG S . -3.17 31.36 -47.37
C7 NAG S . -4.60 29.15 -41.32
C8 NAG S . -5.00 28.11 -40.31
N2 NAG S . -4.86 28.87 -42.59
O3 NAG S . -6.81 29.76 -44.45
O4 NAG S . -5.90 30.24 -47.14
O5 NAG S . -2.81 30.51 -45.21
O6 NAG S . -3.37 32.69 -46.89
O7 NAG S . -4.05 30.19 -40.98
C1 NAG S . -7.06 31.08 -47.19
C2 NAG S . -7.40 31.36 -48.65
C3 NAG S . -8.62 32.26 -48.71
C4 NAG S . -9.78 31.59 -48.01
C5 NAG S . -9.39 31.25 -46.57
C6 NAG S . -10.44 30.45 -45.84
C7 NAG S . -5.54 31.33 -50.27
C8 NAG S . -4.44 32.12 -50.89
N2 NAG S . -6.28 31.96 -49.35
O3 NAG S . -8.94 32.51 -50.08
O4 NAG S . -10.90 32.46 -47.95
O5 NAG S . -8.19 30.45 -46.55
O6 NAG S . -9.91 29.82 -44.68
O7 NAG S . -5.77 30.17 -50.59
C1 BMA S . -11.73 32.38 -49.12
C2 BMA S . -13.19 32.41 -48.67
C3 BMA S . -14.08 32.38 -49.90
C4 BMA S . -13.75 33.57 -50.79
C5 BMA S . -12.28 33.50 -51.19
C6 BMA S . -11.85 34.67 -52.05
O2 BMA S . -13.48 33.59 -47.95
O3 BMA S . -15.47 32.39 -49.57
O4 BMA S . -14.57 33.54 -51.93
O5 BMA S . -11.46 33.48 -49.99
O6 BMA S . -11.73 35.81 -51.21
C1 MAN S . -15.89 31.11 -49.08
C2 MAN S . -17.30 30.83 -49.66
C3 MAN S . -18.27 31.86 -49.11
C4 MAN S . -18.26 31.82 -47.57
C5 MAN S . -16.83 32.11 -47.09
C6 MAN S . -16.67 32.05 -45.58
O2 MAN S . -17.80 29.55 -49.26
O3 MAN S . -19.59 31.64 -49.59
O4 MAN S . -19.14 32.79 -47.06
O5 MAN S . -15.93 31.12 -47.67
O6 MAN S . -15.77 33.09 -45.20
C1 MAN S . -11.63 37.00 -52.03
C2 MAN S . -11.09 38.14 -51.16
C3 MAN S . -12.10 38.44 -50.06
C4 MAN S . -13.45 38.80 -50.68
C5 MAN S . -13.92 37.63 -51.57
C6 MAN S . -15.23 37.87 -52.29
O2 MAN S . -10.92 39.35 -51.90
O3 MAN S . -11.66 39.52 -49.23
O4 MAN S . -14.41 39.00 -49.67
O5 MAN S . -12.90 37.35 -52.57
O6 MAN S . -15.71 36.64 -52.80
C1 NAG T . -0.67 25.27 -26.60
C2 NAG T . -1.53 24.08 -27.02
C3 NAG T . -2.75 24.58 -27.78
C4 NAG T . -3.53 25.56 -26.92
C5 NAG T . -2.59 26.70 -26.50
C6 NAG T . -3.25 27.68 -25.56
C7 NAG T . -1.05 21.84 -27.90
C8 NAG T . -0.16 21.03 -28.78
N2 NAG T . -0.76 23.15 -27.83
O3 NAG T . -3.58 23.47 -28.12
O4 NAG T . -4.62 26.09 -27.66
O5 NAG T . -1.46 26.16 -25.80
O6 NAG T . -2.35 28.71 -25.19
O7 NAG T . -1.97 21.34 -27.27
C1 NAG T . -5.85 26.04 -26.90
C2 NAG T . -6.85 27.01 -27.51
C3 NAG T . -8.14 26.98 -26.73
C4 NAG T . -8.70 25.56 -26.73
C5 NAG T . -7.66 24.61 -26.15
C6 NAG T . -8.08 23.16 -26.21
C7 NAG T . -6.29 29.13 -28.63
C8 NAG T . -5.68 30.50 -28.46
N2 NAG T . -6.30 28.36 -27.54
O3 NAG T . -9.07 27.88 -27.32
O4 NAG T . -9.86 25.50 -25.92
O5 NAG T . -6.43 24.71 -26.89
O6 NAG T . -8.10 22.68 -27.55
O7 NAG T . -6.73 28.75 -29.71
C1 BMA T . -11.06 25.27 -26.70
C2 BMA T . -12.09 24.56 -25.79
C3 BMA T . -13.36 24.30 -26.60
C4 BMA T . -13.86 25.65 -27.13
C5 BMA T . -12.78 26.31 -28.00
C6 BMA T . -13.23 27.67 -28.52
O2 BMA T . -12.43 25.36 -24.68
O3 BMA T . -14.43 23.74 -25.82
O4 BMA T . -15.04 25.44 -27.90
O5 BMA T . -11.58 26.49 -27.21
O6 BMA T . -14.30 27.47 -29.43
C1 MAN T . -14.09 22.49 -25.20
C2 MAN T . -15.16 21.43 -25.56
C3 MAN T . -16.49 21.85 -24.94
C4 MAN T . -16.32 22.01 -23.43
C5 MAN T . -15.24 23.06 -23.15
C6 MAN T . -14.93 23.21 -21.67
O2 MAN T . -14.85 20.16 -25.01
O3 MAN T . -17.52 20.92 -25.23
O4 MAN T . -17.56 22.43 -22.86
O5 MAN T . -14.00 22.65 -23.80
O6 MAN T . -16.05 23.84 -21.04
C1 NAG U . 16.66 -45.99 -21.01
C2 NAG U . 17.13 -45.08 -22.13
C3 NAG U . 16.71 -45.68 -23.46
C4 NAG U . 17.29 -47.07 -23.60
C5 NAG U . 16.86 -47.93 -22.41
C6 NAG U . 17.51 -49.29 -22.40
C7 NAG U . 17.19 -42.80 -21.22
C8 NAG U . 16.52 -41.47 -21.18
N2 NAG U . 16.61 -43.74 -21.98
O3 NAG U . 17.18 -44.85 -24.52
O4 NAG U . 16.80 -47.69 -24.78
O5 NAG U . 17.23 -47.29 -21.18
O6 NAG U . 18.92 -49.19 -22.40
O7 NAG U . 18.21 -43.04 -20.58
C1 NAG U . 17.72 -47.53 -25.87
C2 NAG U . 17.63 -48.75 -26.78
C3 NAG U . 18.62 -48.60 -27.93
C4 NAG U . 18.29 -47.33 -28.70
C5 NAG U . 18.31 -46.13 -27.75
C6 NAG U . 17.87 -44.84 -28.41
C7 NAG U . 16.95 -50.88 -25.74
C8 NAG U . 17.42 -52.09 -24.99
N2 NAG U . 17.90 -49.98 -26.04
O3 NAG U . 18.52 -49.73 -28.78
O4 NAG U . 19.27 -47.10 -29.70
O5 NAG U . 17.42 -46.35 -26.64
O6 NAG U . 17.52 -43.86 -27.45
O7 NAG U . 15.78 -50.74 -26.08
C1 BMA U . 18.97 -47.78 -30.93
C2 BMA U . 19.28 -46.81 -32.09
C3 BMA U . 19.02 -47.54 -33.39
C4 BMA U . 19.88 -48.78 -33.47
C5 BMA U . 19.54 -49.69 -32.28
C6 BMA U . 20.38 -50.95 -32.26
O2 BMA U . 20.64 -46.42 -32.07
O3 BMA U . 19.28 -46.71 -34.53
O4 BMA U . 19.64 -49.46 -34.68
O5 BMA U . 19.76 -48.95 -31.05
O6 BMA U . 21.68 -50.61 -31.80
C1 MAN U . 18.24 -45.73 -34.71
C2 MAN U . 17.97 -45.61 -36.23
C3 MAN U . 19.21 -45.05 -36.90
C4 MAN U . 19.59 -43.71 -36.26
C5 MAN U . 19.83 -43.92 -34.76
C6 MAN U . 20.17 -42.66 -34.00
O2 MAN U . 16.92 -44.69 -36.52
O3 MAN U . 19.03 -44.89 -38.30
O4 MAN U . 20.77 -43.20 -36.87
O5 MAN U . 18.63 -44.49 -34.17
O6 MAN U . 21.17 -42.97 -33.04
C1 MAN U . 22.59 -51.71 -32.06
C2 MAN U . 23.85 -51.49 -31.22
C3 MAN U . 24.56 -50.23 -31.70
C4 MAN U . 24.87 -50.35 -33.19
C5 MAN U . 23.57 -50.60 -33.97
C6 MAN U . 23.76 -50.78 -35.46
O2 MAN U . 24.78 -52.56 -31.38
O3 MAN U . 25.75 -49.98 -30.96
O4 MAN U . 25.45 -49.15 -33.65
O5 MAN U . 22.92 -51.78 -33.44
O6 MAN U . 22.49 -50.68 -36.09
C1 NAG V . 17.02 -30.36 -11.61
C2 NAG V . 15.87 -30.04 -12.56
C3 NAG V . 16.27 -30.38 -13.99
C4 NAG V . 17.54 -29.61 -14.36
C5 NAG V . 18.63 -29.94 -13.35
C6 NAG V . 19.90 -29.16 -13.57
C7 NAG V . 13.44 -30.34 -12.46
C8 NAG V . 12.32 -31.23 -12.00
N2 NAG V . 14.67 -30.77 -12.19
O3 NAG V . 15.23 -30.03 -14.87
O4 NAG V . 17.97 -29.98 -15.66
O5 NAG V . 18.18 -29.63 -12.01
O6 NAG V . 20.89 -29.48 -12.61
O7 NAG V . 13.23 -29.29 -13.05
C1 NAG V . 18.26 -28.82 -16.47
C2 NAG V . 19.14 -29.26 -17.64
C3 NAG V . 19.46 -28.06 -18.50
C4 NAG V . 18.17 -27.42 -19.00
C5 NAG V . 17.30 -27.04 -17.81
C6 NAG V . 15.96 -26.51 -18.21
C7 NAG V . 20.80 -31.08 -17.60
C8 NAG V . 22.09 -31.56 -16.99
N2 NAG V . 20.36 -29.89 -17.16
O3 NAG V . 20.27 -28.47 -19.60
O4 NAG V . 18.48 -26.24 -19.74
O5 NAG V . 17.06 -28.21 -16.99
O6 NAG V . 15.14 -27.52 -18.77
O7 NAG V . 20.20 -31.73 -18.44
C1 BMA V . 18.17 -26.39 -21.14
C2 BMA V . 17.85 -24.98 -21.70
C3 BMA V . 17.53 -25.12 -23.20
C4 BMA V . 18.73 -25.78 -23.88
C5 BMA V . 19.01 -27.16 -23.25
C6 BMA V . 20.22 -27.84 -23.88
O2 BMA V . 18.97 -24.11 -21.58
O3 BMA V . 17.33 -23.85 -23.86
O4 BMA V . 18.46 -25.93 -25.27
O5 BMA V . 19.25 -26.99 -21.83
O6 BMA V . 19.90 -28.14 -25.24
C1 MAN V . 16.26 -23.07 -23.28
C2 MAN V . 15.28 -22.67 -24.40
C3 MAN V . 16.00 -21.73 -25.36
C4 MAN V . 16.55 -20.52 -24.60
C5 MAN V . 17.50 -21.00 -23.50
C6 MAN V . 18.01 -19.88 -22.63
O2 MAN V . 14.17 -21.93 -23.89
O3 MAN V . 15.15 -21.30 -26.41
O4 MAN V . 17.23 -19.66 -25.50
O5 MAN V . 16.80 -21.93 -22.64
O6 MAN V . 18.90 -19.08 -23.40
C1 NAG W . -51.54 -11.33 6.99
C2 NAG W . -51.03 -12.76 6.96
C3 NAG W . -51.91 -13.59 6.04
C4 NAG W . -53.35 -13.52 6.53
C5 NAG W . -53.79 -12.07 6.62
C6 NAG W . -55.17 -11.90 7.22
C7 NAG W . -48.62 -12.66 7.37
C8 NAG W . -47.25 -12.75 6.76
N2 NAG W . -49.64 -12.82 6.53
O3 NAG W . -51.47 -14.94 6.03
O4 NAG W . -54.21 -14.18 5.59
O5 NAG W . -52.89 -11.33 7.45
O6 NAG W . -55.23 -12.49 8.52
O7 NAG W . -48.78 -12.45 8.57
C1 NAG W . -54.46 -15.55 6.00
C2 NAG W . -55.85 -15.94 5.56
C3 NAG W . -56.13 -17.37 5.98
C4 NAG W . -55.08 -18.29 5.36
C5 NAG W . -53.69 -17.82 5.76
C6 NAG W . -52.59 -18.59 5.08
C7 NAG W . -57.54 -14.14 5.37
C8 NAG W . -58.54 -13.31 6.11
N2 NAG W . -56.86 -15.04 6.10
O3 NAG W . -57.44 -17.74 5.56
O4 NAG W . -55.25 -19.61 5.85
O5 NAG W . -53.50 -16.44 5.40
O6 NAG W . -51.35 -17.91 5.15
O7 NAG W . -57.35 -14.02 4.16
C1 BMA W . -56.20 -20.37 5.08
C2 BMA W . -55.63 -21.77 4.89
C3 BMA W . -56.64 -22.61 4.12
C4 BMA W . -57.95 -22.65 4.89
C5 BMA W . -58.46 -21.21 5.07
C6 BMA W . -59.76 -21.14 5.85
O2 BMA W . -55.40 -22.41 6.14
O3 BMA W . -56.19 -23.94 3.89
O4 BMA W . -58.90 -23.40 4.17
O5 BMA W . -57.45 -20.43 5.75
O6 BMA W . -59.45 -21.36 7.23
C1 MAN W . -55.19 -23.98 2.86
C2 MAN W . -55.45 -25.24 2.00
C3 MAN W . -55.24 -26.47 2.85
C4 MAN W . -53.83 -26.46 3.45
C5 MAN W . -53.65 -25.18 4.28
C6 MAN W . -52.28 -25.02 4.89
O2 MAN W . -54.54 -25.34 0.91
O3 MAN W . -55.45 -27.67 2.11
O4 MAN W . -53.64 -27.60 4.27
O5 MAN W . -53.90 -24.03 3.43
O6 MAN W . -52.43 -24.47 6.20
C1 MAN W . -60.67 -21.61 7.95
C2 MAN W . -60.38 -21.44 9.45
C3 MAN W . -59.39 -22.51 9.89
C4 MAN W . -59.95 -23.89 9.58
C5 MAN W . -60.24 -23.99 8.06
C6 MAN W . -60.84 -25.31 7.64
O2 MAN W . -61.55 -21.63 10.24
O3 MAN W . -59.09 -22.41 11.28
O4 MAN W . -58.98 -24.88 9.91
O5 MAN W . -61.16 -22.92 7.70
O6 MAN W . -60.76 -25.40 6.21
C1 NAG X . -34.09 -7.87 11.03
C2 NAG X . -33.92 -8.34 9.60
C3 NAG X . -34.67 -9.65 9.39
C4 NAG X . -34.18 -10.69 10.39
C5 NAG X . -34.35 -10.13 11.80
C6 NAG X . -33.81 -11.06 12.87
C7 NAG X . -33.91 -7.21 7.42
C8 NAG X . -34.49 -6.11 6.58
N2 NAG X . -34.38 -7.33 8.66
O3 NAG X . -34.45 -10.11 8.07
O4 NAG X . -34.94 -11.88 10.25
O5 NAG X . -33.63 -8.90 11.93
O6 NAG X . -33.97 -10.50 14.16
O7 NAG X . -33.03 -7.95 6.98
C1 NAG X . -34.09 -13.05 10.18
C2 NAG X . -34.92 -14.28 10.51
C3 NAG X . -34.04 -15.51 10.45
C4 NAG X . -33.42 -15.63 9.06
C5 NAG X . -32.64 -14.36 8.75
C6 NAG X . -32.08 -14.34 7.35
C7 NAG X . -36.83 -14.36 12.06
C8 NAG X . -37.27 -14.19 13.49
N2 NAG X . -35.53 -14.15 11.83
O3 NAG X . -34.82 -16.67 10.74
O4 NAG X . -32.52 -16.74 9.03
O5 NAG X . -33.50 -13.21 8.87
O6 NAG X . -33.11 -14.21 6.38
O7 NAG X . -37.61 -14.66 11.17
C1 BMA X . -33.01 -17.79 8.18
C2 BMA X . -31.79 -18.57 7.65
C3 BMA X . -32.28 -19.71 6.75
C4 BMA X . -33.24 -20.58 7.58
C5 BMA X . -34.41 -19.73 8.09
C6 BMA X . -35.37 -20.57 8.94
O2 BMA X . -31.04 -19.15 8.71
O3 BMA X . -31.24 -20.58 6.29
O4 BMA X . -33.72 -21.64 6.76
O5 BMA X . -33.89 -18.65 8.89
O6 BMA X . -36.00 -21.52 8.10
C1 MAN X . -30.21 -19.89 5.55
C2 MAN X . -30.01 -20.60 4.19
C3 MAN X . -29.47 -22.00 4.45
C4 MAN X . -28.16 -21.90 5.25
C5 MAN X . -28.44 -21.17 6.57
C6 MAN X . -27.18 -20.94 7.39
O2 MAN X . -29.04 -19.94 3.38
O3 MAN X . -29.24 -22.71 3.24
O4 MAN X . -27.65 -23.21 5.50
O5 MAN X . -29.01 -19.87 6.29
O6 MAN X . -26.72 -22.19 7.88
C1 NAG Y . 17.92 35.28 -29.47
C2 NAG Y . 17.82 36.79 -29.21
C3 NAG Y . 18.40 37.54 -30.40
C4 NAG Y . 19.84 37.12 -30.60
C5 NAG Y . 19.91 35.61 -30.82
C6 NAG Y . 21.32 35.09 -30.93
C7 NAG Y . 16.00 37.67 -27.81
C8 NAG Y . 14.55 38.02 -27.76
N2 NAG Y . 16.44 37.19 -28.98
O3 NAG Y . 18.32 38.94 -30.15
O4 NAG Y . 20.39 37.78 -31.74
O5 NAG Y . 19.31 34.93 -29.71
O6 NAG Y . 21.36 33.79 -31.49
O7 NAG Y . 16.73 37.80 -26.84
C1 NAG Z . -21.65 23.36 -38.69
C2 NAG Z . -21.65 24.85 -38.40
C3 NAG Z . -22.58 25.12 -37.22
C4 NAG Z . -23.98 24.62 -37.55
C5 NAG Z . -23.90 23.13 -37.88
C6 NAG Z . -25.23 22.55 -38.29
C7 NAG Z . -19.51 25.87 -39.03
C8 NAG Z . -18.17 26.32 -38.54
N2 NAG Z . -20.32 25.34 -38.11
O3 NAG Z . -22.62 26.53 -36.97
O4 NAG Z . -24.84 24.83 -36.44
O5 NAG Z . -22.99 22.91 -38.97
O6 NAG Z . -26.22 22.75 -37.29
O7 NAG Z . -19.86 25.99 -40.20
C1 NAG AA . 29.63 33.84 0.09
C2 NAG AA . 29.49 33.80 1.62
C3 NAG AA . 29.40 35.21 2.16
C4 NAG AA . 30.63 35.99 1.75
C5 NAG AA . 30.75 35.98 0.22
C6 NAG AA . 31.99 36.66 -0.29
C7 NAG AA . 27.08 33.27 1.66
C8 NAG AA . 26.04 32.35 2.19
N2 NAG AA . 28.34 33.01 2.03
O3 NAG AA . 29.31 35.16 3.58
O4 NAG AA . 30.53 37.33 2.20
O5 NAG AA . 30.78 34.61 -0.26
O6 NAG AA . 33.16 36.01 0.21
O7 NAG AA . 26.81 34.22 0.93
C1 NAG BA . -22.21 6.10 -47.86
C2 NAG BA . -22.84 7.43 -47.45
C3 NAG BA . -24.34 7.23 -47.27
C4 NAG BA . -24.95 6.69 -48.55
C5 NAG BA . -24.27 5.38 -48.92
C6 NAG BA . -24.75 4.80 -50.22
C7 NAG BA . -22.32 9.21 -45.85
C8 NAG BA . -21.68 9.56 -44.55
N2 NAG BA . -22.25 7.93 -46.23
O3 NAG BA . -24.95 8.48 -46.94
O4 NAG BA . -26.34 6.47 -48.36
O5 NAG BA . -22.86 5.60 -49.04
O6 NAG BA . -26.16 4.67 -50.24
O7 NAG BA . -22.89 10.06 -46.54
C1 NAG CA . -23.76 -7.71 -43.30
C2 NAG CA . -22.89 -7.75 -44.55
C3 NAG CA . -23.70 -8.26 -45.72
C4 NAG CA . -24.27 -9.64 -45.38
C5 NAG CA . -25.09 -9.55 -44.10
C6 NAG CA . -25.61 -10.88 -43.62
C7 NAG CA . -21.09 -6.20 -45.18
C8 NAG CA . -20.72 -4.78 -45.46
N2 NAG CA . -22.36 -6.43 -44.85
O3 NAG CA . -22.89 -8.35 -46.88
O4 NAG CA . -25.09 -10.10 -46.44
O5 NAG CA . -24.28 -9.03 -43.04
O6 NAG CA . -26.58 -11.40 -44.53
O7 NAG CA . -20.25 -7.11 -45.26
C1 NAG DA . 0.44 -6.76 -40.25
C2 NAG DA . 0.91 -5.73 -41.29
C3 NAG DA . 2.22 -6.19 -41.90
C4 NAG DA . 3.25 -6.38 -40.80
C5 NAG DA . 2.72 -7.40 -39.79
C6 NAG DA . 3.63 -7.59 -38.61
C7 NAG DA . -0.27 -4.39 -42.97
C8 NAG DA . -1.36 -4.38 -44.00
N2 NAG DA . -0.10 -5.55 -42.31
O3 NAG DA . 2.68 -5.21 -42.82
O4 NAG DA . 4.47 -6.87 -41.35
O5 NAG DA . 1.47 -6.93 -39.27
O6 NAG DA . 2.98 -8.29 -37.55
O7 NAG DA . 0.43 -3.41 -42.75
C1 NAG EA . 29.60 21.20 -21.87
C2 NAG EA . 29.57 20.52 -23.23
C3 NAG EA . 30.60 19.41 -23.26
C4 NAG EA . 31.97 20.00 -22.96
C5 NAG EA . 31.94 20.71 -21.61
C6 NAG EA . 33.24 21.40 -21.26
C7 NAG EA . 27.58 20.24 -24.67
C8 NAG EA . 26.23 19.61 -24.78
N2 NAG EA . 28.24 20.00 -23.53
O3 NAG EA . 30.60 18.76 -24.52
O4 NAG EA . 32.94 18.96 -22.93
O5 NAG EA . 30.92 21.73 -21.62
O6 NAG EA . 33.80 20.87 -20.07
O7 NAG EA . 28.06 20.93 -25.57
C1 NAG FA . 31.18 10.70 -27.84
C2 NAG FA . 32.06 9.99 -26.83
C3 NAG FA . 33.41 9.67 -27.45
C4 NAG FA . 33.22 8.84 -28.70
C5 NAG FA . 32.31 9.59 -29.67
C6 NAG FA . 31.97 8.78 -30.90
C7 NAG FA . 32.36 10.25 -24.40
C8 NAG FA . 32.51 11.23 -23.28
N2 NAG FA . 32.21 10.78 -25.62
O3 NAG FA . 34.20 8.97 -26.50
O4 NAG FA . 34.47 8.59 -29.33
O5 NAG FA . 31.06 9.88 -29.03
O6 NAG FA . 33.14 8.34 -31.58
O7 NAG FA . 32.38 9.04 -24.22
C1 NAG GA . -1.83 33.05 -36.67
C2 NAG GA . -1.22 33.97 -37.70
C3 NAG GA . -0.92 35.32 -37.07
C4 NAG GA . -2.20 35.90 -36.50
C5 NAG GA . -2.79 34.92 -35.49
C6 NAG GA . -4.13 35.37 -34.93
C7 NAG GA . 0.00 32.65 -39.37
C8 NAG GA . 1.34 32.12 -39.80
N2 NAG GA . -0.01 33.38 -38.26
O3 NAG GA . -0.38 36.20 -38.05
O4 NAG GA . -1.93 37.14 -35.84
O5 NAG GA . -3.03 33.66 -36.13
O6 NAG GA . -4.72 34.37 -34.14
O7 NAG GA . -1.02 32.43 -40.01
C1 NAG HA . 16.18 33.53 -45.41
C2 NAG HA . 17.34 34.03 -44.57
C3 NAG HA . 18.52 34.30 -45.47
C4 NAG HA . 18.90 33.02 -46.21
C5 NAG HA . 17.69 32.52 -47.00
C6 NAG HA . 17.94 31.19 -47.67
C7 NAG HA . 17.28 35.39 -42.53
C8 NAG HA . 16.81 36.69 -41.92
N2 NAG HA . 16.97 35.22 -43.82
O3 NAG HA . 19.62 34.76 -44.70
O4 NAG HA . 19.97 33.27 -47.11
O5 NAG HA . 16.56 32.33 -46.12
O6 NAG HA . 16.83 30.79 -48.47
O7 NAG HA . 17.91 34.56 -41.89
C1 NAG IA . 6.05 15.28 -47.55
C2 NAG IA . 6.18 13.77 -47.67
C3 NAG IA . 7.24 13.43 -48.71
C4 NAG IA . 6.86 14.06 -50.04
C5 NAG IA . 6.72 15.57 -49.85
C6 NAG IA . 6.26 16.29 -51.10
C7 NAG IA . 5.69 12.43 -45.67
C8 NAG IA . 6.22 11.90 -44.37
N2 NAG IA . 6.53 13.18 -46.39
O3 NAG IA . 7.32 12.02 -48.85
O4 NAG IA . 7.87 13.81 -51.00
O5 NAG IA . 5.74 15.84 -48.84
O6 NAG IA . 6.44 17.69 -50.99
O7 NAG IA . 4.54 12.18 -46.05
C1 NAG JA . 3.44 32.11 -27.38
C2 NAG JA . 2.88 32.00 -25.96
C3 NAG JA . 2.21 33.31 -25.57
C4 NAG JA . 3.22 34.44 -25.70
C5 NAG JA . 3.75 34.48 -27.12
C6 NAG JA . 4.84 35.52 -27.32
C7 NAG JA . 2.08 29.88 -24.98
C8 NAG JA . 1.01 28.84 -25.01
N2 NAG JA . 1.94 30.90 -25.85
O3 NAG JA . 1.74 33.21 -24.24
O4 NAG JA . 2.60 35.68 -25.38
O5 NAG JA . 4.35 33.22 -27.46
O6 NAG JA . 5.12 35.72 -28.69
O7 NAG JA . 3.04 29.81 -24.21
C1 NAG KA . 24.69 33.99 -11.12
C2 NAG KA . 24.63 34.50 -12.55
C3 NAG KA . 25.28 35.88 -12.62
C4 NAG KA . 24.58 36.82 -11.66
C5 NAG KA . 24.63 36.25 -10.25
C6 NAG KA . 23.87 37.07 -9.25
C7 NAG KA . 24.78 33.23 -14.65
C8 NAG KA . 25.61 32.27 -15.45
N2 NAG KA . 25.29 33.58 -13.46
O3 NAG KA . 25.20 36.38 -13.95
O4 NAG KA . 25.20 38.09 -11.67
O5 NAG KA . 24.05 34.93 -10.23
O6 NAG KA . 22.47 37.08 -9.52
O7 NAG KA . 23.70 33.66 -15.05
C1 NAG LA . 45.34 7.26 14.18
C2 NAG LA . 45.62 6.37 15.38
C3 NAG LA . 46.73 5.38 15.03
C4 NAG LA . 46.33 4.57 13.81
C5 NAG LA . 46.02 5.52 12.65
C6 NAG LA . 45.51 4.80 11.42
C7 NAG LA . 45.34 7.04 17.73
C8 NAG LA . 45.85 7.93 18.83
N2 NAG LA . 45.97 7.13 16.55
O3 NAG LA . 46.96 4.52 16.14
O4 NAG LA . 47.38 3.70 13.44
O5 NAG LA . 45.00 6.45 13.04
O6 NAG LA . 44.99 5.70 10.46
O7 NAG LA . 44.40 6.27 17.90
C1 NAG MA . 23.71 -43.08 4.12
C2 NAG MA . 25.23 -43.25 4.13
C3 NAG MA . 25.56 -44.73 4.17
C4 NAG MA . 24.94 -45.36 5.41
C5 NAG MA . 23.44 -45.13 5.38
C6 NAG MA . 22.74 -45.62 6.64
C7 NAG MA . 26.65 -41.57 3.03
C8 NAG MA . 27.18 -41.06 1.72
N2 NAG MA . 25.83 -42.62 2.96
O3 NAG MA . 26.97 -44.90 4.19
O4 NAG MA . 25.21 -46.75 5.44
O5 NAG MA . 23.16 -43.71 5.29
O6 NAG MA . 21.35 -45.74 6.45
O7 NAG MA . 26.96 -41.05 4.10
C1 NAG NA . 14.30 -32.15 -35.68
C2 NAG NA . 15.81 -32.33 -35.58
C3 NAG NA . 16.49 -31.03 -35.95
C4 NAG NA . 16.07 -30.61 -37.36
C5 NAG NA . 14.55 -30.49 -37.41
C6 NAG NA . 14.04 -30.16 -38.79
C7 NAG NA . 16.37 -34.02 -33.89
C8 NAG NA . 16.78 -34.25 -32.47
N2 NAG NA . 16.19 -32.74 -34.25
O3 NAG NA . 17.90 -31.20 -35.89
O4 NAG NA . 16.67 -29.36 -37.70
O5 NAG NA . 13.94 -31.73 -37.02
O6 NAG NA . 14.61 -28.96 -39.29
O7 NAG NA . 16.20 -34.95 -34.68
C1 NAG OA . 29.02 -21.44 26.86
C2 NAG OA . 29.41 -20.04 27.36
C3 NAG OA . 30.92 -19.94 27.48
C4 NAG OA . 31.40 -21.02 28.44
C5 NAG OA . 30.97 -22.38 27.92
C6 NAG OA . 31.34 -23.51 28.84
C7 NAG OA . 29.18 -18.92 25.18
C8 NAG OA . 28.56 -17.77 24.44
N2 NAG OA . 28.89 -19.01 26.48
O3 NAG OA . 31.26 -18.65 27.98
O4 NAG OA . 32.82 -20.98 28.52
O5 NAG OA . 29.53 -22.42 27.77
O6 NAG OA . 30.73 -23.35 30.12
O7 NAG OA . 29.92 -19.72 24.63
C1 NAG PA . -4.63 -34.85 -39.81
C2 NAG PA . -3.18 -34.64 -40.23
C3 NAG PA . -3.13 -33.84 -41.52
C4 NAG PA . -3.94 -34.56 -42.60
C5 NAG PA . -5.36 -34.76 -42.11
C6 NAG PA . -6.22 -35.54 -43.07
C7 NAG PA . -1.09 -33.98 -39.11
C8 NAG PA . -0.47 -33.20 -38.00
N2 NAG PA . -2.43 -33.96 -39.19
O3 NAG PA . -1.79 -33.68 -41.95
O4 NAG PA . -3.94 -33.79 -43.79
O5 NAG PA . -5.34 -35.50 -40.87
O6 NAG PA . -6.20 -34.97 -44.37
O7 NAG PA . -0.41 -34.60 -39.92
C1 NAG QA . -16.41 -26.23 -39.26
C2 NAG QA . -16.89 -27.64 -38.98
C3 NAG QA . -17.60 -28.19 -40.20
C4 NAG QA . -18.77 -27.26 -40.56
C5 NAG QA . -18.23 -25.86 -40.80
C6 NAG QA . -19.32 -24.85 -41.07
C7 NAG QA . -15.79 -29.35 -37.60
C8 NAG QA . -14.53 -30.16 -37.40
N2 NAG QA . -15.77 -28.50 -38.62
O3 NAG QA . -18.09 -29.50 -39.93
O4 NAG QA . -19.40 -27.74 -41.74
O5 NAG QA . -17.54 -25.40 -39.63
O6 NAG QA . -19.96 -25.10 -42.32
O7 NAG QA . -16.76 -29.48 -36.87
C1 NAG RA . -17.41 -33.31 -15.93
C2 NAG RA . -16.78 -34.68 -15.93
C3 NAG RA . -17.52 -35.60 -14.98
C4 NAG RA . -17.53 -34.98 -13.59
C5 NAG RA . -18.16 -33.60 -13.66
C6 NAG RA . -18.13 -32.87 -12.34
C7 NAG RA . -15.81 -36.09 -17.70
C8 NAG RA . -15.96 -36.57 -19.12
N2 NAG RA . -16.76 -35.24 -17.27
O3 NAG RA . -16.89 -36.88 -14.94
O4 NAG RA . -18.28 -35.81 -12.69
O5 NAG RA . -17.43 -32.79 -14.60
O6 NAG RA . -18.44 -31.49 -12.50
O7 NAG RA . -14.90 -36.46 -16.98
C1 NAG SA . 10.99 -36.87 17.99
C2 NAG SA . 9.97 -37.85 17.41
C3 NAG SA . 8.79 -37.95 18.35
C4 NAG SA . 9.27 -38.40 19.73
C5 NAG SA . 10.33 -37.42 20.24
C6 NAG SA . 10.92 -37.83 21.56
C7 NAG SA . 9.53 -38.24 15.01
C8 NAG SA . 9.07 -37.63 13.72
N2 NAG SA . 9.54 -37.43 16.08
O3 NAG SA . 7.82 -38.86 17.84
O4 NAG SA . 8.17 -38.44 20.63
O5 NAG SA . 11.41 -37.33 19.30
O6 NAG SA . 10.68 -36.85 22.56
O7 NAG SA . 9.90 -39.42 15.08
C1 NAG TA . -0.85 -39.62 17.07
C2 NAG TA . -1.36 -38.86 18.29
C3 NAG TA . -1.97 -39.84 19.27
C4 NAG TA . -3.10 -40.61 18.60
C5 NAG TA . -2.53 -41.32 17.36
C6 NAG TA . -3.60 -42.04 16.56
C7 NAG TA . -0.47 -36.95 19.55
C8 NAG TA . 0.74 -36.31 20.14
N2 NAG TA . -0.29 -38.11 18.92
O3 NAG TA . -2.49 -39.12 20.40
O4 NAG TA . -3.64 -41.58 19.49
O5 NAG TA . -1.94 -40.37 16.48
O6 NAG TA . -4.34 -42.95 17.36
O7 NAG TA . -1.59 -36.44 19.65
C1 NAG UA . 21.87 -40.96 -16.83
C2 NAG UA . 22.40 -42.39 -16.69
C3 NAG UA . 23.82 -42.35 -16.17
C4 NAG UA . 24.68 -41.52 -17.12
C5 NAG UA . 24.08 -40.12 -17.24
C6 NAG UA . 24.81 -39.25 -18.24
C7 NAG UA . 20.55 -43.94 -16.25
C8 NAG UA . 19.77 -44.67 -15.20
N2 NAG UA . 21.54 -43.18 -15.81
O3 NAG UA . 24.34 -43.68 -16.09
O4 NAG UA . 26.01 -41.42 -16.61
O5 NAG UA . 22.72 -40.22 -17.71
O6 NAG UA . 24.13 -38.03 -18.45
O7 NAG UA . 20.27 -44.02 -17.44
C1 NAG VA . 17.92 -55.79 -3.95
C2 NAG VA . 18.49 -55.65 -2.54
C3 NAG VA . 18.37 -56.99 -1.83
C4 NAG VA . 16.90 -57.39 -1.78
C5 NAG VA . 16.35 -57.46 -3.20
C6 NAG VA . 14.87 -57.76 -3.24
C7 NAG VA . 20.35 -54.25 -1.77
C8 NAG VA . 21.80 -53.91 -1.96
N2 NAG VA . 19.87 -55.20 -2.58
O3 NAG VA . 18.88 -56.86 -0.51
O4 NAG VA . 16.77 -58.66 -1.17
O5 NAG VA . 16.53 -56.19 -3.87
O6 NAG VA . 14.39 -57.90 -4.57
O7 NAG VA . 19.66 -53.69 -0.94
C1 NAG WA . 1.04 -48.34 -13.93
C2 NAG WA . -0.45 -48.04 -13.85
C3 NAG WA . -1.18 -49.26 -13.31
C4 NAG WA . -0.90 -50.46 -14.20
C5 NAG WA . 0.61 -50.68 -14.26
C6 NAG WA . 1.00 -51.80 -15.18
C7 NAG WA . -1.14 -45.71 -13.48
C8 NAG WA . -1.35 -44.63 -12.46
N2 NAG WA . -0.71 -46.88 -13.01
O3 NAG WA . -2.59 -49.00 -13.28
O4 NAG WA . -1.52 -51.62 -13.66
O5 NAG WA . 1.26 -49.49 -14.75
O6 NAG WA . 2.36 -52.19 -15.00
O7 NAG WA . -1.35 -45.52 -14.68
C1 NAG XA . 22.89 -34.65 -8.23
C2 NAG XA . 23.23 -33.17 -8.16
C3 NAG XA . 24.66 -32.95 -8.62
C4 NAG XA . 25.59 -33.79 -7.76
C5 NAG XA . 25.19 -35.25 -7.85
C6 NAG XA . 26.00 -36.16 -6.95
C7 NAG XA . 21.56 -31.38 -8.47
C8 NAG XA . 20.67 -30.68 -9.46
N2 NAG XA . 22.31 -32.38 -8.96
O3 NAG XA . 24.99 -31.57 -8.51
O4 NAG XA . 26.93 -33.63 -8.21
O5 NAG XA . 23.82 -35.41 -7.44
O6 NAG XA . 25.79 -37.52 -7.25
O7 NAG XA . 21.59 -31.05 -7.29
C1 NAG YA . 26.67 -29.33 17.79
C2 NAG YA . 26.79 -30.71 17.15
C3 NAG YA . 28.00 -31.43 17.71
C4 NAG YA . 29.25 -30.58 17.44
C5 NAG YA . 29.08 -29.22 18.07
C6 NAG YA . 30.23 -28.28 17.77
C7 NAG YA . 24.99 -32.22 16.44
C8 NAG YA . 23.76 -32.96 16.87
N2 NAG YA . 25.59 -31.49 17.38
O3 NAG YA . 28.13 -32.71 17.09
O4 NAG YA . 30.40 -31.22 18.00
O5 NAG YA . 27.89 -28.58 17.55
O6 NAG YA . 30.31 -27.97 16.39
O7 NAG YA . 25.41 -32.28 15.29
C1 NAG ZA . 5.64 -7.50 47.14
C2 NAG ZA . 5.08 -6.29 47.88
C3 NAG ZA . 3.93 -6.74 48.76
C4 NAG ZA . 2.87 -7.40 47.90
C5 NAG ZA . 3.49 -8.58 47.14
C6 NAG ZA . 2.52 -9.24 46.19
C7 NAG ZA . 6.40 -4.32 48.58
C8 NAG ZA . 7.48 -3.83 49.49
N2 NAG ZA . 6.10 -5.62 48.67
O3 NAG ZA . 3.37 -5.62 49.44
O4 NAG ZA . 1.81 -7.89 48.73
O5 NAG ZA . 4.60 -8.11 46.36
O6 NAG ZA . 3.19 -10.14 45.31
O7 NAG ZA . 5.82 -3.58 47.79
C1 NAG AB . -42.74 6.98 23.64
C2 NAG AB . -43.08 6.44 25.03
C3 NAG AB . -44.53 6.78 25.36
C4 NAG AB . -44.71 8.29 25.31
C5 NAG AB . -44.33 8.79 23.91
C6 NAG AB . -44.39 10.30 23.80
C7 NAG AB . -41.94 4.43 25.87
C8 NAG AB . -41.87 2.94 25.82
N2 NAG AB . -42.87 5.00 25.10
O3 NAG AB . -44.84 6.29 26.66
O4 NAG AB . -46.07 8.62 25.57
O5 NAG AB . -42.98 8.40 23.62
O6 NAG AB . -44.39 10.72 22.44
O7 NAG AB . -41.19 5.09 26.59
C1 NAG BB . -42.02 -27.27 -1.24
C2 NAG BB . -42.34 -27.72 0.19
C3 NAG BB . -41.27 -28.69 0.65
C4 NAG BB . -41.20 -29.88 -0.30
C5 NAG BB . -40.93 -29.37 -1.72
C6 NAG BB . -40.93 -30.47 -2.75
C7 NAG BB . -43.56 -25.97 1.40
C8 NAG BB . -43.44 -24.82 2.35
N2 NAG BB . -42.41 -26.59 1.09
O3 NAG BB . -41.57 -29.15 1.97
O4 NAG BB . -40.18 -30.77 0.09
O5 NAG BB . -41.94 -28.43 -2.10
O6 NAG BB . -39.98 -31.48 -2.44
O7 NAG BB . -44.64 -26.33 0.94
C1 NAG CB . -16.50 18.37 37.59
C2 NAG CB . -15.07 18.26 38.13
C3 NAG CB . -15.11 17.74 39.56
C4 NAG CB . -15.95 18.70 40.41
C5 NAG CB . -17.34 18.82 39.81
C6 NAG CB . -18.21 19.82 40.53
C7 NAG CB . -14.56 16.10 37.03
C8 NAG CB . -13.60 15.38 36.16
N2 NAG CB . -14.27 17.39 37.30
O3 NAG CB . -13.79 17.67 40.07
O4 NAG CB . -16.05 18.21 41.74
O5 NAG CB . -17.26 19.26 38.43
O6 NAG CB . -17.65 21.12 40.49
O7 NAG CB . -15.56 15.57 37.50
C1 NAG DB . -43.58 -22.68 -20.18
C2 NAG DB . -43.65 -23.67 -19.03
C3 NAG DB . -43.25 -25.05 -19.52
C4 NAG DB . -44.14 -25.48 -20.68
C5 NAG DB . -44.03 -24.43 -21.79
C6 NAG DB . -44.95 -24.71 -22.95
C7 NAG DB . -42.95 -23.72 -16.67
C8 NAG DB . -41.97 -23.21 -15.66
N2 NAG DB . -42.80 -23.27 -17.93
O3 NAG DB . -43.36 -26.01 -18.47
O4 NAG DB . -43.72 -26.73 -21.18
O5 NAG DB . -44.40 -23.14 -21.26
O6 NAG DB . -44.76 -26.02 -23.47
O7 NAG DB . -43.85 -24.50 -16.38
C1 NAG EB . -33.85 -20.13 -30.78
C2 NAG EB . -35.08 -19.28 -31.09
C3 NAG EB . -35.84 -19.91 -32.24
C4 NAG EB . -34.93 -20.04 -33.45
C5 NAG EB . -33.71 -20.87 -33.07
C6 NAG EB . -32.69 -20.98 -34.19
C7 NAG EB . -36.46 -18.01 -29.52
C8 NAG EB . -37.31 -18.09 -28.28
N2 NAG EB . -35.92 -19.17 -29.92
O3 NAG EB . -36.97 -19.09 -32.56
O4 NAG EB . -35.63 -20.69 -34.51
O5 NAG EB . -33.04 -20.25 -31.97
O6 NAG EB . -33.20 -21.75 -35.27
O7 NAG EB . -36.27 -16.95 -30.10
C1 NAG FB . -34.18 2.69 -22.15
C2 NAG FB . -35.57 2.85 -21.56
C3 NAG FB . -36.10 4.23 -21.85
C4 NAG FB . -35.14 5.28 -21.29
C5 NAG FB . -33.76 5.06 -21.91
C6 NAG FB . -32.71 5.98 -21.35
C7 NAG FB . -37.51 1.34 -21.39
C8 NAG FB . -38.32 0.29 -22.10
N2 NAG FB . -36.47 1.83 -22.08
O3 NAG FB . -37.38 4.39 -21.24
O4 NAG FB . -35.59 6.59 -21.61
O5 NAG FB . -33.32 3.71 -21.63
O6 NAG FB . -31.40 5.55 -21.70
O7 NAG FB . -37.77 1.71 -20.26
C1 NAG GB . -31.62 22.22 17.62
C2 NAG GB . -32.59 22.40 16.46
C3 NAG GB . -32.30 23.72 15.76
C4 NAG GB . -32.41 24.86 16.76
C5 NAG GB . -31.46 24.61 17.93
C6 NAG GB . -31.55 25.64 19.02
C7 NAG GB . -33.57 20.60 15.09
C8 NAG GB . -33.28 19.48 14.13
N2 NAG GB . -32.51 21.29 15.52
O3 NAG GB . -33.20 23.91 14.68
O4 NAG GB . -32.08 26.09 16.13
O5 NAG GB . -31.74 23.33 18.54
O6 NAG GB . -30.32 26.32 19.20
O7 NAG GB . -34.72 20.86 15.46
C1 NAG HB . -33.16 26.87 6.45
C2 NAG HB . -32.03 27.90 6.48
C3 NAG HB . -32.64 29.28 6.33
C4 NAG HB . -33.43 29.36 5.03
C5 NAG HB . -34.50 28.28 5.04
C6 NAG HB . -35.29 28.20 3.75
C7 NAG HB . -29.96 28.10 7.78
C8 NAG HB . -29.34 27.94 9.13
N2 NAG HB . -31.27 27.80 7.71
O3 NAG HB . -31.59 30.25 6.31
O4 NAG HB . -34.05 30.64 4.91
O5 NAG HB . -33.90 26.98 5.22
O6 NAG HB . -35.86 29.46 3.41
O7 NAG HB . -29.33 28.47 6.81
C1 NAG IB . -46.20 -11.20 13.41
C2 NAG IB . -47.58 -10.87 13.96
C3 NAG IB . -47.56 -10.99 15.47
C4 NAG IB . -47.13 -12.38 15.87
C5 NAG IB . -45.75 -12.68 15.26
C6 NAG IB . -45.27 -14.09 15.52
C7 NAG IB . -48.73 -9.31 12.47
C8 NAG IB . -49.06 -7.87 12.19
N2 NAG IB . -48.00 -9.54 13.55
O3 NAG IB . -48.87 -10.72 15.99
O4 NAG IB . -47.03 -12.50 17.29
O5 NAG IB . -45.82 -12.52 13.84
O6 NAG IB . -44.09 -14.37 14.80
O7 NAG IB . -49.11 -10.22 11.73
C1 NAG JB . -56.42 5.94 15.15
C2 NAG JB . -55.98 6.90 16.25
C3 NAG JB . -57.05 7.96 16.44
C4 NAG JB . -57.26 8.69 15.12
C5 NAG JB . -57.65 7.69 14.04
C6 NAG JB . -57.77 8.33 12.67
C7 NAG JB . -54.64 6.42 18.25
C8 NAG JB . -54.53 5.60 19.50
N2 NAG JB . -55.72 6.19 17.49
O3 NAG JB . -56.64 8.87 17.45
O4 NAG JB . -58.29 9.65 15.26
O5 NAG JB . -56.64 6.66 13.92
O6 NAG JB . -58.21 7.39 11.70
O7 NAG JB . -53.81 7.26 17.96
C1 NAG KB . -50.09 1.64 -4.38
C2 NAG KB . -49.63 2.20 -5.71
C3 NAG KB . -50.56 3.32 -6.15
C4 NAG KB . -51.98 2.78 -6.24
C5 NAG KB . -52.38 2.20 -4.88
C6 NAG KB . -53.75 1.57 -4.89
C7 NAG KB . -47.22 2.11 -6.20
C8 NAG KB . -45.89 2.76 -5.99
N2 NAG KB . -48.26 2.69 -5.62
O3 NAG KB . -50.14 3.81 -7.42
O4 NAG KB . -52.87 3.83 -6.58
O5 NAG KB . -51.45 1.17 -4.51
O6 NAG KB . -54.22 1.32 -3.58
O7 NAG KB . -47.34 1.09 -6.88
C1 NAG LB . -37.95 -5.95 17.80
C2 NAG LB . -36.55 -6.45 18.13
C3 NAG LB . -36.63 -7.48 19.26
C4 NAG LB . -37.30 -6.85 20.46
C5 NAG LB . -38.68 -6.34 20.06
C6 NAG LB . -39.39 -5.62 21.18
C7 NAG LB . -34.74 -6.61 16.47
C8 NAG LB . -34.24 -7.32 15.25
N2 NAG LB . -35.91 -7.03 16.96
O3 NAG LB . -35.31 -7.92 19.58
O4 NAG LB . -37.43 -7.81 21.50
O5 NAG LB . -38.56 -5.41 18.98
O6 NAG LB . -40.75 -5.38 20.87
O7 NAG LB . -34.11 -5.68 16.98
C1 NAG MB . -26.24 13.70 31.81
C2 NAG MB . -27.74 13.51 31.67
C3 NAG MB . -28.42 13.72 33.01
C4 NAG MB . -27.83 12.77 34.03
C5 NAG MB . -26.32 12.97 34.12
C6 NAG MB . -25.64 11.99 35.04
C7 NAG MB . -29.17 14.03 29.74
C8 NAG MB . -29.63 15.11 28.81
N2 NAG MB . -28.29 14.40 30.67
O3 NAG MB . -29.82 13.51 32.88
O4 NAG MB . -28.41 12.99 35.31
O5 NAG MB . -25.73 12.80 32.82
O6 NAG MB . -25.74 10.66 34.56
O7 NAG MB . -29.59 12.89 29.66
C1 NAG NB . 4.97 41.12 24.39
C2 NAG NB . 6.39 41.63 24.17
C3 NAG NB . 6.33 42.98 23.47
C4 NAG NB . 5.57 42.84 22.17
C5 NAG NB . 4.18 42.28 22.44
C6 NAG NB . 3.39 42.01 21.17
C7 NAG NB . 8.31 41.14 25.65
C8 NAG NB . 8.90 41.37 27.00
N2 NAG NB . 7.12 41.73 25.42
O3 NAG NB . 7.65 43.45 23.24
O4 NAG NB . 5.45 44.12 21.54
O5 NAG NB . 4.29 41.02 23.13
O6 NAG NB . 2.22 41.26 21.42
O7 NAG NB . 8.87 40.47 24.79
#